data_6IY6
#
_entry.id   6IY6
#
_cell.length_a   108.068
_cell.length_b   108.068
_cell.length_c   815.642
_cell.angle_alpha   90.00
_cell.angle_beta   90.00
_cell.angle_gamma   120.00
#
_symmetry.space_group_name_H-M   'P 61'
#
loop_
_entity.id
_entity.type
_entity.pdbx_description
1 polymer 'Aspartate--tRNA ligase, cytoplasmic'
2 polymer 'Aminoacyl tRNA synthase complex-interacting multifunctional protein 2'
3 polymer 'Bifunctional glutamate/proline--tRNA ligase'
4 non-polymer 'ZINC ION'
5 non-polymer 'PHOSPHATE ION'
6 water water
#
loop_
_entity_poly.entity_id
_entity_poly.type
_entity_poly.pdbx_seq_one_letter_code
_entity_poly.pdbx_strand_id
1 'polypeptide(L)'
;MGSSHHHHHHSSGLVPRGSHMAEDYAKERYGISSMIQSQEKPDRVLVRVRDLTIQKADEVVWVRARVHTSRAKGKQCFLV
LRQQQFNVQALVAVGDHASKQMVKFAANINKESIVDVEGVVRKVNQKIGSCTQQDVELHVQKIYVISLAEPRLPLQLDDA
VRPEAEGEEEGRATVNQDTRLDNRVIDLRTSTSQAVFRLQSGICHLFRETLINKGFVEIQTPKIISAASEGGANVFTVSY
FKNNAYLAQSPQLYKQMCICADFEKVFSIGPVFRAEDSNTHRHLTEFVGLDIEMAFNYHYHEVMEEIADTMVQIFKGLQE
RFQTEIQTVNKQFPCEPFKFLEPTLRLEYCEALAMLREAGVEMGDEDDLSTPNEKLLGHLVKEKYDTDFYILDKYPLAVR
PFYTMPDPRNPKQSNSYDMFMRGEEILSGAQRIHDPQLLTERALHHGIDLEKIKAYIDSFRFGAPPHAGGGIGLERVTML
FLGLHNVRQTSMFPRDPKRLTP
;
A,B,G,H
2 'polypeptide(L)'
;MDYGALKDIVINANPASPPLSLLVLHRLLCEHFRVLSTVHTHSSVKSVPENLLKCFGEQNKKQPRQDYQLGFTLIWKNVP
KTQMKFSIQTMCPIEGEGNIARFLFSLFGQKHNAVNATLIDSWVDIAIFQLKEGSSKEKAAVFRSMNSALGKSPWLAGNE
LTVADVVLWSVLQQIGGCSVTVPANVQRWMRSCENLAPFNTALKLLKLEHHHHHH
;
C,D,I,J
3 'polypeptide(L)'
;MATLSLTVNSGDPPLGALLAVEHVKDDVSISVEEGKENILHVSENVIFTDVNSILRYLARVATTAGLYGSNLMEHTEIDH
WLEFSATKLSSCDSFTSTINELNHCLSLRTYLVGNSLSLADLCVWATLKGNAAWQEQLKQKKAPVHVKRWFGFLEAQLEH
HHHHH
;
E,F,K,L
#
loop_
_chem_comp.id
_chem_comp.type
_chem_comp.name
_chem_comp.formula
PO4 non-polymer 'PHOSPHATE ION' 'O4 P -3'
ZN non-polymer 'ZINC ION' 'Zn 2'
#
# COMPACT_ATOMS: atom_id res chain seq x y z
N ASP A 24 -25.20 80.83 0.03
CA ASP A 24 -24.62 79.66 0.75
C ASP A 24 -23.14 79.53 0.41
N TYR A 25 -22.26 79.58 1.41
CA TYR A 25 -20.78 79.62 1.25
C TYR A 25 -20.13 78.31 1.72
N ALA A 26 -20.88 77.44 2.41
CA ALA A 26 -20.41 76.14 2.93
C ALA A 26 -20.91 74.99 2.04
N LYS A 27 -21.35 75.29 0.81
CA LYS A 27 -21.96 74.31 -0.13
C LYS A 27 -20.95 73.19 -0.45
N GLU A 28 -19.66 73.51 -0.40
CA GLU A 28 -18.55 72.54 -0.62
C GLU A 28 -18.36 71.65 0.62
N ARG A 29 -18.66 72.18 1.81
CA ARG A 29 -18.28 71.59 3.13
C ARG A 29 -19.26 70.49 3.55
N TYR A 30 -20.47 70.42 2.96
CA TYR A 30 -21.48 69.38 3.29
C TYR A 30 -22.08 68.78 2.00
N GLY A 31 -22.92 67.76 2.19
CA GLY A 31 -23.74 67.11 1.12
C GLY A 31 -23.75 65.60 1.25
N ILE A 32 -24.60 64.94 0.45
CA ILE A 32 -24.63 63.45 0.26
C ILE A 32 -23.53 63.09 -0.74
N SER A 33 -22.35 62.68 -0.27
CA SER A 33 -21.17 62.33 -1.09
C SER A 33 -21.47 61.08 -1.93
N SER A 34 -20.84 60.96 -3.11
CA SER A 34 -21.04 59.85 -4.08
C SER A 34 -20.74 58.51 -3.39
N MET A 35 -21.55 57.48 -3.70
CA MET A 35 -21.37 56.10 -3.18
C MET A 35 -19.91 55.70 -3.28
N ILE A 36 -19.33 55.17 -2.20
CA ILE A 36 -17.88 54.81 -2.12
C ILE A 36 -17.67 53.49 -2.88
N GLN A 37 -17.38 53.60 -4.18
CA GLN A 37 -17.07 52.46 -5.10
C GLN A 37 -15.55 52.33 -5.24
N SER A 38 -14.79 52.78 -4.24
CA SER A 38 -13.30 52.76 -4.23
C SER A 38 -12.77 53.54 -5.44
N GLN A 39 -13.05 54.85 -5.48
CA GLN A 39 -12.59 55.78 -6.54
C GLN A 39 -11.26 56.44 -6.13
N GLU A 40 -11.15 56.83 -4.86
CA GLU A 40 -10.02 57.66 -4.33
C GLU A 40 -9.37 56.94 -3.15
N LYS A 41 -8.09 57.24 -2.91
CA LYS A 41 -7.31 56.80 -1.72
C LYS A 41 -6.85 58.04 -0.96
N PRO A 42 -7.77 58.78 -0.29
CA PRO A 42 -7.43 60.10 0.26
C PRO A 42 -6.41 60.02 1.41
N ASP A 43 -5.49 61.00 1.47
CA ASP A 43 -4.56 61.20 2.61
C ASP A 43 -5.37 61.73 3.80
N ARG A 44 -6.19 60.85 4.40
CA ARG A 44 -7.17 61.18 5.46
C ARG A 44 -7.05 60.15 6.59
N VAL A 45 -7.08 60.60 7.84
CA VAL A 45 -6.94 59.73 9.06
C VAL A 45 -8.25 59.82 9.85
N LEU A 46 -9.13 58.83 9.68
CA LEU A 46 -10.44 58.75 10.38
C LEU A 46 -10.19 58.20 11.80
N VAL A 47 -10.00 59.09 12.78
CA VAL A 47 -9.66 58.73 14.19
C VAL A 47 -10.90 58.09 14.83
N ARG A 48 -10.72 57.04 15.63
CA ARG A 48 -11.80 56.34 16.37
C ARG A 48 -12.33 57.30 17.45
N VAL A 49 -13.63 57.18 17.78
CA VAL A 49 -14.34 58.08 18.74
C VAL A 49 -13.71 57.94 20.13
N ARG A 50 -13.33 56.72 20.52
CA ARG A 50 -12.70 56.42 21.85
C ARG A 50 -11.40 57.22 22.02
N ASP A 51 -10.71 57.56 20.92
CA ASP A 51 -9.41 58.29 20.90
C ASP A 51 -9.63 59.80 21.02
N LEU A 52 -10.87 60.29 20.89
CA LEU A 52 -11.23 61.73 21.10
C LEU A 52 -11.30 62.01 22.60
N THR A 53 -10.13 62.17 23.24
CA THR A 53 -9.96 62.49 24.67
C THR A 53 -9.36 63.89 24.81
N ILE A 54 -9.16 64.36 26.04
CA ILE A 54 -8.58 65.69 26.39
C ILE A 54 -7.19 65.83 25.77
N GLN A 55 -6.41 64.73 25.72
CA GLN A 55 -5.02 64.69 25.17
C GLN A 55 -5.00 65.19 23.73
N LYS A 56 -6.09 65.00 22.97
CA LYS A 56 -6.18 65.34 21.52
C LYS A 56 -6.96 66.65 21.34
N ALA A 57 -6.92 67.55 22.34
CA ALA A 57 -7.67 68.84 22.35
C ALA A 57 -7.04 69.83 21.36
N ASP A 58 -7.87 70.69 20.76
CA ASP A 58 -7.48 71.78 19.83
C ASP A 58 -6.71 71.19 18.64
N GLU A 59 -7.22 70.09 18.08
CA GLU A 59 -6.64 69.40 16.90
C GLU A 59 -7.72 69.25 15.82
N VAL A 60 -7.34 69.42 14.55
CA VAL A 60 -8.21 69.19 13.36
C VAL A 60 -8.19 67.69 13.04
N VAL A 61 -9.27 66.98 13.35
CA VAL A 61 -9.39 65.51 13.19
C VAL A 61 -10.56 65.18 12.26
N TRP A 62 -10.45 64.07 11.52
CA TRP A 62 -11.55 63.46 10.73
C TRP A 62 -12.15 62.30 11.54
N VAL A 63 -13.48 62.15 11.51
CA VAL A 63 -14.23 61.07 12.21
C VAL A 63 -15.31 60.54 11.27
N ARG A 64 -15.36 59.22 11.08
CA ARG A 64 -16.50 58.52 10.43
C ARG A 64 -17.32 57.83 11.54
N ALA A 65 -18.54 58.32 11.79
CA ALA A 65 -19.46 57.83 12.83
C ALA A 65 -20.90 57.85 12.29
N ARG A 66 -21.83 57.29 13.06
CA ARG A 66 -23.29 57.34 12.80
C ARG A 66 -23.89 58.48 13.62
N VAL A 67 -25.01 59.03 13.16
CA VAL A 67 -25.79 60.08 13.87
C VAL A 67 -26.79 59.37 14.79
N HIS A 68 -26.45 59.25 16.08
CA HIS A 68 -27.27 58.56 17.12
C HIS A 68 -28.55 59.37 17.34
N THR A 69 -28.42 60.65 17.69
CA THR A 69 -29.52 61.63 17.83
C THR A 69 -29.00 63.02 17.46
N SER A 70 -29.84 63.85 16.81
CA SER A 70 -29.49 65.19 16.29
C SER A 70 -30.57 66.20 16.68
N ARG A 71 -30.40 66.86 17.84
CA ARG A 71 -31.27 67.97 18.32
C ARG A 71 -30.74 69.30 17.78
N ALA A 72 -31.63 70.18 17.29
CA ALA A 72 -31.29 71.50 16.71
C ALA A 72 -32.27 72.57 17.20
N LYS A 73 -31.75 73.76 17.52
CA LYS A 73 -32.55 74.95 17.94
C LYS A 73 -31.94 76.21 17.29
N GLY A 74 -32.60 76.72 16.24
CA GLY A 74 -32.25 77.99 15.57
C GLY A 74 -30.86 77.97 14.96
N LYS A 75 -29.91 78.67 15.58
CA LYS A 75 -28.55 78.94 15.03
C LYS A 75 -27.66 77.70 15.19
N GLN A 76 -27.94 76.86 16.18
CA GLN A 76 -27.09 75.69 16.56
C GLN A 76 -27.79 74.37 16.23
N CYS A 77 -27.00 73.35 15.90
CA CYS A 77 -27.41 71.93 15.76
C CYS A 77 -26.38 71.03 16.47
N PHE A 78 -26.81 70.32 17.51
CA PHE A 78 -25.99 69.32 18.25
C PHE A 78 -26.30 67.92 17.71
N LEU A 79 -25.24 67.11 17.47
CA LEU A 79 -25.33 65.68 17.07
C LEU A 79 -24.61 64.83 18.12
N VAL A 80 -25.07 63.59 18.29
CA VAL A 80 -24.36 62.52 19.06
C VAL A 80 -23.75 61.55 18.03
N LEU A 81 -22.48 61.76 17.68
CA LEU A 81 -21.72 60.88 16.75
C LEU A 81 -21.32 59.61 17.51
N ARG A 82 -21.87 58.46 17.12
CA ARG A 82 -21.67 57.15 17.81
C ARG A 82 -20.85 56.21 16.92
N GLN A 83 -20.07 55.33 17.56
CA GLN A 83 -19.19 54.33 16.91
C GLN A 83 -18.92 53.21 17.93
N GLN A 84 -19.37 51.98 17.63
CA GLN A 84 -19.17 50.75 18.45
C GLN A 84 -19.24 51.08 19.95
N GLN A 85 -20.43 51.38 20.45
CA GLN A 85 -20.77 51.56 21.90
C GLN A 85 -20.00 52.75 22.51
N PHE A 86 -19.41 53.62 21.68
CA PHE A 86 -18.79 54.91 22.10
C PHE A 86 -19.47 56.05 21.34
N ASN A 87 -19.69 57.19 22.00
CA ASN A 87 -20.36 58.38 21.39
C ASN A 87 -19.72 59.67 21.92
N VAL A 88 -19.69 60.71 21.08
CA VAL A 88 -19.17 62.07 21.40
C VAL A 88 -20.22 63.11 20.97
N GLN A 89 -20.23 64.27 21.63
CA GLN A 89 -21.13 65.41 21.30
C GLN A 89 -20.47 66.28 20.22
N ALA A 90 -21.06 66.30 19.02
CA ALA A 90 -20.63 67.14 17.87
C ALA A 90 -21.56 68.35 17.77
N LEU A 91 -21.02 69.50 17.36
CA LEU A 91 -21.72 70.82 17.32
C LEU A 91 -21.48 71.50 15.98
N VAL A 92 -22.55 71.81 15.24
CA VAL A 92 -22.51 72.60 13.97
C VAL A 92 -23.06 73.99 14.28
N ALA A 93 -22.16 74.97 14.46
CA ALA A 93 -22.48 76.38 14.79
C ALA A 93 -22.27 77.26 13.55
N VAL A 94 -23.28 78.05 13.17
CA VAL A 94 -23.18 79.13 12.14
C VAL A 94 -22.17 80.17 12.65
N GLY A 95 -21.30 80.66 11.77
CA GLY A 95 -20.29 81.69 12.09
C GLY A 95 -19.08 81.62 11.16
N ASP A 96 -17.89 81.42 11.73
CA ASP A 96 -16.59 81.43 11.01
C ASP A 96 -16.39 80.10 10.29
N HIS A 97 -17.21 79.09 10.59
CA HIS A 97 -17.03 77.68 10.15
C HIS A 97 -18.13 77.28 9.15
N ALA A 98 -19.39 77.20 9.61
CA ALA A 98 -20.54 76.63 8.85
C ALA A 98 -21.54 77.73 8.48
N SER A 99 -22.42 77.45 7.51
CA SER A 99 -23.52 78.32 7.03
C SER A 99 -24.84 77.87 7.64
N LYS A 100 -25.94 78.57 7.33
CA LYS A 100 -27.30 78.27 7.84
C LYS A 100 -27.85 77.00 7.18
N GLN A 101 -27.58 76.81 5.88
CA GLN A 101 -28.06 75.64 5.08
C GLN A 101 -27.34 74.36 5.52
N MET A 102 -26.11 74.49 6.05
CA MET A 102 -25.29 73.37 6.57
C MET A 102 -25.89 72.88 7.89
N VAL A 103 -26.20 73.81 8.80
CA VAL A 103 -26.89 73.54 10.11
C VAL A 103 -28.26 72.93 9.81
N LYS A 104 -28.97 73.47 8.79
CA LYS A 104 -30.27 72.95 8.31
C LYS A 104 -30.08 71.49 7.86
N PHE A 105 -29.08 71.24 7.00
CA PHE A 105 -28.76 69.90 6.44
C PHE A 105 -28.34 68.95 7.57
N ALA A 106 -27.57 69.43 8.55
CA ALA A 106 -27.03 68.66 9.70
C ALA A 106 -28.18 68.04 10.51
N ALA A 107 -29.22 68.83 10.79
CA ALA A 107 -30.43 68.40 11.53
C ALA A 107 -31.32 67.53 10.63
N ASN A 108 -31.22 67.71 9.31
CA ASN A 108 -32.04 66.98 8.29
C ASN A 108 -31.43 65.60 8.00
N ILE A 109 -30.20 65.33 8.43
CA ILE A 109 -29.56 63.98 8.32
C ILE A 109 -30.40 63.00 9.14
N ASN A 110 -30.96 61.98 8.47
CA ASN A 110 -31.85 60.95 9.08
C ASN A 110 -31.05 60.15 10.11
N LYS A 111 -31.75 59.53 11.07
CA LYS A 111 -31.13 58.78 12.19
C LYS A 111 -30.36 57.58 11.63
N GLU A 112 -29.16 57.33 12.17
CA GLU A 112 -28.31 56.12 11.95
C GLU A 112 -27.49 56.25 10.66
N SER A 113 -27.69 57.33 9.87
CA SER A 113 -26.86 57.65 8.68
C SER A 113 -25.39 57.77 9.11
N ILE A 114 -24.48 57.17 8.33
CA ILE A 114 -23.01 57.25 8.58
C ILE A 114 -22.49 58.51 7.90
N VAL A 115 -21.64 59.27 8.61
CA VAL A 115 -21.14 60.61 8.17
C VAL A 115 -19.62 60.68 8.38
N ASP A 116 -18.89 61.22 7.39
CA ASP A 116 -17.49 61.68 7.53
C ASP A 116 -17.53 63.12 8.05
N VAL A 117 -16.82 63.39 9.16
CA VAL A 117 -16.85 64.68 9.89
C VAL A 117 -15.41 65.17 10.06
N GLU A 118 -15.09 66.34 9.48
CA GLU A 118 -13.86 67.12 9.79
C GLU A 118 -14.22 68.17 10.85
N GLY A 119 -13.79 67.94 12.10
CA GLY A 119 -14.09 68.83 13.24
C GLY A 119 -12.84 69.22 14.00
N VAL A 120 -13.00 70.04 15.05
CA VAL A 120 -11.92 70.46 15.99
C VAL A 120 -12.34 70.04 17.40
N VAL A 121 -11.51 69.22 18.07
CA VAL A 121 -11.73 68.78 19.48
C VAL A 121 -11.48 70.00 20.37
N ARG A 122 -12.49 70.43 21.12
CA ARG A 122 -12.41 71.58 22.07
C ARG A 122 -12.83 71.10 23.46
N LYS A 123 -12.01 71.40 24.47
CA LYS A 123 -12.24 71.05 25.91
C LYS A 123 -13.56 71.67 26.36
N VAL A 124 -14.38 70.93 27.12
CA VAL A 124 -15.70 71.39 27.65
C VAL A 124 -15.49 71.92 29.08
N ASN A 125 -16.27 72.94 29.47
CA ASN A 125 -16.19 73.61 30.79
C ASN A 125 -16.71 72.66 31.87
N GLN A 126 -17.73 71.86 31.55
CA GLN A 126 -18.34 70.84 32.44
C GLN A 126 -18.48 69.52 31.68
N LYS A 127 -18.39 68.40 32.41
CA LYS A 127 -18.46 67.00 31.88
C LYS A 127 -19.78 66.80 31.13
N ILE A 128 -19.74 66.09 30.00
CA ILE A 128 -20.94 65.65 29.23
C ILE A 128 -21.31 64.24 29.70
N GLY A 129 -22.06 64.15 30.80
CA GLY A 129 -22.41 62.89 31.50
C GLY A 129 -23.08 61.87 30.60
N SER A 130 -23.82 62.33 29.58
CA SER A 130 -24.58 61.48 28.62
C SER A 130 -23.62 60.65 27.75
N CYS A 131 -22.54 61.27 27.23
CA CYS A 131 -21.58 60.66 26.29
C CYS A 131 -20.47 59.91 27.05
N THR A 132 -19.75 59.02 26.36
CA THR A 132 -18.53 58.32 26.86
C THR A 132 -17.34 59.28 26.83
N GLN A 133 -17.29 60.15 25.79
CA GLN A 133 -16.29 61.24 25.66
C GLN A 133 -16.84 62.48 26.37
N GLN A 134 -16.65 62.53 27.70
CA GLN A 134 -17.16 63.58 28.61
C GLN A 134 -16.19 64.78 28.62
N ASP A 135 -14.91 64.52 28.31
CA ASP A 135 -13.79 65.48 28.45
C ASP A 135 -13.84 66.57 27.37
N VAL A 136 -14.44 66.27 26.20
CA VAL A 136 -14.37 67.16 25.00
C VAL A 136 -15.68 67.09 24.21
N GLU A 137 -15.90 68.07 23.33
CA GLU A 137 -16.93 68.07 22.26
C GLU A 137 -16.23 68.37 20.92
N LEU A 138 -16.90 68.07 19.80
CA LEU A 138 -16.33 68.18 18.42
C LEU A 138 -17.00 69.35 17.70
N HIS A 139 -16.27 70.45 17.52
CA HIS A 139 -16.71 71.65 16.74
C HIS A 139 -16.56 71.35 15.24
N VAL A 140 -17.68 71.14 14.55
CA VAL A 140 -17.76 70.63 13.15
C VAL A 140 -17.28 71.74 12.19
N GLN A 141 -16.58 71.33 11.12
CA GLN A 141 -16.16 72.20 9.99
C GLN A 141 -16.70 71.64 8.66
N LYS A 142 -16.78 70.32 8.53
CA LYS A 142 -17.39 69.59 7.38
C LYS A 142 -18.25 68.43 7.89
N ILE A 143 -19.31 68.07 7.15
CA ILE A 143 -20.16 66.87 7.39
C ILE A 143 -20.63 66.34 6.02
N TYR A 144 -20.19 65.14 5.64
CA TYR A 144 -20.66 64.41 4.43
C TYR A 144 -21.36 63.11 4.86
N VAL A 145 -22.58 62.89 4.37
CA VAL A 145 -23.33 61.60 4.53
C VAL A 145 -22.82 60.63 3.47
N ILE A 146 -21.96 59.68 3.88
CA ILE A 146 -21.38 58.63 2.99
C ILE A 146 -22.40 57.50 2.83
N SER A 147 -23.20 57.23 3.86
CA SER A 147 -24.33 56.26 3.84
C SER A 147 -25.58 56.93 4.42
N LEU A 148 -26.56 57.21 3.56
CA LEU A 148 -27.84 57.86 3.93
C LEU A 148 -28.83 56.78 4.42
N ALA A 149 -29.05 56.73 5.73
CA ALA A 149 -30.09 55.90 6.39
C ALA A 149 -31.47 56.45 6.01
N GLU A 150 -32.42 55.57 5.64
CA GLU A 150 -33.83 55.94 5.38
C GLU A 150 -34.45 56.37 6.70
N PRO A 151 -35.44 57.28 6.70
CA PRO A 151 -35.77 58.07 7.90
C PRO A 151 -36.15 57.25 9.14
N ARG A 152 -37.23 56.47 9.04
CA ARG A 152 -37.78 55.74 10.23
C ARG A 152 -36.82 54.60 10.61
N LEU A 153 -37.14 53.90 11.70
CA LEU A 153 -36.33 52.78 12.26
C LEU A 153 -37.27 51.70 12.77
N PRO A 154 -37.18 50.45 12.26
CA PRO A 154 -38.16 49.42 12.57
C PRO A 154 -38.06 48.91 14.02
N LEU A 155 -39.17 48.39 14.55
CA LEU A 155 -39.25 47.72 15.87
C LEU A 155 -40.42 46.71 15.84
N ARG A 180 -38.09 39.65 9.63
CA ARG A 180 -37.62 40.53 10.73
C ARG A 180 -36.10 40.37 10.89
N LEU A 181 -35.35 40.54 9.80
CA LEU A 181 -33.86 40.41 9.76
C LEU A 181 -33.25 41.77 10.08
N ASP A 182 -33.70 42.83 9.39
CA ASP A 182 -33.24 44.24 9.57
C ASP A 182 -33.44 44.68 11.02
N ASN A 183 -34.47 44.16 11.70
CA ASN A 183 -34.69 44.34 13.17
C ASN A 183 -33.39 44.03 13.90
N ARG A 184 -32.85 42.81 13.71
CA ARG A 184 -31.70 42.26 14.46
C ARG A 184 -30.45 43.10 14.15
N VAL A 185 -30.33 43.64 12.93
CA VAL A 185 -29.17 44.47 12.49
C VAL A 185 -29.06 45.70 13.39
N ILE A 186 -30.19 46.40 13.62
CA ILE A 186 -30.26 47.61 14.48
C ILE A 186 -30.01 47.20 15.93
N ASP A 187 -30.65 46.11 16.38
CA ASP A 187 -30.59 45.59 17.77
C ASP A 187 -29.12 45.39 18.17
N LEU A 188 -28.28 44.92 17.24
CA LEU A 188 -26.86 44.59 17.49
C LEU A 188 -25.99 45.86 17.50
N ARG A 189 -26.58 47.04 17.27
CA ARG A 189 -25.89 48.34 17.40
C ARG A 189 -26.01 48.86 18.84
N THR A 190 -27.00 48.38 19.60
CA THR A 190 -27.23 48.76 21.02
C THR A 190 -25.97 48.47 21.83
N SER A 191 -25.49 49.46 22.60
CA SER A 191 -24.23 49.41 23.40
C SER A 191 -24.17 48.11 24.22
N THR A 192 -25.32 47.59 24.66
CA THR A 192 -25.45 46.30 25.38
C THR A 192 -25.00 45.16 24.45
N SER A 193 -25.71 44.94 23.34
CA SER A 193 -25.41 43.89 22.33
C SER A 193 -23.93 43.96 21.94
N GLN A 194 -23.47 45.13 21.50
CA GLN A 194 -22.06 45.40 21.12
C GLN A 194 -21.12 44.85 22.20
N ALA A 195 -21.38 45.19 23.47
CA ALA A 195 -20.54 44.82 24.64
C ALA A 195 -20.63 43.31 24.89
N VAL A 196 -21.83 42.74 24.85
CA VAL A 196 -22.10 41.29 25.08
C VAL A 196 -21.28 40.46 24.10
N PHE A 197 -21.40 40.75 22.79
CA PHE A 197 -20.89 39.89 21.69
C PHE A 197 -19.40 40.16 21.45
N ARG A 198 -18.90 41.36 21.77
CA ARG A 198 -17.44 41.67 21.76
C ARG A 198 -16.77 40.90 22.91
N LEU A 199 -17.49 40.74 24.04
CA LEU A 199 -17.01 39.95 25.22
C LEU A 199 -17.10 38.45 24.89
N GLN A 200 -18.15 38.02 24.20
CA GLN A 200 -18.38 36.60 23.82
C GLN A 200 -17.23 36.14 22.90
N SER A 201 -16.87 36.98 21.92
CA SER A 201 -15.65 36.83 21.06
C SER A 201 -14.43 36.62 21.96
N GLY A 202 -14.33 37.39 23.05
CA GLY A 202 -13.27 37.30 24.06
C GLY A 202 -13.20 35.92 24.70
N ILE A 203 -14.34 35.38 25.13
CA ILE A 203 -14.43 34.02 25.77
C ILE A 203 -13.77 33.01 24.83
N CYS A 204 -14.23 32.96 23.57
CA CYS A 204 -13.73 32.02 22.52
C CYS A 204 -12.20 32.16 22.38
N HIS A 205 -11.68 33.39 22.38
CA HIS A 205 -10.22 33.68 22.25
C HIS A 205 -9.49 33.21 23.50
N LEU A 206 -9.98 33.57 24.70
CA LEU A 206 -9.37 33.19 26.00
C LEU A 206 -9.42 31.65 26.16
N PHE A 207 -10.47 31.00 25.67
CA PHE A 207 -10.65 29.54 25.68
C PHE A 207 -9.53 28.86 24.89
N ARG A 208 -9.32 29.31 23.64
CA ARG A 208 -8.27 28.79 22.73
C ARG A 208 -6.88 29.12 23.28
N GLU A 209 -6.56 30.41 23.41
CA GLU A 209 -5.23 30.90 23.85
C GLU A 209 -4.77 30.09 25.06
N THR A 210 -5.66 29.86 26.03
CA THR A 210 -5.41 29.07 27.26
C THR A 210 -4.99 27.65 26.89
N LEU A 211 -5.90 26.89 26.24
CA LEU A 211 -5.71 25.46 25.89
C LEU A 211 -4.51 25.30 24.95
N ILE A 212 -4.44 26.10 23.88
CA ILE A 212 -3.35 26.05 22.86
C ILE A 212 -2.00 26.23 23.57
N ASN A 213 -1.91 27.17 24.52
CA ASN A 213 -0.66 27.46 25.29
C ASN A 213 -0.30 26.26 26.17
N LYS A 214 -1.30 25.48 26.60
CA LYS A 214 -1.05 24.29 27.48
C LYS A 214 -0.91 23.04 26.62
N GLY A 215 -0.79 23.20 25.29
CA GLY A 215 -0.34 22.15 24.35
C GLY A 215 -1.48 21.36 23.75
N PHE A 216 -2.60 22.03 23.43
CA PHE A 216 -3.80 21.43 22.82
C PHE A 216 -3.73 21.57 21.30
N VAL A 217 -4.56 20.81 20.59
CA VAL A 217 -4.70 20.81 19.11
C VAL A 217 -6.17 21.00 18.77
N GLU A 218 -6.53 22.06 18.04
CA GLU A 218 -7.92 22.31 17.59
C GLU A 218 -8.27 21.31 16.48
N ILE A 219 -9.40 20.63 16.62
CA ILE A 219 -9.96 19.70 15.59
C ILE A 219 -11.22 20.35 15.00
N GLN A 220 -11.67 19.82 13.86
CA GLN A 220 -12.88 20.28 13.13
C GLN A 220 -13.82 19.08 12.97
N THR A 221 -14.72 18.89 13.93
CA THR A 221 -15.82 17.89 13.87
C THR A 221 -16.72 18.24 12.69
N PRO A 222 -17.18 17.26 11.89
CA PRO A 222 -17.98 17.56 10.71
C PRO A 222 -19.31 18.22 11.06
N LYS A 223 -20.11 17.66 11.98
CA LYS A 223 -21.37 18.26 12.51
C LYS A 223 -22.55 17.99 11.56
N ILE A 224 -22.34 17.34 10.41
CA ILE A 224 -23.40 16.76 9.52
C ILE A 224 -22.88 15.45 8.93
N ILE A 225 -23.71 14.41 8.94
CA ILE A 225 -23.35 13.00 8.55
C ILE A 225 -24.58 12.36 7.90
N SER A 226 -24.39 11.68 6.76
CA SER A 226 -25.45 10.98 6.00
C SER A 226 -24.91 9.64 5.47
N ALA A 248 -26.89 15.09 11.45
CA ALA A 248 -26.57 16.10 12.48
C ALA A 248 -26.72 15.50 13.88
N GLN A 249 -25.60 15.29 14.59
CA GLN A 249 -25.56 14.71 15.96
C GLN A 249 -24.50 15.45 16.80
N SER A 250 -24.06 14.85 17.90
CA SER A 250 -23.15 15.44 18.93
C SER A 250 -21.69 15.10 18.62
N PRO A 251 -20.73 15.98 18.97
CA PRO A 251 -19.33 15.84 18.54
C PRO A 251 -18.38 15.00 19.39
N GLN A 252 -18.80 14.59 20.59
CA GLN A 252 -17.99 13.77 21.55
C GLN A 252 -17.30 12.60 20.84
N LEU A 253 -18.03 11.86 20.00
CA LEU A 253 -17.53 10.67 19.27
C LEU A 253 -16.20 10.97 18.59
N TYR A 254 -16.13 12.09 17.86
CA TYR A 254 -14.97 12.52 17.02
C TYR A 254 -13.78 12.91 17.90
N LYS A 255 -14.03 13.58 19.02
CA LYS A 255 -12.98 13.96 20.02
C LYS A 255 -12.32 12.68 20.55
N GLN A 256 -13.13 11.67 20.89
CA GLN A 256 -12.66 10.38 21.47
C GLN A 256 -11.84 9.61 20.44
N MET A 257 -12.25 9.64 19.16
CA MET A 257 -11.52 8.99 18.04
C MET A 257 -10.14 9.65 17.90
N CYS A 258 -10.06 10.97 18.04
CA CYS A 258 -8.80 11.77 18.00
C CYS A 258 -7.88 11.35 19.15
N ILE A 259 -8.44 11.20 20.36
CA ILE A 259 -7.72 10.70 21.57
C ILE A 259 -7.14 9.32 21.25
N CYS A 260 -7.96 8.43 20.69
CA CYS A 260 -7.59 7.04 20.29
C CYS A 260 -6.59 7.07 19.12
N ALA A 261 -6.44 8.21 18.46
CA ALA A 261 -5.53 8.43 17.30
C ALA A 261 -4.32 9.28 17.71
N ASP A 262 -3.91 9.21 18.98
CA ASP A 262 -2.64 9.76 19.53
C ASP A 262 -2.70 11.28 19.69
N PHE A 263 -3.81 11.94 19.32
CA PHE A 263 -4.04 13.38 19.61
C PHE A 263 -4.36 13.51 21.10
N GLU A 264 -3.30 13.73 21.91
CA GLU A 264 -3.34 13.69 23.40
C GLU A 264 -4.37 14.68 23.95
N LYS A 265 -4.38 15.91 23.42
CA LYS A 265 -5.18 17.06 23.95
C LYS A 265 -5.89 17.76 22.79
N VAL A 266 -7.22 17.69 22.75
CA VAL A 266 -8.06 18.23 21.64
C VAL A 266 -9.21 19.07 22.21
N PHE A 267 -9.61 20.12 21.49
CA PHE A 267 -10.82 20.95 21.73
C PHE A 267 -11.46 21.31 20.38
N SER A 268 -12.75 21.62 20.38
CA SER A 268 -13.55 21.94 19.16
C SER A 268 -14.62 22.98 19.49
N ILE A 269 -14.46 24.21 18.96
CA ILE A 269 -15.51 25.28 18.98
C ILE A 269 -16.36 25.11 17.72
N GLY A 270 -17.62 24.71 17.89
CA GLY A 270 -18.56 24.50 16.76
C GLY A 270 -20.00 24.35 17.23
N PRO A 271 -20.99 24.45 16.31
CA PRO A 271 -22.40 24.32 16.68
C PRO A 271 -22.76 22.90 17.13
N VAL A 272 -23.51 22.81 18.23
CA VAL A 272 -24.00 21.55 18.87
C VAL A 272 -25.53 21.58 18.86
N PHE A 273 -26.17 20.41 18.99
CA PHE A 273 -27.64 20.24 18.98
C PHE A 273 -28.09 19.45 20.21
N ARG A 274 -29.26 19.80 20.77
CA ARG A 274 -29.86 19.16 21.98
C ARG A 274 -31.14 18.42 21.57
N ARG A 282 -39.90 19.74 23.58
CA ARG A 282 -40.50 19.21 22.33
C ARG A 282 -40.11 20.11 21.14
N HIS A 283 -38.81 20.28 20.91
CA HIS A 283 -38.19 21.24 19.95
C HIS A 283 -36.83 20.72 19.49
N LEU A 284 -36.37 21.16 18.32
CA LEU A 284 -34.95 21.02 17.86
C LEU A 284 -34.24 22.36 18.04
N THR A 285 -33.14 22.38 18.81
CA THR A 285 -32.40 23.58 19.26
C THR A 285 -30.96 23.48 18.77
N GLU A 286 -30.38 24.60 18.29
CA GLU A 286 -28.95 24.70 17.90
C GLU A 286 -28.27 25.79 18.74
N PHE A 287 -27.09 25.49 19.29
CA PHE A 287 -26.26 26.44 20.06
C PHE A 287 -24.78 26.13 19.79
N VAL A 288 -23.89 27.07 20.14
CA VAL A 288 -22.41 26.96 19.97
C VAL A 288 -21.83 26.36 21.26
N GLY A 289 -21.03 25.28 21.12
CA GLY A 289 -20.38 24.59 22.25
C GLY A 289 -18.87 24.59 22.13
N LEU A 290 -18.17 24.93 23.22
CA LEU A 290 -16.70 24.80 23.34
C LEU A 290 -16.41 23.50 24.10
N ASP A 291 -15.86 22.50 23.41
CA ASP A 291 -15.70 21.10 23.92
C ASP A 291 -14.22 20.82 24.15
N ILE A 292 -13.90 20.09 25.23
CA ILE A 292 -12.53 19.61 25.58
C ILE A 292 -12.57 18.09 25.71
N GLU A 293 -11.52 17.42 25.24
CA GLU A 293 -11.26 15.97 25.47
C GLU A 293 -9.75 15.79 25.62
N MET A 294 -9.31 15.27 26.77
CA MET A 294 -7.89 15.25 27.18
C MET A 294 -7.54 13.86 27.75
N ALA A 295 -6.49 13.24 27.23
CA ALA A 295 -5.90 11.98 27.76
C ALA A 295 -5.02 12.33 28.96
N PHE A 296 -5.27 11.69 30.10
CA PHE A 296 -4.54 11.93 31.38
C PHE A 296 -3.63 10.75 31.68
N ASN A 297 -2.78 10.89 32.71
CA ASN A 297 -1.79 9.86 33.14
C ASN A 297 -2.52 8.78 33.93
N TYR A 298 -2.92 9.07 35.17
CA TYR A 298 -3.39 8.05 36.16
C TYR A 298 -4.74 8.43 36.76
N HIS A 299 -5.02 9.72 36.99
CA HIS A 299 -6.27 10.22 37.63
C HIS A 299 -6.99 11.19 36.70
N TYR A 300 -8.34 11.09 36.66
CA TYR A 300 -9.24 11.91 35.81
C TYR A 300 -9.33 13.34 36.36
N HIS A 301 -8.84 13.58 37.58
CA HIS A 301 -8.72 14.94 38.19
C HIS A 301 -7.71 15.78 37.41
N GLU A 302 -6.72 15.13 36.78
CA GLU A 302 -5.70 15.80 35.92
C GLU A 302 -6.41 16.62 34.83
N VAL A 303 -7.52 16.08 34.30
CA VAL A 303 -8.37 16.74 33.25
C VAL A 303 -9.30 17.77 33.93
N MET A 304 -10.04 17.34 34.95
CA MET A 304 -11.04 18.18 35.66
C MET A 304 -10.39 19.47 36.16
N GLU A 305 -9.23 19.37 36.82
CA GLU A 305 -8.48 20.52 37.39
C GLU A 305 -7.94 21.42 36.26
N GLU A 306 -7.72 20.84 35.06
CA GLU A 306 -7.30 21.60 33.85
C GLU A 306 -8.50 22.39 33.32
N ILE A 307 -9.63 21.71 33.03
CA ILE A 307 -10.88 22.33 32.54
C ILE A 307 -11.24 23.50 33.47
N ALA A 308 -11.17 23.28 34.78
CA ALA A 308 -11.46 24.28 35.84
C ALA A 308 -10.55 25.51 35.66
N ASP A 309 -9.23 25.31 35.64
CA ASP A 309 -8.21 26.39 35.47
C ASP A 309 -8.51 27.17 34.19
N THR A 310 -8.88 26.48 33.12
CA THR A 310 -9.20 27.09 31.79
C THR A 310 -10.40 28.05 31.93
N MET A 311 -11.45 27.63 32.66
CA MET A 311 -12.64 28.47 32.94
C MET A 311 -12.24 29.64 33.86
N VAL A 312 -11.33 29.40 34.81
CA VAL A 312 -10.77 30.44 35.72
C VAL A 312 -10.02 31.47 34.86
N GLN A 313 -9.13 31.00 33.97
CA GLN A 313 -8.31 31.86 33.09
C GLN A 313 -9.22 32.70 32.18
N ILE A 314 -10.35 32.15 31.73
CA ILE A 314 -11.39 32.90 30.95
C ILE A 314 -11.91 34.05 31.81
N PHE A 315 -12.31 33.78 33.05
CA PHE A 315 -12.89 34.78 33.99
C PHE A 315 -11.85 35.87 34.29
N LYS A 316 -10.64 35.46 34.68
CA LYS A 316 -9.50 36.38 34.93
C LYS A 316 -9.29 37.29 33.71
N GLY A 317 -9.36 36.71 32.51
CA GLY A 317 -9.17 37.40 31.22
C GLY A 317 -10.23 38.47 30.96
N LEU A 318 -11.51 38.14 31.15
CA LEU A 318 -12.66 39.06 30.93
C LEU A 318 -12.58 40.24 31.91
N GLN A 319 -12.22 39.96 33.17
CA GLN A 319 -12.20 40.96 34.27
C GLN A 319 -10.99 41.90 34.11
N GLU A 320 -9.94 41.46 33.41
CA GLU A 320 -8.74 42.28 33.11
C GLU A 320 -9.00 43.16 31.88
N ARG A 321 -9.22 42.54 30.73
CA ARG A 321 -9.27 43.23 29.40
C ARG A 321 -10.65 43.84 29.15
N PHE A 322 -11.71 43.04 29.31
CA PHE A 322 -13.10 43.38 28.85
C PHE A 322 -13.90 44.07 29.97
N GLN A 323 -13.27 44.92 30.77
CA GLN A 323 -13.92 45.62 31.91
C GLN A 323 -14.89 46.66 31.37
N THR A 324 -14.53 47.32 30.26
CA THR A 324 -15.38 48.30 29.52
C THR A 324 -16.69 47.64 29.08
N GLU A 325 -16.60 46.42 28.53
CA GLU A 325 -17.75 45.68 27.95
C GLU A 325 -18.66 45.17 29.07
N ILE A 326 -18.07 44.78 30.22
CA ILE A 326 -18.84 44.26 31.40
C ILE A 326 -19.72 45.37 31.96
N GLN A 327 -19.14 46.56 32.17
CA GLN A 327 -19.82 47.75 32.76
C GLN A 327 -20.94 48.23 31.81
N THR A 328 -20.71 48.16 30.50
CA THR A 328 -21.68 48.58 29.45
C THR A 328 -22.96 47.73 29.54
N VAL A 329 -22.82 46.44 29.87
CA VAL A 329 -23.96 45.51 30.09
C VAL A 329 -24.53 45.75 31.49
N ASN A 330 -23.66 46.02 32.47
CA ASN A 330 -24.03 46.30 33.88
C ASN A 330 -24.96 47.51 33.94
N LYS A 331 -24.66 48.56 33.14
CA LYS A 331 -25.39 49.84 33.12
C LYS A 331 -26.87 49.61 32.82
N GLN A 332 -27.19 48.66 31.94
CA GLN A 332 -28.60 48.32 31.55
C GLN A 332 -29.12 47.18 32.43
N PHE A 333 -28.31 46.15 32.69
CA PHE A 333 -28.67 44.95 33.50
C PHE A 333 -27.76 44.89 34.72
N PRO A 334 -28.16 45.49 35.87
CA PRO A 334 -27.34 45.46 37.08
C PRO A 334 -27.08 44.02 37.54
N CYS A 335 -25.82 43.69 37.82
CA CYS A 335 -25.37 42.38 38.33
C CYS A 335 -24.02 42.54 39.03
N GLU A 336 -23.87 41.96 40.23
CA GLU A 336 -22.61 41.99 41.00
C GLU A 336 -21.51 41.32 40.17
N PRO A 337 -20.23 41.72 40.33
CA PRO A 337 -19.13 41.08 39.60
C PRO A 337 -19.11 39.56 39.84
N PHE A 338 -18.71 38.78 38.83
CA PHE A 338 -18.57 37.31 38.90
C PHE A 338 -17.41 36.99 39.85
N LYS A 339 -17.66 36.12 40.84
CA LYS A 339 -16.71 35.74 41.92
C LYS A 339 -16.34 34.27 41.78
N PHE A 340 -15.05 33.95 41.97
CA PHE A 340 -14.47 32.58 41.86
C PHE A 340 -13.20 32.48 42.71
N LEU A 341 -12.79 31.25 43.04
CA LEU A 341 -11.55 30.95 43.80
C LEU A 341 -10.49 30.40 42.83
N GLU A 342 -9.21 30.70 43.09
CA GLU A 342 -8.07 30.43 42.18
C GLU A 342 -7.85 28.92 42.03
N PRO A 343 -7.76 28.15 43.14
CA PRO A 343 -7.96 26.71 43.06
C PRO A 343 -9.47 26.43 43.16
N THR A 344 -10.13 26.30 42.01
CA THR A 344 -11.62 26.21 41.86
C THR A 344 -12.18 25.25 42.92
N LEU A 345 -13.24 25.68 43.62
CA LEU A 345 -13.90 24.91 44.70
C LEU A 345 -14.46 23.60 44.12
N ARG A 346 -14.21 22.48 44.81
CA ARG A 346 -14.74 21.13 44.45
C ARG A 346 -15.53 20.55 45.64
N LEU A 347 -16.82 20.27 45.44
CA LEU A 347 -17.67 19.51 46.38
C LEU A 347 -18.00 18.15 45.75
N GLU A 348 -17.79 17.06 46.49
CA GLU A 348 -18.20 15.68 46.06
C GLU A 348 -19.70 15.54 46.33
N TYR A 349 -20.37 14.61 45.64
CA TYR A 349 -21.85 14.50 45.58
C TYR A 349 -22.43 14.33 46.99
N CYS A 350 -21.78 13.49 47.81
CA CYS A 350 -22.18 13.21 49.22
C CYS A 350 -22.21 14.53 50.02
N GLU A 351 -21.17 15.34 49.88
CA GLU A 351 -21.04 16.66 50.58
C GLU A 351 -22.23 17.56 50.21
N ALA A 352 -22.62 17.56 48.93
CA ALA A 352 -23.72 18.39 48.39
C ALA A 352 -25.06 17.96 49.00
N LEU A 353 -25.29 16.65 49.12
CA LEU A 353 -26.54 16.07 49.70
C LEU A 353 -26.66 16.50 51.17
N ALA A 354 -25.55 16.49 51.92
CA ALA A 354 -25.47 16.90 53.34
C ALA A 354 -25.88 18.37 53.48
N MET A 355 -25.43 19.23 52.54
CA MET A 355 -25.73 20.68 52.51
C MET A 355 -27.22 20.90 52.20
N LEU A 356 -27.77 20.13 51.25
CA LEU A 356 -29.19 20.22 50.82
C LEU A 356 -30.11 19.68 51.92
N ARG A 357 -29.72 18.58 52.56
CA ARG A 357 -30.51 17.93 53.65
C ARG A 357 -30.50 18.82 54.89
N GLU A 358 -29.35 19.43 55.21
CA GLU A 358 -29.20 20.42 56.31
C GLU A 358 -30.07 21.66 55.99
N ALA A 359 -30.20 21.99 54.71
CA ALA A 359 -31.04 23.11 54.19
C ALA A 359 -32.50 22.67 54.07
N GLY A 360 -32.81 21.41 54.38
CA GLY A 360 -34.18 20.86 54.39
C GLY A 360 -34.64 20.48 53.00
N VAL A 361 -34.04 19.43 52.42
CA VAL A 361 -34.41 18.86 51.09
C VAL A 361 -34.43 17.35 51.20
N GLU A 362 -35.63 16.74 51.14
CA GLU A 362 -35.83 15.27 51.05
C GLU A 362 -35.33 14.79 49.68
N MET A 363 -34.16 14.16 49.63
CA MET A 363 -33.52 13.67 48.39
C MET A 363 -32.84 12.33 48.65
N GLY A 364 -32.85 11.43 47.66
CA GLY A 364 -32.22 10.09 47.72
C GLY A 364 -30.72 10.15 47.48
N ASP A 365 -29.99 9.13 47.92
CA ASP A 365 -28.50 9.04 47.86
C ASP A 365 -28.04 8.96 46.39
N GLU A 366 -28.84 8.33 45.52
CA GLU A 366 -28.48 8.02 44.11
C GLU A 366 -29.28 8.88 43.12
N ASP A 367 -30.23 9.69 43.61
CA ASP A 367 -31.05 10.62 42.77
C ASP A 367 -30.11 11.63 42.10
N ASP A 368 -30.52 12.15 40.93
CA ASP A 368 -29.82 13.25 40.22
C ASP A 368 -30.33 14.59 40.77
N LEU A 369 -29.45 15.59 40.88
CA LEU A 369 -29.82 16.97 41.32
C LEU A 369 -30.86 17.53 40.37
N SER A 370 -32.09 17.74 40.85
CA SER A 370 -33.17 18.46 40.14
C SER A 370 -32.70 19.89 39.84
N THR A 371 -33.18 20.50 38.75
CA THR A 371 -32.78 21.85 38.28
C THR A 371 -32.94 22.87 39.41
N PRO A 372 -34.04 22.85 40.20
CA PRO A 372 -34.18 23.73 41.36
C PRO A 372 -33.10 23.53 42.44
N ASN A 373 -32.74 22.27 42.73
CA ASN A 373 -31.72 21.92 43.75
C ASN A 373 -30.35 22.46 43.31
N GLU A 374 -30.04 22.36 42.01
CA GLU A 374 -28.81 22.93 41.38
C GLU A 374 -28.75 24.43 41.68
N LYS A 375 -29.87 25.13 41.50
CA LYS A 375 -30.05 26.59 41.77
C LYS A 375 -29.79 26.85 43.25
N LEU A 376 -30.41 26.06 44.14
CA LEU A 376 -30.26 26.17 45.61
C LEU A 376 -28.79 25.93 46.00
N LEU A 377 -28.25 24.76 45.64
CA LEU A 377 -26.88 24.33 46.02
C LEU A 377 -25.88 25.45 45.69
N GLY A 378 -26.01 26.06 44.51
CA GLY A 378 -25.19 27.20 44.08
C GLY A 378 -25.26 28.36 45.07
N HIS A 379 -26.46 28.69 45.54
CA HIS A 379 -26.73 29.75 46.55
C HIS A 379 -26.05 29.37 47.86
N LEU A 380 -26.16 28.10 48.28
CA LEU A 380 -25.55 27.58 49.53
C LEU A 380 -24.02 27.71 49.44
N VAL A 381 -23.44 27.40 48.27
CA VAL A 381 -21.98 27.52 48.00
C VAL A 381 -21.59 29.00 48.05
N LYS A 382 -22.38 29.88 47.42
CA LYS A 382 -22.18 31.35 47.43
C LYS A 382 -22.23 31.86 48.87
N GLU A 383 -23.17 31.36 49.69
CA GLU A 383 -23.35 31.76 51.11
C GLU A 383 -22.06 31.46 51.89
N LYS A 384 -21.49 30.26 51.72
CA LYS A 384 -20.34 29.77 52.53
C LYS A 384 -19.03 30.33 51.99
N TYR A 385 -18.64 29.94 50.78
CA TYR A 385 -17.30 30.21 50.18
C TYR A 385 -17.28 31.56 49.46
N ASP A 386 -18.44 32.00 48.96
CA ASP A 386 -18.61 33.25 48.18
C ASP A 386 -17.91 33.07 46.82
N THR A 387 -18.35 32.07 46.05
CA THR A 387 -17.90 31.77 44.67
C THR A 387 -19.13 31.41 43.84
N ASP A 388 -19.25 32.01 42.65
CA ASP A 388 -20.34 31.73 41.68
C ASP A 388 -19.96 30.52 40.83
N PHE A 389 -18.70 30.08 40.90
CA PHE A 389 -18.13 28.94 40.13
C PHE A 389 -17.52 27.89 41.06
N TYR A 390 -18.10 26.67 41.05
CA TYR A 390 -17.64 25.48 41.81
C TYR A 390 -17.85 24.22 40.97
N ILE A 391 -17.22 23.11 41.37
CA ILE A 391 -17.30 21.77 40.69
C ILE A 391 -18.01 20.79 41.62
N LEU A 392 -19.03 20.08 41.12
CA LEU A 392 -19.68 18.94 41.82
C LEU A 392 -19.14 17.63 41.23
N ASP A 393 -18.45 16.83 42.05
CA ASP A 393 -17.66 15.65 41.63
C ASP A 393 -18.33 14.37 42.13
N LYS A 394 -17.94 13.21 41.57
CA LYS A 394 -18.32 11.85 42.03
C LYS A 394 -19.85 11.67 41.98
N TYR A 395 -20.47 12.01 40.85
CA TYR A 395 -21.92 11.86 40.60
C TYR A 395 -22.34 10.39 40.73
N PRO A 396 -23.63 10.09 40.98
CA PRO A 396 -24.13 8.71 40.97
C PRO A 396 -24.09 8.12 39.56
N LEU A 397 -23.57 6.89 39.42
CA LEU A 397 -23.32 6.21 38.11
C LEU A 397 -24.65 6.07 37.34
N ALA A 398 -25.75 5.80 38.04
CA ALA A 398 -27.09 5.50 37.46
C ALA A 398 -27.57 6.64 36.54
N VAL A 399 -27.26 7.89 36.90
CA VAL A 399 -27.86 9.11 36.27
C VAL A 399 -27.01 9.56 35.08
N ARG A 400 -25.77 9.05 34.93
CA ARG A 400 -24.81 9.48 33.89
C ARG A 400 -24.92 8.57 32.67
N PRO A 401 -24.42 8.99 31.49
CA PRO A 401 -24.41 8.14 30.30
C PRO A 401 -23.49 6.92 30.43
N PHE A 402 -23.69 5.92 29.56
CA PHE A 402 -23.05 4.58 29.62
C PHE A 402 -21.52 4.69 29.58
N TYR A 403 -20.98 5.59 28.76
CA TYR A 403 -19.53 5.75 28.50
C TYR A 403 -18.81 6.34 29.73
N THR A 404 -19.56 6.69 30.80
CA THR A 404 -19.01 7.24 32.06
C THR A 404 -18.31 6.12 32.85
N MET A 405 -17.02 6.30 33.14
CA MET A 405 -16.17 5.33 33.89
C MET A 405 -16.67 5.22 35.33
N PRO A 406 -17.10 4.02 35.79
CA PRO A 406 -17.47 3.82 37.19
C PRO A 406 -16.30 3.99 38.16
N ASP A 407 -16.60 4.42 39.39
CA ASP A 407 -15.64 4.55 40.52
C ASP A 407 -15.20 3.15 40.93
N PRO A 408 -13.88 2.87 40.99
CA PRO A 408 -13.39 1.51 41.26
C PRO A 408 -13.72 1.00 42.68
N ARG A 409 -13.90 1.90 43.65
CA ARG A 409 -14.17 1.58 45.07
C ARG A 409 -15.68 1.43 45.29
N ASN A 410 -16.46 2.46 44.95
CA ASN A 410 -17.94 2.50 45.09
C ASN A 410 -18.57 2.36 43.70
N PRO A 411 -18.93 1.14 43.25
CA PRO A 411 -19.40 0.95 41.88
C PRO A 411 -20.80 1.52 41.61
N LYS A 412 -21.44 2.11 42.62
CA LYS A 412 -22.71 2.88 42.49
C LYS A 412 -22.39 4.34 42.10
N GLN A 413 -21.19 4.81 42.41
CA GLN A 413 -20.69 6.18 42.04
C GLN A 413 -19.88 6.10 40.74
N SER A 414 -19.65 7.25 40.10
CA SER A 414 -18.90 7.40 38.82
C SER A 414 -17.73 8.36 39.01
N ASN A 415 -16.85 8.46 38.01
CA ASN A 415 -15.75 9.47 37.92
C ASN A 415 -16.23 10.64 37.04
N SER A 416 -17.42 11.17 37.34
CA SER A 416 -18.10 12.24 36.59
C SER A 416 -18.13 13.52 37.43
N TYR A 417 -18.44 14.66 36.80
CA TYR A 417 -18.43 16.00 37.42
C TYR A 417 -19.27 16.98 36.60
N ASP A 418 -19.93 17.91 37.30
CA ASP A 418 -20.58 19.12 36.71
C ASP A 418 -19.87 20.36 37.26
N MET A 419 -19.86 21.44 36.48
CA MET A 419 -19.34 22.77 36.90
C MET A 419 -20.47 23.80 36.72
N PHE A 420 -20.68 24.64 37.74
CA PHE A 420 -21.85 25.55 37.84
C PHE A 420 -21.38 27.01 37.87
N MET A 421 -22.02 27.88 37.08
CA MET A 421 -21.88 29.35 37.12
C MET A 421 -23.20 29.95 37.63
N ARG A 422 -23.15 30.73 38.70
CA ARG A 422 -24.34 31.32 39.38
C ARG A 422 -25.42 30.24 39.56
N GLY A 423 -25.00 29.05 40.00
CA GLY A 423 -25.91 27.94 40.41
C GLY A 423 -26.62 27.27 39.25
N GLU A 424 -26.24 27.58 38.00
CA GLU A 424 -26.77 26.91 36.79
C GLU A 424 -25.64 26.11 36.11
N GLU A 425 -25.92 24.85 35.77
CA GLU A 425 -24.96 23.92 35.11
C GLU A 425 -24.50 24.53 33.78
N ILE A 426 -23.19 24.57 33.54
CA ILE A 426 -22.58 24.97 32.24
C ILE A 426 -21.88 23.77 31.60
N LEU A 427 -21.29 22.89 32.42
CA LEU A 427 -20.45 21.74 31.96
C LEU A 427 -20.94 20.44 32.62
N SER A 428 -20.88 19.34 31.86
CA SER A 428 -21.27 17.97 32.29
C SER A 428 -20.27 16.96 31.72
N GLY A 429 -19.09 16.85 32.35
CA GLY A 429 -17.97 16.02 31.88
C GLY A 429 -17.79 14.78 32.74
N ALA A 430 -16.85 13.91 32.37
CA ALA A 430 -16.54 12.65 33.05
C ALA A 430 -15.33 11.98 32.39
N GLN A 431 -14.77 10.96 33.06
CA GLN A 431 -13.76 10.04 32.47
C GLN A 431 -14.50 9.07 31.54
N ARG A 432 -13.96 8.85 30.34
CA ARG A 432 -14.56 7.95 29.31
C ARG A 432 -14.04 6.53 29.53
N ILE A 433 -14.84 5.53 29.16
CA ILE A 433 -14.46 4.09 29.23
C ILE A 433 -13.66 3.73 27.97
N HIS A 434 -12.34 3.54 28.13
CA HIS A 434 -11.37 3.26 27.05
C HIS A 434 -11.18 1.74 26.89
N ASP A 435 -11.70 0.94 27.83
CA ASP A 435 -11.74 -0.54 27.73
C ASP A 435 -12.95 -0.93 26.88
N PRO A 436 -12.75 -1.65 25.75
CA PRO A 436 -13.88 -2.03 24.88
C PRO A 436 -14.94 -2.87 25.59
N GLN A 437 -14.50 -3.86 26.39
CA GLN A 437 -15.38 -4.85 27.05
C GLN A 437 -16.32 -4.11 28.02
N LEU A 438 -15.77 -3.36 28.98
CA LEU A 438 -16.53 -2.62 30.02
C LEU A 438 -17.48 -1.62 29.34
N LEU A 439 -17.04 -0.98 28.26
CA LEU A 439 -17.83 -0.02 27.46
C LEU A 439 -19.06 -0.73 26.88
N THR A 440 -18.89 -1.98 26.45
CA THR A 440 -19.96 -2.84 25.88
C THR A 440 -20.92 -3.29 26.99
N GLU A 441 -20.38 -3.68 28.16
CA GLU A 441 -21.17 -4.10 29.35
C GLU A 441 -22.12 -2.97 29.75
N ARG A 442 -21.59 -1.76 29.90
CA ARG A 442 -22.34 -0.54 30.32
C ARG A 442 -23.38 -0.18 29.24
N ALA A 443 -23.07 -0.45 27.97
CA ALA A 443 -23.99 -0.23 26.82
C ALA A 443 -25.19 -1.19 26.93
N LEU A 444 -24.95 -2.43 27.38
CA LEU A 444 -26.01 -3.45 27.60
C LEU A 444 -26.80 -3.11 28.86
N HIS A 445 -26.14 -2.57 29.89
CA HIS A 445 -26.78 -2.08 31.15
C HIS A 445 -27.79 -0.97 30.82
N HIS A 446 -27.48 -0.13 29.83
CA HIS A 446 -28.33 0.99 29.34
C HIS A 446 -29.26 0.52 28.22
N GLY A 447 -29.13 -0.75 27.81
CA GLY A 447 -30.03 -1.41 26.83
C GLY A 447 -29.86 -0.84 25.43
N ILE A 448 -28.61 -0.69 24.98
CA ILE A 448 -28.26 -0.16 23.63
C ILE A 448 -28.01 -1.34 22.68
N ASP A 449 -28.50 -1.23 21.44
CA ASP A 449 -28.21 -2.19 20.34
C ASP A 449 -26.75 -2.00 19.94
N LEU A 450 -25.87 -2.94 20.34
CA LEU A 450 -24.40 -2.87 20.11
C LEU A 450 -24.12 -2.73 18.61
N GLU A 451 -24.98 -3.31 17.76
CA GLU A 451 -24.91 -3.30 16.28
C GLU A 451 -24.66 -1.87 15.76
N LYS A 452 -25.42 -0.89 16.26
CA LYS A 452 -25.46 0.50 15.73
C LYS A 452 -24.41 1.37 16.41
N ILE A 453 -23.69 0.85 17.42
CA ILE A 453 -22.53 1.53 18.07
C ILE A 453 -21.29 0.64 17.98
N LYS A 454 -21.31 -0.37 17.10
CA LYS A 454 -20.18 -1.31 16.85
C LYS A 454 -18.93 -0.51 16.49
N ALA A 455 -19.07 0.46 15.58
CA ALA A 455 -17.99 1.33 15.05
C ALA A 455 -17.28 2.06 16.20
N TYR A 456 -18.06 2.71 17.08
CA TYR A 456 -17.56 3.50 18.23
C TYR A 456 -16.74 2.60 19.16
N ILE A 457 -17.27 1.44 19.54
CA ILE A 457 -16.62 0.47 20.47
C ILE A 457 -15.30 0.00 19.83
N ASP A 458 -15.32 -0.31 18.53
CA ASP A 458 -14.17 -0.86 17.77
C ASP A 458 -12.99 0.13 17.79
N SER A 459 -13.28 1.44 17.93
CA SER A 459 -12.28 2.54 17.98
C SER A 459 -11.26 2.32 19.12
N PHE A 460 -11.71 1.74 20.24
CA PHE A 460 -10.93 1.63 21.50
C PHE A 460 -10.17 0.29 21.57
N ARG A 461 -10.42 -0.63 20.64
CA ARG A 461 -9.88 -2.03 20.70
C ARG A 461 -8.35 -2.01 20.57
N PHE A 462 -7.79 -1.03 19.85
CA PHE A 462 -6.34 -0.90 19.59
C PHE A 462 -5.80 0.33 20.32
N GLY A 463 -4.97 0.10 21.35
CA GLY A 463 -4.26 1.13 22.13
C GLY A 463 -5.16 2.32 22.42
N ALA A 464 -6.12 2.15 23.34
CA ALA A 464 -7.03 3.22 23.82
C ALA A 464 -6.50 3.78 25.13
N PRO A 465 -6.07 5.06 25.19
CA PRO A 465 -5.50 5.63 26.41
C PRO A 465 -6.62 6.07 27.35
N PRO A 466 -6.33 6.23 28.67
CA PRO A 466 -7.32 6.77 29.60
C PRO A 466 -7.51 8.28 29.33
N HIS A 467 -8.76 8.73 29.27
CA HIS A 467 -9.12 10.14 28.92
C HIS A 467 -10.44 10.55 29.56
N ALA A 468 -10.59 11.85 29.80
CA ALA A 468 -11.82 12.53 30.28
C ALA A 468 -12.05 13.79 29.44
N GLY A 469 -13.15 14.49 29.67
CA GLY A 469 -13.48 15.73 28.93
C GLY A 469 -14.71 16.43 29.50
N GLY A 470 -15.16 17.49 28.81
CA GLY A 470 -16.33 18.30 29.16
C GLY A 470 -16.54 19.43 28.16
N GLY A 471 -17.78 19.85 27.98
CA GLY A 471 -18.17 20.91 27.03
C GLY A 471 -19.00 21.99 27.71
N ILE A 472 -18.92 23.22 27.21
CA ILE A 472 -19.64 24.41 27.74
C ILE A 472 -20.42 25.07 26.59
N GLY A 473 -21.61 25.60 26.89
CA GLY A 473 -22.44 26.39 25.97
C GLY A 473 -22.01 27.84 25.96
N LEU A 474 -21.33 28.28 24.88
CA LEU A 474 -20.74 29.64 24.76
C LEU A 474 -21.77 30.69 25.19
N GLU A 475 -23.00 30.61 24.65
CA GLU A 475 -24.11 31.56 24.97
C GLU A 475 -24.40 31.49 26.47
N ARG A 476 -24.55 30.28 27.01
CA ARG A 476 -24.91 30.00 28.42
C ARG A 476 -23.84 30.57 29.35
N VAL A 477 -22.55 30.41 29.00
CA VAL A 477 -21.41 30.93 29.80
C VAL A 477 -21.47 32.46 29.83
N THR A 478 -21.63 33.08 28.65
CA THR A 478 -21.74 34.56 28.47
C THR A 478 -22.91 35.09 29.33
N MET A 479 -24.05 34.40 29.28
CA MET A 479 -25.30 34.76 30.01
C MET A 479 -25.02 34.80 31.52
N LEU A 480 -24.47 33.71 32.07
CA LEU A 480 -24.32 33.50 33.52
C LEU A 480 -23.13 34.31 34.06
N PHE A 481 -22.19 34.71 33.20
CA PHE A 481 -21.04 35.57 33.60
C PHE A 481 -21.52 37.00 33.84
N LEU A 482 -22.38 37.51 32.95
CA LEU A 482 -22.97 38.88 33.01
C LEU A 482 -24.25 38.87 33.88
N GLY A 483 -24.71 37.68 34.26
CA GLY A 483 -25.90 37.50 35.13
C GLY A 483 -27.18 37.91 34.44
N LEU A 484 -27.29 37.64 33.14
CA LEU A 484 -28.50 37.91 32.32
C LEU A 484 -29.49 36.76 32.50
N HIS A 485 -30.77 36.98 32.19
CA HIS A 485 -31.90 36.06 32.50
C HIS A 485 -32.09 35.03 31.37
N ASN A 486 -32.35 35.49 30.15
CA ASN A 486 -32.69 34.63 28.98
C ASN A 486 -31.43 34.45 28.11
N VAL A 487 -31.25 33.25 27.55
CA VAL A 487 -30.07 32.86 26.71
C VAL A 487 -30.07 33.67 25.42
N ARG A 488 -31.24 34.04 24.91
CA ARG A 488 -31.44 34.79 23.64
C ARG A 488 -30.63 36.10 23.67
N GLN A 489 -30.41 36.66 24.87
CA GLN A 489 -29.63 37.91 25.07
C GLN A 489 -28.18 37.72 24.60
N THR A 490 -27.63 36.52 24.73
CA THR A 490 -26.21 36.19 24.41
C THR A 490 -26.13 35.37 23.11
N SER A 491 -27.26 35.11 22.45
CA SER A 491 -27.33 34.49 21.10
C SER A 491 -27.45 35.62 20.06
N MET A 492 -26.49 35.71 19.13
CA MET A 492 -26.40 36.84 18.14
C MET A 492 -27.56 36.75 17.14
N PHE A 493 -27.82 35.56 16.60
CA PHE A 493 -28.86 35.32 15.57
C PHE A 493 -29.84 34.26 16.06
N PRO A 494 -30.68 34.57 17.07
CA PRO A 494 -31.69 33.62 17.54
C PRO A 494 -32.76 33.40 16.45
N ARG A 495 -33.20 32.15 16.29
CA ARG A 495 -34.23 31.76 15.27
C ARG A 495 -35.57 31.50 15.98
N ASP A 496 -36.50 32.45 15.88
CA ASP A 496 -37.88 32.37 16.43
C ASP A 496 -38.67 31.34 15.62
N ASP B 24 10.70 -17.28 37.98
CA ASP B 24 10.56 -15.89 37.45
C ASP B 24 10.59 -14.90 38.63
N TYR B 25 11.53 -13.96 38.61
CA TYR B 25 11.84 -13.01 39.71
C TYR B 25 11.44 -11.57 39.34
N ALA B 26 11.14 -11.32 38.05
CA ALA B 26 10.76 -10.00 37.51
C ALA B 26 9.24 -9.93 37.27
N LYS B 27 8.49 -10.84 37.90
CA LYS B 27 7.01 -10.95 37.78
C LYS B 27 6.35 -9.66 38.29
N GLU B 28 7.02 -8.93 39.20
CA GLU B 28 6.59 -7.60 39.70
C GLU B 28 6.84 -6.51 38.65
N ARG B 29 7.87 -6.66 37.83
CA ARG B 29 8.40 -5.58 36.95
C ARG B 29 7.59 -5.47 35.64
N TYR B 30 6.80 -6.48 35.26
CA TYR B 30 5.97 -6.47 34.03
C TYR B 30 4.55 -6.97 34.32
N GLY B 31 3.68 -6.91 33.30
CA GLY B 31 2.32 -7.49 33.31
C GLY B 31 1.28 -6.58 32.67
N ILE B 32 0.07 -7.09 32.48
CA ILE B 32 -1.14 -6.30 32.08
C ILE B 32 -1.71 -5.65 33.35
N SER B 33 -1.35 -4.39 33.62
CA SER B 33 -1.79 -3.63 34.81
C SER B 33 -3.30 -3.38 34.74
N SER B 34 -3.96 -3.26 35.91
CA SER B 34 -5.42 -3.10 36.06
C SER B 34 -5.89 -1.86 35.28
N MET B 35 -7.05 -1.95 34.63
CA MET B 35 -7.69 -0.83 33.87
C MET B 35 -7.62 0.43 34.73
N ILE B 36 -7.17 1.55 34.15
CA ILE B 36 -6.98 2.84 34.86
C ILE B 36 -8.36 3.49 35.06
N GLN B 37 -9.03 3.17 36.18
CA GLN B 37 -10.35 3.73 36.58
C GLN B 37 -10.13 4.87 37.60
N SER B 38 -8.96 5.52 37.56
CA SER B 38 -8.57 6.63 38.47
C SER B 38 -8.61 6.13 39.92
N GLN B 39 -7.78 5.13 40.24
CA GLN B 39 -7.67 4.51 41.59
C GLN B 39 -6.54 5.19 42.37
N GLU B 40 -5.41 5.48 41.72
CA GLU B 40 -4.15 5.95 42.36
C GLU B 40 -3.72 7.28 41.73
N LYS B 41 -2.95 8.09 42.48
CA LYS B 41 -2.32 9.35 42.02
C LYS B 41 -0.81 9.22 42.15
N PRO B 42 -0.14 8.37 41.33
CA PRO B 42 1.25 7.99 41.57
C PRO B 42 2.23 9.17 41.42
N ASP B 43 3.24 9.23 42.31
CA ASP B 43 4.35 10.21 42.24
C ASP B 43 5.28 9.79 41.10
N ARG B 44 4.81 9.96 39.86
CA ARG B 44 5.45 9.45 38.62
C ARG B 44 5.46 10.55 37.56
N VAL B 45 6.59 10.70 36.85
CA VAL B 45 6.79 11.75 35.80
C VAL B 45 6.99 11.05 34.45
N LEU B 46 5.92 10.94 33.65
CA LEU B 46 5.94 10.31 32.32
C LEU B 46 6.51 11.31 31.30
N VAL B 47 7.83 11.27 31.06
CA VAL B 47 8.55 12.22 30.18
C VAL B 47 8.15 11.95 28.73
N ARG B 48 7.96 12.99 27.93
CA ARG B 48 7.61 12.90 26.49
C ARG B 48 8.81 12.33 25.72
N VAL B 49 8.55 11.59 24.65
CA VAL B 49 9.59 10.87 23.84
C VAL B 49 10.54 11.90 23.22
N ARG B 50 10.02 13.03 22.76
CA ARG B 50 10.82 14.13 22.13
C ARG B 50 11.88 14.65 23.10
N ASP B 51 11.64 14.55 24.42
CA ASP B 51 12.55 15.05 25.49
C ASP B 51 13.66 14.03 25.79
N LEU B 52 13.56 12.80 25.27
CA LEU B 52 14.62 11.75 25.41
C LEU B 52 15.74 12.06 24.42
N THR B 53 16.59 13.03 24.76
CA THR B 53 17.78 13.45 23.96
C THR B 53 19.06 13.09 24.74
N ILE B 54 20.23 13.38 24.15
CA ILE B 54 21.57 13.12 24.74
C ILE B 54 21.70 13.84 26.09
N GLN B 55 21.12 15.04 26.22
CA GLN B 55 21.15 15.88 27.46
C GLN B 55 20.62 15.09 28.67
N LYS B 56 19.67 14.17 28.44
CA LYS B 56 18.99 13.39 29.51
C LYS B 56 19.58 11.98 29.60
N ALA B 57 20.86 11.81 29.25
CA ALA B 57 21.56 10.50 29.23
C ALA B 57 21.85 10.02 30.67
N ASP B 58 21.84 8.70 30.87
CA ASP B 58 22.16 8.01 32.14
C ASP B 58 21.21 8.50 33.24
N GLU B 59 19.91 8.60 32.93
CA GLU B 59 18.84 9.02 33.86
C GLU B 59 17.75 7.94 33.89
N VAL B 60 17.19 7.67 35.09
CA VAL B 60 16.03 6.75 35.30
C VAL B 60 14.75 7.55 35.02
N VAL B 61 14.11 7.30 33.87
CA VAL B 61 12.91 8.04 33.39
C VAL B 61 11.75 7.05 33.20
N TRP B 62 10.51 7.53 33.41
CA TRP B 62 9.25 6.82 33.04
C TRP B 62 8.75 7.37 31.70
N VAL B 63 8.25 6.49 30.83
CA VAL B 63 7.69 6.84 29.50
C VAL B 63 6.40 6.05 29.27
N ARG B 64 5.31 6.73 28.93
CA ARG B 64 4.07 6.10 28.41
C ARG B 64 4.01 6.32 26.90
N ALA B 65 4.17 5.24 26.13
CA ALA B 65 4.19 5.24 24.65
C ALA B 65 3.45 4.01 24.12
N ARG B 66 3.24 3.95 22.81
CA ARG B 66 2.69 2.77 22.09
C ARG B 66 3.86 1.95 21.54
N VAL B 67 3.64 0.64 21.35
CA VAL B 67 4.62 -0.28 20.72
C VAL B 67 4.39 -0.25 19.20
N HIS B 68 5.19 0.53 18.47
CA HIS B 68 5.11 0.72 17.00
C HIS B 68 5.44 -0.61 16.31
N THR B 69 6.63 -1.16 16.59
CA THR B 69 7.09 -2.50 16.17
C THR B 69 8.01 -3.09 17.25
N SER B 70 7.95 -4.41 17.47
CA SER B 70 8.72 -5.14 18.51
C SER B 70 9.39 -6.38 17.89
N ARG B 71 10.63 -6.22 17.42
CA ARG B 71 11.50 -7.30 16.88
C ARG B 71 12.30 -7.92 18.03
N ALA B 72 12.39 -9.25 18.08
CA ALA B 72 13.05 -10.02 19.17
C ALA B 72 13.87 -11.16 18.59
N LYS B 73 15.09 -11.35 19.09
CA LYS B 73 16.07 -12.38 18.64
C LYS B 73 16.80 -12.94 19.86
N GLY B 74 16.44 -14.17 20.27
CA GLY B 74 17.06 -14.93 21.37
C GLY B 74 16.98 -14.20 22.70
N LYS B 75 18.11 -13.66 23.17
CA LYS B 75 18.29 -13.12 24.54
C LYS B 75 17.66 -11.72 24.65
N GLN B 76 17.57 -11.00 23.51
CA GLN B 76 17.17 -9.57 23.45
C GLN B 76 15.80 -9.43 22.77
N CYS B 77 15.07 -8.37 23.14
CA CYS B 77 13.84 -7.87 22.47
C CYS B 77 13.94 -6.35 22.34
N PHE B 78 13.98 -5.84 21.10
CA PHE B 78 13.95 -4.39 20.76
C PHE B 78 12.50 -3.97 20.46
N LEU B 79 12.08 -2.82 21.00
CA LEU B 79 10.78 -2.18 20.74
C LEU B 79 11.02 -0.77 20.17
N VAL B 80 10.11 -0.30 19.32
CA VAL B 80 10.03 1.11 18.86
C VAL B 80 8.87 1.77 19.61
N LEU B 81 9.17 2.44 20.74
CA LEU B 81 8.18 3.19 21.55
C LEU B 81 7.86 4.50 20.84
N ARG B 82 6.61 4.66 20.37
CA ARG B 82 6.16 5.82 19.55
C ARG B 82 5.18 6.66 20.37
N GLN B 83 5.20 7.98 20.13
CA GLN B 83 4.31 8.98 20.77
C GLN B 83 4.23 10.21 19.84
N GLN B 84 3.03 10.49 19.32
CA GLN B 84 2.69 11.69 18.48
C GLN B 84 3.85 11.95 17.50
N GLN B 85 4.03 11.08 16.50
CA GLN B 85 4.96 11.24 15.34
C GLN B 85 6.43 11.30 15.81
N PHE B 86 6.72 10.92 17.06
CA PHE B 86 8.10 10.74 17.60
C PHE B 86 8.24 9.31 18.11
N ASN B 87 9.40 8.69 17.90
CA ASN B 87 9.68 7.28 18.32
C ASN B 87 11.13 7.15 18.80
N VAL B 88 11.37 6.26 19.76
CA VAL B 88 12.70 5.94 20.34
C VAL B 88 12.87 4.41 20.34
N GLN B 89 14.11 3.93 20.29
CA GLN B 89 14.46 2.49 20.35
C GLN B 89 14.61 2.07 21.81
N ALA B 90 13.70 1.21 22.29
CA ALA B 90 13.71 0.62 23.65
C ALA B 90 14.25 -0.81 23.56
N LEU B 91 14.99 -1.27 24.59
CA LEU B 91 15.69 -2.57 24.62
C LEU B 91 15.41 -3.27 25.95
N VAL B 92 14.85 -4.49 25.88
CA VAL B 92 14.64 -5.39 27.07
C VAL B 92 15.67 -6.52 26.97
N ALA B 93 16.78 -6.40 27.71
CA ALA B 93 17.92 -7.36 27.72
C ALA B 93 17.90 -8.17 29.01
N VAL B 94 17.91 -9.50 28.91
CA VAL B 94 18.02 -10.43 30.08
C VAL B 94 19.41 -10.22 30.69
N GLY B 95 19.51 -10.19 32.02
CA GLY B 95 20.79 -9.98 32.73
C GLY B 95 20.58 -9.37 34.10
N ASP B 96 21.19 -8.19 34.32
CA ASP B 96 21.18 -7.46 35.61
C ASP B 96 19.83 -6.73 35.79
N HIS B 97 19.01 -6.66 34.75
CA HIS B 97 17.78 -5.84 34.67
C HIS B 97 16.52 -6.74 34.65
N ALA B 98 16.32 -7.50 33.57
CA ALA B 98 15.06 -8.21 33.23
C ALA B 98 15.28 -9.73 33.31
N SER B 99 14.17 -10.49 33.37
CA SER B 99 14.14 -11.98 33.34
C SER B 99 13.80 -12.46 31.91
N LYS B 100 13.78 -13.78 31.70
CA LYS B 100 13.52 -14.40 30.38
C LYS B 100 12.04 -14.27 30.03
N GLN B 101 11.15 -14.40 31.02
CA GLN B 101 9.67 -14.34 30.84
C GLN B 101 9.24 -12.89 30.54
N MET B 102 10.02 -11.91 30.99
CA MET B 102 9.79 -10.46 30.75
C MET B 102 10.10 -10.13 29.29
N VAL B 103 11.25 -10.61 28.79
CA VAL B 103 11.67 -10.47 27.35
C VAL B 103 10.64 -11.21 26.48
N LYS B 104 10.20 -12.40 26.93
CA LYS B 104 9.12 -13.20 26.28
C LYS B 104 7.85 -12.35 26.19
N PHE B 105 7.42 -11.76 27.32
CA PHE B 105 6.21 -10.92 27.44
C PHE B 105 6.35 -9.66 26.58
N ALA B 106 7.54 -9.05 26.55
CA ALA B 106 7.86 -7.80 25.82
C ALA B 106 7.58 -7.99 24.32
N ALA B 107 8.02 -9.12 23.75
CA ALA B 107 7.82 -9.48 22.32
C ALA B 107 6.36 -9.91 22.09
N ASN B 108 5.69 -10.41 23.14
CA ASN B 108 4.29 -10.92 23.08
C ASN B 108 3.29 -9.76 23.18
N ILE B 109 3.73 -8.55 23.54
CA ILE B 109 2.88 -7.32 23.56
C ILE B 109 2.43 -7.05 22.12
N ASN B 110 1.11 -7.08 21.88
CA ASN B 110 0.49 -6.91 20.54
C ASN B 110 0.78 -5.47 20.05
N LYS B 111 0.73 -5.27 18.73
CA LYS B 111 1.07 -3.97 18.08
C LYS B 111 0.09 -2.90 18.54
N GLU B 112 0.59 -1.70 18.84
CA GLU B 112 -0.17 -0.45 19.11
C GLU B 112 -0.64 -0.39 20.57
N SER B 113 -0.40 -1.44 21.37
CA SER B 113 -0.68 -1.46 22.82
C SER B 113 0.09 -0.33 23.49
N ILE B 114 -0.55 0.41 24.40
CA ILE B 114 0.06 1.52 25.17
C ILE B 114 0.73 0.91 26.41
N VAL B 115 1.96 1.32 26.71
CA VAL B 115 2.80 0.73 27.80
C VAL B 115 3.43 1.84 28.63
N ASP B 116 3.41 1.69 29.95
CA ASP B 116 4.25 2.48 30.91
C ASP B 116 5.60 1.78 31.03
N VAL B 117 6.69 2.51 30.79
CA VAL B 117 8.08 1.97 30.72
C VAL B 117 8.97 2.78 31.67
N GLU B 118 9.54 2.12 32.69
CA GLU B 118 10.65 2.66 33.53
C GLU B 118 11.97 2.15 32.94
N GLY B 119 12.71 3.03 32.26
CA GLY B 119 13.97 2.68 31.58
C GLY B 119 15.11 3.62 31.96
N VAL B 120 16.29 3.39 31.41
CA VAL B 120 17.51 4.25 31.57
C VAL B 120 17.96 4.69 30.18
N VAL B 121 18.02 6.00 29.95
CA VAL B 121 18.52 6.62 28.68
C VAL B 121 20.03 6.38 28.64
N ARG B 122 20.53 5.65 27.63
CA ARG B 122 21.97 5.36 27.42
C ARG B 122 22.37 5.82 26.01
N LYS B 123 23.46 6.58 25.91
CA LYS B 123 24.03 7.10 24.65
C LYS B 123 24.38 5.92 23.73
N VAL B 124 24.08 6.04 22.44
CA VAL B 124 24.33 4.98 21.41
C VAL B 124 25.67 5.26 20.73
N ASN B 125 26.39 4.20 20.35
CA ASN B 125 27.73 4.28 19.71
C ASN B 125 27.59 4.81 18.28
N GLN B 126 26.49 4.45 17.60
CA GLN B 126 26.14 4.94 16.24
C GLN B 126 24.68 5.41 16.21
N LYS B 127 24.40 6.43 15.40
CA LYS B 127 23.05 7.05 15.24
C LYS B 127 22.03 6.00 14.83
N ILE B 128 20.81 6.08 15.39
CA ILE B 128 19.65 5.22 15.03
C ILE B 128 18.82 5.96 13.97
N GLY B 129 19.23 5.85 12.70
CA GLY B 129 18.66 6.60 11.56
C GLY B 129 17.16 6.42 11.41
N SER B 130 16.62 5.26 11.82
CA SER B 130 15.19 4.89 11.71
C SER B 130 14.33 5.78 12.63
N CYS B 131 14.77 6.00 13.88
CA CYS B 131 14.03 6.75 14.94
C CYS B 131 14.29 8.26 14.83
N THR B 132 13.44 9.07 15.46
CA THR B 132 13.60 10.54 15.63
C THR B 132 14.64 10.80 16.73
N GLN B 133 14.63 9.98 17.79
CA GLN B 133 15.63 10.00 18.88
C GLN B 133 16.80 9.10 18.48
N GLN B 134 17.72 9.65 17.69
CA GLN B 134 18.90 8.97 17.11
C GLN B 134 20.05 8.95 18.12
N ASP B 135 20.06 9.91 19.04
CA ASP B 135 21.18 10.20 19.98
C ASP B 135 21.26 9.14 21.09
N VAL B 136 20.14 8.49 21.41
CA VAL B 136 20.04 7.58 22.61
C VAL B 136 19.11 6.41 22.32
N GLU B 137 19.19 5.36 23.15
CA GLU B 137 18.21 4.25 23.24
C GLU B 137 17.79 4.12 24.73
N LEU B 138 16.68 3.42 24.97
CA LEU B 138 16.07 3.28 26.33
C LEU B 138 16.28 1.83 26.82
N HIS B 139 17.17 1.64 27.79
CA HIS B 139 17.41 0.34 28.48
C HIS B 139 16.31 0.10 29.51
N VAL B 140 15.39 -0.82 29.20
CA VAL B 140 14.13 -1.07 29.96
C VAL B 140 14.46 -1.73 31.30
N GLN B 141 13.71 -1.36 32.36
CA GLN B 141 13.78 -1.98 33.71
C GLN B 141 12.40 -2.50 34.12
N LYS B 142 11.33 -1.81 33.70
CA LYS B 142 9.91 -2.24 33.87
C LYS B 142 9.13 -1.96 32.58
N ILE B 143 8.11 -2.77 32.28
CA ILE B 143 7.16 -2.57 31.15
C ILE B 143 5.77 -3.09 31.57
N TYR B 144 4.79 -2.21 31.71
CA TYR B 144 3.37 -2.54 31.99
C TYR B 144 2.49 -2.12 30.82
N VAL B 145 1.67 -3.02 30.30
CA VAL B 145 0.62 -2.75 29.29
C VAL B 145 -0.60 -2.17 30.02
N ILE B 146 -0.79 -0.85 29.94
CA ILE B 146 -1.93 -0.13 30.56
C ILE B 146 -3.16 -0.25 29.66
N SER B 147 -2.94 -0.29 28.34
CA SER B 147 -3.98 -0.53 27.31
C SER B 147 -3.50 -1.63 26.34
N LEU B 148 -4.12 -2.81 26.43
CA LEU B 148 -3.78 -3.99 25.58
C LEU B 148 -4.53 -3.89 24.26
N ALA B 149 -3.82 -3.55 23.18
CA ALA B 149 -4.32 -3.56 21.79
C ALA B 149 -4.56 -5.02 21.37
N GLU B 150 -5.69 -5.29 20.70
CA GLU B 150 -6.00 -6.62 20.12
C GLU B 150 -5.03 -6.86 18.98
N PRO B 151 -4.68 -8.14 18.68
CA PRO B 151 -3.49 -8.46 17.90
C PRO B 151 -3.42 -7.81 16.52
N ARG B 152 -4.40 -8.12 15.66
CA ARG B 152 -4.68 -7.58 14.31
C ARG B 152 -4.47 -6.06 14.20
N LEU B 153 -4.33 -5.55 12.97
CA LEU B 153 -4.55 -4.11 12.64
C LEU B 153 -5.28 -4.02 11.31
N PRO B 154 -6.47 -3.37 11.27
CA PRO B 154 -7.25 -3.31 10.03
C PRO B 154 -6.62 -2.39 8.98
N LEU B 155 -6.91 -2.64 7.69
CA LEU B 155 -6.44 -1.83 6.54
C LEU B 155 -7.40 -2.03 5.36
N ARG B 180 -14.30 1.40 7.14
CA ARG B 180 -14.80 1.36 8.54
C ARG B 180 -14.43 2.66 9.26
N LEU B 181 -14.80 2.77 10.54
CA LEU B 181 -14.50 3.91 11.45
C LEU B 181 -13.11 3.71 12.07
N ASP B 182 -12.88 2.52 12.64
CA ASP B 182 -11.62 2.09 13.31
C ASP B 182 -10.44 2.22 12.34
N ASN B 183 -10.67 2.04 11.04
CA ASN B 183 -9.67 2.30 9.97
C ASN B 183 -9.08 3.71 10.16
N ARG B 184 -9.96 4.73 10.20
CA ARG B 184 -9.57 6.17 10.23
C ARG B 184 -8.81 6.47 11.52
N VAL B 185 -9.16 5.79 12.63
CA VAL B 185 -8.52 5.99 13.97
C VAL B 185 -7.03 5.68 13.86
N ILE B 186 -6.69 4.54 13.24
CA ILE B 186 -5.28 4.08 13.03
C ILE B 186 -4.59 5.03 12.05
N ASP B 187 -5.28 5.37 10.96
CA ASP B 187 -4.76 6.22 9.86
C ASP B 187 -4.25 7.55 10.43
N LEU B 188 -4.95 8.09 11.44
CA LEU B 188 -4.63 9.42 12.05
C LEU B 188 -3.46 9.30 13.05
N ARG B 189 -2.92 8.09 13.25
CA ARG B 189 -1.70 7.86 14.08
C ARG B 189 -0.44 7.99 13.20
N THR B 190 -0.58 7.81 11.88
CA THR B 190 0.53 7.92 10.89
C THR B 190 1.20 9.30 11.02
N SER B 191 2.52 9.32 11.15
CA SER B 191 3.36 10.53 11.36
C SER B 191 2.96 11.63 10.38
N THR B 192 2.55 11.26 9.15
CA THR B 192 2.02 12.19 8.11
C THR B 192 0.76 12.88 8.64
N SER B 193 -0.31 12.11 8.88
CA SER B 193 -1.62 12.60 9.39
C SER B 193 -1.39 13.49 10.62
N GLN B 194 -0.69 12.96 11.63
CA GLN B 194 -0.33 13.70 12.88
C GLN B 194 0.23 15.07 12.53
N ALA B 195 1.20 15.13 11.61
CA ALA B 195 1.92 16.36 11.20
C ALA B 195 0.97 17.30 10.44
N VAL B 196 0.18 16.74 9.51
CA VAL B 196 -0.79 17.51 8.66
C VAL B 196 -1.77 18.26 9.57
N PHE B 197 -2.42 17.54 10.49
CA PHE B 197 -3.58 18.04 11.28
C PHE B 197 -3.11 18.87 12.48
N ARG B 198 -1.90 18.62 12.99
CA ARG B 198 -1.26 19.48 14.03
C ARG B 198 -0.89 20.82 13.39
N LEU B 199 -0.51 20.80 12.10
CA LEU B 199 -0.19 22.02 11.30
C LEU B 199 -1.49 22.74 10.93
N GLN B 200 -2.54 22.01 10.60
CA GLN B 200 -3.88 22.57 10.24
C GLN B 200 -4.45 23.34 11.42
N SER B 201 -4.37 22.76 12.63
CA SER B 201 -4.66 23.42 13.93
C SER B 201 -3.89 24.75 14.01
N GLY B 202 -2.62 24.74 13.58
CA GLY B 202 -1.74 25.91 13.52
C GLY B 202 -2.30 27.01 12.64
N ILE B 203 -2.75 26.67 11.42
CA ILE B 203 -3.35 27.63 10.45
C ILE B 203 -4.49 28.39 11.15
N CYS B 204 -5.45 27.65 11.72
CA CYS B 204 -6.63 28.20 12.44
C CYS B 204 -6.19 29.17 13.53
N HIS B 205 -5.16 28.82 14.29
CA HIS B 205 -4.60 29.64 15.40
C HIS B 205 -3.94 30.90 14.83
N LEU B 206 -3.08 30.74 13.82
CA LEU B 206 -2.36 31.86 13.16
C LEU B 206 -3.36 32.81 12.48
N PHE B 207 -4.45 32.24 11.93
CA PHE B 207 -5.56 33.00 11.29
C PHE B 207 -6.21 33.94 12.31
N ARG B 208 -6.61 33.39 13.46
CA ARG B 208 -7.26 34.13 14.57
C ARG B 208 -6.27 35.15 15.16
N GLU B 209 -5.17 34.66 15.73
CA GLU B 209 -4.14 35.49 16.43
C GLU B 209 -3.84 36.73 15.59
N THR B 210 -3.65 36.55 14.27
CA THR B 210 -3.38 37.63 13.29
C THR B 210 -4.53 38.64 13.30
N LEU B 211 -5.74 38.21 12.93
CA LEU B 211 -6.95 39.08 12.78
C LEU B 211 -7.30 39.71 14.14
N ILE B 212 -7.36 38.92 15.21
CA ILE B 212 -7.70 39.39 16.58
C ILE B 212 -6.74 40.50 16.99
N ASN B 213 -5.44 40.36 16.69
CA ASN B 213 -4.39 41.37 17.00
C ASN B 213 -4.62 42.65 16.17
N LYS B 214 -5.24 42.52 15.00
CA LYS B 214 -5.58 43.65 14.07
C LYS B 214 -6.90 44.29 14.49
N GLY B 215 -7.57 43.76 15.52
CA GLY B 215 -8.78 44.35 16.12
C GLY B 215 -10.05 43.79 15.52
N PHE B 216 -10.08 42.48 15.25
CA PHE B 216 -11.25 41.75 14.70
C PHE B 216 -12.08 41.16 15.85
N VAL B 217 -13.31 40.76 15.55
CA VAL B 217 -14.29 40.15 16.49
C VAL B 217 -14.80 38.85 15.86
N GLU B 218 -14.58 37.72 16.51
CA GLU B 218 -15.09 36.39 16.04
C GLU B 218 -16.60 36.33 16.25
N ILE B 219 -17.33 35.96 15.20
CA ILE B 219 -18.81 35.71 15.26
C ILE B 219 -19.06 34.21 15.08
N GLN B 220 -20.27 33.75 15.40
CA GLN B 220 -20.71 32.33 15.29
C GLN B 220 -21.97 32.28 14.43
N THR B 221 -21.81 32.10 13.12
CA THR B 221 -22.92 32.02 12.13
C THR B 221 -23.77 30.79 12.44
N PRO B 222 -25.12 30.87 12.40
CA PRO B 222 -25.97 29.70 12.59
C PRO B 222 -25.90 28.77 11.36
N LYS B 223 -25.43 27.54 11.54
CA LYS B 223 -25.02 26.63 10.44
C LYS B 223 -26.22 25.89 9.83
N ILE B 224 -27.41 25.95 10.45
CA ILE B 224 -28.67 25.32 9.92
C ILE B 224 -29.87 26.12 10.39
N ILE B 225 -30.81 26.41 9.48
CA ILE B 225 -32.08 27.15 9.70
C ILE B 225 -33.17 26.50 8.85
N ALA B 248 -29.98 24.66 5.61
CA ALA B 248 -28.54 24.88 5.87
C ALA B 248 -27.87 25.52 4.66
N GLN B 249 -27.37 26.76 4.80
CA GLN B 249 -26.81 27.57 3.67
C GLN B 249 -25.50 28.25 4.11
N SER B 250 -25.09 29.33 3.42
CA SER B 250 -23.74 29.92 3.43
C SER B 250 -23.66 31.12 4.37
N PRO B 251 -22.47 31.45 4.93
CA PRO B 251 -22.37 32.41 6.04
C PRO B 251 -22.21 33.89 5.71
N GLN B 252 -21.92 34.24 4.46
CA GLN B 252 -21.65 35.64 4.01
C GLN B 252 -22.73 36.60 4.53
N LEU B 253 -24.01 36.24 4.40
CA LEU B 253 -25.18 37.06 4.80
C LEU B 253 -24.98 37.60 6.23
N TYR B 254 -24.60 36.72 7.16
CA TYR B 254 -24.50 37.01 8.62
C TYR B 254 -23.31 37.95 8.90
N LYS B 255 -22.19 37.76 8.20
CA LYS B 255 -20.99 38.63 8.29
C LYS B 255 -21.38 40.05 7.89
N GLN B 256 -22.12 40.20 6.79
CA GLN B 256 -22.55 41.50 6.22
C GLN B 256 -23.52 42.21 7.17
N MET B 257 -24.43 41.44 7.81
CA MET B 257 -25.38 41.98 8.82
C MET B 257 -24.61 42.52 10.02
N CYS B 258 -23.54 41.83 10.45
CA CYS B 258 -22.63 42.25 11.54
C CYS B 258 -21.94 43.57 11.17
N ILE B 259 -21.44 43.68 9.93
CA ILE B 259 -20.83 44.92 9.37
C ILE B 259 -21.86 46.05 9.47
N CYS B 260 -23.09 45.79 9.01
CA CYS B 260 -24.23 46.75 9.04
C CYS B 260 -24.66 47.04 10.48
N ALA B 261 -24.21 46.24 11.44
CA ALA B 261 -24.52 46.37 12.89
C ALA B 261 -23.30 46.88 13.67
N ASP B 262 -22.43 47.66 13.02
CA ASP B 262 -21.32 48.44 13.63
C ASP B 262 -20.14 47.54 14.03
N PHE B 263 -20.22 46.22 13.82
CA PHE B 263 -19.07 45.29 13.97
C PHE B 263 -18.12 45.51 12.78
N GLU B 264 -17.16 46.41 12.96
CA GLU B 264 -16.27 46.95 11.90
C GLU B 264 -15.51 45.80 11.21
N LYS B 265 -14.96 44.87 11.99
CA LYS B 265 -14.05 43.79 11.53
C LYS B 265 -14.49 42.44 12.13
N VAL B 266 -14.94 41.51 11.29
CA VAL B 266 -15.51 40.19 11.72
C VAL B 266 -14.88 39.06 10.90
N PHE B 267 -14.70 37.90 11.53
CA PHE B 267 -14.29 36.61 10.89
C PHE B 267 -15.06 35.46 11.54
N SER B 268 -15.21 34.34 10.83
CA SER B 268 -15.97 33.14 11.28
C SER B 268 -15.32 31.86 10.76
N ILE B 269 -14.73 31.06 11.66
CA ILE B 269 -14.24 29.68 11.38
C ILE B 269 -15.39 28.70 11.64
N GLY B 270 -15.94 28.10 10.59
CA GLY B 270 -17.08 27.17 10.70
C GLY B 270 -17.32 26.38 9.41
N PRO B 271 -18.09 25.28 9.45
CA PRO B 271 -18.37 24.47 8.27
C PRO B 271 -19.21 25.21 7.21
N VAL B 272 -18.79 25.13 5.95
CA VAL B 272 -19.44 25.76 4.76
C VAL B 272 -19.84 24.65 3.79
N PHE B 273 -20.75 24.92 2.84
CA PHE B 273 -21.29 23.94 1.86
C PHE B 273 -21.19 24.51 0.43
N ARG B 274 -21.04 23.60 -0.54
CA ARG B 274 -21.06 23.90 -2.00
C ARG B 274 -21.19 22.58 -2.78
N HIS B 283 -25.57 15.68 -5.07
CA HIS B 283 -24.47 15.42 -4.10
C HIS B 283 -24.24 16.68 -3.24
N LEU B 284 -24.17 16.51 -1.92
CA LEU B 284 -23.83 17.60 -0.96
C LEU B 284 -22.38 17.39 -0.48
N THR B 285 -21.56 18.45 -0.60
CA THR B 285 -20.18 18.50 -0.05
C THR B 285 -20.12 19.52 1.10
N GLU B 286 -19.45 19.14 2.18
CA GLU B 286 -19.22 19.99 3.39
C GLU B 286 -17.72 20.11 3.62
N PHE B 287 -17.23 21.32 3.89
CA PHE B 287 -15.83 21.63 4.23
C PHE B 287 -15.79 22.78 5.24
N VAL B 288 -14.64 22.97 5.91
CA VAL B 288 -14.42 24.04 6.92
C VAL B 288 -13.84 25.27 6.20
N GLY B 289 -14.47 26.44 6.40
CA GLY B 289 -14.08 27.72 5.79
C GLY B 289 -13.72 28.77 6.84
N LEU B 290 -12.59 29.46 6.64
CA LEU B 290 -12.18 30.65 7.45
C LEU B 290 -12.56 31.89 6.63
N ASP B 291 -13.56 32.64 7.10
CA ASP B 291 -14.20 33.76 6.36
C ASP B 291 -13.84 35.09 7.03
N ILE B 292 -13.60 36.12 6.23
CA ILE B 292 -13.32 37.53 6.67
C ILE B 292 -14.35 38.44 6.02
N GLU B 293 -14.81 39.45 6.76
CA GLU B 293 -15.63 40.58 6.26
C GLU B 293 -15.21 41.83 7.05
N MET B 294 -14.73 42.86 6.35
CA MET B 294 -14.08 44.05 6.95
C MET B 294 -14.63 45.32 6.28
N ALA B 295 -15.09 46.28 7.09
CA ALA B 295 -15.50 47.63 6.65
C ALA B 295 -14.24 48.48 6.48
N PHE B 296 -14.05 49.08 5.31
CA PHE B 296 -12.86 49.91 4.96
C PHE B 296 -13.26 51.38 4.91
N ASN B 297 -12.27 52.27 4.79
CA ASN B 297 -12.45 53.74 4.76
C ASN B 297 -12.94 54.14 3.36
N TYR B 298 -12.06 54.13 2.36
CA TYR B 298 -12.33 54.73 1.03
C TYR B 298 -12.06 53.74 -0.11
N HIS B 299 -11.07 52.86 0.01
CA HIS B 299 -10.67 51.89 -1.05
C HIS B 299 -10.77 50.45 -0.53
N TYR B 300 -11.25 49.54 -1.37
CA TYR B 300 -11.45 48.10 -1.07
C TYR B 300 -10.11 47.36 -0.99
N HIS B 301 -9.02 48.00 -1.45
CA HIS B 301 -7.63 47.51 -1.33
C HIS B 301 -7.21 47.46 0.14
N GLU B 302 -7.78 48.33 0.98
CA GLU B 302 -7.55 48.36 2.45
C GLU B 302 -7.85 46.97 3.04
N VAL B 303 -8.89 46.30 2.53
CA VAL B 303 -9.32 44.94 2.95
C VAL B 303 -8.42 43.90 2.26
N MET B 304 -8.31 43.97 0.93
CA MET B 304 -7.54 43.01 0.10
C MET B 304 -6.11 42.88 0.63
N GLU B 305 -5.44 44.01 0.87
CA GLU B 305 -4.02 44.06 1.35
C GLU B 305 -3.94 43.52 2.79
N GLU B 306 -5.03 43.60 3.56
CA GLU B 306 -5.15 43.02 4.93
C GLU B 306 -5.25 41.49 4.82
N ILE B 307 -6.25 40.99 4.07
CA ILE B 307 -6.47 39.54 3.83
C ILE B 307 -5.15 38.91 3.38
N ALA B 308 -4.45 39.56 2.45
CA ALA B 308 -3.15 39.13 1.89
C ALA B 308 -2.11 38.98 3.02
N ASP B 309 -1.89 40.06 3.79
CA ASP B 309 -0.93 40.08 4.93
C ASP B 309 -1.26 38.95 5.92
N THR B 310 -2.56 38.72 6.18
CA THR B 310 -3.05 37.65 7.09
C THR B 310 -2.60 36.27 6.59
N MET B 311 -2.73 36.02 5.28
CA MET B 311 -2.29 34.76 4.63
C MET B 311 -0.75 34.68 4.66
N VAL B 312 -0.06 35.81 4.50
CA VAL B 312 1.42 35.91 4.60
C VAL B 312 1.84 35.54 6.03
N GLN B 313 1.19 36.14 7.03
CA GLN B 313 1.48 35.92 8.47
C GLN B 313 1.25 34.43 8.83
N ILE B 314 0.24 33.79 8.21
CA ILE B 314 -0.02 32.33 8.37
C ILE B 314 1.21 31.55 7.87
N PHE B 315 1.69 31.87 6.66
CA PHE B 315 2.83 31.17 5.99
C PHE B 315 4.10 31.37 6.82
N LYS B 316 4.41 32.63 7.18
CA LYS B 316 5.56 32.99 8.06
C LYS B 316 5.50 32.17 9.35
N GLY B 317 4.30 32.05 9.93
CA GLY B 317 4.03 31.31 11.19
C GLY B 317 4.34 29.83 11.08
N LEU B 318 3.85 29.16 10.03
CA LEU B 318 4.04 27.71 9.79
C LEU B 318 5.53 27.40 9.56
N GLN B 319 6.22 28.28 8.82
CA GLN B 319 7.64 28.08 8.42
C GLN B 319 8.57 28.33 9.63
N GLU B 320 8.11 29.10 10.63
CA GLU B 320 8.88 29.37 11.87
C GLU B 320 8.66 28.22 12.86
N ARG B 321 7.41 28.03 13.31
CA ARG B 321 7.06 27.12 14.44
C ARG B 321 6.93 25.68 13.95
N PHE B 322 6.15 25.43 12.89
CA PHE B 322 5.70 24.08 12.46
C PHE B 322 6.66 23.48 11.42
N GLN B 323 7.97 23.71 11.57
CA GLN B 323 9.00 23.22 10.62
C GLN B 323 9.13 21.70 10.75
N THR B 324 9.01 21.18 11.98
CA THR B 324 9.01 19.72 12.30
C THR B 324 7.87 19.03 11.55
N GLU B 325 6.67 19.62 11.55
CA GLU B 325 5.44 19.02 10.97
C GLU B 325 5.52 19.08 9.44
N ILE B 326 6.13 20.14 8.87
CA ILE B 326 6.28 20.31 7.39
C ILE B 326 7.19 19.21 6.85
N GLN B 327 8.33 18.98 7.49
CA GLN B 327 9.37 17.99 7.07
C GLN B 327 8.81 16.57 7.19
N THR B 328 7.99 16.32 8.21
CA THR B 328 7.35 14.99 8.48
C THR B 328 6.43 14.62 7.30
N VAL B 329 5.75 15.59 6.71
CA VAL B 329 4.87 15.41 5.51
C VAL B 329 5.77 15.35 4.27
N ASN B 330 6.83 16.17 4.23
CA ASN B 330 7.82 16.23 3.12
C ASN B 330 8.47 14.85 2.93
N LYS B 331 8.80 14.17 4.03
CA LYS B 331 9.51 12.85 4.04
C LYS B 331 8.71 11.82 3.24
N GLN B 332 7.38 11.85 3.30
CA GLN B 332 6.49 10.91 2.58
C GLN B 332 6.07 11.51 1.23
N PHE B 333 5.73 12.81 1.20
CA PHE B 333 5.28 13.54 -0.01
C PHE B 333 6.26 14.68 -0.31
N PRO B 334 7.30 14.43 -1.14
CA PRO B 334 8.28 15.46 -1.48
C PRO B 334 7.62 16.67 -2.15
N CYS B 335 7.93 17.87 -1.66
CA CYS B 335 7.43 19.17 -2.17
C CYS B 335 8.38 20.29 -1.76
N GLU B 336 8.75 21.17 -2.70
CA GLU B 336 9.62 22.35 -2.44
C GLU B 336 8.94 23.22 -1.38
N PRO B 337 9.71 23.97 -0.55
CA PRO B 337 9.11 24.89 0.41
C PRO B 337 8.17 25.89 -0.27
N PHE B 338 7.10 26.29 0.41
CA PHE B 338 6.11 27.30 -0.06
C PHE B 338 6.81 28.66 -0.13
N LYS B 339 6.74 29.33 -1.29
CA LYS B 339 7.44 30.63 -1.56
C LYS B 339 6.39 31.73 -1.75
N PHE B 340 6.65 32.92 -1.20
CA PHE B 340 5.76 34.11 -1.24
C PHE B 340 6.59 35.38 -1.07
N LEU B 341 6.03 36.53 -1.46
CA LEU B 341 6.65 37.88 -1.33
C LEU B 341 5.95 38.63 -0.19
N GLU B 342 6.69 39.48 0.52
CA GLU B 342 6.25 40.14 1.79
C GLU B 342 5.14 41.15 1.49
N PRO B 343 5.31 42.06 0.51
CA PRO B 343 4.16 42.74 -0.09
C PRO B 343 3.59 41.84 -1.20
N THR B 344 2.58 41.03 -0.86
CA THR B 344 1.99 39.96 -1.71
C THR B 344 1.80 40.49 -3.14
N LEU B 345 2.25 39.71 -4.13
CA LEU B 345 2.18 40.08 -5.58
C LEU B 345 0.70 40.25 -5.99
N ARG B 346 0.39 41.34 -6.69
CA ARG B 346 -0.97 41.63 -7.24
C ARG B 346 -0.87 41.85 -8.75
N LEU B 347 -1.57 41.01 -9.53
CA LEU B 347 -1.77 41.18 -11.00
C LEU B 347 -3.24 41.54 -11.24
N GLU B 348 -3.51 42.59 -12.01
CA GLU B 348 -4.88 42.95 -12.47
C GLU B 348 -5.24 42.04 -13.65
N TYR B 349 -6.54 41.86 -13.91
CA TYR B 349 -7.08 40.84 -14.84
C TYR B 349 -6.49 41.01 -16.23
N CYS B 350 -6.39 42.26 -16.71
CA CYS B 350 -5.82 42.63 -18.03
C CYS B 350 -4.38 42.11 -18.14
N GLU B 351 -3.57 42.34 -17.10
CA GLU B 351 -2.14 41.90 -17.01
C GLU B 351 -2.08 40.37 -17.18
N ALA B 352 -2.99 39.64 -16.54
CA ALA B 352 -3.05 38.15 -16.56
C ALA B 352 -3.36 37.66 -17.98
N LEU B 353 -4.29 38.30 -18.67
CA LEU B 353 -4.70 37.96 -20.07
C LEU B 353 -3.49 38.12 -21.00
N ALA B 354 -2.72 39.20 -20.83
CA ALA B 354 -1.50 39.50 -21.61
C ALA B 354 -0.46 38.39 -21.44
N MET B 355 -0.31 37.87 -20.21
CA MET B 355 0.63 36.78 -19.86
C MET B 355 0.16 35.46 -20.50
N LEU B 356 -1.14 35.20 -20.46
CA LEU B 356 -1.77 33.96 -21.03
C LEU B 356 -1.72 34.01 -22.56
N ARG B 357 -1.99 35.17 -23.15
CA ARG B 357 -2.00 35.38 -24.63
C ARG B 357 -0.56 35.29 -25.16
N GLU B 358 0.40 35.87 -24.45
CA GLU B 358 1.86 35.77 -24.75
C GLU B 358 2.28 34.29 -24.65
N ALA B 359 1.68 33.54 -23.72
CA ALA B 359 1.91 32.09 -23.51
C ALA B 359 1.09 31.26 -24.49
N GLY B 360 0.30 31.90 -25.36
CA GLY B 360 -0.48 31.25 -26.42
C GLY B 360 -1.78 30.65 -25.88
N VAL B 361 -2.72 31.50 -25.47
CA VAL B 361 -4.07 31.11 -24.98
C VAL B 361 -5.11 32.06 -25.61
N GLU B 362 -5.91 31.56 -26.54
CA GLU B 362 -7.06 32.29 -27.12
C GLU B 362 -8.15 32.43 -26.06
N MET B 363 -8.30 33.63 -25.49
CA MET B 363 -9.26 33.94 -24.40
C MET B 363 -9.87 35.32 -24.62
N GLY B 364 -11.15 35.49 -24.26
CA GLY B 364 -11.89 36.77 -24.39
C GLY B 364 -11.57 37.72 -23.25
N ASP B 365 -11.82 39.02 -23.46
CA ASP B 365 -11.50 40.11 -22.49
C ASP B 365 -12.35 39.97 -21.22
N GLU B 366 -13.57 39.47 -21.35
CA GLU B 366 -14.59 39.42 -20.27
C GLU B 366 -14.83 37.98 -19.79
N ASP B 367 -14.21 36.98 -20.44
CA ASP B 367 -14.31 35.55 -20.05
C ASP B 367 -13.74 35.38 -18.63
N ASP B 368 -14.21 34.36 -17.91
CA ASP B 368 -13.67 33.96 -16.58
C ASP B 368 -12.51 32.98 -16.80
N LEU B 369 -11.47 33.07 -15.97
CA LEU B 369 -10.30 32.14 -16.01
C LEU B 369 -10.80 30.70 -15.80
N SER B 370 -10.69 29.87 -16.83
CA SER B 370 -10.93 28.40 -16.76
C SER B 370 -9.95 27.79 -15.75
N THR B 371 -10.35 26.70 -15.07
CA THR B 371 -9.56 26.03 -14.01
C THR B 371 -8.15 25.69 -14.53
N PRO B 372 -7.99 25.18 -15.78
CA PRO B 372 -6.67 24.95 -16.35
C PRO B 372 -5.82 26.23 -16.51
N ASN B 373 -6.43 27.34 -16.93
CA ASN B 373 -5.75 28.65 -17.13
C ASN B 373 -5.23 29.15 -15.78
N GLU B 374 -6.03 28.98 -14.72
CA GLU B 374 -5.66 29.34 -13.31
C GLU B 374 -4.38 28.58 -12.94
N LYS B 375 -4.32 27.28 -13.26
CA LYS B 375 -3.16 26.38 -13.05
C LYS B 375 -1.95 26.92 -13.81
N LEU B 376 -2.13 27.24 -15.10
CA LEU B 376 -1.08 27.79 -15.99
C LEU B 376 -0.58 29.13 -15.42
N LEU B 377 -1.49 30.10 -15.26
CA LEU B 377 -1.16 31.48 -14.82
C LEU B 377 -0.27 31.43 -13.57
N GLY B 378 -0.62 30.56 -12.61
CA GLY B 378 0.17 30.33 -11.38
C GLY B 378 1.60 29.94 -11.70
N HIS B 379 1.78 29.01 -12.66
CA HIS B 379 3.11 28.54 -13.13
C HIS B 379 3.86 29.71 -13.78
N LEU B 380 3.19 30.52 -14.59
CA LEU B 380 3.78 31.72 -15.26
C LEU B 380 4.26 32.72 -14.20
N VAL B 381 3.47 32.91 -13.14
CA VAL B 381 3.80 33.82 -11.99
C VAL B 381 5.02 33.24 -11.26
N LYS B 382 5.02 31.93 -11.00
CA LYS B 382 6.15 31.21 -10.35
C LYS B 382 7.41 31.37 -11.21
N GLU B 383 7.28 31.26 -12.53
CA GLU B 383 8.42 31.38 -13.49
C GLU B 383 9.07 32.77 -13.35
N LYS B 384 8.26 33.83 -13.31
CA LYS B 384 8.74 35.24 -13.34
C LYS B 384 9.19 35.69 -11.93
N TYR B 385 8.25 35.77 -10.99
CA TYR B 385 8.45 36.40 -9.65
C TYR B 385 8.98 35.36 -8.66
N ASP B 386 8.65 34.08 -8.86
CA ASP B 386 9.01 32.94 -7.97
C ASP B 386 8.23 33.10 -6.66
N THR B 387 6.90 33.10 -6.76
CA THR B 387 5.95 33.11 -5.62
C THR B 387 4.81 32.14 -5.95
N ASP B 388 4.46 31.28 -4.98
CA ASP B 388 3.34 30.31 -5.09
C ASP B 388 2.03 31.02 -4.69
N PHE B 389 2.12 32.22 -4.11
CA PHE B 389 0.98 33.02 -3.62
C PHE B 389 0.99 34.42 -4.26
N TYR B 390 -0.06 34.72 -5.05
CA TYR B 390 -0.31 36.02 -5.71
C TYR B 390 -1.82 36.33 -5.70
N ILE B 391 -2.18 37.58 -5.98
CA ILE B 391 -3.59 38.09 -6.03
C ILE B 391 -3.92 38.48 -7.47
N LEU B 392 -5.05 38.00 -8.01
CA LEU B 392 -5.62 38.45 -9.30
C LEU B 392 -6.78 39.41 -9.01
N ASP B 393 -6.65 40.67 -9.43
CA ASP B 393 -7.53 41.80 -9.06
C ASP B 393 -8.34 42.26 -10.28
N LYS B 394 -9.41 43.02 -10.06
CA LYS B 394 -10.21 43.73 -11.11
C LYS B 394 -10.82 42.72 -12.09
N TYR B 395 -11.47 41.67 -11.57
CA TYR B 395 -12.16 40.61 -12.36
C TYR B 395 -13.25 41.23 -13.22
N PRO B 396 -13.69 40.57 -14.32
CA PRO B 396 -14.83 41.03 -15.11
C PRO B 396 -16.14 40.92 -14.32
N LEU B 397 -16.97 41.97 -14.33
CA LEU B 397 -18.21 42.10 -13.51
C LEU B 397 -19.17 40.96 -13.85
N ALA B 398 -19.25 40.56 -15.13
CA ALA B 398 -20.23 39.58 -15.67
C ALA B 398 -20.12 38.22 -14.94
N VAL B 399 -18.90 37.83 -14.55
CA VAL B 399 -18.59 36.45 -14.04
C VAL B 399 -18.77 36.38 -12.52
N ARG B 400 -18.87 37.52 -11.84
CA ARG B 400 -18.94 37.61 -10.35
C ARG B 400 -20.40 37.64 -9.90
N PRO B 401 -20.68 37.33 -8.61
CA PRO B 401 -22.05 37.43 -8.06
C PRO B 401 -22.58 38.87 -8.03
N PHE B 402 -23.90 39.02 -7.87
CA PHE B 402 -24.64 40.30 -8.00
C PHE B 402 -24.14 41.33 -6.97
N TYR B 403 -23.86 40.89 -5.75
CA TYR B 403 -23.47 41.76 -4.60
C TYR B 403 -22.06 42.35 -4.81
N THR B 404 -21.37 41.98 -5.89
CA THR B 404 -20.01 42.49 -6.23
C THR B 404 -20.12 43.93 -6.74
N MET B 405 -19.43 44.87 -6.08
CA MET B 405 -19.42 46.32 -6.41
C MET B 405 -18.74 46.52 -7.76
N PRO B 406 -19.44 47.08 -8.78
CA PRO B 406 -18.81 47.42 -10.05
C PRO B 406 -17.74 48.51 -9.94
N ASP B 407 -16.74 48.47 -10.83
CA ASP B 407 -15.65 49.46 -10.94
C ASP B 407 -16.25 50.78 -11.45
N PRO B 408 -16.02 51.91 -10.76
CA PRO B 408 -16.64 53.19 -11.13
C PRO B 408 -16.21 53.73 -12.49
N ARG B 409 -15.01 53.39 -12.95
CA ARG B 409 -14.41 53.87 -14.23
C ARG B 409 -14.85 52.95 -15.38
N ASN B 410 -14.55 51.64 -15.28
CA ASN B 410 -14.91 50.61 -16.30
C ASN B 410 -16.06 49.77 -15.76
N PRO B 411 -17.33 50.10 -16.08
CA PRO B 411 -18.48 49.39 -15.51
C PRO B 411 -18.64 47.94 -16.01
N LYS B 412 -17.76 47.48 -16.90
CA LYS B 412 -17.65 46.07 -17.35
C LYS B 412 -16.77 45.28 -16.36
N GLN B 413 -15.88 45.97 -15.64
CA GLN B 413 -14.99 45.39 -14.60
C GLN B 413 -15.63 45.57 -13.21
N SER B 414 -15.15 44.82 -12.21
CA SER B 414 -15.62 44.83 -10.80
C SER B 414 -14.46 45.17 -9.86
N ASN B 415 -14.77 45.39 -8.57
CA ASN B 415 -13.78 45.57 -7.47
C ASN B 415 -13.62 44.22 -6.76
N SER B 416 -13.40 43.15 -7.53
CA SER B 416 -13.30 41.74 -7.05
C SER B 416 -11.85 41.26 -7.20
N TYR B 417 -11.52 40.14 -6.55
CA TYR B 417 -10.15 39.57 -6.51
C TYR B 417 -10.20 38.08 -6.11
N ASP B 418 -9.28 37.30 -6.68
CA ASP B 418 -8.97 35.90 -6.25
C ASP B 418 -7.52 35.87 -5.75
N MET B 419 -7.23 34.97 -4.83
CA MET B 419 -5.85 34.70 -4.32
C MET B 419 -5.55 33.20 -4.53
N PHE B 420 -4.36 32.90 -5.08
CA PHE B 420 -3.98 31.55 -5.56
C PHE B 420 -2.77 31.05 -4.77
N MET B 421 -2.84 29.78 -4.32
CA MET B 421 -1.70 29.02 -3.74
C MET B 421 -1.34 27.89 -4.70
N ARG B 422 -0.08 27.83 -5.14
CA ARG B 422 0.43 26.86 -6.16
C ARG B 422 -0.55 26.78 -7.33
N GLY B 423 -1.01 27.95 -7.80
CA GLY B 423 -1.81 28.09 -9.04
C GLY B 423 -3.24 27.58 -8.92
N GLU B 424 -3.69 27.25 -7.71
CA GLU B 424 -5.09 26.83 -7.44
C GLU B 424 -5.76 27.88 -6.55
N GLU B 425 -6.97 28.31 -6.92
CA GLU B 425 -7.78 29.32 -6.20
C GLU B 425 -8.05 28.82 -4.77
N ILE B 426 -7.78 29.67 -3.77
CA ILE B 426 -8.14 29.41 -2.34
C ILE B 426 -9.20 30.42 -1.89
N LEU B 427 -9.16 31.65 -2.39
CA LEU B 427 -10.03 32.78 -1.96
C LEU B 427 -10.69 33.42 -3.18
N SER B 428 -11.94 33.86 -3.00
CA SER B 428 -12.78 34.54 -4.02
C SER B 428 -13.58 35.67 -3.36
N GLY B 429 -12.93 36.80 -3.10
CA GLY B 429 -13.49 37.95 -2.36
C GLY B 429 -13.78 39.11 -3.29
N ALA B 430 -14.38 40.18 -2.75
CA ALA B 430 -14.77 41.40 -3.48
C ALA B 430 -15.32 42.45 -2.50
N GLN B 431 -15.46 43.69 -2.96
CA GLN B 431 -16.22 44.75 -2.24
C GLN B 431 -17.72 44.48 -2.41
N ARG B 432 -18.47 44.57 -1.30
CA ARG B 432 -19.93 44.32 -1.28
C ARG B 432 -20.66 45.62 -1.61
N ILE B 433 -21.86 45.52 -2.20
CA ILE B 433 -22.75 46.67 -2.53
C ILE B 433 -23.55 47.02 -1.28
N HIS B 434 -23.20 48.14 -0.63
CA HIS B 434 -23.81 48.63 0.64
C HIS B 434 -24.95 49.61 0.33
N ASP B 435 -25.09 50.05 -0.92
CA ASP B 435 -26.24 50.87 -1.40
C ASP B 435 -27.40 49.93 -1.71
N PRO B 436 -28.58 50.10 -1.05
CA PRO B 436 -29.71 49.21 -1.28
C PRO B 436 -30.19 49.20 -2.74
N GLN B 437 -30.28 50.37 -3.36
CA GLN B 437 -30.83 50.56 -4.73
C GLN B 437 -29.96 49.79 -5.74
N LEU B 438 -28.67 50.07 -5.78
CA LEU B 438 -27.70 49.44 -6.73
C LEU B 438 -27.68 47.93 -6.51
N LEU B 439 -27.76 47.49 -5.24
CA LEU B 439 -27.80 46.05 -4.85
C LEU B 439 -29.05 45.39 -5.45
N THR B 440 -30.16 46.11 -5.50
CA THR B 440 -31.46 45.65 -6.06
C THR B 440 -31.37 45.61 -7.59
N GLU B 441 -30.76 46.63 -8.21
CA GLU B 441 -30.55 46.74 -9.68
C GLU B 441 -29.77 45.51 -10.16
N ARG B 442 -28.63 45.22 -9.50
CA ARG B 442 -27.72 44.11 -9.84
C ARG B 442 -28.43 42.77 -9.61
N ALA B 443 -29.33 42.70 -8.62
CA ALA B 443 -30.16 41.50 -8.33
C ALA B 443 -31.14 41.25 -9.48
N LEU B 444 -31.68 42.32 -10.08
CA LEU B 444 -32.59 42.24 -11.26
C LEU B 444 -31.79 41.89 -12.51
N HIS B 445 -30.56 42.40 -12.62
CA HIS B 445 -29.60 42.09 -13.72
C HIS B 445 -29.29 40.59 -13.73
N HIS B 446 -29.22 39.97 -12.55
CA HIS B 446 -28.96 38.51 -12.34
C HIS B 446 -30.29 37.73 -12.30
N GLY B 447 -31.42 38.44 -12.38
CA GLY B 447 -32.76 37.84 -12.50
C GLY B 447 -33.19 37.14 -11.23
N ILE B 448 -33.01 37.80 -10.07
CA ILE B 448 -33.37 37.27 -8.72
C ILE B 448 -34.75 37.83 -8.33
N ASP B 449 -35.60 36.99 -7.74
CA ASP B 449 -36.90 37.40 -7.14
C ASP B 449 -36.58 38.20 -5.86
N LEU B 450 -36.74 39.53 -5.92
CA LEU B 450 -36.41 40.47 -4.82
C LEU B 450 -37.17 40.07 -3.55
N GLU B 451 -38.37 39.51 -3.71
CA GLU B 451 -39.28 39.05 -2.63
C GLU B 451 -38.50 38.19 -1.62
N LYS B 452 -37.72 37.22 -2.09
CA LYS B 452 -37.07 36.18 -1.25
C LYS B 452 -35.69 36.65 -0.76
N ILE B 453 -35.22 37.82 -1.20
CA ILE B 453 -33.98 38.48 -0.68
C ILE B 453 -34.31 39.88 -0.15
N LYS B 454 -35.60 40.16 0.09
CA LYS B 454 -36.11 41.45 0.65
C LYS B 454 -35.37 41.75 1.96
N ALA B 455 -35.28 40.75 2.84
CA ALA B 455 -34.68 40.84 4.19
C ALA B 455 -33.22 41.30 4.09
N TYR B 456 -32.43 40.66 3.23
CA TYR B 456 -30.98 40.94 3.00
C TYR B 456 -30.81 42.41 2.57
N ILE B 457 -31.57 42.85 1.55
CA ILE B 457 -31.50 44.22 0.97
C ILE B 457 -31.84 45.23 2.08
N ASP B 458 -32.89 44.95 2.86
CA ASP B 458 -33.42 45.84 3.92
C ASP B 458 -32.35 46.11 4.98
N SER B 459 -31.40 45.18 5.16
CA SER B 459 -30.29 45.26 6.15
C SER B 459 -29.44 46.51 5.91
N PHE B 460 -29.27 46.93 4.64
CA PHE B 460 -28.35 48.00 4.20
C PHE B 460 -29.03 49.37 4.16
N ARG B 461 -30.36 49.42 4.32
CA ARG B 461 -31.17 50.66 4.13
C ARG B 461 -30.79 51.71 5.18
N PHE B 462 -30.38 51.28 6.37
CA PHE B 462 -30.02 52.17 7.51
C PHE B 462 -28.51 52.07 7.77
N GLY B 463 -27.79 53.17 7.50
CA GLY B 463 -26.35 53.33 7.77
C GLY B 463 -25.57 52.07 7.42
N ALA B 464 -25.40 51.80 6.12
CA ALA B 464 -24.60 50.66 5.59
C ALA B 464 -23.21 51.18 5.20
N PRO B 465 -22.14 50.74 5.88
CA PRO B 465 -20.79 51.23 5.58
C PRO B 465 -20.21 50.50 4.39
N PRO B 466 -19.19 51.06 3.71
CA PRO B 466 -18.50 50.35 2.64
C PRO B 466 -17.65 49.23 3.23
N HIS B 467 -17.72 48.03 2.65
CA HIS B 467 -17.03 46.81 3.17
C HIS B 467 -16.72 45.83 2.04
N ALA B 468 -15.67 45.03 2.24
CA ALA B 468 -15.23 43.91 1.37
C ALA B 468 -14.90 42.71 2.27
N GLY B 469 -14.60 41.56 1.66
CA GLY B 469 -14.24 40.33 2.39
C GLY B 469 -13.74 39.22 1.48
N GLY B 470 -13.56 38.03 2.04
CA GLY B 470 -13.10 36.82 1.34
C GLY B 470 -12.97 35.65 2.30
N GLY B 471 -13.14 34.43 1.79
CA GLY B 471 -13.08 33.18 2.57
C GLY B 471 -12.11 32.19 1.97
N ILE B 472 -11.51 31.34 2.82
CA ILE B 472 -10.52 30.29 2.41
C ILE B 472 -11.01 28.94 2.95
N GLY B 473 -10.77 27.88 2.18
CA GLY B 473 -11.03 26.48 2.57
C GLY B 473 -9.87 25.91 3.36
N LEU B 474 -10.03 25.76 4.68
CA LEU B 474 -8.97 25.33 5.62
C LEU B 474 -8.23 24.11 5.05
N GLU B 475 -8.99 23.09 4.62
CA GLU B 475 -8.43 21.84 4.04
C GLU B 475 -7.61 22.19 2.79
N ARG B 476 -8.19 23.00 1.90
CA ARG B 476 -7.60 23.39 0.59
C ARG B 476 -6.29 24.17 0.83
N VAL B 477 -6.25 25.06 1.83
CA VAL B 477 -5.04 25.86 2.18
C VAL B 477 -3.95 24.90 2.67
N THR B 478 -4.28 24.01 3.59
CA THR B 478 -3.37 22.98 4.17
C THR B 478 -2.79 22.13 3.03
N MET B 479 -3.63 21.70 2.10
CA MET B 479 -3.27 20.84 0.94
C MET B 479 -2.22 21.55 0.09
N LEU B 480 -2.49 22.78 -0.33
CA LEU B 480 -1.68 23.53 -1.32
C LEU B 480 -0.42 24.09 -0.66
N PHE B 481 -0.40 24.23 0.67
CA PHE B 481 0.80 24.69 1.42
C PHE B 481 1.85 23.57 1.46
N LEU B 482 1.40 22.33 1.70
CA LEU B 482 2.26 21.11 1.79
C LEU B 482 2.42 20.49 0.39
N GLY B 483 1.68 21.00 -0.60
CA GLY B 483 1.75 20.56 -2.02
C GLY B 483 1.24 19.15 -2.20
N LEU B 484 0.19 18.78 -1.46
CA LEU B 484 -0.49 17.45 -1.57
C LEU B 484 -1.49 17.49 -2.72
N HIS B 485 -1.90 16.33 -3.22
CA HIS B 485 -2.68 16.17 -4.48
C HIS B 485 -4.18 16.29 -4.19
N ASN B 486 -4.74 15.38 -3.37
CA ASN B 486 -6.20 15.29 -3.10
C ASN B 486 -6.51 15.96 -1.76
N VAL B 487 -7.67 16.61 -1.65
CA VAL B 487 -8.13 17.40 -0.46
C VAL B 487 -8.36 16.45 0.72
N ARG B 488 -8.76 15.20 0.45
CA ARG B 488 -9.07 14.15 1.46
C ARG B 488 -7.88 13.98 2.42
N GLN B 489 -6.65 14.22 1.94
CA GLN B 489 -5.39 14.11 2.73
C GLN B 489 -5.41 15.09 3.91
N THR B 490 -6.04 16.26 3.74
CA THR B 490 -6.07 17.37 4.74
C THR B 490 -7.45 17.46 5.40
N SER B 491 -8.38 16.57 5.05
CA SER B 491 -9.70 16.42 5.72
C SER B 491 -9.59 15.30 6.76
N MET B 492 -9.83 15.61 8.04
CA MET B 492 -9.63 14.66 9.17
C MET B 492 -10.66 13.53 9.11
N PHE B 493 -11.94 13.87 8.90
CA PHE B 493 -13.07 12.91 8.88
C PHE B 493 -13.81 13.03 7.55
N PRO B 494 -13.21 12.58 6.43
CA PRO B 494 -13.88 12.60 5.14
C PRO B 494 -15.06 11.62 5.13
N ARG B 495 -16.18 12.00 4.52
CA ARG B 495 -17.43 11.18 4.46
C ARG B 495 -17.57 10.60 3.05
N ASP B 496 -17.29 9.30 2.89
CA ASP B 496 -17.50 8.52 1.65
C ASP B 496 -19.01 8.35 1.43
N GLY C 4 -21.79 21.36 62.50
CA GLY C 4 -22.11 21.71 61.08
C GLY C 4 -22.21 20.50 60.17
N ALA C 5 -23.16 20.50 59.24
CA ALA C 5 -23.32 19.49 58.17
C ALA C 5 -22.32 19.77 57.03
N LEU C 6 -21.82 21.01 56.97
CA LEU C 6 -20.72 21.41 56.04
C LEU C 6 -19.39 20.87 56.58
N LYS C 7 -19.21 20.89 57.91
CA LYS C 7 -18.08 20.26 58.66
C LYS C 7 -16.78 21.03 58.41
N ASP C 8 -16.87 22.25 57.86
CA ASP C 8 -15.73 23.03 57.32
C ASP C 8 -15.71 24.44 57.93
N ILE C 9 -14.59 24.81 58.57
CA ILE C 9 -14.28 26.19 59.06
C ILE C 9 -13.75 27.01 57.87
N VAL C 10 -14.58 27.88 57.30
CA VAL C 10 -14.19 28.86 56.24
C VAL C 10 -13.70 30.13 56.95
N ILE C 11 -12.50 30.61 56.60
CA ILE C 11 -11.90 31.87 57.15
C ILE C 11 -11.49 32.76 55.97
N ASN C 12 -12.22 33.87 55.77
CA ASN C 12 -11.89 34.92 54.79
C ASN C 12 -10.95 35.93 55.46
N ALA C 13 -9.70 36.05 54.99
CA ALA C 13 -8.64 36.89 55.57
C ALA C 13 -8.01 37.77 54.47
N ASN C 14 -7.59 38.99 54.85
CA ASN C 14 -6.96 39.97 53.93
C ASN C 14 -5.45 39.72 53.90
N PRO C 15 -4.85 39.50 52.71
CA PRO C 15 -3.42 39.21 52.60
C PRO C 15 -2.49 40.42 52.87
N ALA C 16 -3.04 41.63 52.88
CA ALA C 16 -2.32 42.88 53.26
C ALA C 16 -1.95 42.82 54.74
N SER C 17 -2.78 42.19 55.58
CA SER C 17 -2.57 41.97 57.03
C SER C 17 -2.82 40.49 57.36
N PRO C 18 -1.82 39.59 57.14
CA PRO C 18 -2.00 38.17 57.38
C PRO C 18 -2.27 37.85 58.85
N PRO C 19 -3.38 37.15 59.19
CA PRO C 19 -3.70 36.82 60.58
C PRO C 19 -2.82 35.67 61.11
N LEU C 20 -1.60 35.99 61.56
CA LEU C 20 -0.61 35.02 62.10
C LEU C 20 -1.22 34.26 63.29
N SER C 21 -2.06 34.95 64.08
CA SER C 21 -2.80 34.40 65.23
C SER C 21 -3.57 33.13 64.82
N LEU C 22 -4.21 33.14 63.65
CA LEU C 22 -5.05 32.02 63.13
C LEU C 22 -4.16 30.90 62.57
N LEU C 23 -3.02 31.24 61.96
CA LEU C 23 -2.08 30.25 61.36
C LEU C 23 -1.41 29.43 62.46
N VAL C 24 -1.10 30.05 63.60
CA VAL C 24 -0.57 29.37 64.82
C VAL C 24 -1.63 28.40 65.34
N LEU C 25 -2.85 28.90 65.55
CA LEU C 25 -4.01 28.14 66.08
C LEU C 25 -4.36 26.97 65.15
N HIS C 26 -4.19 27.16 63.83
CA HIS C 26 -4.43 26.11 62.80
C HIS C 26 -3.50 24.92 63.09
N ARG C 27 -2.19 25.19 63.20
CA ARG C 27 -1.16 24.16 63.51
C ARG C 27 -1.54 23.45 64.82
N LEU C 28 -2.01 24.21 65.82
CA LEU C 28 -2.47 23.68 67.13
C LEU C 28 -3.70 22.77 66.93
N LEU C 29 -4.65 23.19 66.07
CA LEU C 29 -5.89 22.44 65.77
C LEU C 29 -5.55 21.08 65.15
N CYS C 30 -4.61 21.05 64.19
CA CYS C 30 -4.15 19.84 63.47
C CYS C 30 -3.48 18.85 64.46
N GLU C 31 -2.85 19.38 65.51
CA GLU C 31 -2.16 18.57 66.57
C GLU C 31 -3.19 17.90 67.49
N HIS C 32 -4.47 18.30 67.41
CA HIS C 32 -5.59 17.74 68.21
C HIS C 32 -6.49 16.87 67.33
N PHE C 33 -6.87 17.37 66.14
CA PHE C 33 -7.87 16.74 65.23
C PHE C 33 -7.26 16.45 63.86
N ARG C 34 -7.92 15.60 63.07
CA ARG C 34 -7.63 15.36 61.63
C ARG C 34 -8.27 16.49 60.82
N VAL C 35 -7.45 17.42 60.31
CA VAL C 35 -7.93 18.68 59.65
C VAL C 35 -7.55 18.63 58.16
N LEU C 36 -8.55 18.64 57.27
CA LEU C 36 -8.37 18.83 55.81
C LEU C 36 -8.23 20.33 55.52
N SER C 37 -7.00 20.84 55.64
CA SER C 37 -6.64 22.27 55.43
C SER C 37 -6.42 22.53 53.93
N THR C 38 -6.97 23.63 53.42
CA THR C 38 -6.87 24.06 52.00
C THR C 38 -6.77 25.59 51.94
N VAL C 39 -5.92 26.12 51.03
CA VAL C 39 -5.73 27.57 50.81
C VAL C 39 -6.30 27.93 49.42
N HIS C 40 -7.01 29.07 49.34
CA HIS C 40 -7.65 29.59 48.11
C HIS C 40 -7.42 31.11 48.02
N THR C 41 -7.56 31.67 46.82
CA THR C 41 -7.46 33.14 46.55
C THR C 41 -8.75 33.60 45.89
N HIS C 42 -9.48 34.53 46.53
CA HIS C 42 -10.77 35.09 46.04
C HIS C 42 -10.51 36.03 44.86
N SER C 43 -11.51 36.20 43.99
CA SER C 43 -11.48 37.09 42.79
C SER C 43 -11.07 38.51 43.19
N SER C 44 -11.53 38.97 44.35
CA SER C 44 -11.33 40.34 44.91
C SER C 44 -9.85 40.71 44.91
N VAL C 45 -9.01 39.89 45.56
CA VAL C 45 -7.53 40.09 45.64
C VAL C 45 -6.89 39.54 44.36
N LYS C 46 -5.86 40.22 43.86
CA LYS C 46 -5.01 39.79 42.72
C LYS C 46 -3.55 39.74 43.18
N SER C 47 -2.81 38.72 42.74
CA SER C 47 -1.35 38.54 42.99
C SER C 47 -1.06 38.51 44.49
N VAL C 48 -1.60 37.50 45.19
CA VAL C 48 -1.31 37.20 46.62
C VAL C 48 0.14 36.73 46.72
N PRO C 49 0.94 37.25 47.67
CA PRO C 49 2.32 36.80 47.86
C PRO C 49 2.48 35.27 47.86
N GLU C 50 3.60 34.79 47.32
CA GLU C 50 3.90 33.35 47.08
C GLU C 50 3.79 32.57 48.40
N ASN C 51 4.45 33.06 49.45
CA ASN C 51 4.55 32.38 50.78
C ASN C 51 3.15 32.09 51.33
N LEU C 52 2.19 33.03 51.16
CA LEU C 52 0.84 32.96 51.75
C LEU C 52 -0.01 31.91 51.01
N LEU C 53 0.22 31.74 49.70
CA LEU C 53 -0.56 30.80 48.83
C LEU C 53 -0.38 29.35 49.32
N LYS C 54 0.84 28.98 49.70
CA LYS C 54 1.20 27.64 50.22
C LYS C 54 1.73 27.79 51.66
N CYS C 55 1.00 28.55 52.50
CA CYS C 55 1.38 28.86 53.91
C CYS C 55 1.17 27.64 54.81
N PHE C 56 0.42 26.63 54.34
CA PHE C 56 0.22 25.33 55.04
C PHE C 56 1.19 24.27 54.48
N GLY C 57 1.47 24.32 53.17
CA GLY C 57 2.39 23.37 52.50
C GLY C 57 1.73 22.03 52.23
N ASP C 67 -13.14 9.65 56.53
CA ASP C 67 -12.51 10.90 56.06
C ASP C 67 -11.93 11.66 57.26
N TYR C 68 -11.73 12.98 57.12
CA TYR C 68 -11.15 13.88 58.15
C TYR C 68 -12.27 14.36 59.09
N GLN C 69 -11.90 14.99 60.20
CA GLN C 69 -12.84 15.44 61.28
C GLN C 69 -13.36 16.85 60.96
N LEU C 70 -12.45 17.81 60.76
CA LEU C 70 -12.76 19.23 60.48
C LEU C 70 -12.14 19.66 59.15
N GLY C 71 -12.84 20.53 58.41
CA GLY C 71 -12.29 21.30 57.28
C GLY C 71 -11.81 22.65 57.74
N PHE C 72 -10.69 23.13 57.18
CA PHE C 72 -10.12 24.47 57.44
C PHE C 72 -9.78 25.13 56.10
N THR C 73 -10.74 25.89 55.54
CA THR C 73 -10.63 26.55 54.22
C THR C 73 -10.24 28.02 54.43
N LEU C 74 -8.95 28.34 54.28
CA LEU C 74 -8.42 29.73 54.36
C LEU C 74 -8.50 30.37 52.97
N ILE C 75 -9.37 31.37 52.79
CA ILE C 75 -9.56 32.12 51.53
C ILE C 75 -8.96 33.52 51.70
N TRP C 76 -7.90 33.84 50.94
CA TRP C 76 -7.30 35.20 50.88
C TRP C 76 -8.23 36.09 50.04
N LYS C 77 -8.70 37.18 50.64
CA LYS C 77 -9.89 37.95 50.16
C LYS C 77 -9.77 39.41 50.59
N ASN C 78 -10.37 40.33 49.82
CA ASN C 78 -10.31 41.80 50.06
C ASN C 78 -11.46 42.18 51.01
N VAL C 79 -11.33 41.79 52.29
CA VAL C 79 -12.33 42.06 53.36
C VAL C 79 -11.69 43.03 54.37
N PRO C 80 -12.50 43.91 55.03
CA PRO C 80 -11.96 44.84 56.00
C PRO C 80 -11.56 44.17 57.31
N LYS C 81 -12.39 43.23 57.79
CA LYS C 81 -12.18 42.46 59.05
C LYS C 81 -12.14 40.97 58.71
N THR C 82 -11.18 40.23 59.28
CA THR C 82 -11.04 38.76 59.11
C THR C 82 -12.33 38.07 59.57
N GLN C 83 -12.96 37.31 58.68
CA GLN C 83 -14.32 36.72 58.87
C GLN C 83 -14.22 35.20 58.88
N MET C 84 -15.04 34.54 59.71
CA MET C 84 -15.19 33.06 59.76
C MET C 84 -16.67 32.69 59.53
N LYS C 85 -16.94 31.83 58.54
CA LYS C 85 -18.28 31.31 58.22
C LYS C 85 -18.31 29.81 58.52
N PHE C 86 -18.84 29.44 59.70
CA PHE C 86 -18.91 28.05 60.20
C PHE C 86 -20.37 27.72 60.54
N SER C 87 -20.93 26.69 59.90
CA SER C 87 -22.29 26.12 60.14
C SER C 87 -23.31 27.25 60.03
N ILE C 88 -23.39 27.89 58.87
CA ILE C 88 -24.19 29.14 58.62
C ILE C 88 -25.66 28.87 58.95
N GLN C 89 -26.13 27.62 58.81
CA GLN C 89 -27.54 27.21 59.06
C GLN C 89 -27.82 27.14 60.56
N THR C 90 -26.84 27.46 61.42
CA THR C 90 -26.99 27.48 62.91
C THR C 90 -26.23 28.65 63.56
N MET C 91 -25.30 29.30 62.87
CA MET C 91 -24.34 30.27 63.45
C MET C 91 -24.16 31.47 62.51
N CYS C 92 -24.35 32.70 63.03
CA CYS C 92 -24.10 33.98 62.32
C CYS C 92 -22.60 34.08 61.98
N PRO C 93 -22.24 34.61 60.79
CA PRO C 93 -20.82 34.75 60.44
C PRO C 93 -20.06 35.61 61.45
N ILE C 94 -18.89 35.12 61.91
CA ILE C 94 -18.05 35.74 62.98
C ILE C 94 -17.04 36.69 62.32
N GLU C 95 -16.95 37.92 62.84
CA GLU C 95 -16.02 38.97 62.36
C GLU C 95 -15.06 39.34 63.48
N GLY C 96 -13.77 39.52 63.15
CA GLY C 96 -12.70 39.89 64.09
C GLY C 96 -11.79 38.72 64.38
N GLU C 97 -10.50 38.84 64.00
CA GLU C 97 -9.48 37.76 64.14
C GLU C 97 -9.33 37.39 65.61
N GLY C 98 -9.62 38.33 66.53
CA GLY C 98 -9.68 38.07 67.99
C GLY C 98 -10.78 37.09 68.34
N ASN C 99 -11.99 37.32 67.83
CA ASN C 99 -13.20 36.49 68.09
C ASN C 99 -13.02 35.09 67.51
N ILE C 100 -12.42 35.00 66.32
CA ILE C 100 -12.17 33.71 65.61
C ILE C 100 -11.11 32.92 66.39
N ALA C 101 -10.07 33.61 66.89
CA ALA C 101 -8.95 33.02 67.66
C ALA C 101 -9.48 32.33 68.91
N ARG C 102 -10.36 33.00 69.66
CA ARG C 102 -11.02 32.47 70.89
C ARG C 102 -11.72 31.15 70.57
N PHE C 103 -12.49 31.12 69.48
CA PHE C 103 -13.29 29.94 69.02
C PHE C 103 -12.38 28.76 68.72
N LEU C 104 -11.33 28.98 67.91
CA LEU C 104 -10.38 27.93 67.45
C LEU C 104 -9.69 27.28 68.66
N PHE C 105 -9.14 28.08 69.56
CA PHE C 105 -8.43 27.62 70.78
C PHE C 105 -9.40 26.85 71.69
N SER C 106 -10.65 27.32 71.78
CA SER C 106 -11.71 26.77 72.66
C SER C 106 -12.15 25.37 72.21
N LEU C 107 -11.75 24.93 71.02
CA LEU C 107 -12.07 23.58 70.47
C LEU C 107 -11.32 22.49 71.24
N PHE C 108 -10.18 22.83 71.87
CA PHE C 108 -9.38 21.88 72.71
C PHE C 108 -10.05 21.71 74.08
N GLY C 109 -10.65 22.77 74.61
CA GLY C 109 -11.60 22.73 75.75
C GLY C 109 -10.92 22.90 77.10
N GLN C 110 -9.83 23.67 77.16
CA GLN C 110 -9.07 23.94 78.42
C GLN C 110 -9.89 24.91 79.28
N LYS C 111 -10.94 24.41 79.92
CA LYS C 111 -11.95 25.23 80.65
C LYS C 111 -11.28 26.00 81.79
N HIS C 112 -11.61 27.29 81.91
CA HIS C 112 -11.08 28.23 82.94
C HIS C 112 -12.24 28.75 83.80
N ASN C 113 -11.95 29.24 85.01
CA ASN C 113 -12.93 29.94 85.88
C ASN C 113 -13.30 31.29 85.25
N ALA C 114 -14.34 31.93 85.78
CA ALA C 114 -14.94 33.17 85.26
C ALA C 114 -13.91 34.30 85.22
N VAL C 115 -13.04 34.38 86.23
CA VAL C 115 -12.06 35.50 86.41
C VAL C 115 -10.96 35.38 85.34
N ASN C 116 -10.38 34.19 85.18
CA ASN C 116 -9.30 33.91 84.19
C ASN C 116 -9.86 34.08 82.77
N ALA C 117 -10.93 33.36 82.45
CA ALA C 117 -11.61 33.35 81.13
C ALA C 117 -11.82 34.78 80.63
N THR C 118 -12.36 35.65 81.50
CA THR C 118 -12.61 37.09 81.23
C THR C 118 -11.27 37.82 81.04
N LEU C 119 -10.27 37.51 81.88
CA LEU C 119 -8.92 38.13 81.84
C LEU C 119 -8.19 37.71 80.54
N ILE C 120 -8.38 36.45 80.12
CA ILE C 120 -7.85 35.91 78.83
C ILE C 120 -8.47 36.70 77.67
N ASP C 121 -9.79 36.83 77.66
CA ASP C 121 -10.56 37.57 76.62
C ASP C 121 -10.13 39.04 76.62
N SER C 122 -9.88 39.62 77.79
CA SER C 122 -9.39 41.01 77.97
C SER C 122 -8.02 41.17 77.30
N TRP C 123 -7.14 40.17 77.46
CA TRP C 123 -5.76 40.15 76.88
C TRP C 123 -5.83 40.16 75.35
N VAL C 124 -6.81 39.45 74.77
CA VAL C 124 -7.03 39.36 73.29
C VAL C 124 -7.39 40.77 72.79
N ASP C 125 -8.42 41.39 73.38
CA ASP C 125 -8.90 42.76 73.03
C ASP C 125 -7.73 43.73 73.00
N ILE C 126 -6.88 43.71 74.04
CA ILE C 126 -5.67 44.58 74.19
C ILE C 126 -4.82 44.42 72.93
N ALA C 127 -4.38 43.19 72.65
CA ALA C 127 -3.47 42.83 71.55
C ALA C 127 -4.03 43.33 70.22
N ILE C 128 -5.29 42.99 69.92
CA ILE C 128 -5.95 43.21 68.60
C ILE C 128 -6.06 44.72 68.32
N PHE C 129 -6.57 45.50 69.28
CA PHE C 129 -6.98 46.91 69.07
C PHE C 129 -5.87 47.87 69.53
N GLN C 130 -5.54 47.87 70.83
CA GLN C 130 -4.67 48.87 71.48
C GLN C 130 -3.22 48.70 71.02
N LEU C 131 -2.69 47.48 71.01
CA LEU C 131 -1.26 47.18 70.71
C LEU C 131 -1.01 47.29 69.19
N LYS C 132 -1.79 46.56 68.39
CA LYS C 132 -1.61 46.44 66.91
C LYS C 132 -1.69 47.84 66.28
N GLU C 133 -2.85 48.50 66.38
CA GLU C 133 -3.13 49.83 65.77
C GLU C 133 -2.99 50.91 66.85
N GLY C 134 -1.80 51.02 67.46
CA GLY C 134 -1.52 52.01 68.53
C GLY C 134 -0.20 52.73 68.32
N SER C 135 -0.03 53.88 68.97
CA SER C 135 1.23 54.69 68.96
C SER C 135 2.25 54.05 69.91
N SER C 136 3.51 54.52 69.85
CA SER C 136 4.63 54.09 70.73
C SER C 136 4.25 54.30 72.20
N LYS C 137 3.32 55.23 72.46
CA LYS C 137 2.73 55.53 73.80
C LYS C 137 2.09 54.26 74.37
N GLU C 138 1.07 53.73 73.67
CA GLU C 138 0.21 52.61 74.14
C GLU C 138 1.02 51.31 74.17
N LYS C 139 1.85 51.09 73.13
CA LYS C 139 2.75 49.91 73.01
C LYS C 139 3.56 49.75 74.31
N ALA C 140 4.19 50.84 74.76
CA ALA C 140 5.03 50.90 75.98
C ALA C 140 4.20 50.49 77.21
N ALA C 141 2.96 50.98 77.30
CA ALA C 141 2.01 50.70 78.41
C ALA C 141 1.63 49.22 78.42
N VAL C 142 1.41 48.62 77.25
CA VAL C 142 1.04 47.18 77.07
C VAL C 142 2.19 46.31 77.60
N PHE C 143 3.44 46.68 77.28
CA PHE C 143 4.67 45.93 77.67
C PHE C 143 4.77 45.86 79.19
N ARG C 144 4.49 46.96 79.89
CA ARG C 144 4.54 47.06 81.38
C ARG C 144 3.57 46.04 81.98
N SER C 145 2.30 46.08 81.57
CA SER C 145 1.20 45.19 82.04
C SER C 145 1.57 43.72 81.79
N MET C 146 2.19 43.44 80.63
CA MET C 146 2.71 42.09 80.27
C MET C 146 3.89 41.73 81.17
N ASN C 147 4.88 42.63 81.24
CA ASN C 147 6.14 42.46 82.02
C ASN C 147 5.79 42.12 83.48
N SER C 148 4.89 42.91 84.08
CA SER C 148 4.39 42.73 85.48
C SER C 148 3.70 41.38 85.62
N ALA C 149 2.81 41.04 84.68
CA ALA C 149 2.02 39.79 84.65
C ALA C 149 2.96 38.59 84.49
N LEU C 150 3.84 38.62 83.49
CA LEU C 150 4.81 37.54 83.16
C LEU C 150 5.87 37.44 84.26
N GLY C 151 6.05 38.49 85.08
CA GLY C 151 6.93 38.49 86.25
C GLY C 151 6.43 37.56 87.34
N LYS C 152 5.10 37.42 87.46
CA LYS C 152 4.41 36.63 88.52
C LYS C 152 4.15 35.19 88.02
N SER C 153 3.72 35.05 86.77
CA SER C 153 3.22 33.78 86.16
C SER C 153 4.03 33.42 84.92
N PRO C 154 4.09 32.13 84.53
CA PRO C 154 4.87 31.71 83.36
C PRO C 154 4.27 32.17 82.02
N TRP C 155 2.94 32.23 81.94
CA TRP C 155 2.17 32.77 80.79
C TRP C 155 1.34 33.97 81.27
N LEU C 156 0.45 34.50 80.42
CA LEU C 156 -0.44 35.65 80.74
C LEU C 156 -1.65 35.16 81.56
N ALA C 157 -2.03 33.89 81.41
CA ALA C 157 -3.07 33.20 82.22
C ALA C 157 -2.42 32.62 83.48
N GLY C 158 -1.29 31.95 83.29
CA GLY C 158 -0.42 31.37 84.34
C GLY C 158 -0.74 29.91 84.63
N ASN C 159 -1.95 29.44 84.33
CA ASN C 159 -2.19 28.00 84.58
C ASN C 159 -1.37 27.21 83.57
N GLU C 160 -1.50 27.60 82.29
CA GLU C 160 -0.87 27.00 81.09
C GLU C 160 -1.03 27.97 79.92
N LEU C 161 -0.55 27.59 78.73
CA LEU C 161 -0.68 28.45 77.52
C LEU C 161 -2.16 28.66 77.22
N THR C 162 -2.54 29.89 76.80
CA THR C 162 -3.93 30.29 76.47
C THR C 162 -3.94 31.08 75.16
N VAL C 163 -5.12 31.21 74.54
CA VAL C 163 -5.36 32.00 73.29
C VAL C 163 -4.73 33.40 73.45
N ALA C 164 -4.82 33.98 74.65
CA ALA C 164 -4.27 35.31 75.00
C ALA C 164 -2.79 35.38 74.58
N ASP C 165 -2.02 34.35 74.88
CA ASP C 165 -0.57 34.25 74.58
C ASP C 165 -0.38 34.18 73.06
N VAL C 166 -1.11 33.28 72.40
CA VAL C 166 -1.02 33.00 70.93
C VAL C 166 -1.23 34.32 70.17
N VAL C 167 -2.38 34.97 70.38
CA VAL C 167 -2.83 36.19 69.64
C VAL C 167 -1.81 37.32 69.89
N LEU C 168 -1.47 37.59 71.16
CA LEU C 168 -0.60 38.73 71.55
C LEU C 168 0.78 38.54 70.91
N TRP C 169 1.41 37.39 71.10
CA TRP C 169 2.72 37.03 70.48
C TRP C 169 2.65 37.27 68.97
N SER C 170 1.61 36.74 68.32
CA SER C 170 1.35 36.86 66.86
C SER C 170 1.32 38.34 66.45
N VAL C 171 0.66 39.19 67.23
CA VAL C 171 0.54 40.66 66.97
C VAL C 171 1.93 41.30 67.08
N LEU C 172 2.71 40.94 68.09
CA LEU C 172 4.06 41.51 68.35
C LEU C 172 5.00 41.16 67.18
N GLN C 173 4.86 39.95 66.62
CA GLN C 173 5.73 39.44 65.52
C GLN C 173 5.36 40.10 64.19
N GLN C 174 4.22 40.81 64.11
CA GLN C 174 3.69 41.38 62.84
C GLN C 174 3.58 42.91 62.93
N ILE C 175 4.55 43.57 63.58
CA ILE C 175 4.68 45.05 63.63
C ILE C 175 6.17 45.42 63.49
N SER C 179 8.99 49.96 67.50
CA SER C 179 10.32 50.54 67.78
C SER C 179 10.44 50.96 69.25
N VAL C 180 9.93 50.13 70.18
CA VAL C 180 9.92 50.37 71.65
C VAL C 180 10.88 49.37 72.31
N THR C 181 11.46 49.76 73.46
CA THR C 181 12.34 48.90 74.30
C THR C 181 11.50 47.76 74.90
N VAL C 182 11.98 46.52 74.76
CA VAL C 182 11.29 45.26 75.20
C VAL C 182 11.86 44.84 76.55
N PRO C 183 11.01 44.59 77.57
CA PRO C 183 11.48 44.19 78.90
C PRO C 183 11.96 42.72 78.96
N ALA C 184 12.46 42.32 80.13
CA ALA C 184 13.17 41.03 80.36
C ALA C 184 12.19 39.85 80.30
N ASN C 185 11.05 39.96 81.00
CA ASN C 185 10.04 38.87 81.12
C ASN C 185 9.44 38.55 79.74
N VAL C 186 9.17 39.58 78.94
CA VAL C 186 8.57 39.46 77.57
C VAL C 186 9.54 38.71 76.66
N GLN C 187 10.84 38.96 76.79
CA GLN C 187 11.91 38.30 75.97
C GLN C 187 11.92 36.79 76.27
N ARG C 188 11.79 36.40 77.55
CA ARG C 188 11.73 34.98 77.99
C ARG C 188 10.44 34.34 77.50
N TRP C 189 9.32 35.07 77.58
CA TRP C 189 7.98 34.63 77.11
C TRP C 189 7.97 34.48 75.58
N MET C 190 8.67 35.38 74.87
CA MET C 190 8.78 35.37 73.39
C MET C 190 9.50 34.10 72.93
N ARG C 191 10.66 33.78 73.53
CA ARG C 191 11.47 32.58 73.20
C ARG C 191 10.71 31.32 73.65
N SER C 192 10.03 31.38 74.80
CA SER C 192 9.17 30.29 75.35
C SER C 192 8.11 29.92 74.30
N CYS C 193 7.47 30.92 73.68
CA CYS C 193 6.47 30.76 72.58
C CYS C 193 7.18 30.23 71.33
N GLU C 194 8.23 30.93 70.86
CA GLU C 194 8.99 30.62 69.63
C GLU C 194 9.55 29.19 69.69
N ASN C 195 9.86 28.71 70.90
CA ASN C 195 10.41 27.34 71.17
C ASN C 195 9.36 26.28 70.82
N LEU C 196 8.07 26.58 71.00
CA LEU C 196 6.94 25.64 70.74
C LEU C 196 6.86 25.36 69.24
N ALA C 197 6.43 24.15 68.87
CA ALA C 197 6.40 23.65 67.48
C ALA C 197 5.44 24.49 66.63
N PRO C 198 4.17 24.70 67.04
CA PRO C 198 3.21 25.42 66.21
C PRO C 198 3.58 26.88 65.89
N PHE C 199 4.33 27.53 66.78
CA PHE C 199 4.70 28.97 66.69
C PHE C 199 5.81 29.16 65.65
N ASN C 200 6.85 28.31 65.69
CA ASN C 200 8.03 28.38 64.79
C ASN C 200 7.60 27.97 63.37
N THR C 201 6.86 26.86 63.23
CA THR C 201 6.39 26.30 61.93
C THR C 201 5.61 27.38 61.16
N ALA C 202 4.66 28.04 61.84
CA ALA C 202 3.77 29.08 61.27
C ALA C 202 4.59 30.32 60.88
N LEU C 203 5.53 30.74 61.73
CA LEU C 203 6.31 31.99 61.56
C LEU C 203 7.35 31.84 60.43
N LYS C 204 7.93 30.65 60.26
CA LYS C 204 8.93 30.33 59.21
C LYS C 204 8.26 30.40 57.82
N LEU C 205 7.01 29.92 57.71
CA LEU C 205 6.23 29.86 56.44
C LEU C 205 5.64 31.25 56.12
N LEU C 206 5.81 32.23 57.02
CA LEU C 206 5.45 33.66 56.80
C LEU C 206 6.70 34.44 56.37
N LYS C 207 7.84 34.21 57.04
CA LYS C 207 9.12 34.91 56.75
C LYS C 207 9.68 34.40 55.41
N GLY D 4 8.60 43.03 -24.40
CA GLY D 4 8.00 42.09 -23.39
C GLY D 4 6.52 42.35 -23.18
N ALA D 5 5.71 41.29 -23.20
CA ALA D 5 4.25 41.32 -22.87
C ALA D 5 4.07 41.35 -21.34
N LEU D 6 5.10 40.98 -20.59
CA LEU D 6 5.19 41.09 -19.11
C LEU D 6 5.38 42.58 -18.75
N LYS D 7 6.23 43.28 -19.52
CA LYS D 7 6.48 44.75 -19.46
C LYS D 7 7.22 45.13 -18.17
N ASP D 8 7.76 44.14 -17.45
CA ASP D 8 8.29 44.31 -16.06
C ASP D 8 9.70 43.71 -15.97
N ILE D 9 10.68 44.53 -15.56
CA ILE D 9 12.07 44.10 -15.22
C ILE D 9 12.07 43.57 -13.78
N VAL D 10 12.10 42.25 -13.60
CA VAL D 10 12.26 41.58 -12.27
C VAL D 10 13.75 41.43 -12.01
N ILE D 11 14.23 41.87 -10.84
CA ILE D 11 15.65 41.75 -10.40
C ILE D 11 15.67 41.10 -9.01
N ASN D 12 16.13 39.86 -8.94
CA ASN D 12 16.38 39.11 -7.68
C ASN D 12 17.80 39.43 -7.20
N ALA D 13 17.93 40.10 -6.05
CA ALA D 13 19.22 40.57 -5.48
C ALA D 13 19.35 40.13 -4.01
N ASN D 14 20.57 39.84 -3.58
CA ASN D 14 20.88 39.39 -2.19
C ASN D 14 21.11 40.62 -1.31
N PRO D 15 20.37 40.77 -0.18
CA PRO D 15 20.51 41.94 0.68
C PRO D 15 21.80 42.00 1.51
N ALA D 16 22.54 40.88 1.59
CA ALA D 16 23.87 40.79 2.22
C ALA D 16 24.88 41.62 1.43
N SER D 17 24.72 41.67 0.10
CA SER D 17 25.53 42.49 -0.85
C SER D 17 24.61 43.30 -1.76
N PRO D 18 24.10 44.46 -1.29
CA PRO D 18 23.17 45.27 -2.10
C PRO D 18 23.80 45.76 -3.40
N PRO D 19 23.19 45.50 -4.58
CA PRO D 19 23.75 45.94 -5.85
C PRO D 19 23.50 47.44 -6.09
N LEU D 20 24.36 48.29 -5.53
CA LEU D 20 24.30 49.78 -5.62
C LEU D 20 24.34 50.20 -7.10
N SER D 21 25.09 49.46 -7.92
CA SER D 21 25.20 49.67 -9.39
C SER D 21 23.80 49.72 -10.03
N LEU D 22 22.89 48.84 -9.62
CA LEU D 22 21.52 48.71 -10.18
C LEU D 22 20.60 49.82 -9.63
N LEU D 23 20.80 50.23 -8.38
CA LEU D 23 19.99 51.28 -7.71
C LEU D 23 20.26 52.64 -8.35
N VAL D 24 21.52 52.90 -8.72
CA VAL D 24 21.96 54.13 -9.46
C VAL D 24 21.27 54.10 -10.83
N LEU D 25 21.41 52.99 -11.57
CA LEU D 25 20.85 52.82 -12.94
C LEU D 25 19.32 52.93 -12.91
N HIS D 26 18.68 52.46 -11.83
CA HIS D 26 17.20 52.56 -11.64
C HIS D 26 16.80 54.04 -11.66
N ARG D 27 17.44 54.86 -10.82
CA ARG D 27 17.20 56.33 -10.74
C ARG D 27 17.39 56.94 -12.14
N LEU D 28 18.43 56.51 -12.86
CA LEU D 28 18.74 56.96 -14.25
C LEU D 28 17.60 56.54 -15.19
N LEU D 29 17.09 55.30 -15.06
CA LEU D 29 16.00 54.75 -15.90
C LEU D 29 14.72 55.59 -15.73
N CYS D 30 14.38 55.94 -14.49
CA CYS D 30 13.17 56.75 -14.14
C CYS D 30 13.29 58.15 -14.74
N GLU D 31 14.50 58.67 -14.89
CA GLU D 31 14.78 60.02 -15.45
C GLU D 31 14.59 60.00 -16.98
N HIS D 32 14.47 58.82 -17.59
CA HIS D 32 14.24 58.63 -19.05
C HIS D 32 12.80 58.19 -19.31
N PHE D 33 12.30 57.21 -18.57
CA PHE D 33 10.99 56.54 -18.80
C PHE D 33 10.09 56.66 -17.56
N ARG D 34 8.79 56.40 -17.75
CA ARG D 34 7.78 56.24 -16.65
C ARG D 34 7.91 54.82 -16.10
N VAL D 35 8.50 54.67 -14.90
CA VAL D 35 8.85 53.36 -14.29
C VAL D 35 7.98 53.12 -13.04
N LEU D 36 7.15 52.08 -13.06
CA LEU D 36 6.40 51.59 -11.87
C LEU D 36 7.34 50.70 -11.05
N SER D 37 8.12 51.33 -10.17
CA SER D 37 9.13 50.65 -9.29
C SER D 37 8.44 50.13 -8.03
N THR D 38 8.75 48.89 -7.63
CA THR D 38 8.20 48.21 -6.44
C THR D 38 9.29 47.36 -5.78
N VAL D 39 9.34 47.33 -4.45
CA VAL D 39 10.32 46.52 -3.65
C VAL D 39 9.54 45.41 -2.93
N HIS D 40 10.10 44.19 -2.92
CA HIS D 40 9.52 42.98 -2.29
C HIS D 40 10.63 42.23 -1.54
N THR D 41 10.25 41.37 -0.60
CA THR D 41 11.15 40.48 0.18
C THR D 41 10.70 39.03 -0.02
N HIS D 42 11.58 38.18 -0.58
CA HIS D 42 11.30 36.75 -0.85
C HIS D 42 11.31 35.96 0.46
N SER D 43 10.61 34.82 0.50
CA SER D 43 10.50 33.90 1.65
C SER D 43 11.90 33.49 2.14
N SER D 44 12.82 33.30 1.21
CA SER D 44 14.22 32.82 1.43
C SER D 44 14.91 33.67 2.50
N VAL D 45 14.97 34.99 2.28
CA VAL D 45 15.60 35.97 3.22
C VAL D 45 14.58 36.32 4.32
N LYS D 46 15.07 36.48 5.55
CA LYS D 46 14.29 36.91 6.74
C LYS D 46 14.96 38.15 7.33
N SER D 47 14.17 39.14 7.76
CA SER D 47 14.63 40.38 8.43
C SER D 47 15.63 41.14 7.54
N VAL D 48 15.16 41.60 6.37
CA VAL D 48 15.92 42.50 5.45
C VAL D 48 16.05 43.86 6.13
N PRO D 49 17.26 44.48 6.16
CA PRO D 49 17.43 45.81 6.74
C PRO D 49 16.36 46.82 6.31
N GLU D 50 15.97 47.73 7.22
CA GLU D 50 14.86 48.70 7.05
C GLU D 50 15.08 49.56 5.81
N ASN D 51 16.28 50.13 5.67
CA ASN D 51 16.66 51.07 4.58
C ASN D 51 16.40 50.43 3.21
N LEU D 52 16.71 49.14 3.05
CA LEU D 52 16.64 48.41 1.76
C LEU D 52 15.19 48.15 1.37
N LEU D 53 14.30 47.93 2.36
CA LEU D 53 12.86 47.60 2.14
C LEU D 53 12.16 48.74 1.40
N LYS D 54 12.45 50.00 1.78
CA LYS D 54 11.90 51.23 1.15
C LYS D 54 13.06 52.05 0.56
N CYS D 55 13.94 51.39 -0.20
CA CYS D 55 15.15 51.99 -0.83
C CYS D 55 14.75 52.89 -2.00
N PHE D 56 13.52 52.75 -2.52
CA PHE D 56 12.95 53.62 -3.59
C PHE D 56 12.03 54.67 -2.97
N GLY D 57 12.31 55.14 -1.76
CA GLY D 57 11.55 56.22 -1.09
C GLY D 57 10.28 55.70 -0.44
N ASP D 67 -1.03 53.56 -18.87
CA ASP D 67 -0.32 53.28 -17.59
C ASP D 67 1.15 53.70 -17.74
N TYR D 68 2.08 53.03 -17.03
CA TYR D 68 3.53 53.30 -17.03
C TYR D 68 4.18 52.54 -18.21
N GLN D 69 5.44 52.84 -18.52
CA GLN D 69 6.18 52.29 -19.68
C GLN D 69 6.88 50.96 -19.29
N LEU D 70 7.69 50.99 -18.23
CA LEU D 70 8.42 49.81 -17.71
C LEU D 70 8.04 49.55 -16.24
N GLY D 71 7.99 48.27 -15.88
CA GLY D 71 7.99 47.80 -14.47
C GLY D 71 9.40 47.51 -14.00
N PHE D 72 9.71 47.85 -12.75
CA PHE D 72 11.00 47.54 -12.09
C PHE D 72 10.73 46.93 -10.72
N THR D 73 10.65 45.60 -10.67
CA THR D 73 10.33 44.80 -9.45
C THR D 73 11.63 44.29 -8.83
N LEU D 74 12.14 44.96 -7.80
CA LEU D 74 13.34 44.55 -7.03
C LEU D 74 12.90 43.63 -5.89
N ILE D 75 13.28 42.35 -5.98
CA ILE D 75 12.96 41.30 -4.95
C ILE D 75 14.26 40.97 -4.19
N TRP D 76 14.30 41.29 -2.89
CA TRP D 76 15.42 40.89 -1.99
C TRP D 76 15.28 39.40 -1.67
N LYS D 77 16.31 38.61 -2.01
CA LYS D 77 16.22 37.14 -2.15
C LYS D 77 17.58 36.51 -1.84
N ASN D 78 17.59 35.26 -1.36
CA ASN D 78 18.80 34.51 -0.97
C ASN D 78 19.34 33.79 -2.21
N VAL D 79 19.91 34.55 -3.15
CA VAL D 79 20.50 34.05 -4.43
C VAL D 79 22.01 34.30 -4.38
N PRO D 80 22.83 33.42 -5.01
CA PRO D 80 24.28 33.60 -5.02
C PRO D 80 24.71 34.75 -5.94
N LYS D 81 24.10 34.86 -7.12
CA LYS D 81 24.39 35.86 -8.17
C LYS D 81 23.13 36.68 -8.45
N THR D 82 23.24 38.00 -8.51
CA THR D 82 22.12 38.94 -8.81
C THR D 82 21.53 38.58 -10.17
N GLN D 83 20.23 38.28 -10.22
CA GLN D 83 19.53 37.72 -11.41
C GLN D 83 18.47 38.71 -11.90
N MET D 84 18.27 38.80 -13.23
CA MET D 84 17.19 39.59 -13.86
C MET D 84 16.36 38.67 -14.77
N LYS D 85 15.03 38.64 -14.55
CA LYS D 85 14.06 37.87 -15.37
C LYS D 85 13.16 38.87 -16.11
N PHE D 86 13.47 39.14 -17.39
CA PHE D 86 12.75 40.09 -18.26
C PHE D 86 12.26 39.36 -19.52
N SER D 87 10.95 39.36 -19.76
CA SER D 87 10.28 38.79 -20.98
C SER D 87 10.74 37.35 -21.18
N ILE D 88 10.48 36.48 -20.19
CA ILE D 88 10.98 35.08 -20.11
C ILE D 88 10.57 34.31 -21.36
N GLN D 89 9.44 34.67 -21.99
CA GLN D 89 8.89 33.98 -23.18
C GLN D 89 9.69 34.37 -24.44
N THR D 90 10.73 35.19 -24.31
CA THR D 90 11.62 35.60 -25.43
C THR D 90 13.11 35.68 -25.01
N MET D 91 13.42 35.71 -23.71
CA MET D 91 14.78 36.04 -23.18
C MET D 91 15.13 35.12 -22.00
N CYS D 92 16.28 34.45 -22.06
CA CYS D 92 16.86 33.61 -20.98
C CYS D 92 17.14 34.49 -19.76
N PRO D 93 16.91 33.99 -18.52
CA PRO D 93 17.20 34.79 -17.32
C PRO D 93 18.68 35.18 -17.26
N ILE D 94 18.95 36.47 -16.98
CA ILE D 94 20.31 37.08 -16.98
C ILE D 94 20.87 37.00 -15.54
N GLU D 95 22.11 36.50 -15.42
CA GLU D 95 22.84 36.37 -14.13
C GLU D 95 24.09 37.24 -14.17
N GLY D 96 24.38 37.94 -13.07
CA GLY D 96 25.56 38.82 -12.92
C GLY D 96 25.17 40.28 -12.94
N GLU D 97 25.40 40.99 -11.84
CA GLU D 97 25.04 42.43 -11.63
C GLU D 97 25.73 43.28 -12.71
N GLY D 98 26.89 42.83 -13.20
CA GLY D 98 27.60 43.46 -14.33
C GLY D 98 26.79 43.38 -15.62
N ASN D 99 26.28 42.19 -15.94
CA ASN D 99 25.50 41.90 -17.18
C ASN D 99 24.17 42.67 -17.15
N ILE D 100 23.53 42.74 -15.97
CA ILE D 100 22.23 43.44 -15.77
C ILE D 100 22.47 44.95 -15.93
N ALA D 101 23.58 45.46 -15.37
CA ALA D 101 23.96 46.89 -15.41
C ALA D 101 24.09 47.36 -16.86
N ARG D 102 24.78 46.58 -17.70
CA ARG D 102 24.99 46.86 -19.15
C ARG D 102 23.63 47.02 -19.83
N PHE D 103 22.69 46.11 -19.57
CA PHE D 103 21.33 46.08 -20.17
C PHE D 103 20.55 47.34 -19.81
N LEU D 104 20.51 47.69 -18.51
CA LEU D 104 19.73 48.83 -17.96
C LEU D 104 20.23 50.13 -18.60
N PHE D 105 21.54 50.36 -18.59
CA PHE D 105 22.17 51.59 -19.15
C PHE D 105 21.90 51.67 -20.66
N SER D 106 21.95 50.52 -21.35
CA SER D 106 21.81 50.39 -22.82
C SER D 106 20.38 50.76 -23.28
N LEU D 107 19.42 50.88 -22.35
CA LEU D 107 18.01 51.27 -22.66
C LEU D 107 17.94 52.73 -23.09
N PHE D 108 18.90 53.57 -22.69
CA PHE D 108 18.97 55.02 -23.08
C PHE D 108 19.52 55.13 -24.52
N GLY D 109 20.45 54.24 -24.91
CA GLY D 109 20.87 54.01 -26.31
C GLY D 109 22.02 54.88 -26.75
N GLN D 110 22.93 55.23 -25.85
CA GLN D 110 24.13 56.08 -26.14
C GLN D 110 25.14 55.24 -26.93
N LYS D 111 24.89 55.05 -28.23
CA LYS D 111 25.62 54.11 -29.12
C LYS D 111 27.11 54.48 -29.17
N HIS D 112 27.99 53.48 -29.01
CA HIS D 112 29.47 53.63 -29.04
C HIS D 112 30.03 52.77 -30.18
N ASN D 113 31.24 53.11 -30.67
CA ASN D 113 32.00 52.28 -31.64
C ASN D 113 32.46 50.98 -30.96
N ALA D 114 32.94 50.03 -31.75
CA ALA D 114 33.33 48.66 -31.34
C ALA D 114 34.43 48.73 -30.27
N VAL D 115 35.38 49.66 -30.40
CA VAL D 115 36.59 49.76 -29.53
C VAL D 115 36.16 50.25 -28.13
N ASN D 116 35.37 51.33 -28.07
CA ASN D 116 34.86 51.92 -26.81
C ASN D 116 33.93 50.92 -26.10
N ALA D 117 32.89 50.46 -26.82
CA ALA D 117 31.87 49.51 -26.31
C ALA D 117 32.53 48.33 -25.61
N THR D 118 33.55 47.74 -26.24
CA THR D 118 34.36 46.60 -25.70
C THR D 118 35.15 47.07 -24.48
N LEU D 119 35.73 48.27 -24.54
CA LEU D 119 36.55 48.86 -23.44
C LEU D 119 35.65 49.18 -22.25
N ILE D 120 34.42 49.64 -22.51
CA ILE D 120 33.38 49.90 -21.46
C ILE D 120 33.04 48.56 -20.77
N ASP D 121 32.74 47.53 -21.55
CA ASP D 121 32.41 46.16 -21.06
C ASP D 121 33.59 45.60 -20.27
N SER D 122 34.82 45.85 -20.72
CA SER D 122 36.08 45.44 -20.05
C SER D 122 36.17 46.10 -18.67
N TRP D 123 35.81 47.38 -18.58
CA TRP D 123 35.83 48.18 -17.32
C TRP D 123 34.84 47.59 -16.29
N VAL D 124 33.69 47.10 -16.75
CA VAL D 124 32.63 46.47 -15.89
C VAL D 124 33.23 45.21 -15.28
N ASP D 125 33.75 44.30 -16.12
CA ASP D 125 34.38 43.01 -15.70
C ASP D 125 35.41 43.28 -14.60
N ILE D 126 36.29 44.26 -14.80
CA ILE D 126 37.36 44.67 -13.84
C ILE D 126 36.71 44.94 -12.48
N ALA D 127 35.77 45.89 -12.44
CA ALA D 127 35.08 46.38 -11.22
C ALA D 127 34.44 45.19 -10.47
N ILE D 128 33.64 44.39 -11.18
CA ILE D 128 32.78 43.31 -10.61
C ILE D 128 33.66 42.23 -9.96
N PHE D 129 34.69 41.74 -10.67
CA PHE D 129 35.46 40.54 -10.29
C PHE D 129 36.76 40.93 -9.57
N GLN D 130 37.66 41.62 -10.28
CA GLN D 130 39.06 41.90 -9.82
C GLN D 130 39.05 42.87 -8.63
N LEU D 131 38.31 43.98 -8.73
CA LEU D 131 38.32 45.07 -7.72
C LEU D 131 37.52 44.66 -6.48
N LYS D 132 36.25 44.24 -6.67
CA LYS D 132 35.30 43.92 -5.57
C LYS D 132 35.89 42.81 -4.70
N GLU D 133 36.10 41.62 -5.27
CA GLU D 133 36.59 40.40 -4.57
C GLU D 133 38.09 40.24 -4.84
N GLY D 134 38.91 41.24 -4.48
CA GLY D 134 40.37 41.23 -4.70
C GLY D 134 41.14 41.69 -3.47
N SER D 135 42.43 41.35 -3.41
CA SER D 135 43.37 41.78 -2.34
C SER D 135 43.80 43.23 -2.57
N SER D 136 44.47 43.84 -1.58
CA SER D 136 45.04 45.22 -1.64
C SER D 136 46.01 45.33 -2.82
N LYS D 137 46.58 44.19 -3.26
CA LYS D 137 47.45 44.07 -4.47
C LYS D 137 46.69 44.57 -5.70
N GLU D 138 45.59 43.91 -6.05
CA GLU D 138 44.82 44.11 -7.30
C GLU D 138 44.12 45.49 -7.26
N LYS D 139 43.58 45.86 -6.10
CA LYS D 139 42.90 47.17 -5.86
C LYS D 139 43.83 48.29 -6.30
N ALA D 140 45.10 48.26 -5.84
CA ALA D 140 46.15 49.25 -6.15
C ALA D 140 46.39 49.34 -7.67
N ALA D 141 46.42 48.18 -8.34
CA ALA D 141 46.64 48.05 -9.81
C ALA D 141 45.47 48.67 -10.56
N VAL D 142 44.23 48.46 -10.09
CA VAL D 142 42.97 49.00 -10.70
C VAL D 142 43.02 50.53 -10.64
N PHE D 143 43.45 51.10 -9.52
CA PHE D 143 43.52 52.57 -9.28
C PHE D 143 44.45 53.22 -10.31
N ARG D 144 45.60 52.59 -10.58
CA ARG D 144 46.62 53.09 -11.55
C ARG D 144 45.98 53.22 -12.94
N SER D 145 45.38 52.13 -13.45
CA SER D 145 44.72 52.05 -14.77
C SER D 145 43.60 53.10 -14.87
N MET D 146 42.86 53.31 -13.77
CA MET D 146 41.81 54.36 -13.67
C MET D 146 42.46 55.75 -13.68
N ASN D 147 43.45 55.95 -12.79
CA ASN D 147 44.18 57.23 -12.61
C ASN D 147 44.75 57.69 -13.96
N SER D 148 45.44 56.79 -14.66
CA SER D 148 46.04 57.01 -16.01
C SER D 148 44.94 57.38 -17.01
N ALA D 149 43.86 56.60 -17.04
CA ALA D 149 42.71 56.77 -17.95
C ALA D 149 42.02 58.10 -17.68
N LEU D 150 41.67 58.37 -16.41
CA LEU D 150 40.95 59.60 -15.97
C LEU D 150 41.88 60.81 -16.10
N GLY D 151 43.20 60.60 -16.18
CA GLY D 151 44.20 61.65 -16.45
C GLY D 151 44.06 62.23 -17.85
N LYS D 152 43.66 61.39 -18.81
CA LYS D 152 43.56 61.74 -20.25
C LYS D 152 42.13 62.22 -20.59
N SER D 153 41.11 61.54 -20.04
CA SER D 153 39.68 61.73 -20.39
C SER D 153 38.87 62.10 -19.15
N PRO D 154 37.70 62.76 -19.30
CA PRO D 154 36.88 63.17 -18.16
C PRO D 154 36.21 62.00 -17.43
N TRP D 155 35.81 60.96 -18.18
CA TRP D 155 35.27 59.67 -17.66
C TRP D 155 36.20 58.53 -18.09
N LEU D 156 35.79 57.27 -17.85
CA LEU D 156 36.57 56.06 -18.22
C LEU D 156 36.40 55.76 -19.71
N ALA D 157 35.20 55.99 -20.23
CA ALA D 157 34.93 55.93 -21.68
C ALA D 157 35.62 57.14 -22.29
N GLY D 158 35.48 58.27 -21.59
CA GLY D 158 36.06 59.59 -21.91
C GLY D 158 35.13 60.44 -22.74
N ASN D 159 34.34 59.83 -23.61
CA ASN D 159 33.42 60.62 -24.46
C ASN D 159 32.31 61.24 -23.60
N GLU D 160 31.67 60.43 -22.74
CA GLU D 160 30.53 60.83 -21.87
C GLU D 160 30.39 59.83 -20.72
N LEU D 161 29.45 60.05 -19.80
CA LEU D 161 29.26 59.04 -18.71
C LEU D 161 28.79 57.73 -19.34
N THR D 162 29.31 56.60 -18.85
CA THR D 162 28.99 55.23 -19.35
C THR D 162 28.73 54.29 -18.16
N VAL D 163 28.10 53.14 -18.42
CA VAL D 163 27.80 52.07 -17.43
C VAL D 163 29.09 51.75 -16.65
N ALA D 164 30.24 51.74 -17.33
CA ALA D 164 31.59 51.49 -16.76
C ALA D 164 31.80 52.36 -15.52
N ASP D 165 31.47 53.65 -15.62
CA ASP D 165 31.62 54.65 -14.52
C ASP D 165 30.67 54.29 -13.37
N VAL D 166 29.39 54.07 -13.69
CA VAL D 166 28.29 53.77 -12.72
C VAL D 166 28.71 52.57 -11.85
N VAL D 167 28.99 51.43 -12.50
CA VAL D 167 29.27 50.12 -11.83
C VAL D 167 30.53 50.27 -10.97
N LEU D 168 31.62 50.80 -11.54
CA LEU D 168 32.95 50.90 -10.86
C LEU D 168 32.80 51.78 -9.61
N TRP D 169 32.26 52.99 -9.76
CA TRP D 169 32.00 53.93 -8.63
C TRP D 169 31.21 53.20 -7.54
N SER D 170 30.12 52.52 -7.93
CA SER D 170 29.21 51.75 -7.04
C SER D 170 30.02 50.71 -6.25
N VAL D 171 30.94 50.01 -6.92
CA VAL D 171 31.81 48.96 -6.30
C VAL D 171 32.75 49.62 -5.28
N LEU D 172 33.35 50.76 -5.63
CA LEU D 172 34.31 51.49 -4.76
C LEU D 172 33.61 51.98 -3.49
N GLN D 173 32.34 52.38 -3.59
CA GLN D 173 31.53 52.92 -2.46
C GLN D 173 31.09 51.77 -1.52
N GLN D 174 31.24 50.50 -1.94
CA GLN D 174 30.74 49.32 -1.18
C GLN D 174 31.90 48.39 -0.79
N ILE D 175 33.06 48.94 -0.42
CA ILE D 175 34.22 48.18 0.11
C ILE D 175 34.86 48.96 1.27
N SER D 179 41.42 51.55 2.68
CA SER D 179 42.45 50.49 2.85
C SER D 179 43.69 50.80 1.98
N VAL D 180 43.46 51.23 0.73
CA VAL D 180 44.53 51.59 -0.26
C VAL D 180 44.51 53.10 -0.47
N THR D 181 45.66 53.70 -0.81
CA THR D 181 45.82 55.14 -1.14
C THR D 181 45.12 55.42 -2.46
N VAL D 182 44.27 56.47 -2.49
CA VAL D 182 43.43 56.87 -3.65
C VAL D 182 44.12 58.03 -4.39
N PRO D 183 44.33 57.92 -5.72
CA PRO D 183 45.01 58.97 -6.47
C PRO D 183 44.12 60.21 -6.73
N ALA D 184 44.70 61.23 -7.36
CA ALA D 184 44.12 62.59 -7.55
C ALA D 184 42.95 62.54 -8.52
N ASN D 185 43.13 61.90 -9.69
CA ASN D 185 42.13 61.87 -10.79
C ASN D 185 40.86 61.13 -10.32
N VAL D 186 41.02 60.04 -9.57
CA VAL D 186 39.92 59.19 -9.03
C VAL D 186 39.07 60.03 -8.05
N GLN D 187 39.71 60.87 -7.24
CA GLN D 187 39.03 61.74 -6.24
C GLN D 187 38.13 62.75 -6.97
N ARG D 188 38.61 63.34 -8.08
CA ARG D 188 37.85 64.31 -8.92
C ARG D 188 36.69 63.56 -9.61
N TRP D 189 36.95 62.36 -10.11
CA TRP D 189 35.94 61.50 -10.79
C TRP D 189 34.88 61.03 -9.77
N MET D 190 35.29 60.74 -8.53
CA MET D 190 34.38 60.30 -7.44
C MET D 190 33.39 61.42 -7.10
N ARG D 191 33.87 62.66 -6.90
CA ARG D 191 33.02 63.84 -6.59
C ARG D 191 32.18 64.21 -7.81
N SER D 192 32.75 64.09 -9.02
CA SER D 192 32.05 64.30 -10.31
C SER D 192 30.82 63.39 -10.39
N CYS D 193 30.97 62.12 -10.01
CA CYS D 193 29.88 61.12 -9.93
C CYS D 193 28.91 61.48 -8.81
N GLU D 194 29.42 61.65 -7.58
CA GLU D 194 28.64 61.95 -6.35
C GLU D 194 27.82 63.22 -6.54
N ASN D 195 28.31 64.17 -7.35
CA ASN D 195 27.65 65.46 -7.66
C ASN D 195 26.36 65.22 -8.46
N LEU D 196 26.32 64.17 -9.29
CA LEU D 196 25.15 63.83 -10.15
C LEU D 196 23.97 63.41 -9.25
N ALA D 197 22.74 63.69 -9.69
CA ALA D 197 21.50 63.47 -8.92
C ALA D 197 21.31 61.98 -8.64
N PRO D 198 21.33 61.09 -9.66
CA PRO D 198 21.06 59.67 -9.43
C PRO D 198 22.02 58.95 -8.48
N PHE D 199 23.27 59.42 -8.40
CA PHE D 199 24.36 58.80 -7.60
C PHE D 199 24.17 59.11 -6.11
N ASN D 200 23.89 60.38 -5.78
CA ASN D 200 23.71 60.86 -4.39
C ASN D 200 22.40 60.29 -3.82
N THR D 201 21.29 60.39 -4.56
CA THR D 201 19.94 59.92 -4.16
C THR D 201 20.00 58.45 -3.74
N ALA D 202 20.61 57.61 -4.58
CA ALA D 202 20.74 56.15 -4.39
C ALA D 202 21.62 55.85 -3.17
N LEU D 203 22.74 56.56 -3.03
CA LEU D 203 23.77 56.30 -1.98
C LEU D 203 23.26 56.72 -0.59
N LYS D 204 22.46 57.80 -0.53
CA LYS D 204 21.88 58.34 0.73
C LYS D 204 20.86 57.33 1.30
N LEU D 205 20.06 56.71 0.42
CA LEU D 205 18.99 55.74 0.79
C LEU D 205 19.59 54.36 1.12
N LEU D 206 20.92 54.20 0.93
CA LEU D 206 21.69 53.00 1.35
C LEU D 206 22.35 53.25 2.70
N LYS D 207 22.96 54.44 2.88
CA LYS D 207 23.71 54.86 4.11
C LYS D 207 24.96 53.97 4.28
N THR E 3 -20.48 39.81 96.88
CA THR E 3 -19.55 40.91 97.33
C THR E 3 -19.08 41.71 96.10
N LEU E 4 -19.95 41.86 95.11
CA LEU E 4 -19.65 42.50 93.80
C LEU E 4 -20.10 43.97 93.81
N SER E 5 -19.27 44.86 93.28
CA SER E 5 -19.51 46.33 93.22
C SER E 5 -19.09 46.85 91.85
N LEU E 6 -19.90 47.74 91.25
CA LEU E 6 -19.67 48.37 89.93
C LEU E 6 -19.75 49.89 90.08
N THR E 7 -18.68 50.61 89.74
CA THR E 7 -18.62 52.09 89.62
C THR E 7 -18.77 52.45 88.13
N VAL E 8 -19.70 53.35 87.81
CA VAL E 8 -20.08 53.71 86.41
C VAL E 8 -19.78 55.19 86.18
N ASN E 9 -19.36 55.53 84.96
CA ASN E 9 -19.22 56.95 84.49
C ASN E 9 -20.63 57.57 84.46
N SER E 10 -20.93 58.43 85.43
CA SER E 10 -22.22 59.15 85.57
C SER E 10 -22.41 60.10 84.37
N GLY E 11 -21.31 60.68 83.87
CA GLY E 11 -21.28 61.57 82.69
C GLY E 11 -21.79 60.88 81.44
N ASP E 12 -21.52 59.57 81.29
CA ASP E 12 -21.98 58.72 80.17
C ASP E 12 -22.20 57.30 80.67
N PRO E 13 -23.41 56.95 81.17
CA PRO E 13 -23.65 55.63 81.75
C PRO E 13 -23.50 54.48 80.76
N PRO E 14 -22.85 53.35 81.13
CA PRO E 14 -22.79 52.17 80.26
C PRO E 14 -24.14 51.43 80.29
N LEU E 15 -25.02 51.77 79.34
CA LEU E 15 -26.45 51.36 79.31
C LEU E 15 -26.55 49.82 79.37
N GLY E 16 -25.79 49.13 78.51
CA GLY E 16 -25.79 47.66 78.38
C GLY E 16 -25.35 46.97 79.66
N ALA E 17 -24.33 47.51 80.32
CA ALA E 17 -23.78 46.99 81.60
C ALA E 17 -24.88 46.98 82.66
N LEU E 18 -25.61 48.08 82.82
CA LEU E 18 -26.70 48.25 83.83
C LEU E 18 -27.78 47.21 83.54
N LEU E 19 -28.22 47.08 82.28
CA LEU E 19 -29.24 46.09 81.82
C LEU E 19 -28.78 44.69 82.21
N ALA E 20 -27.49 44.38 82.01
CA ALA E 20 -26.86 43.10 82.41
C ALA E 20 -26.94 42.95 83.94
N VAL E 21 -26.54 43.98 84.68
CA VAL E 21 -26.54 44.02 86.18
C VAL E 21 -27.94 43.67 86.69
N GLU E 22 -28.99 44.19 86.04
CA GLU E 22 -30.42 43.99 86.44
C GLU E 22 -30.81 42.52 86.25
N HIS E 23 -30.17 41.80 85.33
CA HIS E 23 -30.48 40.40 84.96
C HIS E 23 -29.63 39.40 85.76
N VAL E 24 -28.69 39.88 86.57
CA VAL E 24 -27.80 39.02 87.41
C VAL E 24 -28.07 39.26 88.90
N LYS E 25 -28.96 40.21 89.24
CA LYS E 25 -29.37 40.53 90.64
C LYS E 25 -29.95 39.27 91.32
N ASP E 26 -30.66 38.44 90.55
CA ASP E 26 -31.29 37.18 91.03
C ASP E 26 -30.20 36.17 91.42
N ASP E 27 -29.09 36.13 90.67
CA ASP E 27 -28.04 35.08 90.79
C ASP E 27 -27.03 35.47 91.88
N VAL E 28 -26.23 36.51 91.65
CA VAL E 28 -25.13 36.93 92.57
C VAL E 28 -25.38 38.38 93.03
N SER E 29 -25.12 38.64 94.32
CA SER E 29 -25.33 39.96 94.99
C SER E 29 -24.34 40.98 94.43
N ILE E 30 -24.86 42.01 93.72
CA ILE E 30 -24.06 43.09 93.08
C ILE E 30 -24.65 44.45 93.43
N SER E 31 -23.80 45.45 93.71
CA SER E 31 -24.17 46.84 94.08
C SER E 31 -23.75 47.80 92.97
N VAL E 32 -24.36 48.98 92.91
CA VAL E 32 -24.10 50.05 91.91
C VAL E 32 -23.69 51.34 92.64
N GLU E 33 -22.43 51.77 92.48
CA GLU E 33 -21.93 53.12 92.85
C GLU E 33 -21.86 53.97 91.57
N GLU E 34 -21.79 55.29 91.71
CA GLU E 34 -21.67 56.25 90.58
C GLU E 34 -20.37 57.06 90.74
N GLY E 35 -19.50 57.03 89.73
CA GLY E 35 -18.17 57.67 89.72
C GLY E 35 -17.91 58.39 88.42
N LYS E 36 -16.64 58.41 87.99
CA LYS E 36 -16.15 59.16 86.79
C LYS E 36 -15.81 58.20 85.63
N GLU E 37 -15.72 56.89 85.90
CA GLU E 37 -15.39 55.86 84.87
C GLU E 37 -16.02 54.51 85.26
N ASN E 38 -16.07 53.59 84.29
CA ASN E 38 -16.65 52.22 84.43
C ASN E 38 -15.59 51.29 85.01
N ILE E 39 -15.79 50.83 86.25
CA ILE E 39 -14.90 49.86 86.96
C ILE E 39 -15.78 48.85 87.71
N LEU E 40 -15.65 47.55 87.39
CA LEU E 40 -16.30 46.44 88.14
C LEU E 40 -15.31 45.90 89.18
N HIS E 41 -15.53 46.22 90.46
CA HIS E 41 -14.70 45.77 91.61
C HIS E 41 -15.19 44.38 92.05
N VAL E 42 -14.44 43.33 91.68
CA VAL E 42 -14.77 41.90 91.98
C VAL E 42 -14.05 41.50 93.28
N SER E 43 -12.73 41.66 93.31
CA SER E 43 -11.84 41.39 94.48
C SER E 43 -10.93 42.62 94.72
N GLU E 44 -10.03 42.51 95.69
CA GLU E 44 -9.00 43.56 95.98
C GLU E 44 -7.96 43.57 94.86
N ASN E 45 -7.77 42.44 94.18
CA ASN E 45 -6.77 42.24 93.09
C ASN E 45 -7.45 42.29 91.72
N VAL E 46 -8.78 42.04 91.65
CA VAL E 46 -9.54 41.79 90.38
C VAL E 46 -10.42 43.00 90.07
N ILE E 47 -10.05 43.78 89.04
CA ILE E 47 -10.85 44.91 88.48
C ILE E 47 -10.87 44.80 86.95
N PHE E 48 -11.85 45.44 86.30
CA PHE E 48 -12.02 45.48 84.83
C PHE E 48 -12.44 46.89 84.38
N THR E 49 -11.68 47.49 83.45
CA THR E 49 -11.91 48.85 82.90
C THR E 49 -12.79 48.75 81.66
N ASP E 50 -12.48 47.84 80.74
CA ASP E 50 -13.18 47.66 79.44
C ASP E 50 -14.64 47.27 79.70
N VAL E 51 -15.57 47.85 78.95
CA VAL E 51 -17.04 47.62 79.08
C VAL E 51 -17.35 46.15 78.79
N ASN E 52 -16.75 45.58 77.74
CA ASN E 52 -16.99 44.18 77.28
C ASN E 52 -16.49 43.20 78.35
N SER E 53 -15.33 43.46 78.94
CA SER E 53 -14.74 42.66 80.06
C SER E 53 -15.78 42.53 81.18
N ILE E 54 -16.42 43.65 81.55
CA ILE E 54 -17.47 43.71 82.62
C ILE E 54 -18.64 42.81 82.21
N LEU E 55 -19.19 43.05 81.00
CA LEU E 55 -20.33 42.27 80.44
C LEU E 55 -20.00 40.77 80.50
N ARG E 56 -18.84 40.40 79.97
CA ARG E 56 -18.37 38.98 79.87
C ARG E 56 -18.37 38.33 81.25
N TYR E 57 -17.77 38.98 82.26
CA TYR E 57 -17.64 38.45 83.64
C TYR E 57 -19.02 38.18 84.21
N LEU E 58 -19.92 39.18 84.16
CA LEU E 58 -21.28 39.13 84.76
C LEU E 58 -22.05 37.94 84.18
N ALA E 59 -22.03 37.76 82.85
CA ALA E 59 -22.73 36.68 82.12
C ALA E 59 -22.17 35.31 82.53
N ARG E 60 -20.85 35.23 82.73
CA ARG E 60 -20.15 33.97 83.10
C ARG E 60 -20.48 33.58 84.55
N VAL E 61 -20.40 34.54 85.47
CA VAL E 61 -20.62 34.32 86.94
C VAL E 61 -22.11 34.10 87.21
N ALA E 62 -22.99 34.80 86.48
CA ALA E 62 -24.46 34.59 86.50
C ALA E 62 -24.80 33.32 85.70
N THR E 63 -24.65 32.16 86.33
CA THR E 63 -24.75 30.81 85.71
C THR E 63 -26.19 30.53 85.25
N THR E 64 -27.17 30.75 86.14
CA THR E 64 -28.60 30.43 85.92
C THR E 64 -29.20 31.34 84.85
N ALA E 65 -28.70 32.58 84.75
CA ALA E 65 -29.11 33.58 83.73
C ALA E 65 -28.92 33.01 82.32
N GLY E 66 -27.74 32.44 82.05
CA GLY E 66 -27.38 31.82 80.77
C GLY E 66 -27.24 32.84 79.65
N LEU E 67 -26.62 33.99 79.94
CA LEU E 67 -26.51 35.16 79.01
C LEU E 67 -25.36 34.95 78.03
N TYR E 68 -24.53 33.91 78.24
CA TYR E 68 -23.36 33.59 77.37
C TYR E 68 -23.65 32.31 76.57
N GLY E 69 -24.93 32.05 76.26
CA GLY E 69 -25.34 30.97 75.34
C GLY E 69 -25.40 29.61 76.01
N SER E 70 -25.42 28.54 75.20
CA SER E 70 -25.62 27.13 75.64
C SER E 70 -24.60 26.19 74.96
N ASN E 71 -23.48 26.73 74.46
CA ASN E 71 -22.41 25.97 73.77
C ASN E 71 -21.32 26.94 73.30
N LEU E 72 -20.23 26.42 72.74
CA LEU E 72 -19.09 27.22 72.21
C LEU E 72 -19.53 28.03 71.00
N MET E 73 -20.46 27.49 70.19
CA MET E 73 -20.95 28.14 68.95
C MET E 73 -21.67 29.45 69.30
N GLU E 74 -22.69 29.36 70.17
CA GLU E 74 -23.47 30.53 70.69
C GLU E 74 -22.52 31.46 71.47
N HIS E 75 -21.61 30.87 72.26
CA HIS E 75 -20.54 31.56 73.02
C HIS E 75 -19.74 32.48 72.08
N THR E 76 -19.40 31.99 70.89
CA THR E 76 -18.58 32.70 69.87
C THR E 76 -19.43 33.77 69.17
N GLU E 77 -20.66 33.42 68.77
CA GLU E 77 -21.65 34.36 68.16
C GLU E 77 -21.72 35.64 69.00
N ILE E 78 -21.79 35.50 70.33
CA ILE E 78 -21.90 36.61 71.32
C ILE E 78 -20.63 37.47 71.24
N ASP E 79 -19.44 36.85 71.28
CA ASP E 79 -18.13 37.54 71.17
C ASP E 79 -18.13 38.42 69.92
N HIS E 80 -18.68 37.93 68.80
CA HIS E 80 -18.80 38.67 67.52
C HIS E 80 -19.63 39.94 67.74
N TRP E 81 -20.79 39.82 68.37
CA TRP E 81 -21.78 40.91 68.57
C TRP E 81 -21.23 41.96 69.55
N LEU E 82 -20.43 41.55 70.53
CA LEU E 82 -19.74 42.47 71.47
C LEU E 82 -18.80 43.38 70.68
N GLU E 83 -17.99 42.79 69.78
CA GLU E 83 -17.06 43.53 68.89
C GLU E 83 -17.87 44.38 67.91
N PHE E 84 -18.95 43.82 67.33
CA PHE E 84 -19.87 44.49 66.38
C PHE E 84 -20.39 45.78 67.01
N SER E 85 -21.01 45.66 68.19
CA SER E 85 -21.61 46.79 68.96
C SER E 85 -20.53 47.83 69.29
N ALA E 86 -19.36 47.39 69.75
CA ALA E 86 -18.25 48.23 70.26
C ALA E 86 -17.64 49.07 69.14
N THR E 87 -17.76 48.65 67.88
CA THR E 87 -17.07 49.29 66.71
C THR E 87 -18.11 49.86 65.73
N LYS E 88 -18.84 48.99 65.02
CA LYS E 88 -19.66 49.35 63.84
C LYS E 88 -20.90 50.15 64.25
N LEU E 89 -21.46 49.90 65.45
CA LEU E 89 -22.65 50.62 65.98
C LEU E 89 -22.21 51.84 66.80
N SER E 90 -21.10 51.73 67.54
CA SER E 90 -20.52 52.81 68.37
C SER E 90 -20.20 54.04 67.51
N SER E 91 -19.82 53.81 66.24
CA SER E 91 -19.65 54.85 65.19
C SER E 91 -20.92 54.91 64.34
N CYS E 92 -21.24 56.08 63.77
CA CYS E 92 -22.36 56.29 62.82
C CYS E 92 -21.83 56.43 61.39
N ASP E 93 -20.57 56.02 61.15
CA ASP E 93 -19.91 56.01 59.82
C ASP E 93 -20.41 54.79 59.03
N SER E 94 -20.93 55.03 57.82
CA SER E 94 -21.57 54.02 56.92
C SER E 94 -22.56 53.16 57.72
N PHE E 95 -23.43 53.82 58.50
CA PHE E 95 -24.45 53.20 59.38
C PHE E 95 -25.50 52.48 58.53
N THR E 96 -25.80 53.01 57.34
CA THR E 96 -26.77 52.47 56.36
C THR E 96 -26.44 51.01 56.04
N SER E 97 -25.14 50.69 55.94
CA SER E 97 -24.60 49.33 55.69
C SER E 97 -24.69 48.49 56.98
N THR E 98 -24.13 49.01 58.08
CA THR E 98 -24.07 48.35 59.42
C THR E 98 -25.45 47.80 59.79
N ILE E 99 -26.48 48.65 59.75
CA ILE E 99 -27.86 48.33 60.24
C ILE E 99 -28.47 47.24 59.34
N ASN E 100 -28.16 47.23 58.05
CA ASN E 100 -28.70 46.27 57.06
C ASN E 100 -28.12 44.88 57.32
N GLU E 101 -26.87 44.81 57.80
CA GLU E 101 -26.21 43.54 58.23
C GLU E 101 -26.97 42.99 59.44
N LEU E 102 -27.21 43.83 60.45
CA LEU E 102 -27.94 43.47 61.70
C LEU E 102 -29.37 43.06 61.36
N ASN E 103 -29.98 43.68 60.34
CA ASN E 103 -31.34 43.36 59.84
C ASN E 103 -31.35 41.94 59.28
N HIS E 104 -30.43 41.63 58.36
CA HIS E 104 -30.26 40.31 57.71
C HIS E 104 -30.12 39.23 58.79
N CYS E 105 -29.28 39.48 59.79
CA CYS E 105 -28.97 38.55 60.91
C CYS E 105 -30.22 38.27 61.75
N LEU E 106 -31.17 39.21 61.79
CA LEU E 106 -32.42 39.14 62.60
C LEU E 106 -33.61 38.72 61.75
N SER E 107 -33.39 38.36 60.47
CA SER E 107 -34.46 38.00 59.50
C SER E 107 -35.28 36.81 60.02
N LEU E 108 -34.61 35.76 60.52
CA LEU E 108 -35.25 34.52 61.02
C LEU E 108 -34.91 34.29 62.50
N ARG E 109 -34.29 35.27 63.17
CA ARG E 109 -33.94 35.20 64.62
C ARG E 109 -34.89 36.10 65.40
N THR E 110 -35.38 35.63 66.56
CA THR E 110 -36.21 36.41 67.52
C THR E 110 -35.29 37.18 68.47
N TYR E 111 -34.39 36.45 69.15
CA TYR E 111 -33.19 37.00 69.85
C TYR E 111 -31.97 36.77 68.94
N LEU E 112 -30.89 37.53 69.16
CA LEU E 112 -29.65 37.51 68.35
C LEU E 112 -28.98 36.13 68.43
N VAL E 113 -29.12 35.44 69.57
CA VAL E 113 -28.44 34.13 69.83
C VAL E 113 -29.39 33.19 70.60
N GLY E 114 -29.85 32.14 69.93
CA GLY E 114 -30.33 30.88 70.54
C GLY E 114 -31.69 30.99 71.22
N ASN E 115 -32.61 31.78 70.66
CA ASN E 115 -34.03 31.88 71.09
C ASN E 115 -34.10 32.12 72.61
N SER E 116 -33.26 33.03 73.13
CA SER E 116 -33.18 33.42 74.56
C SER E 116 -32.33 34.69 74.68
N LEU E 117 -32.54 35.47 75.75
CA LEU E 117 -31.82 36.75 76.00
C LEU E 117 -30.35 36.46 76.26
N SER E 118 -29.46 37.07 75.46
CA SER E 118 -27.98 36.91 75.52
C SER E 118 -27.33 38.30 75.63
N LEU E 119 -26.04 38.34 75.97
CA LEU E 119 -25.25 39.61 76.05
C LEU E 119 -25.34 40.34 74.70
N ALA E 120 -25.31 39.58 73.60
CA ALA E 120 -25.50 40.08 72.21
C ALA E 120 -26.70 41.04 72.18
N ASP E 121 -27.87 40.55 72.60
CA ASP E 121 -29.15 41.33 72.62
C ASP E 121 -28.93 42.63 73.38
N LEU E 122 -28.33 42.56 74.58
CA LEU E 122 -28.13 43.72 75.49
C LEU E 122 -27.12 44.69 74.88
N CYS E 123 -25.89 44.24 74.63
CA CYS E 123 -24.74 45.07 74.18
C CYS E 123 -25.09 45.81 72.88
N VAL E 124 -25.81 45.15 71.96
CA VAL E 124 -26.23 45.73 70.65
C VAL E 124 -27.34 46.76 70.91
N TRP E 125 -28.43 46.36 71.57
CA TRP E 125 -29.63 47.20 71.85
C TRP E 125 -29.19 48.49 72.57
N ALA E 126 -28.35 48.35 73.59
CA ALA E 126 -27.80 49.46 74.41
C ALA E 126 -27.10 50.49 73.50
N THR E 127 -26.10 50.03 72.75
CA THR E 127 -25.31 50.85 71.80
C THR E 127 -26.23 51.43 70.73
N LEU E 128 -27.22 50.65 70.28
CA LEU E 128 -28.17 51.03 69.19
C LEU E 128 -29.08 52.15 69.69
N LYS E 129 -29.61 52.03 70.92
CA LYS E 129 -30.41 53.09 71.59
C LYS E 129 -29.56 54.37 71.72
N GLY E 130 -28.30 54.23 72.13
CA GLY E 130 -27.34 55.33 72.35
C GLY E 130 -26.91 56.00 71.05
N ASN E 131 -27.08 55.31 69.90
CA ASN E 131 -26.73 55.84 68.56
C ASN E 131 -27.76 56.89 68.13
N ALA E 132 -27.31 57.94 67.45
CA ALA E 132 -28.12 59.08 66.97
C ALA E 132 -28.84 58.69 65.68
N ALA E 133 -28.08 58.28 64.66
CA ALA E 133 -28.54 57.92 63.30
C ALA E 133 -29.68 56.88 63.37
N TRP E 134 -29.63 55.98 64.36
CA TRP E 134 -30.69 54.97 64.63
C TRP E 134 -32.01 55.68 64.93
N GLN E 135 -32.01 56.59 65.90
CA GLN E 135 -33.22 57.31 66.37
C GLN E 135 -33.79 58.17 65.23
N GLU E 136 -32.92 58.68 64.35
CA GLU E 136 -33.31 59.47 63.14
C GLU E 136 -34.02 58.54 62.15
N GLN E 137 -33.48 57.34 61.91
CA GLN E 137 -34.07 56.32 60.99
C GLN E 137 -35.48 55.92 61.47
N LEU E 138 -35.67 55.81 62.78
CA LEU E 138 -36.97 55.44 63.41
C LEU E 138 -38.00 56.54 63.16
N LYS E 139 -37.64 57.81 63.45
CA LYS E 139 -38.51 59.01 63.26
C LYS E 139 -38.90 59.12 61.78
N GLN E 140 -37.92 59.01 60.87
CA GLN E 140 -38.12 59.13 59.41
C GLN E 140 -38.71 57.83 58.83
N LYS E 141 -38.83 56.79 59.67
CA LYS E 141 -39.45 55.48 59.32
C LYS E 141 -38.71 54.86 58.12
N LYS E 142 -37.36 54.93 58.14
CA LYS E 142 -36.47 54.27 57.15
C LYS E 142 -35.62 53.20 57.85
N ALA E 143 -35.99 52.84 59.09
CA ALA E 143 -35.36 51.76 59.88
C ALA E 143 -35.82 50.40 59.34
N PRO E 144 -34.90 49.43 59.11
CA PRO E 144 -35.29 48.11 58.61
C PRO E 144 -36.34 47.40 59.46
N VAL E 145 -37.08 46.47 58.85
CA VAL E 145 -38.27 45.80 59.46
C VAL E 145 -37.82 44.97 60.68
N HIS E 146 -36.93 44.01 60.46
CA HIS E 146 -36.52 42.97 61.45
C HIS E 146 -35.85 43.63 62.67
N VAL E 147 -35.08 44.70 62.47
CA VAL E 147 -34.34 45.41 63.56
C VAL E 147 -35.36 46.13 64.44
N LYS E 148 -36.31 46.85 63.81
CA LYS E 148 -37.38 47.62 64.48
C LYS E 148 -38.17 46.68 65.40
N ARG E 149 -38.66 45.56 64.86
CA ARG E 149 -39.47 44.55 65.60
C ARG E 149 -38.65 44.01 66.78
N TRP E 150 -37.37 43.73 66.57
CA TRP E 150 -36.44 43.22 67.61
C TRP E 150 -36.23 44.29 68.68
N PHE E 151 -35.97 45.54 68.26
CA PHE E 151 -35.74 46.70 69.15
C PHE E 151 -37.00 46.98 69.99
N GLY E 152 -38.17 46.93 69.34
CA GLY E 152 -39.49 47.11 69.99
C GLY E 152 -39.75 46.03 71.03
N PHE E 153 -39.34 44.80 70.74
CA PHE E 153 -39.55 43.61 71.61
C PHE E 153 -38.66 43.71 72.86
N LEU E 154 -37.42 44.18 72.70
CA LEU E 154 -36.45 44.33 73.82
C LEU E 154 -36.81 45.55 74.68
N GLU E 155 -37.24 46.65 74.06
CA GLU E 155 -37.70 47.87 74.77
C GLU E 155 -38.87 47.52 75.70
N ALA E 156 -39.69 46.54 75.30
CA ALA E 156 -40.84 46.03 76.10
C ALA E 156 -40.34 45.22 77.30
N GLN E 157 -39.38 44.33 77.08
CA GLN E 157 -38.83 43.42 78.13
C GLN E 157 -37.91 44.19 79.09
N LEU E 158 -37.25 45.25 78.61
CA LEU E 158 -36.21 46.00 79.38
C LEU E 158 -36.82 47.24 80.06
N GLU E 159 -38.11 47.50 79.89
CA GLU E 159 -38.81 48.71 80.41
C GLU E 159 -40.31 48.46 80.49
N THR F 3 45.11 43.83 -40.99
CA THR F 3 45.14 45.03 -40.08
C THR F 3 45.05 44.58 -38.62
N LEU F 4 44.32 43.49 -38.36
CA LEU F 4 44.06 42.90 -37.02
C LEU F 4 45.01 41.73 -36.80
N SER F 5 45.57 41.61 -35.59
CA SER F 5 46.52 40.54 -35.18
C SER F 5 46.15 40.03 -33.79
N LEU F 6 46.21 38.71 -33.58
CA LEU F 6 45.92 38.03 -32.28
C LEU F 6 47.09 37.12 -31.92
N THR F 7 47.71 37.35 -30.76
CA THR F 7 48.72 36.46 -30.13
C THR F 7 48.02 35.62 -29.06
N VAL F 8 48.19 34.30 -29.10
CA VAL F 8 47.48 33.31 -28.23
C VAL F 8 48.51 32.58 -27.36
N ASN F 9 48.13 32.25 -26.12
CA ASN F 9 48.91 31.35 -25.23
C ASN F 9 48.92 29.96 -25.86
N SER F 10 50.06 29.56 -26.44
CA SER F 10 50.27 28.23 -27.07
C SER F 10 50.16 27.12 -26.02
N GLY F 11 50.61 27.41 -24.78
CA GLY F 11 50.54 26.51 -23.62
C GLY F 11 49.11 26.11 -23.29
N ASP F 12 48.16 27.03 -23.47
CA ASP F 12 46.70 26.81 -23.24
C ASP F 12 45.91 27.67 -24.23
N PRO F 13 45.59 27.17 -25.44
CA PRO F 13 44.92 27.97 -26.46
C PRO F 13 43.52 28.42 -26.07
N PRO F 14 43.12 29.68 -26.34
CA PRO F 14 41.74 30.13 -26.12
C PRO F 14 40.83 29.58 -27.23
N LEU F 15 40.23 28.40 -26.98
CA LEU F 15 39.51 27.58 -27.99
C LEU F 15 38.40 28.42 -28.65
N GLY F 16 37.57 29.07 -27.82
CA GLY F 16 36.42 29.89 -28.26
C GLY F 16 36.84 31.05 -29.13
N ALA F 17 37.93 31.72 -28.77
CA ALA F 17 38.51 32.86 -29.51
C ALA F 17 38.84 32.44 -30.95
N LEU F 18 39.55 31.32 -31.11
CA LEU F 18 39.98 30.77 -32.42
C LEU F 18 38.74 30.50 -33.29
N LEU F 19 37.75 29.81 -32.71
CA LEU F 19 36.45 29.49 -33.38
C LEU F 19 35.79 30.78 -33.86
N ALA F 20 35.82 31.83 -33.04
CA ALA F 20 35.33 33.18 -33.38
C ALA F 20 36.14 33.75 -34.54
N VAL F 21 37.47 33.69 -34.45
CA VAL F 21 38.42 34.21 -35.48
C VAL F 21 38.08 33.57 -36.83
N GLU F 22 37.77 32.28 -36.85
CA GLU F 22 37.46 31.50 -38.08
C GLU F 22 36.16 32.00 -38.72
N HIS F 23 35.24 32.59 -37.93
CA HIS F 23 33.90 33.05 -38.37
C HIS F 23 33.92 34.54 -38.75
N VAL F 24 35.05 35.24 -38.55
CA VAL F 24 35.21 36.69 -38.89
C VAL F 24 36.24 36.86 -40.01
N LYS F 25 36.88 35.78 -40.47
CA LYS F 25 37.86 35.79 -41.59
C LYS F 25 37.20 36.36 -42.85
N ASP F 26 35.91 36.06 -43.06
CA ASP F 26 35.11 36.51 -44.23
C ASP F 26 34.94 38.03 -44.19
N ASP F 27 34.75 38.60 -42.99
CA ASP F 27 34.37 40.02 -42.79
C ASP F 27 35.62 40.90 -42.80
N VAL F 28 36.47 40.79 -41.75
CA VAL F 28 37.66 41.69 -41.54
C VAL F 28 38.93 40.83 -41.51
N SER F 29 40.00 41.34 -42.15
CA SER F 29 41.32 40.67 -42.28
C SER F 29 41.99 40.59 -40.90
N ILE F 30 42.16 39.37 -40.37
CA ILE F 30 42.77 39.09 -39.04
C ILE F 30 43.81 37.97 -39.19
N SER F 31 44.97 38.13 -38.52
CA SER F 31 46.10 37.17 -38.53
C SER F 31 46.23 36.50 -37.15
N VAL F 32 46.86 35.32 -37.10
CA VAL F 32 47.08 34.52 -35.86
C VAL F 32 48.58 34.30 -35.68
N GLU F 33 49.16 34.91 -34.62
CA GLU F 33 50.51 34.59 -34.09
C GLU F 33 50.34 33.67 -32.88
N GLU F 34 51.41 32.97 -32.48
CA GLU F 34 51.44 32.09 -31.28
C GLU F 34 52.51 32.61 -30.31
N GLY F 35 52.12 32.92 -29.08
CA GLY F 35 52.98 33.49 -28.03
C GLY F 35 52.78 32.81 -26.68
N LYS F 36 52.90 33.57 -25.59
CA LYS F 36 52.85 33.06 -24.19
C LYS F 36 51.55 33.49 -23.49
N GLU F 37 50.79 34.42 -24.06
CA GLU F 37 49.51 34.92 -23.49
C GLU F 37 48.57 35.39 -24.61
N ASN F 38 47.28 35.55 -24.28
CA ASN F 38 46.20 35.99 -25.20
C ASN F 38 46.18 37.51 -25.27
N ILE F 39 46.56 38.07 -26.43
CA ILE F 39 46.56 39.55 -26.71
C ILE F 39 46.03 39.77 -28.13
N LEU F 40 44.93 40.51 -28.27
CA LEU F 40 44.39 40.96 -29.59
C LEU F 40 44.92 42.37 -29.88
N HIS F 41 45.88 42.48 -30.80
CA HIS F 41 46.52 43.76 -31.24
C HIS F 41 45.64 44.38 -32.33
N VAL F 42 44.87 45.41 -31.97
CA VAL F 42 43.93 46.15 -32.87
C VAL F 42 44.67 47.37 -33.45
N SER F 43 45.17 48.24 -32.57
CA SER F 43 45.98 49.45 -32.88
C SER F 43 47.26 49.44 -32.04
N GLU F 44 48.08 50.50 -32.15
CA GLU F 44 49.30 50.69 -31.32
C GLU F 44 48.89 51.01 -29.88
N ASN F 45 47.71 51.60 -29.69
CA ASN F 45 47.15 52.04 -28.39
C ASN F 45 46.10 51.05 -27.88
N VAL F 46 45.51 50.24 -28.77
CA VAL F 46 44.32 49.38 -28.48
C VAL F 46 44.74 47.91 -28.40
N ILE F 47 44.77 47.34 -27.19
CA ILE F 47 45.02 45.89 -26.92
C ILE F 47 43.98 45.39 -25.91
N PHE F 48 43.76 44.07 -25.85
CA PHE F 48 42.81 43.40 -24.93
C PHE F 48 43.44 42.10 -24.40
N THR F 49 43.51 41.96 -23.06
CA THR F 49 44.09 40.79 -22.35
C THR F 49 42.99 39.75 -22.09
N ASP F 50 41.84 40.20 -21.58
CA ASP F 50 40.71 39.32 -21.17
C ASP F 50 40.16 38.61 -22.41
N VAL F 51 39.85 37.31 -22.27
CA VAL F 51 39.33 36.44 -23.37
C VAL F 51 37.99 37.00 -23.87
N ASN F 52 37.09 37.40 -22.96
CA ASN F 52 35.73 37.89 -23.27
C ASN F 52 35.82 39.20 -24.06
N SER F 53 36.72 40.11 -23.65
CA SER F 53 37.02 41.40 -24.34
C SER F 53 37.33 41.12 -25.82
N ILE F 54 38.18 40.12 -26.08
CA ILE F 54 38.60 39.70 -27.45
C ILE F 54 37.35 39.24 -28.22
N LEU F 55 36.61 38.29 -27.65
CA LEU F 55 35.36 37.72 -28.24
C LEU F 55 34.41 38.86 -28.61
N ARG F 56 34.14 39.75 -27.64
CA ARG F 56 33.19 40.89 -27.79
C ARG F 56 33.59 41.77 -28.98
N TYR F 57 34.87 42.16 -29.07
CA TYR F 57 35.39 43.07 -30.13
C TYR F 57 35.14 42.42 -31.50
N LEU F 58 35.59 41.18 -31.66
CA LEU F 58 35.52 40.41 -32.95
C LEU F 58 34.07 40.37 -33.46
N ALA F 59 33.13 40.02 -32.57
CA ALA F 59 31.69 39.89 -32.89
C ALA F 59 31.10 41.25 -33.29
N ARG F 60 31.55 42.33 -32.64
CA ARG F 60 31.08 43.73 -32.89
C ARG F 60 31.60 44.22 -34.24
N VAL F 61 32.91 44.03 -34.50
CA VAL F 61 33.59 44.52 -35.75
C VAL F 61 33.16 43.67 -36.94
N ALA F 62 32.96 42.36 -36.74
CA ALA F 62 32.39 41.42 -37.75
C ALA F 62 30.88 41.64 -37.84
N THR F 63 30.47 42.66 -38.61
CA THR F 63 29.07 43.17 -38.69
C THR F 63 28.17 42.13 -39.37
N THR F 64 28.59 41.61 -40.54
CA THR F 64 27.81 40.69 -41.39
C THR F 64 27.63 39.34 -40.70
N ALA F 65 28.61 38.92 -39.89
CA ALA F 65 28.59 37.67 -39.09
C ALA F 65 27.35 37.65 -38.20
N GLY F 66 27.11 38.74 -37.46
CA GLY F 66 25.95 38.92 -36.56
C GLY F 66 26.03 38.03 -35.35
N LEU F 67 27.22 37.90 -34.76
CA LEU F 67 27.52 36.96 -33.63
C LEU F 67 27.08 37.58 -32.30
N TYR F 68 26.70 38.87 -32.29
CA TYR F 68 26.26 39.60 -31.07
C TYR F 68 24.76 39.88 -31.16
N GLY F 69 24.01 39.00 -31.83
CA GLY F 69 22.53 39.01 -31.84
C GLY F 69 21.96 40.01 -32.81
N SER F 70 20.66 40.34 -32.65
CA SER F 70 19.86 41.18 -33.58
C SER F 70 19.04 42.23 -32.80
N ASN F 71 19.44 42.56 -31.56
CA ASN F 71 18.77 43.54 -30.68
C ASN F 71 19.49 43.59 -29.33
N LEU F 72 19.07 44.50 -28.43
CA LEU F 72 19.66 44.67 -27.07
C LEU F 72 19.36 43.43 -26.21
N MET F 73 18.20 42.80 -26.43
CA MET F 73 17.75 41.63 -25.63
C MET F 73 18.70 40.45 -25.88
N GLU F 74 18.89 40.06 -27.15
CA GLU F 74 19.82 39.00 -27.59
C GLU F 74 21.26 39.40 -27.21
N HIS F 75 21.59 40.68 -27.40
CA HIS F 75 22.88 41.32 -27.02
C HIS F 75 23.19 41.01 -25.55
N THR F 76 22.18 41.13 -24.67
CA THR F 76 22.31 40.94 -23.20
C THR F 76 22.39 39.44 -22.87
N GLU F 77 21.54 38.62 -23.48
CA GLU F 77 21.54 37.14 -23.35
C GLU F 77 22.97 36.62 -23.52
N ILE F 78 23.67 37.12 -24.55
CA ILE F 78 25.07 36.72 -24.90
C ILE F 78 26.01 37.11 -23.75
N ASP F 79 25.92 38.34 -23.26
CA ASP F 79 26.74 38.85 -22.12
C ASP F 79 26.60 37.89 -20.93
N HIS F 80 25.38 37.39 -20.68
CA HIS F 80 25.07 36.41 -19.60
C HIS F 80 25.89 35.13 -19.82
N TRP F 81 25.86 34.59 -21.04
CA TRP F 81 26.48 33.29 -21.40
C TRP F 81 28.02 33.40 -21.37
N LEU F 82 28.57 34.58 -21.70
CA LEU F 82 30.03 34.85 -21.59
C LEU F 82 30.46 34.72 -20.13
N GLU F 83 29.70 35.34 -19.21
CA GLU F 83 29.94 35.25 -17.75
C GLU F 83 29.70 33.82 -17.27
N PHE F 84 28.63 33.18 -17.76
CA PHE F 84 28.25 31.78 -17.43
C PHE F 84 29.42 30.85 -17.74
N SER F 85 29.90 30.89 -18.99
CA SER F 85 31.03 30.05 -19.50
C SER F 85 32.30 30.32 -18.68
N ALA F 86 32.60 31.60 -18.44
CA ALA F 86 33.85 32.08 -17.80
C ALA F 86 33.94 31.62 -16.34
N THR F 87 32.81 31.35 -15.68
CA THR F 87 32.73 31.06 -14.22
C THR F 87 32.23 29.62 -13.98
N LYS F 88 30.95 29.36 -14.26
CA LYS F 88 30.23 28.13 -13.82
C LYS F 88 30.70 26.90 -14.61
N LEU F 89 31.11 27.07 -15.87
CA LEU F 89 31.62 25.96 -16.74
C LEU F 89 33.14 25.84 -16.61
N SER F 90 33.85 26.98 -16.47
CA SER F 90 35.33 27.05 -16.30
C SER F 90 35.76 26.24 -15.07
N SER F 91 34.91 26.21 -14.03
CA SER F 91 35.07 25.34 -12.83
C SER F 91 34.19 24.09 -13.01
N CYS F 92 34.60 22.97 -12.40
CA CYS F 92 33.83 21.69 -12.37
C CYS F 92 33.20 21.49 -10.98
N ASP F 93 33.12 22.57 -10.18
CA ASP F 93 32.47 22.58 -8.84
C ASP F 93 30.95 22.67 -9.03
N SER F 94 30.21 21.72 -8.44
CA SER F 94 28.73 21.54 -8.57
C SER F 94 28.32 21.62 -10.05
N PHE F 95 29.04 20.88 -10.91
CA PHE F 95 28.85 20.82 -12.38
C PHE F 95 27.48 20.18 -12.70
N THR F 96 27.05 19.23 -11.87
CA THR F 96 25.76 18.48 -12.00
C THR F 96 24.60 19.49 -12.07
N SER F 97 24.68 20.58 -11.29
CA SER F 97 23.69 21.68 -11.26
C SER F 97 23.86 22.56 -12.50
N THR F 98 25.08 23.06 -12.73
CA THR F 98 25.45 23.98 -13.85
C THR F 98 24.89 23.44 -15.18
N ILE F 99 25.19 22.18 -15.50
CA ILE F 99 24.87 21.55 -16.81
C ILE F 99 23.35 21.44 -16.96
N ASN F 100 22.62 21.20 -15.86
CA ASN F 100 21.15 21.02 -15.86
C ASN F 100 20.46 22.36 -16.15
N GLU F 101 21.07 23.48 -15.72
CA GLU F 101 20.60 24.86 -16.06
C GLU F 101 20.74 25.06 -17.57
N LEU F 102 21.92 24.75 -18.12
CA LEU F 102 22.23 24.89 -19.57
C LEU F 102 21.31 23.98 -20.39
N ASN F 103 20.96 22.81 -19.84
CA ASN F 103 20.01 21.84 -20.46
C ASN F 103 18.63 22.48 -20.58
N HIS F 104 18.09 22.99 -19.46
CA HIS F 104 16.78 23.67 -19.38
C HIS F 104 16.71 24.79 -20.41
N CYS F 105 17.76 25.62 -20.49
CA CYS F 105 17.88 26.79 -21.40
C CYS F 105 17.84 26.34 -22.88
N LEU F 106 18.27 25.10 -23.17
CA LEU F 106 18.38 24.54 -24.54
C LEU F 106 17.19 23.61 -24.84
N SER F 107 16.20 23.54 -23.95
CA SER F 107 15.02 22.64 -24.08
C SER F 107 14.24 22.95 -25.37
N LEU F 108 14.01 24.24 -25.65
CA LEU F 108 13.23 24.70 -26.84
C LEU F 108 14.10 25.60 -27.74
N ARG F 109 15.41 25.69 -27.48
CA ARG F 109 16.37 26.49 -28.28
C ARG F 109 17.24 25.55 -29.11
N THR F 110 17.48 25.90 -30.40
CA THR F 110 18.40 25.17 -31.32
C THR F 110 19.82 25.72 -31.13
N TYR F 111 19.98 27.03 -31.29
CA TYR F 111 21.15 27.82 -30.83
C TYR F 111 20.78 28.51 -29.52
N LEU F 112 21.79 28.91 -28.72
CA LEU F 112 21.60 29.54 -27.39
C LEU F 112 20.87 30.89 -27.51
N VAL F 113 21.04 31.60 -28.63
CA VAL F 113 20.45 32.95 -28.85
C VAL F 113 19.99 33.09 -30.31
N GLY F 114 18.67 33.15 -30.52
CA GLY F 114 18.01 33.77 -31.68
C GLY F 114 18.12 32.95 -32.96
N ASN F 115 18.07 31.62 -32.87
CA ASN F 115 18.00 30.69 -34.02
C ASN F 115 19.11 31.02 -35.04
N SER F 116 20.33 31.27 -34.55
CA SER F 116 21.54 31.59 -35.36
C SER F 116 22.78 31.51 -34.46
N LEU F 117 23.95 31.26 -35.05
CA LEU F 117 25.24 31.10 -34.32
C LEU F 117 25.63 32.45 -33.69
N SER F 118 25.81 32.45 -32.36
CA SER F 118 26.17 33.62 -31.53
C SER F 118 27.42 33.31 -30.72
N LEU F 119 28.06 34.34 -30.12
CA LEU F 119 29.24 34.18 -29.23
C LEU F 119 28.89 33.21 -28.10
N ALA F 120 27.67 33.29 -27.59
CA ALA F 120 27.11 32.38 -26.57
C ALA F 120 27.42 30.92 -26.96
N ASP F 121 27.00 30.51 -28.15
CA ASP F 121 27.20 29.15 -28.70
C ASP F 121 28.69 28.79 -28.64
N LEU F 122 29.56 29.68 -29.11
CA LEU F 122 31.03 29.46 -29.22
C LEU F 122 31.64 29.39 -27.81
N CYS F 123 31.51 30.47 -27.02
CA CYS F 123 32.16 30.65 -25.70
C CYS F 123 31.78 29.50 -24.76
N VAL F 124 30.52 29.05 -24.80
CA VAL F 124 29.99 27.94 -23.96
C VAL F 124 30.58 26.61 -24.46
N TRP F 125 30.37 26.29 -25.75
CA TRP F 125 30.82 25.03 -26.40
C TRP F 125 32.32 24.83 -26.18
N ALA F 126 33.11 25.88 -26.41
CA ALA F 126 34.59 25.90 -26.24
C ALA F 126 34.96 25.49 -24.82
N THR F 127 34.45 26.22 -23.82
CA THR F 127 34.67 25.96 -22.37
C THR F 127 34.16 24.56 -22.01
N LEU F 128 33.02 24.16 -22.58
CA LEU F 128 32.35 22.87 -22.29
C LEU F 128 33.20 21.71 -22.83
N LYS F 129 33.73 21.84 -24.05
CA LYS F 129 34.67 20.86 -24.64
C LYS F 129 35.93 20.77 -23.75
N GLY F 130 36.45 21.91 -23.31
CA GLY F 130 37.66 22.02 -22.47
C GLY F 130 37.46 21.49 -21.06
N ASN F 131 36.21 21.36 -20.60
CA ASN F 131 35.85 20.83 -19.26
C ASN F 131 36.04 19.31 -19.25
N ALA F 132 36.51 18.77 -18.12
CA ALA F 132 36.79 17.33 -17.90
C ALA F 132 35.50 16.58 -17.60
N ALA F 133 34.78 17.02 -16.55
CA ALA F 133 33.53 16.41 -16.03
C ALA F 133 32.51 16.23 -17.16
N TRP F 134 32.48 17.16 -18.12
CA TRP F 134 31.61 17.09 -19.32
C TRP F 134 31.92 15.82 -20.12
N GLN F 135 33.19 15.62 -20.48
CA GLN F 135 33.67 14.49 -21.33
C GLN F 135 33.40 13.17 -20.60
N GLU F 136 33.47 13.18 -19.27
CA GLU F 136 33.18 12.00 -18.40
C GLU F 136 31.68 11.68 -18.47
N GLN F 137 30.81 12.70 -18.37
CA GLN F 137 29.33 12.55 -18.45
C GLN F 137 28.94 11.95 -19.81
N LEU F 138 29.61 12.36 -20.89
CA LEU F 138 29.35 11.86 -22.28
C LEU F 138 29.69 10.38 -22.37
N LYS F 139 30.88 9.99 -21.92
CA LYS F 139 31.37 8.57 -21.94
C LYS F 139 30.43 7.70 -21.10
N GLN F 140 30.09 8.14 -19.89
CA GLN F 140 29.20 7.40 -18.94
C GLN F 140 27.73 7.56 -19.34
N LYS F 141 27.45 8.38 -20.35
CA LYS F 141 26.10 8.60 -20.95
C LYS F 141 25.14 9.07 -19.85
N LYS F 142 25.58 10.01 -19.01
CA LYS F 142 24.76 10.71 -17.98
C LYS F 142 24.66 12.20 -18.32
N ALA F 143 25.06 12.58 -19.53
CA ALA F 143 24.96 13.96 -20.07
C ALA F 143 23.51 14.23 -20.45
N PRO F 144 22.92 15.39 -20.06
CA PRO F 144 21.54 15.72 -20.40
C PRO F 144 21.25 15.69 -21.92
N VAL F 145 19.98 15.49 -22.28
CA VAL F 145 19.52 15.25 -23.68
C VAL F 145 19.82 16.49 -24.54
N HIS F 146 19.25 17.63 -24.16
CA HIS F 146 19.24 18.90 -24.94
C HIS F 146 20.67 19.42 -25.15
N VAL F 147 21.54 19.27 -24.15
CA VAL F 147 22.95 19.77 -24.20
C VAL F 147 23.73 18.90 -25.21
N LYS F 148 23.57 17.58 -25.11
CA LYS F 148 24.23 16.57 -25.99
C LYS F 148 23.90 16.90 -27.45
N ARG F 149 22.61 17.02 -27.77
CA ARG F 149 22.08 17.31 -29.13
C ARG F 149 22.68 18.63 -29.64
N TRP F 150 22.73 19.65 -28.78
CA TRP F 150 23.29 20.99 -29.10
C TRP F 150 24.79 20.88 -29.34
N PHE F 151 25.51 20.18 -28.46
CA PHE F 151 26.98 19.95 -28.52
C PHE F 151 27.32 19.17 -29.79
N GLY F 152 26.54 18.13 -30.08
CA GLY F 152 26.70 17.29 -31.30
C GLY F 152 26.49 18.09 -32.56
N PHE F 153 25.55 19.04 -32.55
CA PHE F 153 25.18 19.89 -33.71
C PHE F 153 26.30 20.91 -33.99
N LEU F 154 26.90 21.47 -32.94
CA LEU F 154 28.00 22.47 -33.05
C LEU F 154 29.31 21.78 -33.44
N GLU F 155 29.58 20.59 -32.88
CA GLU F 155 30.78 19.77 -33.21
C GLU F 155 30.77 19.45 -34.71
N ALA F 156 29.58 19.30 -35.31
CA ALA F 156 29.37 19.03 -36.76
C ALA F 156 29.70 20.29 -37.57
N GLN F 157 29.22 21.46 -37.15
CA GLN F 157 29.39 22.75 -37.86
C GLN F 157 30.82 23.28 -37.67
N LEU F 158 31.47 22.96 -36.55
CA LEU F 158 32.80 23.52 -36.15
C LEU F 158 33.95 22.58 -36.56
N GLU F 159 33.64 21.41 -37.14
CA GLU F 159 34.61 20.35 -37.54
C GLU F 159 35.59 20.09 -36.37
N ASP G 24 48.66 -50.78 -48.38
CA ASP G 24 47.39 -50.47 -47.65
C ASP G 24 46.58 -49.45 -48.46
N TYR G 25 45.36 -49.81 -48.85
CA TYR G 25 44.49 -49.01 -49.75
C TYR G 25 43.27 -48.44 -49.00
N ALA G 26 43.03 -48.89 -47.76
CA ALA G 26 41.90 -48.44 -46.91
C ALA G 26 42.40 -47.47 -45.84
N LYS G 27 43.61 -46.90 -46.01
CA LYS G 27 44.25 -46.00 -45.01
C LYS G 27 43.40 -44.76 -44.76
N GLU G 28 42.60 -44.36 -45.76
CA GLU G 28 41.65 -43.21 -45.68
C GLU G 28 40.41 -43.62 -44.87
N ARG G 29 40.02 -44.90 -44.94
CA ARG G 29 38.70 -45.41 -44.48
C ARG G 29 38.68 -45.66 -42.96
N TYR G 30 39.85 -45.74 -42.29
CA TYR G 30 39.94 -45.95 -40.83
C TYR G 30 40.95 -44.98 -40.20
N GLY G 31 41.02 -44.99 -38.86
CA GLY G 31 42.01 -44.25 -38.05
C GLY G 31 41.40 -43.61 -36.81
N ILE G 32 42.23 -43.07 -35.93
CA ILE G 32 41.83 -42.22 -34.76
C ILE G 32 41.59 -40.80 -35.29
N SER G 33 40.33 -40.44 -35.57
CA SER G 33 39.93 -39.11 -36.11
C SER G 33 40.22 -38.01 -35.07
N SER G 34 40.48 -36.79 -35.55
CA SER G 34 40.81 -35.59 -34.74
C SER G 34 39.72 -35.35 -33.70
N MET G 35 40.10 -34.95 -32.48
CA MET G 35 39.18 -34.59 -31.37
C MET G 35 38.09 -33.67 -31.92
N ILE G 36 36.82 -33.98 -31.62
CA ILE G 36 35.64 -33.22 -32.12
C ILE G 36 35.52 -31.92 -31.32
N GLN G 37 36.18 -30.86 -31.81
CA GLN G 37 36.15 -29.49 -31.22
C GLN G 37 35.12 -28.64 -31.98
N SER G 38 34.13 -29.28 -32.62
CA SER G 38 33.09 -28.61 -33.45
C SER G 38 33.76 -27.82 -34.58
N GLN G 39 34.47 -28.52 -35.46
CA GLN G 39 35.30 -27.95 -36.56
C GLN G 39 34.48 -27.94 -37.85
N GLU G 40 33.73 -29.02 -38.11
CA GLU G 40 32.95 -29.25 -39.36
C GLU G 40 31.48 -29.52 -38.98
N LYS G 41 30.56 -29.28 -39.92
CA LYS G 41 29.11 -29.63 -39.82
C LYS G 41 28.77 -30.60 -40.95
N PRO G 42 29.23 -31.87 -40.89
CA PRO G 42 29.13 -32.78 -42.02
C PRO G 42 27.68 -33.14 -42.37
N ASP G 43 27.37 -33.26 -43.67
CA ASP G 43 26.08 -33.78 -44.19
C ASP G 43 26.03 -35.29 -43.94
N ARG G 44 25.88 -35.68 -42.67
CA ARG G 44 25.97 -37.08 -42.18
C ARG G 44 24.78 -37.37 -41.25
N VAL G 45 24.16 -38.53 -41.40
CA VAL G 45 22.97 -38.96 -40.60
C VAL G 45 23.36 -40.20 -39.79
N LEU G 46 23.71 -40.01 -38.51
CA LEU G 46 24.09 -41.10 -37.57
C LEU G 46 22.82 -41.79 -37.06
N VAL G 47 22.37 -42.85 -37.73
CA VAL G 47 21.11 -43.57 -37.42
C VAL G 47 21.29 -44.34 -36.10
N ARG G 48 20.26 -44.34 -35.24
CA ARG G 48 20.25 -45.07 -33.94
C ARG G 48 20.27 -46.58 -34.23
N VAL G 49 20.89 -47.36 -33.33
CA VAL G 49 21.08 -48.83 -33.48
C VAL G 49 19.71 -49.52 -33.51
N ARG G 50 18.75 -49.05 -32.70
CA ARG G 50 17.37 -49.61 -32.61
C ARG G 50 16.68 -49.54 -33.98
N ASP G 51 17.05 -48.57 -34.83
CA ASP G 51 16.44 -48.33 -36.16
C ASP G 51 17.06 -49.25 -37.22
N LEU G 52 18.16 -49.95 -36.91
CA LEU G 52 18.78 -50.95 -37.82
C LEU G 52 17.98 -52.25 -37.78
N THR G 53 16.85 -52.27 -38.48
CA THR G 53 15.92 -53.44 -38.60
C THR G 53 15.96 -53.94 -40.04
N ILE G 54 15.21 -55.02 -40.32
CA ILE G 54 15.09 -55.66 -41.68
C ILE G 54 14.58 -54.64 -42.70
N GLN G 55 13.67 -53.74 -42.28
CA GLN G 55 13.05 -52.69 -43.14
C GLN G 55 14.14 -51.82 -43.80
N LYS G 56 15.28 -51.64 -43.13
CA LYS G 56 16.39 -50.74 -43.58
C LYS G 56 17.52 -51.58 -44.19
N ALA G 57 17.20 -52.74 -44.78
CA ALA G 57 18.18 -53.68 -45.37
C ALA G 57 18.74 -53.12 -46.68
N ASP G 58 19.99 -53.45 -46.99
CA ASP G 58 20.72 -53.09 -48.23
C ASP G 58 20.75 -51.56 -48.38
N GLU G 59 21.04 -50.84 -47.29
CA GLU G 59 21.14 -49.36 -47.26
C GLU G 59 22.51 -48.96 -46.68
N VAL G 60 23.12 -47.91 -47.25
CA VAL G 60 24.40 -47.31 -46.77
C VAL G 60 24.06 -46.34 -45.63
N VAL G 61 24.34 -46.72 -44.39
CA VAL G 61 23.99 -45.95 -43.15
C VAL G 61 25.28 -45.64 -42.37
N TRP G 62 25.28 -44.51 -41.67
CA TRP G 62 26.31 -44.12 -40.66
C TRP G 62 25.78 -44.46 -39.26
N VAL G 63 26.64 -44.97 -38.38
CA VAL G 63 26.30 -45.32 -36.97
C VAL G 63 27.44 -44.86 -36.07
N ARG G 64 27.12 -44.09 -35.02
CA ARG G 64 28.05 -43.80 -33.90
C ARG G 64 27.63 -44.65 -32.70
N ALA G 65 28.47 -45.63 -32.34
CA ALA G 65 28.24 -46.58 -31.22
C ALA G 65 29.56 -46.84 -30.49
N ARG G 66 29.48 -47.56 -29.37
CA ARG G 66 30.66 -48.05 -28.62
C ARG G 66 30.96 -49.50 -29.05
N VAL G 67 32.22 -49.92 -28.93
CA VAL G 67 32.66 -51.32 -29.19
C VAL G 67 32.48 -52.12 -27.90
N HIS G 68 31.39 -52.87 -27.79
CA HIS G 68 31.03 -53.70 -26.61
C HIS G 68 32.05 -54.84 -26.47
N THR G 69 32.19 -55.66 -27.53
CA THR G 69 33.17 -56.77 -27.64
C THR G 69 33.59 -56.91 -29.11
N SER G 70 34.86 -57.24 -29.37
CA SER G 70 35.51 -57.25 -30.71
C SER G 70 36.33 -58.53 -30.89
N ARG G 71 35.70 -59.61 -31.36
CA ARG G 71 36.36 -60.92 -31.62
C ARG G 71 36.79 -60.96 -33.09
N ALA G 72 38.01 -61.44 -33.35
CA ALA G 72 38.65 -61.47 -34.68
C ALA G 72 39.40 -62.79 -34.88
N LYS G 73 39.34 -63.36 -36.09
CA LYS G 73 40.16 -64.52 -36.52
C LYS G 73 40.64 -64.31 -37.97
N GLY G 74 41.91 -63.93 -38.14
CA GLY G 74 42.59 -63.84 -39.44
C GLY G 74 41.97 -62.80 -40.35
N LYS G 75 41.23 -63.25 -41.37
CA LYS G 75 40.70 -62.40 -42.47
C LYS G 75 39.49 -61.59 -42.01
N GLN G 76 38.75 -62.08 -41.00
CA GLN G 76 37.50 -61.46 -40.51
C GLN G 76 37.68 -60.88 -39.10
N CYS G 77 36.97 -59.79 -38.79
CA CYS G 77 36.83 -59.19 -37.43
C CYS G 77 35.36 -58.81 -37.20
N PHE G 78 34.69 -59.44 -36.22
CA PHE G 78 33.32 -59.08 -35.81
C PHE G 78 33.37 -58.18 -34.57
N LEU G 79 32.53 -57.13 -34.57
CA LEU G 79 32.33 -56.18 -33.44
C LEU G 79 30.86 -56.21 -33.00
N VAL G 80 30.62 -55.96 -31.71
CA VAL G 80 29.26 -55.72 -31.15
C VAL G 80 29.14 -54.21 -30.88
N LEU G 81 28.58 -53.46 -31.84
CA LEU G 81 28.35 -52.00 -31.72
C LEU G 81 27.13 -51.79 -30.81
N ARG G 82 27.34 -51.19 -29.63
CA ARG G 82 26.29 -50.98 -28.59
C ARG G 82 25.95 -49.50 -28.47
N GLN G 83 24.70 -49.21 -28.12
CA GLN G 83 24.14 -47.85 -27.92
C GLN G 83 22.89 -47.96 -27.04
N GLN G 84 22.92 -47.34 -25.85
CA GLN G 84 21.83 -47.29 -24.84
C GLN G 84 21.07 -48.62 -24.80
N GLN G 85 21.70 -49.67 -24.27
CA GLN G 85 21.10 -51.01 -23.98
C GLN G 85 20.59 -51.69 -25.27
N PHE G 86 21.02 -51.23 -26.45
CA PHE G 86 20.79 -51.88 -27.77
C PHE G 86 22.15 -52.14 -28.42
N ASN G 87 22.30 -53.28 -29.11
CA ASN G 87 23.57 -53.68 -29.77
C ASN G 87 23.26 -54.40 -31.09
N VAL G 88 24.15 -54.24 -32.08
CA VAL G 88 24.08 -54.90 -33.43
C VAL G 88 25.44 -55.54 -33.71
N GLN G 89 25.46 -56.60 -34.54
CA GLN G 89 26.70 -57.29 -34.98
C GLN G 89 27.25 -56.58 -36.23
N ALA G 90 28.42 -55.95 -36.10
CA ALA G 90 29.18 -55.32 -37.21
C ALA G 90 30.30 -56.25 -37.65
N LEU G 91 30.61 -56.27 -38.95
CA LEU G 91 31.59 -57.20 -39.57
C LEU G 91 32.54 -56.42 -40.50
N VAL G 92 33.85 -56.49 -40.23
CA VAL G 92 34.92 -55.91 -41.10
C VAL G 92 35.59 -57.08 -41.85
N ALA G 93 35.20 -57.27 -43.12
CA ALA G 93 35.71 -58.33 -44.01
C ALA G 93 36.66 -57.73 -45.05
N VAL G 94 37.88 -58.29 -45.17
CA VAL G 94 38.85 -58.00 -46.27
C VAL G 94 38.20 -58.40 -47.59
N GLY G 95 38.37 -57.57 -48.63
CA GLY G 95 37.84 -57.83 -49.99
C GLY G 95 37.64 -56.55 -50.78
N ASP G 96 36.41 -56.32 -51.23
CA ASP G 96 36.03 -55.16 -52.11
C ASP G 96 35.89 -53.89 -51.26
N HIS G 97 35.87 -54.02 -49.93
CA HIS G 97 35.54 -52.94 -48.97
C HIS G 97 36.78 -52.54 -48.16
N ALA G 98 37.28 -53.44 -47.29
CA ALA G 98 38.34 -53.15 -46.29
C ALA G 98 39.64 -53.86 -46.65
N SER G 99 40.76 -53.40 -46.07
CA SER G 99 42.12 -53.98 -46.21
C SER G 99 42.46 -54.81 -44.97
N LYS G 100 43.64 -55.42 -44.94
CA LYS G 100 44.11 -56.30 -43.83
C LYS G 100 44.46 -55.44 -42.61
N GLN G 101 45.05 -54.24 -42.81
CA GLN G 101 45.47 -53.31 -41.73
C GLN G 101 44.24 -52.68 -41.06
N MET G 102 43.12 -52.58 -41.80
CA MET G 102 41.83 -52.05 -41.29
C MET G 102 41.20 -53.06 -40.34
N VAL G 103 41.16 -54.33 -40.75
CA VAL G 103 40.68 -55.49 -39.92
C VAL G 103 41.58 -55.61 -38.69
N LYS G 104 42.90 -55.43 -38.87
CA LYS G 104 43.91 -55.40 -37.78
C LYS G 104 43.55 -54.29 -36.79
N PHE G 105 43.33 -53.07 -37.30
CA PHE G 105 42.99 -51.86 -36.51
C PHE G 105 41.64 -52.05 -35.80
N ALA G 106 40.67 -52.67 -36.50
CA ALA G 106 39.28 -52.90 -36.01
C ALA G 106 39.30 -53.73 -34.72
N ALA G 107 40.11 -54.80 -34.69
CA ALA G 107 40.29 -55.70 -33.53
C ALA G 107 41.16 -55.02 -32.46
N ASN G 108 42.01 -54.07 -32.86
CA ASN G 108 42.95 -53.33 -31.98
C ASN G 108 42.23 -52.18 -31.26
N ILE G 109 41.02 -51.81 -31.69
CA ILE G 109 40.18 -50.79 -31.00
C ILE G 109 39.86 -51.30 -29.60
N ASN G 110 40.29 -50.57 -28.57
CA ASN G 110 40.11 -50.93 -27.13
C ASN G 110 38.61 -50.96 -26.78
N LYS G 111 38.25 -51.68 -25.73
CA LYS G 111 36.86 -51.87 -25.26
C LYS G 111 36.25 -50.51 -24.86
N GLU G 112 35.01 -50.27 -25.27
CA GLU G 112 34.15 -49.12 -24.85
C GLU G 112 34.46 -47.85 -25.66
N SER G 113 35.48 -47.88 -26.53
CA SER G 113 35.82 -46.77 -27.45
C SER G 113 34.61 -46.48 -28.34
N ILE G 114 34.29 -45.19 -28.52
CA ILE G 114 33.16 -44.73 -29.38
C ILE G 114 33.70 -44.60 -30.81
N VAL G 115 32.95 -45.11 -31.80
CA VAL G 115 33.38 -45.20 -33.22
C VAL G 115 32.25 -44.71 -34.14
N ASP G 116 32.60 -43.90 -35.14
CA ASP G 116 31.72 -43.59 -36.31
C ASP G 116 31.93 -44.69 -37.36
N VAL G 117 30.85 -45.32 -37.79
CA VAL G 117 30.86 -46.51 -38.70
C VAL G 117 29.96 -46.22 -39.90
N GLU G 118 30.53 -46.19 -41.12
CA GLU G 118 29.79 -46.23 -42.40
C GLU G 118 29.72 -47.69 -42.87
N GLY G 119 28.55 -48.32 -42.75
CA GLY G 119 28.34 -49.73 -43.11
C GLY G 119 27.15 -49.91 -44.03
N VAL G 120 26.88 -51.17 -44.42
CA VAL G 120 25.69 -51.59 -45.22
C VAL G 120 24.92 -52.62 -44.41
N VAL G 121 23.64 -52.36 -44.12
CA VAL G 121 22.72 -53.31 -43.43
C VAL G 121 22.42 -54.46 -44.40
N ARG G 122 22.80 -55.69 -44.04
CA ARG G 122 22.55 -56.92 -44.85
C ARG G 122 21.79 -57.93 -44.00
N LYS G 123 20.70 -58.49 -44.53
CA LYS G 123 19.85 -59.52 -43.89
C LYS G 123 20.71 -60.75 -43.56
N VAL G 124 20.53 -61.34 -42.37
CA VAL G 124 21.30 -62.51 -41.87
C VAL G 124 20.52 -63.79 -42.20
N ASN G 125 21.24 -64.89 -42.46
CA ASN G 125 20.69 -66.22 -42.84
C ASN G 125 20.00 -66.85 -41.62
N GLN G 126 20.56 -66.62 -40.42
CA GLN G 126 20.01 -67.09 -39.12
C GLN G 126 20.01 -65.93 -38.12
N LYS G 127 19.04 -65.91 -37.19
CA LYS G 127 18.88 -64.89 -36.14
C LYS G 127 20.15 -64.79 -35.29
N ILE G 128 20.55 -63.56 -34.92
CA ILE G 128 21.69 -63.29 -33.99
C ILE G 128 21.11 -63.15 -32.58
N GLY G 129 20.89 -64.28 -31.89
CA GLY G 129 20.21 -64.37 -30.59
C GLY G 129 20.85 -63.49 -29.52
N SER G 130 22.17 -63.28 -29.61
CA SER G 130 22.97 -62.48 -28.64
C SER G 130 22.56 -61.00 -28.68
N CYS G 131 22.39 -60.43 -29.88
CA CYS G 131 22.10 -58.99 -30.12
C CYS G 131 20.59 -58.71 -30.05
N THR G 132 20.21 -57.44 -29.87
CA THR G 132 18.82 -56.93 -29.94
C THR G 132 18.39 -56.85 -31.41
N GLN G 133 19.31 -56.45 -32.29
CA GLN G 133 19.12 -56.43 -33.77
C GLN G 133 19.51 -57.80 -34.32
N GLN G 134 18.57 -58.75 -34.26
CA GLN G 134 18.74 -60.17 -34.66
C GLN G 134 18.52 -60.31 -36.17
N ASP G 135 17.75 -59.40 -36.76
CA ASP G 135 17.24 -59.48 -38.17
C ASP G 135 18.36 -59.18 -39.16
N VAL G 136 19.39 -58.43 -38.78
CA VAL G 136 20.43 -57.91 -39.71
C VAL G 136 21.80 -57.85 -39.01
N GLU G 137 22.86 -57.75 -39.82
CA GLU G 137 24.24 -57.40 -39.40
C GLU G 137 24.71 -56.21 -40.24
N LEU G 138 25.77 -55.53 -39.80
CA LEU G 138 26.31 -54.30 -40.45
C LEU G 138 27.65 -54.62 -41.12
N HIS G 139 27.66 -54.70 -42.46
CA HIS G 139 28.88 -54.89 -43.29
C HIS G 139 29.64 -53.56 -43.37
N VAL G 140 30.77 -53.46 -42.66
CA VAL G 140 31.54 -52.19 -42.44
C VAL G 140 32.24 -51.79 -43.74
N GLN G 141 32.31 -50.47 -44.00
CA GLN G 141 33.05 -49.84 -45.13
C GLN G 141 34.06 -48.82 -44.59
N LYS G 142 33.72 -48.13 -43.49
CA LYS G 142 34.62 -47.20 -42.75
C LYS G 142 34.45 -47.42 -41.23
N ILE G 143 35.51 -47.19 -40.45
CA ILE G 143 35.48 -47.19 -38.96
C ILE G 143 36.50 -46.16 -38.44
N TYR G 144 36.01 -45.10 -37.81
CA TYR G 144 36.85 -44.05 -37.15
C TYR G 144 36.57 -44.04 -35.64
N VAL G 145 37.62 -44.12 -34.84
CA VAL G 145 37.57 -43.96 -33.34
C VAL G 145 37.54 -42.46 -33.03
N ILE G 146 36.35 -41.92 -32.71
CA ILE G 146 36.16 -40.49 -32.34
C ILE G 146 36.56 -40.28 -30.88
N SER G 147 36.34 -41.29 -30.03
CA SER G 147 36.75 -41.33 -28.61
C SER G 147 37.47 -42.65 -28.32
N LEU G 148 38.79 -42.59 -28.10
CA LEU G 148 39.63 -43.78 -27.80
C LEU G 148 39.58 -44.06 -26.29
N ALA G 149 38.85 -45.11 -25.90
CA ALA G 149 38.82 -45.65 -24.53
C ALA G 149 40.18 -46.28 -24.20
N GLU G 150 40.71 -46.03 -23.01
CA GLU G 150 41.95 -46.67 -22.50
C GLU G 150 41.65 -48.16 -22.28
N PRO G 151 42.63 -49.07 -22.44
CA PRO G 151 42.35 -50.48 -22.69
C PRO G 151 41.49 -51.17 -21.60
N ARG G 152 42.00 -51.23 -20.37
CA ARG G 152 41.35 -52.01 -19.28
C ARG G 152 40.07 -51.28 -18.84
N LEU G 153 39.32 -51.88 -17.91
CA LEU G 153 38.02 -51.36 -17.39
C LEU G 153 37.93 -51.68 -15.90
N PRO G 154 37.73 -50.66 -15.03
CA PRO G 154 37.74 -50.89 -13.58
C PRO G 154 36.50 -51.65 -13.08
N LEU G 155 36.64 -52.35 -11.95
CA LEU G 155 35.52 -53.02 -11.22
C LEU G 155 35.89 -53.13 -9.74
N ARG G 180 34.63 -45.95 -5.90
CA ARG G 180 35.24 -44.89 -6.75
C ARG G 180 34.15 -44.24 -7.62
N LEU G 181 34.53 -43.19 -8.36
CA LEU G 181 33.60 -42.35 -9.17
C LEU G 181 33.47 -42.95 -10.58
N ASP G 182 34.62 -43.21 -11.22
CA ASP G 182 34.74 -43.79 -12.59
C ASP G 182 34.04 -45.16 -12.62
N ASN G 183 34.06 -45.88 -11.50
CA ASN G 183 33.30 -47.16 -11.30
C ASN G 183 31.84 -46.92 -11.69
N ARG G 184 31.19 -45.92 -11.09
CA ARG G 184 29.73 -45.66 -11.25
C ARG G 184 29.43 -45.29 -12.71
N VAL G 185 30.36 -44.61 -13.39
CA VAL G 185 30.20 -44.16 -14.80
C VAL G 185 29.98 -45.39 -15.69
N ILE G 186 30.82 -46.42 -15.53
CA ILE G 186 30.75 -47.69 -16.30
C ILE G 186 29.49 -48.46 -15.88
N ASP G 187 29.22 -48.52 -14.57
CA ASP G 187 28.09 -49.28 -13.98
C ASP G 187 26.78 -48.81 -14.61
N LEU G 188 26.64 -47.51 -14.91
CA LEU G 188 25.41 -46.90 -15.45
C LEU G 188 25.29 -47.15 -16.96
N ARG G 189 26.28 -47.82 -17.58
CA ARG G 189 26.22 -48.26 -19.01
C ARG G 189 25.56 -49.64 -19.10
N THR G 190 25.57 -50.42 -18.01
CA THR G 190 24.99 -51.79 -17.94
C THR G 190 23.51 -51.71 -18.33
N SER G 191 23.09 -52.56 -19.27
CA SER G 191 21.71 -52.60 -19.84
C SER G 191 20.67 -52.57 -18.72
N THR G 192 20.97 -53.16 -17.56
CA THR G 192 20.12 -53.12 -16.34
C THR G 192 19.95 -51.67 -15.87
N SER G 193 21.04 -51.02 -15.47
CA SER G 193 21.07 -49.62 -14.99
C SER G 193 20.34 -48.71 -15.99
N GLN G 194 20.76 -48.76 -17.26
CA GLN G 194 20.15 -48.00 -18.38
C GLN G 194 18.62 -48.16 -18.33
N ALA G 195 18.13 -49.39 -18.22
CA ALA G 195 16.69 -49.75 -18.24
C ALA G 195 16.00 -49.23 -16.97
N VAL G 196 16.63 -49.43 -15.80
CA VAL G 196 16.10 -49.02 -14.46
C VAL G 196 15.83 -47.52 -14.47
N PHE G 197 16.85 -46.73 -14.83
CA PHE G 197 16.87 -45.25 -14.66
C PHE G 197 16.11 -44.55 -15.79
N ARG G 198 16.05 -45.16 -16.98
CA ARG G 198 15.19 -44.68 -18.10
C ARG G 198 13.72 -44.90 -17.71
N LEU G 199 13.42 -45.97 -16.97
CA LEU G 199 12.07 -46.29 -16.45
C LEU G 199 11.74 -45.36 -15.28
N GLN G 200 12.72 -45.06 -14.42
CA GLN G 200 12.56 -44.17 -13.25
C GLN G 200 12.19 -42.76 -13.73
N SER G 201 12.89 -42.26 -14.76
CA SER G 201 12.56 -41.02 -15.49
C SER G 201 11.09 -41.07 -15.93
N GLY G 202 10.65 -42.23 -16.42
CA GLY G 202 9.26 -42.51 -16.83
C GLY G 202 8.27 -42.28 -15.70
N ILE G 203 8.54 -42.83 -14.51
CA ILE G 203 7.68 -42.70 -13.30
C ILE G 203 7.43 -41.21 -13.06
N CYS G 204 8.50 -40.41 -12.94
CA CYS G 204 8.46 -38.95 -12.70
C CYS G 204 7.57 -38.25 -13.75
N HIS G 205 7.71 -38.63 -15.01
CA HIS G 205 6.93 -38.06 -16.15
C HIS G 205 5.46 -38.47 -16.03
N LEU G 206 5.20 -39.76 -15.82
CA LEU G 206 3.82 -40.31 -15.68
C LEU G 206 3.14 -39.71 -14.45
N PHE G 207 3.90 -39.47 -13.37
CA PHE G 207 3.43 -38.84 -12.11
C PHE G 207 2.89 -37.43 -12.41
N ARG G 208 3.72 -36.60 -13.07
CA ARG G 208 3.39 -35.21 -13.46
C ARG G 208 2.24 -35.20 -14.46
N GLU G 209 2.45 -35.79 -15.64
CA GLU G 209 1.48 -35.78 -16.77
C GLU G 209 0.09 -36.13 -16.23
N THR G 210 0.00 -37.13 -15.36
CA THR G 210 -1.26 -37.60 -14.70
C THR G 210 -1.87 -36.44 -13.90
N LEU G 211 -1.15 -35.96 -12.87
CA LEU G 211 -1.64 -34.91 -11.93
C LEU G 211 -1.91 -33.60 -12.68
N ILE G 212 -0.98 -33.15 -13.53
CA ILE G 212 -1.10 -31.89 -14.32
C ILE G 212 -2.38 -31.96 -15.17
N ASN G 213 -2.67 -33.10 -15.79
CA ASN G 213 -3.89 -33.33 -16.62
C ASN G 213 -5.15 -33.27 -15.74
N LYS G 214 -5.04 -33.61 -14.46
CA LYS G 214 -6.14 -33.58 -13.46
C LYS G 214 -6.30 -32.16 -12.87
N GLY G 215 -5.43 -31.23 -13.27
CA GLY G 215 -5.54 -29.79 -12.92
C GLY G 215 -4.72 -29.46 -11.68
N PHE G 216 -3.53 -30.03 -11.56
CA PHE G 216 -2.58 -29.78 -10.45
C PHE G 216 -1.60 -28.66 -10.84
N VAL G 217 -0.92 -28.12 -9.84
CA VAL G 217 0.11 -27.04 -9.99
C VAL G 217 1.37 -27.50 -9.27
N GLU G 218 2.49 -27.60 -9.99
CA GLU G 218 3.81 -27.97 -9.40
C GLU G 218 4.33 -26.80 -8.58
N ILE G 219 4.72 -27.05 -7.33
CA ILE G 219 5.37 -26.05 -6.43
C ILE G 219 6.83 -26.46 -6.22
N GLN G 220 7.64 -25.54 -5.70
CA GLN G 220 9.09 -25.76 -5.44
C GLN G 220 9.37 -25.45 -3.96
N THR G 221 9.25 -26.47 -3.09
CA THR G 221 9.52 -26.35 -1.63
C THR G 221 11.00 -26.02 -1.44
N PRO G 222 11.35 -25.08 -0.52
CA PRO G 222 12.76 -24.76 -0.27
C PRO G 222 13.42 -25.91 0.51
N LYS G 223 14.45 -26.52 -0.08
CA LYS G 223 14.97 -27.86 0.35
C LYS G 223 16.09 -27.68 1.39
N ILE G 224 16.38 -26.44 1.81
CA ILE G 224 17.25 -26.13 3.00
C ILE G 224 16.66 -24.92 3.74
N ILE G 225 16.67 -24.95 5.08
CA ILE G 225 16.13 -23.88 5.97
C ILE G 225 17.07 -23.71 7.18
N SER G 226 17.40 -22.47 7.52
CA SER G 226 18.24 -22.08 8.69
C SER G 226 17.38 -21.94 9.94
N SER G 250 11.46 -30.33 5.93
CA SER G 250 10.36 -31.24 5.51
C SER G 250 9.40 -30.50 4.56
N PRO G 251 8.78 -31.22 3.58
CA PRO G 251 7.96 -30.56 2.55
C PRO G 251 6.49 -30.29 2.93
N GLN G 252 5.92 -31.06 3.86
CA GLN G 252 4.45 -31.08 4.11
C GLN G 252 3.96 -29.67 4.44
N LEU G 253 4.68 -28.96 5.31
CA LEU G 253 4.33 -27.61 5.82
C LEU G 253 3.99 -26.70 4.63
N TYR G 254 4.85 -26.68 3.61
CA TYR G 254 4.80 -25.75 2.45
C TYR G 254 3.61 -26.09 1.55
N LYS G 255 3.35 -27.39 1.35
CA LYS G 255 2.18 -27.89 0.57
C LYS G 255 0.89 -27.40 1.22
N GLN G 256 0.79 -27.50 2.56
CA GLN G 256 -0.42 -27.12 3.35
C GLN G 256 -0.62 -25.61 3.27
N MET G 257 0.46 -24.82 3.32
CA MET G 257 0.41 -23.34 3.19
C MET G 257 -0.14 -22.96 1.81
N CYS G 258 0.27 -23.69 0.76
CA CYS G 258 -0.21 -23.51 -0.64
C CYS G 258 -1.71 -23.79 -0.70
N ILE G 259 -2.17 -24.89 -0.07
CA ILE G 259 -3.61 -25.26 0.05
C ILE G 259 -4.36 -24.09 0.70
N CYS G 260 -3.83 -23.59 1.83
CA CYS G 260 -4.40 -22.45 2.61
C CYS G 260 -4.32 -21.15 1.79
N ALA G 261 -3.53 -21.14 0.72
CA ALA G 261 -3.32 -19.97 -0.18
C ALA G 261 -4.02 -20.18 -1.53
N ASP G 262 -5.12 -20.95 -1.55
CA ASP G 262 -6.07 -21.09 -2.69
C ASP G 262 -5.48 -21.98 -3.80
N PHE G 263 -4.26 -22.48 -3.67
CA PHE G 263 -3.69 -23.51 -4.59
C PHE G 263 -4.37 -24.85 -4.27
N GLU G 264 -5.48 -25.13 -4.97
CA GLU G 264 -6.42 -26.26 -4.69
C GLU G 264 -5.67 -27.60 -4.73
N LYS G 265 -4.82 -27.80 -5.76
CA LYS G 265 -4.16 -29.10 -6.06
C LYS G 265 -2.66 -28.86 -6.34
N VAL G 266 -1.78 -29.36 -5.48
CA VAL G 266 -0.30 -29.13 -5.55
C VAL G 266 0.43 -30.47 -5.39
N PHE G 267 1.57 -30.59 -6.08
CA PHE G 267 2.56 -31.70 -5.96
C PHE G 267 3.97 -31.13 -6.04
N SER G 268 4.96 -31.83 -5.48
CA SER G 268 6.38 -31.40 -5.44
C SER G 268 7.31 -32.62 -5.56
N ILE G 269 8.00 -32.73 -6.70
CA ILE G 269 9.13 -33.69 -6.91
C ILE G 269 10.43 -33.01 -6.47
N GLY G 270 11.01 -33.46 -5.37
CA GLY G 270 12.30 -32.92 -4.86
C GLY G 270 12.92 -33.82 -3.80
N PRO G 271 14.20 -33.58 -3.45
CA PRO G 271 14.89 -34.38 -2.43
C PRO G 271 14.29 -34.17 -1.03
N VAL G 272 14.09 -35.28 -0.30
CA VAL G 272 13.55 -35.33 1.08
C VAL G 272 14.62 -35.99 1.98
N PHE G 273 14.57 -35.76 3.29
CA PHE G 273 15.55 -36.28 4.28
C PHE G 273 14.82 -36.97 5.43
N HIS G 283 23.98 -39.89 10.28
CA HIS G 283 23.08 -41.03 10.59
C HIS G 283 21.88 -41.07 9.62
N LEU G 284 21.38 -39.89 9.23
CA LEU G 284 20.17 -39.73 8.38
C LEU G 284 20.58 -39.29 6.96
N THR G 285 19.93 -39.87 5.94
CA THR G 285 20.32 -39.78 4.51
C THR G 285 19.27 -39.03 3.68
N GLU G 286 19.46 -39.06 2.36
CA GLU G 286 18.72 -38.24 1.36
C GLU G 286 18.11 -39.17 0.32
N PHE G 287 16.85 -38.95 -0.06
CA PHE G 287 16.16 -39.64 -1.17
C PHE G 287 15.21 -38.65 -1.87
N VAL G 288 14.77 -39.01 -3.08
CA VAL G 288 13.83 -38.20 -3.91
C VAL G 288 12.40 -38.64 -3.60
N GLY G 289 11.52 -37.69 -3.26
CA GLY G 289 10.12 -37.92 -2.89
C GLY G 289 9.16 -37.18 -3.82
N LEU G 290 8.14 -37.88 -4.32
CA LEU G 290 7.02 -37.29 -5.10
C LEU G 290 5.83 -37.12 -4.14
N ASP G 291 5.49 -35.87 -3.80
CA ASP G 291 4.52 -35.51 -2.75
C ASP G 291 3.25 -34.92 -3.39
N ILE G 292 2.08 -35.26 -2.84
CA ILE G 292 0.75 -34.71 -3.26
C ILE G 292 0.08 -34.08 -2.03
N GLU G 293 -0.61 -32.95 -2.24
CA GLU G 293 -1.51 -32.32 -1.24
C GLU G 293 -2.68 -31.70 -2.02
N MET G 294 -3.91 -32.14 -1.72
CA MET G 294 -5.12 -31.85 -2.52
C MET G 294 -6.27 -31.46 -1.59
N ALA G 295 -6.91 -30.32 -1.84
CA ALA G 295 -8.15 -29.87 -1.17
C ALA G 295 -9.33 -30.60 -1.82
N PHE G 296 -10.16 -31.26 -1.01
CA PHE G 296 -11.33 -32.06 -1.46
C PHE G 296 -12.62 -31.33 -1.08
N ASN G 297 -13.76 -31.82 -1.58
CA ASN G 297 -15.10 -31.23 -1.35
C ASN G 297 -15.58 -31.61 0.06
N TYR G 298 -15.99 -32.86 0.27
CA TYR G 298 -16.71 -33.30 1.49
C TYR G 298 -16.04 -34.52 2.13
N HIS G 299 -15.47 -35.44 1.35
CA HIS G 299 -14.85 -36.70 1.85
C HIS G 299 -13.38 -36.78 1.43
N TYR G 300 -12.52 -37.26 2.34
CA TYR G 300 -11.04 -37.40 2.15
C TYR G 300 -10.72 -38.55 1.18
N HIS G 301 -11.72 -39.39 0.87
CA HIS G 301 -11.63 -40.47 -0.15
C HIS G 301 -11.46 -39.86 -1.54
N GLU G 302 -11.98 -38.65 -1.76
CA GLU G 302 -11.82 -37.90 -3.02
C GLU G 302 -10.34 -37.76 -3.36
N VAL G 303 -9.49 -37.54 -2.34
CA VAL G 303 -8.01 -37.42 -2.47
C VAL G 303 -7.40 -38.82 -2.57
N MET G 304 -7.72 -39.70 -1.62
CA MET G 304 -7.16 -41.08 -1.54
C MET G 304 -7.36 -41.81 -2.87
N GLU G 305 -8.58 -41.79 -3.42
CA GLU G 305 -8.96 -42.47 -4.68
C GLU G 305 -8.26 -41.80 -5.87
N GLU G 306 -7.89 -40.51 -5.75
CA GLU G 306 -7.09 -39.77 -6.76
C GLU G 306 -5.64 -40.25 -6.72
N ILE G 307 -5.00 -40.18 -5.55
CA ILE G 307 -3.59 -40.64 -5.32
C ILE G 307 -3.46 -42.07 -5.86
N ALA G 308 -4.43 -42.94 -5.54
CA ALA G 308 -4.49 -44.36 -5.98
C ALA G 308 -4.48 -44.42 -7.51
N ASP G 309 -5.44 -43.77 -8.16
CA ASP G 309 -5.58 -43.73 -9.65
C ASP G 309 -4.26 -43.25 -10.27
N THR G 310 -3.61 -42.25 -9.67
CA THR G 310 -2.32 -41.67 -10.14
C THR G 310 -1.24 -42.76 -10.13
N MET G 311 -1.15 -43.56 -9.06
CA MET G 311 -0.20 -44.70 -8.93
C MET G 311 -0.59 -45.78 -9.95
N VAL G 312 -1.89 -46.00 -10.16
CA VAL G 312 -2.42 -46.97 -11.18
C VAL G 312 -1.98 -46.50 -12.57
N GLN G 313 -2.20 -45.22 -12.89
CA GLN G 313 -1.85 -44.61 -14.19
C GLN G 313 -0.33 -44.71 -14.44
N ILE G 314 0.48 -44.60 -13.38
CA ILE G 314 1.95 -44.80 -13.46
C ILE G 314 2.22 -46.25 -13.91
N PHE G 315 1.60 -47.23 -13.25
CA PHE G 315 1.80 -48.68 -13.52
C PHE G 315 1.33 -49.00 -14.95
N LYS G 316 0.13 -48.58 -15.31
CA LYS G 316 -0.45 -48.73 -16.68
C LYS G 316 0.54 -48.16 -17.70
N GLY G 317 1.12 -46.99 -17.40
CA GLY G 317 2.07 -46.27 -18.27
C GLY G 317 3.35 -47.04 -18.50
N LEU G 318 3.97 -47.57 -17.43
CA LEU G 318 5.24 -48.35 -17.50
C LEU G 318 5.02 -49.64 -18.29
N GLN G 319 3.88 -50.31 -18.09
CA GLN G 319 3.55 -51.62 -18.70
C GLN G 319 3.22 -51.44 -20.19
N GLU G 320 2.78 -50.25 -20.61
CA GLU G 320 2.48 -49.92 -22.03
C GLU G 320 3.77 -49.53 -22.75
N ARG G 321 4.41 -48.44 -22.32
CA ARG G 321 5.54 -47.78 -23.04
C ARG G 321 6.86 -48.48 -22.72
N PHE G 322 7.17 -48.67 -21.42
CA PHE G 322 8.51 -49.08 -20.91
C PHE G 322 8.61 -50.60 -20.78
N GLN G 323 8.00 -51.36 -21.71
CA GLN G 323 7.99 -52.85 -21.67
C GLN G 323 9.40 -53.37 -21.98
N THR G 324 10.12 -52.70 -22.90
CA THR G 324 11.52 -52.99 -23.27
C THR G 324 12.42 -52.88 -22.03
N GLU G 325 12.24 -51.83 -21.23
CA GLU G 325 13.08 -51.50 -20.05
C GLU G 325 12.78 -52.50 -18.92
N ILE G 326 11.52 -52.92 -18.77
CA ILE G 326 11.09 -53.89 -17.71
C ILE G 326 11.77 -55.24 -17.96
N GLN G 327 11.70 -55.74 -19.20
CA GLN G 327 12.25 -57.06 -19.61
C GLN G 327 13.78 -57.06 -19.46
N THR G 328 14.43 -55.94 -19.76
CA THR G 328 15.90 -55.75 -19.68
C THR G 328 16.37 -55.93 -18.23
N VAL G 329 15.57 -55.50 -17.25
CA VAL G 329 15.85 -55.68 -15.79
C VAL G 329 15.45 -57.11 -15.40
N ASN G 330 14.34 -57.61 -15.97
CA ASN G 330 13.82 -58.98 -15.73
C ASN G 330 14.88 -60.02 -16.10
N LYS G 331 15.58 -59.80 -17.23
CA LYS G 331 16.59 -60.73 -17.80
C LYS G 331 17.69 -61.01 -16.76
N GLN G 332 18.09 -60.01 -15.98
CA GLN G 332 19.14 -60.13 -14.93
C GLN G 332 18.51 -60.48 -13.58
N PHE G 333 17.40 -59.82 -13.23
CA PHE G 333 16.66 -60.00 -11.95
C PHE G 333 15.25 -60.51 -12.23
N PRO G 334 15.04 -61.85 -12.27
CA PRO G 334 13.72 -62.40 -12.54
C PRO G 334 12.69 -61.94 -11.49
N CYS G 335 11.53 -61.46 -11.96
CA CYS G 335 10.40 -61.01 -11.12
C CYS G 335 9.11 -61.05 -11.94
N GLU G 336 8.04 -61.61 -11.37
CA GLU G 336 6.69 -61.68 -12.01
C GLU G 336 6.25 -60.25 -12.33
N PRO G 337 5.43 -60.04 -13.39
CA PRO G 337 4.91 -58.71 -13.69
C PRO G 337 4.15 -58.12 -12.49
N PHE G 338 4.22 -56.79 -12.31
CA PHE G 338 3.50 -56.06 -11.23
C PHE G 338 2.00 -56.13 -11.52
N LYS G 339 1.22 -56.57 -10.53
CA LYS G 339 -0.25 -56.81 -10.65
C LYS G 339 -0.99 -55.81 -9.75
N PHE G 340 -2.10 -55.26 -10.25
CA PHE G 340 -2.95 -54.26 -9.56
C PHE G 340 -4.38 -54.33 -10.14
N LEU G 341 -5.35 -53.78 -9.39
CA LEU G 341 -6.77 -53.70 -9.81
C LEU G 341 -7.10 -52.25 -10.20
N GLU G 342 -8.00 -52.06 -11.17
CA GLU G 342 -8.29 -50.75 -11.82
C GLU G 342 -8.94 -49.79 -10.81
N PRO G 343 -10.01 -50.21 -10.09
CA PRO G 343 -10.39 -49.53 -8.86
C PRO G 343 -9.56 -50.10 -7.71
N THR G 344 -8.44 -49.45 -7.38
CA THR G 344 -7.39 -49.94 -6.44
C THR G 344 -8.05 -50.54 -5.19
N LEU G 345 -7.62 -51.74 -4.79
CA LEU G 345 -8.15 -52.47 -3.61
C LEU G 345 -7.96 -51.62 -2.35
N ARG G 346 -9.00 -51.48 -1.54
CA ARG G 346 -8.99 -50.76 -0.24
C ARG G 346 -9.48 -51.68 0.88
N LEU G 347 -8.61 -51.97 1.86
CA LEU G 347 -8.95 -52.69 3.11
C LEU G 347 -8.88 -51.71 4.27
N GLU G 348 -9.93 -51.65 5.09
CA GLU G 348 -9.97 -50.83 6.34
C GLU G 348 -9.19 -51.60 7.42
N TYR G 349 -8.70 -50.90 8.44
CA TYR G 349 -7.73 -51.43 9.43
C TYR G 349 -8.32 -52.65 10.14
N CYS G 350 -9.60 -52.60 10.52
CA CYS G 350 -10.32 -53.71 11.20
C CYS G 350 -10.27 -54.97 10.32
N GLU G 351 -10.55 -54.83 9.02
CA GLU G 351 -10.53 -55.94 8.03
C GLU G 351 -9.15 -56.59 8.02
N ALA G 352 -8.08 -55.79 8.06
CA ALA G 352 -6.67 -56.25 8.01
C ALA G 352 -6.35 -57.07 9.27
N LEU G 353 -6.80 -56.62 10.45
CA LEU G 353 -6.57 -57.30 11.75
C LEU G 353 -7.24 -58.69 11.71
N ALA G 354 -8.44 -58.78 11.14
CA ALA G 354 -9.22 -60.05 10.99
C ALA G 354 -8.43 -61.03 10.12
N MET G 355 -7.79 -60.55 9.05
CA MET G 355 -6.98 -61.36 8.12
C MET G 355 -5.70 -61.85 8.83
N LEU G 356 -5.06 -60.98 9.62
CA LEU G 356 -3.81 -61.29 10.36
C LEU G 356 -4.12 -62.26 11.51
N ARG G 357 -5.23 -62.05 12.22
CA ARG G 357 -5.67 -62.89 13.37
C ARG G 357 -6.08 -64.27 12.86
N GLU G 358 -6.81 -64.33 11.73
CA GLU G 358 -7.18 -65.59 11.03
C GLU G 358 -5.89 -66.31 10.58
N ALA G 359 -4.85 -65.56 10.21
CA ALA G 359 -3.52 -66.06 9.79
C ALA G 359 -2.66 -66.37 11.03
N GLY G 360 -3.17 -66.12 12.24
CA GLY G 360 -2.50 -66.43 13.51
C GLY G 360 -1.47 -65.38 13.88
N VAL G 361 -1.94 -64.17 14.23
CA VAL G 361 -1.10 -63.03 14.69
C VAL G 361 -1.79 -62.38 15.89
N GLU G 362 -1.21 -62.54 17.09
CA GLU G 362 -1.66 -61.87 18.33
C GLU G 362 -1.33 -60.37 18.21
N MET G 363 -2.34 -59.54 17.96
CA MET G 363 -2.19 -58.07 17.75
C MET G 363 -3.36 -57.33 18.40
N GLY G 364 -3.11 -56.14 18.96
CA GLY G 364 -4.11 -55.27 19.60
C GLY G 364 -4.92 -54.49 18.57
N ASP G 365 -6.11 -54.02 18.96
CA ASP G 365 -7.07 -53.29 18.08
C ASP G 365 -6.48 -51.94 17.65
N GLU G 366 -5.67 -51.31 18.51
CA GLU G 366 -5.15 -49.93 18.31
C GLU G 366 -3.64 -49.94 18.01
N ASP G 367 -2.99 -51.10 18.06
CA ASP G 367 -1.55 -51.26 17.74
C ASP G 367 -1.30 -50.84 16.28
N ASP G 368 -0.09 -50.37 15.97
CA ASP G 368 0.35 -50.07 14.58
C ASP G 368 0.91 -51.34 13.95
N LEU G 369 0.68 -51.54 12.65
CA LEU G 369 1.22 -52.70 11.87
C LEU G 369 2.74 -52.66 11.95
N SER G 370 3.34 -53.65 12.62
CA SER G 370 4.81 -53.90 12.62
C SER G 370 5.27 -54.18 11.18
N THR G 371 6.51 -53.82 10.86
CA THR G 371 7.11 -53.95 9.50
C THR G 371 6.94 -55.38 8.98
N PRO G 372 7.16 -56.44 9.80
CA PRO G 372 6.91 -57.81 9.37
C PRO G 372 5.43 -58.10 9.02
N ASN G 373 4.50 -57.57 9.81
CA ASN G 373 3.04 -57.74 9.59
C ASN G 373 2.63 -57.10 8.26
N GLU G 374 3.20 -55.93 7.94
CA GLU G 374 3.01 -55.21 6.65
C GLU G 374 3.41 -56.15 5.50
N LYS G 375 4.56 -56.81 5.63
CA LYS G 375 5.11 -57.80 4.67
C LYS G 375 4.12 -58.97 4.53
N LEU G 376 3.65 -59.52 5.66
CA LEU G 376 2.68 -60.64 5.70
C LEU G 376 1.37 -60.20 5.04
N LEU G 377 0.74 -59.13 5.54
CA LEU G 377 -0.58 -58.63 5.08
C LEU G 377 -0.57 -58.51 3.55
N GLY G 378 0.50 -57.96 2.97
CA GLY G 378 0.70 -57.85 1.52
C GLY G 378 0.60 -59.20 0.83
N HIS G 379 1.24 -60.22 1.39
CA HIS G 379 1.22 -61.63 0.90
C HIS G 379 -0.22 -62.16 0.97
N LEU G 380 -0.91 -61.91 2.08
CA LEU G 380 -2.32 -62.36 2.30
C LEU G 380 -3.22 -61.71 1.23
N VAL G 381 -3.00 -60.43 0.94
CA VAL G 381 -3.76 -59.66 -0.10
C VAL G 381 -3.46 -60.26 -1.48
N LYS G 382 -2.17 -60.54 -1.75
CA LYS G 382 -1.72 -61.19 -3.01
C LYS G 382 -2.38 -62.56 -3.14
N GLU G 383 -2.48 -63.32 -2.05
CA GLU G 383 -3.08 -64.69 -2.04
C GLU G 383 -4.55 -64.60 -2.46
N LYS G 384 -5.31 -63.65 -1.91
CA LYS G 384 -6.78 -63.55 -2.08
C LYS G 384 -7.11 -62.86 -3.41
N TYR G 385 -6.77 -61.58 -3.55
CA TYR G 385 -7.19 -60.69 -4.66
C TYR G 385 -6.21 -60.80 -5.84
N ASP G 386 -4.95 -61.13 -5.55
CA ASP G 386 -3.84 -61.20 -6.54
C ASP G 386 -3.55 -59.78 -7.04
N THR G 387 -3.18 -58.89 -6.13
CA THR G 387 -2.73 -57.50 -6.41
C THR G 387 -1.53 -57.18 -5.50
N ASP G 388 -0.48 -56.62 -6.07
CA ASP G 388 0.75 -56.20 -5.36
C ASP G 388 0.55 -54.80 -4.78
N PHE G 389 -0.52 -54.11 -5.21
CA PHE G 389 -0.86 -52.72 -4.80
C PHE G 389 -2.28 -52.67 -4.21
N TYR G 390 -2.37 -52.31 -2.92
CA TYR G 390 -3.63 -52.12 -2.17
C TYR G 390 -3.47 -50.94 -1.19
N ILE G 391 -4.60 -50.44 -0.68
CA ILE G 391 -4.67 -49.30 0.30
C ILE G 391 -5.19 -49.84 1.64
N LEU G 392 -4.49 -49.55 2.73
CA LEU G 392 -4.96 -49.80 4.12
C LEU G 392 -5.49 -48.48 4.71
N ASP G 393 -6.79 -48.44 5.01
CA ASP G 393 -7.54 -47.20 5.36
C ASP G 393 -7.95 -47.24 6.84
N LYS G 394 -8.33 -46.09 7.40
CA LYS G 394 -8.95 -45.95 8.75
C LYS G 394 -7.98 -46.46 9.83
N TYR G 395 -6.71 -46.01 9.78
CA TYR G 395 -5.65 -46.37 10.76
C TYR G 395 -6.08 -45.93 12.16
N PRO G 396 -5.51 -46.52 13.24
CA PRO G 396 -5.77 -46.07 14.61
C PRO G 396 -5.19 -44.68 14.85
N LEU G 397 -5.98 -43.77 15.45
CA LEU G 397 -5.61 -42.34 15.64
C LEU G 397 -4.31 -42.22 16.46
N ALA G 398 -4.14 -43.09 17.45
CA ALA G 398 -3.03 -43.07 18.44
C ALA G 398 -1.66 -43.11 17.75
N VAL G 399 -1.54 -43.85 16.63
CA VAL G 399 -0.25 -44.19 15.98
C VAL G 399 0.14 -43.14 14.94
N ARG G 400 -0.81 -42.27 14.55
CA ARG G 400 -0.62 -41.27 13.47
C ARG G 400 -0.18 -39.94 14.08
N PRO G 401 0.42 -39.01 13.29
CA PRO G 401 0.78 -37.68 13.76
C PRO G 401 -0.43 -36.82 14.17
N PHE G 402 -0.19 -35.76 14.93
CA PHE G 402 -1.24 -34.90 15.57
C PHE G 402 -2.14 -34.28 14.50
N TYR G 403 -1.58 -33.85 13.36
CA TYR G 403 -2.30 -33.11 12.29
C TYR G 403 -3.28 -34.05 11.55
N THR G 404 -3.31 -35.34 11.89
CA THR G 404 -4.22 -36.35 11.29
C THR G 404 -5.64 -36.12 11.82
N MET G 405 -6.60 -35.90 10.92
CA MET G 405 -8.03 -35.65 11.24
C MET G 405 -8.64 -36.91 11.84
N PRO G 406 -9.16 -36.86 13.10
CA PRO G 406 -9.88 -37.99 13.68
C PRO G 406 -11.18 -38.34 12.95
N ASP G 407 -11.56 -39.62 12.97
CA ASP G 407 -12.85 -40.13 12.42
C ASP G 407 -13.98 -39.59 13.30
N PRO G 408 -15.00 -38.92 12.71
CA PRO G 408 -16.06 -38.29 13.50
C PRO G 408 -16.95 -39.27 14.28
N ARG G 409 -17.07 -40.51 13.80
CA ARG G 409 -17.94 -41.57 14.37
C ARG G 409 -17.16 -42.34 15.44
N ASN G 410 -16.01 -42.91 15.08
CA ASN G 410 -15.11 -43.69 15.97
C ASN G 410 -13.88 -42.84 16.31
N PRO G 411 -13.89 -42.09 17.43
CA PRO G 411 -12.80 -41.16 17.73
C PRO G 411 -11.48 -41.83 18.13
N LYS G 412 -11.44 -43.17 18.16
CA LYS G 412 -10.22 -43.99 18.34
C LYS G 412 -9.52 -44.18 16.98
N GLN G 413 -10.30 -44.11 15.89
CA GLN G 413 -9.80 -44.24 14.49
C GLN G 413 -9.56 -42.85 13.90
N SER G 414 -8.79 -42.80 12.81
CA SER G 414 -8.43 -41.56 12.05
C SER G 414 -8.90 -41.69 10.60
N ASN G 415 -8.81 -40.59 9.84
CA ASN G 415 -9.05 -40.54 8.37
C ASN G 415 -7.70 -40.65 7.65
N SER G 416 -6.89 -41.63 8.03
CA SER G 416 -5.51 -41.87 7.52
C SER G 416 -5.48 -43.15 6.67
N TYR G 417 -4.41 -43.35 5.90
CA TYR G 417 -4.25 -44.48 4.95
C TYR G 417 -2.78 -44.68 4.60
N ASP G 418 -2.39 -45.94 4.39
CA ASP G 418 -1.10 -46.35 3.77
C ASP G 418 -1.40 -47.07 2.47
N MET G 419 -0.47 -47.00 1.51
CA MET G 419 -0.53 -47.75 0.22
C MET G 419 0.74 -48.59 0.08
N PHE G 420 0.60 -49.87 -0.27
CA PHE G 420 1.69 -50.88 -0.25
C PHE G 420 1.93 -51.42 -1.65
N MET G 421 3.21 -51.51 -2.05
CA MET G 421 3.68 -52.22 -3.27
C MET G 421 4.49 -53.45 -2.84
N ARG G 422 4.09 -54.64 -3.31
CA ARG G 422 4.71 -55.94 -2.94
C ARG G 422 4.91 -56.00 -1.42
N GLY G 423 3.89 -55.60 -0.65
CA GLY G 423 3.82 -55.77 0.81
C GLY G 423 4.72 -54.83 1.59
N GLU G 424 5.37 -53.86 0.91
CA GLU G 424 6.19 -52.81 1.57
C GLU G 424 5.51 -51.45 1.38
N GLU G 425 5.39 -50.69 2.47
CA GLU G 425 4.79 -49.32 2.51
C GLU G 425 5.57 -48.41 1.56
N ILE G 426 4.86 -47.70 0.67
CA ILE G 426 5.43 -46.64 -0.21
C ILE G 426 4.88 -45.27 0.21
N LEU G 427 3.62 -45.21 0.66
CA LEU G 427 2.89 -43.94 0.95
C LEU G 427 2.27 -44.02 2.36
N SER G 428 2.23 -42.87 3.06
CA SER G 428 1.65 -42.71 4.41
C SER G 428 0.94 -41.36 4.51
N GLY G 429 -0.28 -41.29 3.96
CA GLY G 429 -1.07 -40.05 3.84
C GLY G 429 -2.24 -40.03 4.80
N ALA G 430 -2.99 -38.91 4.84
CA ALA G 430 -4.16 -38.70 5.72
C ALA G 430 -4.82 -37.36 5.40
N GLN G 431 -6.03 -37.14 5.91
CA GLN G 431 -6.71 -35.82 5.92
C GLN G 431 -6.06 -34.95 6.99
N ARG G 432 -5.76 -33.69 6.65
CA ARG G 432 -5.09 -32.72 7.56
C ARG G 432 -6.18 -31.98 8.36
N ILE G 433 -5.85 -31.54 9.57
CA ILE G 433 -6.77 -30.75 10.45
C ILE G 433 -6.65 -29.28 10.05
N HIS G 434 -7.70 -28.76 9.38
CA HIS G 434 -7.78 -27.37 8.85
C HIS G 434 -8.46 -26.44 9.85
N ASP G 435 -9.04 -26.99 10.91
CA ASP G 435 -9.59 -26.20 12.06
C ASP G 435 -8.45 -25.87 13.01
N PRO G 436 -8.17 -24.58 13.28
CA PRO G 436 -7.06 -24.20 14.16
C PRO G 436 -7.18 -24.78 15.57
N GLN G 437 -8.38 -24.72 16.15
CA GLN G 437 -8.67 -25.13 17.56
C GLN G 437 -8.35 -26.62 17.72
N LEU G 438 -8.99 -27.48 16.92
CA LEU G 438 -8.83 -28.97 16.97
C LEU G 438 -7.36 -29.33 16.73
N LEU G 439 -6.69 -28.62 15.81
CA LEU G 439 -5.25 -28.82 15.48
C LEU G 439 -4.40 -28.54 16.73
N THR G 440 -4.79 -27.54 17.52
CA THR G 440 -4.10 -27.13 18.78
C THR G 440 -4.38 -28.18 19.87
N GLU G 441 -5.62 -28.65 19.98
CA GLU G 441 -6.04 -29.69 20.95
C GLU G 441 -5.19 -30.95 20.75
N ARG G 442 -5.11 -31.44 19.51
CA ARG G 442 -4.36 -32.66 19.12
C ARG G 442 -2.86 -32.45 19.36
N ALA G 443 -2.37 -31.22 19.21
CA ALA G 443 -0.96 -30.84 19.49
C ALA G 443 -0.68 -30.96 20.99
N LEU G 444 -1.65 -30.59 21.83
CA LEU G 444 -1.55 -30.72 23.31
C LEU G 444 -1.68 -32.18 23.73
N HIS G 445 -2.51 -32.96 23.03
CA HIS G 445 -2.69 -34.42 23.22
C HIS G 445 -1.36 -35.14 22.98
N HIS G 446 -0.57 -34.66 22.00
CA HIS G 446 0.77 -35.20 21.64
C HIS G 446 1.87 -34.49 22.44
N GLY G 447 1.50 -33.50 23.27
CA GLY G 447 2.41 -32.82 24.21
C GLY G 447 3.43 -31.96 23.49
N ILE G 448 2.97 -31.15 22.53
CA ILE G 448 3.82 -30.23 21.72
C ILE G 448 3.76 -28.83 22.34
N ASP G 449 4.90 -28.14 22.41
CA ASP G 449 4.99 -26.71 22.80
C ASP G 449 4.38 -25.87 21.66
N LEU G 450 3.17 -25.36 21.87
CA LEU G 450 2.39 -24.59 20.84
C LEU G 450 3.22 -23.40 20.34
N GLU G 451 4.05 -22.83 21.22
CA GLU G 451 4.95 -21.67 20.96
C GLU G 451 5.72 -21.89 19.65
N LYS G 452 6.33 -23.07 19.46
CA LYS G 452 7.29 -23.35 18.36
C LYS G 452 6.54 -23.87 17.11
N ILE G 453 5.22 -24.08 17.19
CA ILE G 453 4.35 -24.41 16.02
C ILE G 453 3.22 -23.38 15.90
N LYS G 454 3.36 -22.22 16.56
CA LYS G 454 2.39 -21.10 16.53
C LYS G 454 2.14 -20.70 15.06
N ALA G 455 3.23 -20.53 14.31
CA ALA G 455 3.23 -20.09 12.89
C ALA G 455 2.36 -21.03 12.03
N TYR G 456 2.59 -22.34 12.16
CA TYR G 456 1.88 -23.40 11.38
C TYR G 456 0.37 -23.31 11.67
N ILE G 457 -0.02 -23.27 12.94
CA ILE G 457 -1.45 -23.22 13.39
C ILE G 457 -2.09 -21.95 12.82
N ASP G 458 -1.39 -20.81 12.89
CA ASP G 458 -1.89 -19.47 12.48
C ASP G 458 -2.24 -19.48 10.99
N SER G 459 -1.58 -20.34 10.19
CA SER G 459 -1.78 -20.48 8.73
C SER G 459 -3.25 -20.82 8.40
N PHE G 460 -3.93 -21.58 9.27
CA PHE G 460 -5.28 -22.15 9.04
C PHE G 460 -6.39 -21.24 9.59
N ARG G 461 -6.03 -20.18 10.32
CA ARG G 461 -7.01 -19.32 11.06
C ARG G 461 -7.94 -18.60 10.08
N PHE G 462 -7.46 -18.28 8.87
CA PHE G 462 -8.21 -17.54 7.83
C PHE G 462 -8.50 -18.46 6.65
N GLY G 463 -9.78 -18.80 6.45
CA GLY G 463 -10.29 -19.61 5.33
C GLY G 463 -9.38 -20.78 5.01
N ALA G 464 -9.38 -21.80 5.87
CA ALA G 464 -8.62 -23.06 5.69
C ALA G 464 -9.56 -24.13 5.12
N PRO G 465 -9.34 -24.59 3.87
CA PRO G 465 -10.22 -25.58 3.26
C PRO G 465 -9.90 -26.99 3.75
N PRO G 466 -10.83 -27.95 3.63
CA PRO G 466 -10.54 -29.34 3.96
C PRO G 466 -9.61 -29.94 2.89
N HIS G 467 -8.57 -30.64 3.32
CA HIS G 467 -7.52 -31.21 2.42
C HIS G 467 -6.88 -32.45 3.03
N ALA G 468 -6.38 -33.33 2.15
CA ALA G 468 -5.58 -34.54 2.47
C ALA G 468 -4.38 -34.61 1.52
N GLY G 469 -3.49 -35.59 1.69
CA GLY G 469 -2.30 -35.77 0.84
C GLY G 469 -1.56 -37.06 1.14
N GLY G 470 -0.38 -37.22 0.52
CA GLY G 470 0.51 -38.39 0.66
C GLY G 470 1.72 -38.28 -0.24
N GLY G 471 2.85 -38.88 0.14
CA GLY G 471 4.13 -38.84 -0.60
C GLY G 471 4.69 -40.23 -0.83
N ILE G 472 5.47 -40.41 -1.90
CA ILE G 472 6.09 -41.71 -2.29
C ILE G 472 7.59 -41.49 -2.53
N GLY G 473 8.41 -42.49 -2.19
CA GLY G 473 9.86 -42.50 -2.46
C GLY G 473 10.16 -43.03 -3.85
N LEU G 474 10.54 -42.14 -4.78
CA LEU G 474 10.77 -42.46 -6.22
C LEU G 474 11.62 -43.75 -6.34
N GLU G 475 12.73 -43.81 -5.62
CA GLU G 475 13.66 -44.98 -5.65
C GLU G 475 12.91 -46.22 -5.17
N ARG G 476 12.19 -46.09 -4.04
CA ARG G 476 11.44 -47.19 -3.37
C ARG G 476 10.35 -47.73 -4.32
N VAL G 477 9.65 -46.84 -5.03
CA VAL G 477 8.58 -47.22 -6.00
C VAL G 477 9.21 -48.01 -7.15
N THR G 478 10.30 -47.50 -7.73
CA THR G 478 11.07 -48.14 -8.84
C THR G 478 11.53 -49.53 -8.41
N MET G 479 12.05 -49.65 -7.18
CA MET G 479 12.58 -50.91 -6.59
C MET G 479 11.46 -51.95 -6.54
N LEU G 480 10.31 -51.60 -5.93
CA LEU G 480 9.21 -52.54 -5.63
C LEU G 480 8.41 -52.85 -6.90
N PHE G 481 8.46 -51.99 -7.92
CA PHE G 481 7.78 -52.22 -9.23
C PHE G 481 8.52 -53.32 -10.01
N LEU G 482 9.86 -53.25 -10.02
CA LEU G 482 10.75 -54.22 -10.73
C LEU G 482 11.06 -55.41 -9.81
N GLY G 483 10.67 -55.33 -8.54
CA GLY G 483 10.85 -56.41 -7.53
C GLY G 483 12.31 -56.62 -7.19
N LEU G 484 13.09 -55.54 -7.12
CA LEU G 484 14.52 -55.57 -6.74
C LEU G 484 14.63 -55.57 -5.21
N HIS G 485 15.78 -55.99 -4.68
CA HIS G 485 16.00 -56.28 -3.23
C HIS G 485 16.41 -54.99 -2.49
N ASN G 486 17.53 -54.38 -2.89
CA ASN G 486 18.14 -53.21 -2.20
C ASN G 486 17.77 -51.93 -2.96
N VAL G 487 17.52 -50.83 -2.23
CA VAL G 487 17.09 -49.50 -2.78
C VAL G 487 18.23 -48.91 -3.63
N ARG G 488 19.49 -49.21 -3.27
CA ARG G 488 20.71 -48.69 -3.95
C ARG G 488 20.66 -49.02 -5.44
N GLN G 489 19.98 -50.11 -5.83
CA GLN G 489 19.82 -50.55 -7.23
C GLN G 489 19.06 -49.49 -8.05
N THR G 490 18.14 -48.76 -7.42
CA THR G 490 17.27 -47.74 -8.08
C THR G 490 17.70 -46.33 -7.72
N SER G 491 18.78 -46.17 -6.95
CA SER G 491 19.46 -44.88 -6.64
C SER G 491 20.63 -44.70 -7.63
N MET G 492 20.60 -43.64 -8.44
CA MET G 492 21.60 -43.42 -9.53
C MET G 492 22.98 -43.11 -8.93
N PHE G 493 23.03 -42.22 -7.95
CA PHE G 493 24.28 -41.77 -7.28
C PHE G 493 24.16 -42.04 -5.78
N PRO G 494 24.23 -43.32 -5.36
CA PRO G 494 24.15 -43.67 -3.94
C PRO G 494 25.40 -43.17 -3.20
N ARG G 495 25.20 -42.63 -1.98
CA ARG G 495 26.26 -42.00 -1.15
C ARG G 495 26.65 -42.96 -0.01
N ASP G 496 27.81 -43.60 -0.14
CA ASP G 496 28.44 -44.43 0.92
C ASP G 496 29.86 -44.83 0.49
N ASP H 24 -38.26 -16.25 11.61
CA ASP H 24 -37.16 -16.61 10.66
C ASP H 24 -37.49 -17.94 9.98
N TYR H 25 -37.60 -17.95 8.65
CA TYR H 25 -38.06 -19.10 7.83
C TYR H 25 -36.91 -19.69 7.00
N ALA H 26 -35.76 -19.01 6.94
CA ALA H 26 -34.56 -19.44 6.19
C ALA H 26 -33.50 -19.99 7.16
N LYS H 27 -33.89 -20.34 8.39
CA LYS H 27 -32.96 -20.80 9.47
C LYS H 27 -32.26 -22.09 9.04
N GLU H 28 -32.90 -22.88 8.17
CA GLU H 28 -32.34 -24.14 7.60
C GLU H 28 -31.31 -23.79 6.51
N ARG H 29 -31.50 -22.68 5.80
CA ARG H 29 -30.81 -22.35 4.53
C ARG H 29 -29.42 -21.74 4.79
N TYR H 30 -29.13 -21.26 5.99
CA TYR H 30 -27.81 -20.68 6.35
C TYR H 30 -27.30 -21.22 7.70
N GLY H 31 -26.06 -20.87 8.04
CA GLY H 31 -25.43 -21.16 9.34
C GLY H 31 -23.96 -21.57 9.19
N ILE H 32 -23.25 -21.67 10.31
CA ILE H 32 -21.86 -22.24 10.40
C ILE H 32 -21.98 -23.76 10.45
N SER H 33 -21.83 -24.44 9.31
CA SER H 33 -21.96 -25.92 9.18
C SER H 33 -20.82 -26.60 9.95
N SER H 34 -21.08 -27.82 10.44
CA SER H 34 -20.13 -28.64 11.25
C SER H 34 -18.83 -28.86 10.47
N MET H 35 -17.69 -28.80 11.16
CA MET H 35 -16.33 -29.05 10.60
C MET H 35 -16.38 -30.29 9.70
N ILE H 36 -15.85 -30.17 8.47
CA ILE H 36 -15.86 -31.28 7.46
C ILE H 36 -14.79 -32.30 7.86
N GLN H 37 -15.17 -33.29 8.67
CA GLN H 37 -14.31 -34.42 9.12
C GLN H 37 -14.57 -35.64 8.24
N SER H 38 -15.07 -35.45 7.02
CA SER H 38 -15.43 -36.52 6.04
C SER H 38 -16.47 -37.44 6.68
N GLN H 39 -17.65 -36.89 7.00
CA GLN H 39 -18.78 -37.62 7.65
C GLN H 39 -19.75 -38.10 6.58
N GLU H 40 -20.01 -37.27 5.56
CA GLU H 40 -21.03 -37.50 4.49
C GLU H 40 -20.35 -37.44 3.12
N LYS H 41 -20.96 -38.08 2.12
CA LYS H 41 -20.55 -38.05 0.69
C LYS H 41 -21.72 -37.46 -0.12
N PRO H 42 -22.01 -36.15 0.00
CA PRO H 42 -23.24 -35.58 -0.55
C PRO H 42 -23.29 -35.61 -2.08
N ASP H 43 -24.47 -35.90 -2.64
CA ASP H 43 -24.75 -35.87 -4.10
C ASP H 43 -24.81 -34.40 -4.54
N ARG H 44 -23.65 -33.73 -4.54
CA ARG H 44 -23.51 -32.26 -4.75
C ARG H 44 -22.40 -32.00 -5.75
N VAL H 45 -22.61 -31.06 -6.68
CA VAL H 45 -21.64 -30.68 -7.76
C VAL H 45 -21.22 -29.23 -7.55
N LEU H 46 -20.06 -29.00 -6.91
CA LEU H 46 -19.51 -27.66 -6.64
C LEU H 46 -18.83 -27.13 -7.91
N VAL H 47 -19.56 -26.39 -8.75
CA VAL H 47 -19.07 -25.87 -10.06
C VAL H 47 -18.02 -24.78 -9.80
N ARG H 48 -16.95 -24.76 -10.60
CA ARG H 48 -15.87 -23.75 -10.51
C ARG H 48 -16.43 -22.39 -10.94
N VAL H 49 -15.91 -21.30 -10.37
CA VAL H 49 -16.39 -19.91 -10.60
C VAL H 49 -16.20 -19.54 -12.08
N ARG H 50 -15.09 -19.96 -12.69
CA ARG H 50 -14.74 -19.68 -14.11
C ARG H 50 -15.82 -20.24 -15.04
N ASP H 51 -16.53 -21.30 -14.61
CA ASP H 51 -17.57 -22.00 -15.41
C ASP H 51 -18.93 -21.28 -15.30
N LEU H 52 -19.07 -20.32 -14.38
CA LEU H 52 -20.29 -19.49 -14.23
C LEU H 52 -20.30 -18.40 -15.31
N THR H 53 -20.67 -18.78 -16.55
CA THR H 53 -20.76 -17.89 -17.73
C THR H 53 -22.24 -17.77 -18.14
N ILE H 54 -22.51 -16.96 -19.18
CA ILE H 54 -23.87 -16.73 -19.74
C ILE H 54 -24.51 -18.06 -20.18
N GLN H 55 -23.71 -18.99 -20.72
CA GLN H 55 -24.14 -20.33 -21.21
C GLN H 55 -24.87 -21.10 -20.10
N LYS H 56 -24.50 -20.88 -18.84
CA LYS H 56 -25.04 -21.61 -17.66
C LYS H 56 -26.09 -20.75 -16.94
N ALA H 57 -26.79 -19.87 -17.66
CA ALA H 57 -27.79 -18.94 -17.11
C ALA H 57 -29.06 -19.70 -16.72
N ASP H 58 -29.75 -19.21 -15.67
CA ASP H 58 -31.05 -19.72 -15.15
C ASP H 58 -30.89 -21.21 -14.77
N GLU H 59 -29.79 -21.55 -14.08
CA GLU H 59 -29.49 -22.92 -13.59
C GLU H 59 -29.24 -22.87 -12.08
N VAL H 60 -29.73 -23.88 -11.35
CA VAL H 60 -29.50 -24.06 -9.89
C VAL H 60 -28.14 -24.77 -9.72
N VAL H 61 -27.12 -24.03 -9.28
CA VAL H 61 -25.72 -24.52 -9.15
C VAL H 61 -25.25 -24.35 -7.70
N TRP H 62 -24.37 -25.25 -7.25
CA TRP H 62 -23.61 -25.14 -5.97
C TRP H 62 -22.21 -24.57 -6.27
N VAL H 63 -21.71 -23.68 -5.41
CA VAL H 63 -20.36 -23.06 -5.51
C VAL H 63 -19.72 -23.04 -4.13
N ARG H 64 -18.50 -23.55 -4.00
CA ARG H 64 -17.64 -23.36 -2.81
C ARG H 64 -16.56 -22.34 -3.16
N ALA H 65 -16.64 -21.15 -2.55
CA ALA H 65 -15.71 -20.02 -2.79
C ALA H 65 -15.43 -19.31 -1.46
N ARG H 66 -14.50 -18.36 -1.48
CA ARG H 66 -14.19 -17.46 -0.34
C ARG H 66 -14.96 -16.15 -0.53
N VAL H 67 -15.26 -15.46 0.57
CA VAL H 67 -15.91 -14.11 0.56
C VAL H 67 -14.79 -13.07 0.47
N HIS H 68 -14.54 -12.55 -0.74
CA HIS H 68 -13.48 -11.54 -1.04
C HIS H 68 -13.85 -10.23 -0.35
N THR H 69 -15.04 -9.69 -0.64
CA THR H 69 -15.65 -8.50 0.03
C THR H 69 -17.17 -8.67 0.05
N SER H 70 -17.83 -8.22 1.12
CA SER H 70 -19.29 -8.35 1.35
C SER H 70 -19.89 -7.00 1.78
N ARG H 71 -20.35 -6.19 0.83
CA ARG H 71 -21.04 -4.90 1.10
C ARG H 71 -22.55 -5.16 1.19
N ALA H 72 -23.21 -4.55 2.19
CA ALA H 72 -24.65 -4.71 2.48
C ALA H 72 -25.28 -3.34 2.80
N LYS H 73 -26.50 -3.11 2.31
CA LYS H 73 -27.35 -1.94 2.67
C LYS H 73 -28.80 -2.41 2.87
N GLY H 74 -29.24 -2.51 4.13
CA GLY H 74 -30.63 -2.79 4.52
C GLY H 74 -31.11 -4.14 4.01
N LYS H 75 -31.97 -4.13 2.99
CA LYS H 75 -32.72 -5.32 2.48
C LYS H 75 -31.79 -6.22 1.64
N GLN H 76 -30.74 -5.65 1.03
CA GLN H 76 -29.82 -6.39 0.11
C GLN H 76 -28.43 -6.54 0.74
N CYS H 77 -27.75 -7.65 0.42
CA CYS H 77 -26.31 -7.91 0.73
C CYS H 77 -25.64 -8.51 -0.51
N PHE H 78 -24.66 -7.80 -1.07
CA PHE H 78 -23.81 -8.26 -2.20
C PHE H 78 -22.50 -8.84 -1.65
N LEU H 79 -22.08 -9.99 -2.19
CA LEU H 79 -20.78 -10.65 -1.88
C LEU H 79 -19.99 -10.81 -3.18
N VAL H 80 -18.66 -10.77 -3.09
CA VAL H 80 -17.72 -11.14 -4.19
C VAL H 80 -17.13 -12.52 -3.85
N LEU H 81 -17.75 -13.59 -4.38
CA LEU H 81 -17.28 -14.98 -4.20
C LEU H 81 -16.06 -15.21 -5.11
N ARG H 82 -14.89 -15.43 -4.51
CA ARG H 82 -13.59 -15.56 -5.22
C ARG H 82 -13.09 -17.01 -5.13
N GLN H 83 -12.37 -17.44 -6.17
CA GLN H 83 -11.75 -18.78 -6.29
C GLN H 83 -10.59 -18.69 -7.30
N GLN H 84 -9.35 -18.94 -6.84
CA GLN H 84 -8.09 -18.94 -7.63
C GLN H 84 -8.13 -17.84 -8.70
N GLN H 85 -8.03 -16.57 -8.27
CA GLN H 85 -7.87 -15.36 -9.14
C GLN H 85 -9.07 -15.17 -10.08
N PHE H 86 -10.20 -15.84 -9.81
CA PHE H 86 -11.52 -15.63 -10.47
C PHE H 86 -12.55 -15.27 -9.40
N ASN H 87 -13.47 -14.34 -9.70
CA ASN H 87 -14.51 -13.87 -8.74
C ASN H 87 -15.82 -13.59 -9.49
N VAL H 88 -16.95 -13.81 -8.82
CA VAL H 88 -18.33 -13.54 -9.33
C VAL H 88 -19.09 -12.73 -8.27
N GLN H 89 -20.08 -11.94 -8.71
CA GLN H 89 -20.97 -11.13 -7.82
C GLN H 89 -22.14 -12.03 -7.37
N ALA H 90 -22.22 -12.34 -6.07
CA ALA H 90 -23.34 -13.07 -5.42
C ALA H 90 -24.24 -12.06 -4.71
N LEU H 91 -25.55 -12.33 -4.70
CA LEU H 91 -26.59 -11.41 -4.15
C LEU H 91 -27.54 -12.20 -3.24
N VAL H 92 -27.65 -11.77 -1.98
CA VAL H 92 -28.64 -12.31 -0.99
C VAL H 92 -29.75 -11.27 -0.83
N ALA H 93 -30.88 -11.46 -1.51
CA ALA H 93 -32.05 -10.56 -1.51
C ALA H 93 -33.18 -11.18 -0.69
N VAL H 94 -33.71 -10.43 0.28
CA VAL H 94 -34.96 -10.79 1.04
C VAL H 94 -36.12 -10.85 0.05
N GLY H 95 -37.00 -11.85 0.19
CA GLY H 95 -38.22 -12.01 -0.63
C GLY H 95 -38.66 -13.46 -0.71
N ASP H 96 -38.71 -14.01 -1.92
CA ASP H 96 -39.18 -15.38 -2.23
C ASP H 96 -38.10 -16.40 -1.88
N HIS H 97 -36.87 -15.95 -1.61
CA HIS H 97 -35.65 -16.80 -1.48
C HIS H 97 -35.15 -16.81 -0.03
N ALA H 98 -34.64 -15.68 0.46
CA ALA H 98 -33.92 -15.53 1.75
C ALA H 98 -34.74 -14.69 2.73
N SER H 99 -34.40 -14.76 4.02
CA SER H 99 -35.02 -13.99 5.14
C SER H 99 -34.10 -12.81 5.51
N LYS H 100 -34.51 -11.99 6.48
CA LYS H 100 -33.77 -10.79 6.94
C LYS H 100 -32.54 -11.23 7.76
N GLN H 101 -32.67 -12.29 8.56
CA GLN H 101 -31.59 -12.82 9.45
C GLN H 101 -30.50 -13.49 8.59
N MET H 102 -30.87 -13.99 7.41
CA MET H 102 -29.94 -14.63 6.44
C MET H 102 -29.07 -13.55 5.79
N VAL H 103 -29.69 -12.45 5.34
CA VAL H 103 -29.00 -11.26 4.78
C VAL H 103 -28.10 -10.65 5.87
N LYS H 104 -28.60 -10.61 7.12
CA LYS H 104 -27.84 -10.16 8.31
C LYS H 104 -26.60 -11.04 8.47
N PHE H 105 -26.79 -12.37 8.46
CA PHE H 105 -25.70 -13.38 8.62
C PHE H 105 -24.72 -13.29 7.45
N ALA H 106 -25.21 -13.08 6.23
CA ALA H 106 -24.43 -13.00 4.97
C ALA H 106 -23.38 -11.88 5.07
N ALA H 107 -23.78 -10.70 5.56
CA ALA H 107 -22.92 -9.53 5.75
C ALA H 107 -22.00 -9.73 6.97
N ASN H 108 -22.43 -10.57 7.93
CA ASN H 108 -21.70 -10.86 9.19
C ASN H 108 -20.60 -11.91 8.96
N ILE H 109 -20.61 -12.60 7.82
CA ILE H 109 -19.53 -13.57 7.43
C ILE H 109 -18.23 -12.78 7.30
N ASN H 110 -17.22 -13.12 8.10
CA ASN H 110 -15.90 -12.43 8.15
C ASN H 110 -15.18 -12.62 6.79
N LYS H 111 -14.23 -11.74 6.49
CA LYS H 111 -13.46 -11.74 5.21
C LYS H 111 -12.66 -13.04 5.10
N GLU H 112 -12.66 -13.64 3.90
CA GLU H 112 -11.81 -14.79 3.47
C GLU H 112 -12.40 -16.12 3.94
N SER H 113 -13.49 -16.11 4.70
CA SER H 113 -14.24 -17.33 5.11
C SER H 113 -14.69 -18.08 3.85
N ILE H 114 -14.51 -19.41 3.84
CA ILE H 114 -14.94 -20.29 2.72
C ILE H 114 -16.40 -20.66 2.96
N VAL H 115 -17.23 -20.58 1.90
CA VAL H 115 -18.72 -20.78 1.99
C VAL H 115 -19.17 -21.70 0.86
N ASP H 116 -20.07 -22.65 1.18
CA ASP H 116 -20.87 -23.43 0.19
C ASP H 116 -22.12 -22.61 -0.12
N VAL H 117 -22.37 -22.33 -1.41
CA VAL H 117 -23.46 -21.44 -1.89
C VAL H 117 -24.30 -22.22 -2.92
N GLU H 118 -25.58 -22.45 -2.63
CA GLU H 118 -26.59 -22.89 -3.61
C GLU H 118 -27.32 -21.65 -4.15
N GLY H 119 -27.02 -21.25 -5.39
CA GLY H 119 -27.57 -20.04 -6.02
C GLY H 119 -28.15 -20.35 -7.39
N VAL H 120 -28.70 -19.32 -8.05
CA VAL H 120 -29.22 -19.37 -9.45
C VAL H 120 -28.46 -18.33 -10.27
N VAL H 121 -27.80 -18.77 -11.35
CA VAL H 121 -27.09 -17.88 -12.31
C VAL H 121 -28.16 -17.11 -13.09
N ARG H 122 -28.17 -15.78 -12.97
CA ARG H 122 -29.10 -14.88 -13.70
C ARG H 122 -28.29 -13.85 -14.49
N LYS H 123 -28.63 -13.68 -15.77
CA LYS H 123 -28.01 -12.70 -16.70
C LYS H 123 -28.18 -11.29 -16.12
N VAL H 124 -27.13 -10.46 -16.21
CA VAL H 124 -27.11 -9.07 -15.66
C VAL H 124 -27.49 -8.09 -16.76
N ASN H 125 -28.16 -6.99 -16.38
CA ASN H 125 -28.63 -5.91 -17.28
C ASN H 125 -27.42 -5.13 -17.81
N GLN H 126 -26.39 -4.95 -16.98
CA GLN H 126 -25.12 -4.25 -17.32
C GLN H 126 -23.93 -5.09 -16.85
N LYS H 127 -22.82 -5.05 -17.59
CA LYS H 127 -21.57 -5.81 -17.31
C LYS H 127 -21.05 -5.45 -15.90
N ILE H 128 -20.55 -6.44 -15.16
CA ILE H 128 -19.89 -6.24 -13.83
C ILE H 128 -18.38 -6.13 -14.07
N GLY H 129 -17.91 -4.93 -14.43
CA GLY H 129 -16.51 -4.64 -14.83
C GLY H 129 -15.49 -5.07 -13.77
N SER H 130 -15.86 -5.04 -12.49
CA SER H 130 -15.00 -5.38 -11.34
C SER H 130 -14.63 -6.88 -11.35
N CYS H 131 -15.61 -7.75 -11.60
CA CYS H 131 -15.49 -9.23 -11.57
C CYS H 131 -14.98 -9.78 -12.90
N THR H 132 -14.45 -11.01 -12.89
CA THR H 132 -14.06 -11.80 -14.10
C THR H 132 -15.32 -12.34 -14.78
N GLN H 133 -16.31 -12.74 -13.99
CA GLN H 133 -17.65 -13.18 -14.47
C GLN H 133 -18.55 -11.95 -14.57
N GLN H 134 -18.44 -11.23 -15.70
CA GLN H 134 -19.15 -9.94 -15.98
C GLN H 134 -20.54 -10.24 -16.54
N ASP H 135 -20.72 -11.41 -17.16
CA ASP H 135 -21.92 -11.78 -17.95
C ASP H 135 -23.11 -12.10 -17.04
N VAL H 136 -22.86 -12.52 -15.79
CA VAL H 136 -23.90 -13.04 -14.87
C VAL H 136 -23.59 -12.65 -13.42
N GLU H 137 -24.61 -12.73 -12.55
CA GLU H 137 -24.50 -12.69 -11.07
C GLU H 137 -25.19 -13.93 -10.51
N LEU H 138 -24.90 -14.25 -9.24
CA LEU H 138 -25.42 -15.47 -8.55
C LEU H 138 -26.47 -15.06 -7.52
N HIS H 139 -27.75 -15.33 -7.80
CA HIS H 139 -28.89 -15.10 -6.87
C HIS H 139 -28.91 -16.24 -5.83
N VAL H 140 -28.52 -15.92 -4.60
CA VAL H 140 -28.27 -16.90 -3.50
C VAL H 140 -29.60 -17.48 -3.02
N GLN H 141 -29.60 -18.77 -2.68
CA GLN H 141 -30.75 -19.50 -2.07
C GLN H 141 -30.31 -20.12 -0.73
N LYS H 142 -29.06 -20.58 -0.63
CA LYS H 142 -28.41 -21.07 0.62
C LYS H 142 -26.99 -20.52 0.71
N ILE H 143 -26.49 -20.31 1.94
CA ILE H 143 -25.07 -19.94 2.23
C ILE H 143 -24.67 -20.57 3.57
N TYR H 144 -23.71 -21.52 3.53
CA TYR H 144 -23.12 -22.17 4.72
C TYR H 144 -21.62 -21.84 4.79
N VAL H 145 -21.16 -21.34 5.93
CA VAL H 145 -19.71 -21.12 6.23
C VAL H 145 -19.11 -22.46 6.66
N ILE H 146 -18.38 -23.12 5.76
CA ILE H 146 -17.70 -24.43 6.02
C ILE H 146 -16.39 -24.17 6.76
N SER H 147 -15.72 -23.05 6.47
CA SER H 147 -14.49 -22.58 7.15
C SER H 147 -14.69 -21.11 7.55
N LEU H 148 -14.82 -20.84 8.85
CA LEU H 148 -15.00 -19.47 9.40
C LEU H 148 -13.63 -18.82 9.60
N ALA H 149 -13.27 -17.88 8.73
CA ALA H 149 -12.07 -17.03 8.85
C ALA H 149 -12.25 -16.07 10.03
N GLU H 150 -11.22 -15.90 10.86
CA GLU H 150 -11.20 -14.90 11.97
C GLU H 150 -11.21 -13.51 11.34
N PRO H 151 -11.78 -12.50 12.02
CA PRO H 151 -12.20 -11.26 11.35
C PRO H 151 -11.07 -10.52 10.61
N ARG H 152 -10.04 -10.10 11.35
CA ARG H 152 -8.76 -9.47 10.94
C ARG H 152 -8.15 -10.11 9.69
N LEU H 153 -7.21 -9.40 9.04
CA LEU H 153 -6.27 -9.97 8.04
C LEU H 153 -4.90 -9.32 8.22
N PRO H 154 -3.83 -10.09 8.49
CA PRO H 154 -2.52 -9.52 8.78
C PRO H 154 -1.85 -8.91 7.54
N LEU H 155 -0.96 -7.94 7.74
CA LEU H 155 -0.16 -7.25 6.68
C LEU H 155 1.11 -6.66 7.31
N ARG H 180 6.04 -14.46 10.96
CA ARG H 180 5.19 -13.92 9.87
C ARG H 180 5.12 -14.95 8.73
N LEU H 181 4.60 -16.14 9.05
CA LEU H 181 4.32 -17.26 8.11
C LEU H 181 2.94 -17.05 7.48
N ASP H 182 1.92 -16.80 8.33
CA ASP H 182 0.51 -16.55 7.95
C ASP H 182 0.43 -15.36 6.98
N ASN H 183 1.34 -14.39 7.09
CA ASN H 183 1.50 -13.28 6.10
C ASN H 183 1.59 -13.87 4.69
N ARG H 184 2.54 -14.78 4.45
CA ARG H 184 2.86 -15.35 3.12
C ARG H 184 1.65 -16.13 2.59
N VAL H 185 0.89 -16.78 3.47
CA VAL H 185 -0.31 -17.60 3.11
C VAL H 185 -1.33 -16.71 2.41
N ILE H 186 -1.62 -15.53 2.98
CA ILE H 186 -2.58 -14.54 2.43
C ILE H 186 -2.00 -13.96 1.14
N ASP H 187 -0.71 -13.61 1.16
CA ASP H 187 0.01 -12.95 0.03
C ASP H 187 -0.14 -13.81 -1.22
N LEU H 188 -0.11 -15.15 -1.08
CA LEU H 188 -0.16 -16.11 -2.22
C LEU H 188 -1.61 -16.29 -2.72
N ARG H 189 -2.59 -15.62 -2.10
CA ARG H 189 -4.00 -15.60 -2.57
C ARG H 189 -4.20 -14.44 -3.55
N THR H 190 -3.33 -13.42 -3.50
CA THR H 190 -3.37 -12.23 -4.40
C THR H 190 -3.33 -12.70 -5.85
N SER H 191 -4.27 -12.23 -6.68
CA SER H 191 -4.44 -12.62 -8.10
C SER H 191 -3.09 -12.57 -8.84
N THR H 192 -2.21 -11.65 -8.46
CA THR H 192 -0.82 -11.52 -8.98
C THR H 192 -0.04 -12.81 -8.66
N SER H 193 0.17 -13.10 -7.37
CA SER H 193 0.90 -14.30 -6.88
C SER H 193 0.34 -15.55 -7.56
N GLN H 194 -0.97 -15.76 -7.44
CA GLN H 194 -1.70 -16.90 -8.06
C GLN H 194 -1.27 -17.04 -9.53
N ALA H 195 -1.30 -15.94 -10.29
CA ALA H 195 -1.00 -15.90 -11.73
C ALA H 195 0.49 -16.19 -11.98
N VAL H 196 1.38 -15.57 -11.19
CA VAL H 196 2.87 -15.71 -11.30
C VAL H 196 3.23 -17.19 -11.16
N PHE H 197 2.79 -17.83 -10.08
CA PHE H 197 3.25 -19.17 -9.64
C PHE H 197 2.52 -20.28 -10.41
N ARG H 198 1.29 -20.02 -10.89
CA ARG H 198 0.57 -20.94 -11.80
C ARG H 198 1.28 -20.93 -13.17
N LEU H 199 1.84 -19.78 -13.57
CA LEU H 199 2.63 -19.62 -14.82
C LEU H 199 4.01 -20.27 -14.62
N GLN H 200 4.62 -20.12 -13.44
CA GLN H 200 5.95 -20.70 -13.11
C GLN H 200 5.87 -22.24 -13.20
N SER H 201 4.82 -22.82 -12.63
CA SER H 201 4.46 -24.26 -12.78
C SER H 201 4.43 -24.61 -14.28
N GLY H 202 3.85 -23.72 -15.10
CA GLY H 202 3.79 -23.85 -16.57
C GLY H 202 5.16 -23.97 -17.20
N ILE H 203 6.10 -23.08 -16.83
CA ILE H 203 7.50 -23.08 -17.35
C ILE H 203 8.09 -24.47 -17.15
N CYS H 204 8.08 -24.98 -15.90
CA CYS H 204 8.61 -26.31 -15.51
C CYS H 204 8.00 -27.41 -16.39
N HIS H 205 6.68 -27.36 -16.63
CA HIS H 205 5.94 -28.35 -17.46
C HIS H 205 6.36 -28.23 -18.92
N LEU H 206 6.38 -27.01 -19.47
CA LEU H 206 6.77 -26.73 -20.88
C LEU H 206 8.23 -27.11 -21.09
N PHE H 207 9.09 -26.92 -20.09
CA PHE H 207 10.53 -27.29 -20.11
C PHE H 207 10.67 -28.79 -20.29
N ARG H 208 9.98 -29.58 -19.45
CA ARG H 208 10.00 -31.07 -19.48
C ARG H 208 9.35 -31.57 -20.77
N GLU H 209 8.06 -31.27 -20.98
CA GLU H 209 7.26 -31.75 -22.13
C GLU H 209 8.08 -31.58 -23.41
N THR H 210 8.73 -30.41 -23.58
CA THR H 210 9.59 -30.07 -24.74
C THR H 210 10.74 -31.08 -24.84
N LEU H 211 11.61 -31.13 -23.82
CA LEU H 211 12.84 -31.97 -23.81
C LEU H 211 12.47 -33.46 -23.89
N ILE H 212 11.52 -33.91 -23.07
CA ILE H 212 11.04 -35.33 -23.02
C ILE H 212 10.57 -35.75 -24.42
N ASN H 213 9.84 -34.88 -25.12
CA ASN H 213 9.34 -35.14 -26.51
C ASN H 213 10.51 -35.22 -27.50
N LYS H 214 11.63 -34.54 -27.21
CA LYS H 214 12.87 -34.55 -28.03
C LYS H 214 13.74 -35.76 -27.69
N GLY H 215 13.32 -36.58 -26.71
CA GLY H 215 13.97 -37.86 -26.36
C GLY H 215 14.99 -37.69 -25.24
N PHE H 216 14.67 -36.87 -24.23
CA PHE H 216 15.52 -36.63 -23.03
C PHE H 216 15.11 -37.59 -21.92
N VAL H 217 15.98 -37.71 -20.91
CA VAL H 217 15.79 -38.55 -19.69
C VAL H 217 16.04 -37.68 -18.46
N GLU H 218 15.05 -37.54 -17.59
CA GLU H 218 15.18 -36.76 -16.33
C GLU H 218 16.05 -37.55 -15.35
N ILE H 219 17.08 -36.91 -14.80
CA ILE H 219 17.96 -37.48 -13.73
C ILE H 219 17.67 -36.74 -12.42
N GLN H 220 18.13 -37.30 -11.30
CA GLN H 220 17.95 -36.73 -9.93
C GLN H 220 19.33 -36.58 -9.29
N THR H 221 19.98 -35.43 -9.46
CA THR H 221 21.30 -35.10 -8.86
C THR H 221 21.16 -35.08 -7.34
N PRO H 222 22.12 -35.64 -6.58
CA PRO H 222 22.08 -35.56 -5.12
C PRO H 222 22.43 -34.12 -4.67
N LYS H 223 22.28 -33.84 -3.37
CA LYS H 223 22.52 -32.49 -2.78
C LYS H 223 23.24 -32.66 -1.42
N ILE H 224 24.34 -33.42 -1.45
CA ILE H 224 25.21 -33.67 -0.27
C ILE H 224 26.40 -32.73 -0.40
N ILE H 225 26.16 -31.43 -0.57
CA ILE H 225 27.26 -30.45 -0.77
C ILE H 225 28.16 -30.40 0.47
N SER H 226 27.58 -30.43 1.66
CA SER H 226 28.37 -30.39 2.92
C SER H 226 29.40 -29.26 2.88
N SER H 250 26.39 -27.86 -6.86
CA SER H 250 26.04 -27.65 -8.30
C SER H 250 25.90 -28.99 -9.02
N PRO H 251 25.02 -29.10 -10.04
CA PRO H 251 24.69 -30.38 -10.66
C PRO H 251 25.59 -30.85 -11.82
N GLN H 252 26.42 -29.97 -12.41
CA GLN H 252 27.07 -30.20 -13.72
C GLN H 252 27.81 -31.54 -13.73
N LEU H 253 28.59 -31.83 -12.68
CA LEU H 253 29.43 -33.05 -12.56
C LEU H 253 28.60 -34.29 -12.89
N TYR H 254 27.41 -34.40 -12.28
CA TYR H 254 26.52 -35.59 -12.34
C TYR H 254 25.91 -35.74 -13.74
N LYS H 255 25.54 -34.62 -14.36
CA LYS H 255 25.00 -34.58 -15.75
C LYS H 255 26.07 -35.15 -16.70
N GLN H 256 27.32 -34.71 -16.55
CA GLN H 256 28.46 -35.11 -17.41
C GLN H 256 28.77 -36.61 -17.23
N MET H 257 28.68 -37.11 -16.00
CA MET H 257 28.88 -38.56 -15.69
C MET H 257 27.79 -39.39 -16.40
N CYS H 258 26.54 -38.89 -16.41
CA CYS H 258 25.39 -39.52 -17.12
C CYS H 258 25.68 -39.58 -18.63
N ILE H 259 26.17 -38.47 -19.20
CA ILE H 259 26.59 -38.39 -20.63
C ILE H 259 27.65 -39.46 -20.90
N CYS H 260 28.66 -39.54 -20.04
CA CYS H 260 29.78 -40.53 -20.10
C CYS H 260 29.26 -41.94 -19.86
N ALA H 261 28.04 -42.09 -19.33
CA ALA H 261 27.38 -43.38 -19.03
C ALA H 261 26.25 -43.67 -20.03
N ASP H 262 26.37 -43.16 -21.26
CA ASP H 262 25.52 -43.52 -22.44
C ASP H 262 24.14 -42.86 -22.36
N PHE H 263 23.83 -42.10 -21.31
CA PHE H 263 22.61 -41.25 -21.23
C PHE H 263 22.82 -40.04 -22.16
N GLU H 264 22.40 -40.18 -23.42
CA GLU H 264 22.70 -39.22 -24.53
C GLU H 264 22.17 -37.83 -24.18
N LYS H 265 20.94 -37.74 -23.66
CA LYS H 265 20.21 -36.46 -23.43
C LYS H 265 19.60 -36.46 -22.02
N VAL H 266 20.08 -35.58 -21.13
CA VAL H 266 19.66 -35.51 -19.70
C VAL H 266 19.34 -34.05 -19.33
N PHE H 267 18.36 -33.88 -18.42
CA PHE H 267 18.00 -32.60 -17.76
C PHE H 267 17.66 -32.87 -16.29
N SER H 268 17.78 -31.86 -15.43
CA SER H 268 17.52 -31.97 -13.97
C SER H 268 16.92 -30.66 -13.44
N ILE H 269 15.64 -30.70 -13.05
CA ILE H 269 14.95 -29.62 -12.29
C ILE H 269 15.15 -29.88 -10.80
N GLY H 270 15.95 -29.04 -10.13
CA GLY H 270 16.21 -29.17 -8.68
C GLY H 270 16.87 -27.93 -8.11
N PRO H 271 16.94 -27.80 -6.76
CA PRO H 271 17.56 -26.64 -6.13
C PRO H 271 19.08 -26.59 -6.37
N VAL H 272 19.59 -25.40 -6.71
CA VAL H 272 21.02 -25.11 -6.97
C VAL H 272 21.48 -24.04 -5.95
N PHE H 273 22.78 -23.95 -5.70
CA PHE H 273 23.39 -23.01 -4.71
C PHE H 273 24.52 -22.22 -5.37
N HIS H 283 25.53 -14.79 3.33
CA HIS H 283 25.84 -14.74 1.88
C HIS H 283 25.71 -16.13 1.24
N LEU H 284 24.87 -17.00 1.79
CA LEU H 284 24.59 -18.36 1.23
C LEU H 284 23.19 -18.33 0.61
N THR H 285 23.08 -18.62 -0.70
CA THR H 285 21.85 -18.39 -1.52
C THR H 285 21.41 -19.72 -2.13
N GLU H 286 20.10 -20.01 -2.13
CA GLU H 286 19.47 -21.20 -2.76
C GLU H 286 18.43 -20.72 -3.77
N PHE H 287 18.40 -21.32 -4.97
CA PHE H 287 17.36 -21.09 -6.01
C PHE H 287 17.14 -22.40 -6.79
N VAL H 288 16.04 -22.47 -7.54
CA VAL H 288 15.66 -23.64 -8.38
C VAL H 288 16.23 -23.43 -9.79
N GLY H 289 16.96 -24.42 -10.30
CA GLY H 289 17.62 -24.38 -11.63
C GLY H 289 17.15 -25.52 -12.53
N LEU H 290 16.80 -25.19 -13.78
CA LEU H 290 16.48 -26.19 -14.84
C LEU H 290 17.74 -26.35 -15.71
N ASP H 291 18.40 -27.50 -15.64
CA ASP H 291 19.73 -27.77 -16.24
C ASP H 291 19.58 -28.76 -17.41
N ILE H 292 20.34 -28.54 -18.49
CA ILE H 292 20.40 -29.43 -19.69
C ILE H 292 21.87 -29.84 -19.89
N GLU H 293 22.09 -31.10 -20.28
CA GLU H 293 23.39 -31.62 -20.77
C GLU H 293 23.10 -32.65 -21.87
N MET H 294 23.63 -32.41 -23.07
CA MET H 294 23.25 -33.14 -24.32
C MET H 294 24.51 -33.49 -25.10
N ALA H 295 24.68 -34.77 -25.45
CA ALA H 295 25.72 -35.26 -26.37
C ALA H 295 25.29 -34.99 -27.80
N PHE H 296 26.14 -34.32 -28.59
CA PHE H 296 25.87 -33.93 -29.99
C PHE H 296 26.72 -34.79 -30.93
N ASN H 297 26.45 -34.69 -32.23
CA ASN H 297 27.14 -35.45 -33.30
C ASN H 297 28.51 -34.83 -33.56
N TYR H 298 28.57 -33.68 -34.22
CA TYR H 298 29.82 -33.08 -34.76
C TYR H 298 30.01 -31.63 -34.32
N HIS H 299 28.93 -30.84 -34.18
CA HIS H 299 28.98 -29.40 -33.82
C HIS H 299 28.18 -29.14 -32.54
N TYR H 300 28.71 -28.27 -31.66
CA TYR H 300 28.11 -27.89 -30.36
C TYR H 300 26.88 -26.99 -30.55
N HIS H 301 26.68 -26.48 -31.77
CA HIS H 301 25.49 -25.70 -32.19
C HIS H 301 24.25 -26.61 -32.16
N GLU H 302 24.43 -27.91 -32.38
CA GLU H 302 23.35 -28.92 -32.30
C GLU H 302 22.67 -28.84 -30.94
N VAL H 303 23.44 -28.60 -29.88
CA VAL H 303 22.95 -28.44 -28.47
C VAL H 303 22.40 -27.02 -28.29
N MET H 304 23.20 -26.01 -28.62
CA MET H 304 22.86 -24.57 -28.43
C MET H 304 21.51 -24.27 -29.09
N GLU H 305 21.33 -24.69 -30.35
CA GLU H 305 20.10 -24.44 -31.15
C GLU H 305 18.93 -25.24 -30.57
N GLU H 306 19.20 -26.34 -29.86
CA GLU H 306 18.18 -27.14 -29.12
C GLU H 306 17.74 -26.39 -27.87
N ILE H 307 18.70 -26.02 -27.00
CA ILE H 307 18.44 -25.23 -25.75
C ILE H 307 17.61 -24.00 -26.12
N ALA H 308 18.00 -23.29 -27.18
CA ALA H 308 17.31 -22.09 -27.70
C ALA H 308 15.86 -22.40 -28.04
N ASP H 309 15.61 -23.40 -28.90
CA ASP H 309 14.27 -23.84 -29.33
C ASP H 309 13.43 -24.19 -28.10
N THR H 310 14.02 -24.85 -27.10
CA THR H 310 13.36 -25.25 -25.83
C THR H 310 12.85 -24.00 -25.10
N MET H 311 13.68 -22.96 -24.99
CA MET H 311 13.32 -21.65 -24.37
C MET H 311 12.25 -20.97 -25.23
N VAL H 312 12.34 -21.07 -26.55
CA VAL H 312 11.34 -20.53 -27.52
C VAL H 312 10.00 -21.24 -27.28
N GLN H 313 10.02 -22.58 -27.21
CA GLN H 313 8.82 -23.42 -27.00
C GLN H 313 8.17 -23.08 -25.66
N ILE H 314 8.97 -22.75 -24.63
CA ILE H 314 8.46 -22.28 -23.31
C ILE H 314 7.68 -20.98 -23.53
N PHE H 315 8.26 -20.01 -24.23
CA PHE H 315 7.67 -18.67 -24.48
C PHE H 315 6.38 -18.82 -25.30
N LYS H 316 6.44 -19.56 -26.40
CA LYS H 316 5.28 -19.88 -27.27
C LYS H 316 4.17 -20.49 -26.42
N GLY H 317 4.52 -21.40 -25.51
CA GLY H 317 3.60 -22.12 -24.62
C GLY H 317 2.88 -21.18 -23.65
N LEU H 318 3.62 -20.28 -22.99
CA LEU H 318 3.06 -19.31 -22.00
C LEU H 318 2.12 -18.33 -22.71
N GLN H 319 2.48 -17.88 -23.92
CA GLN H 319 1.71 -16.87 -24.69
C GLN H 319 0.44 -17.48 -25.28
N GLU H 320 0.41 -18.81 -25.47
CA GLU H 320 -0.78 -19.55 -25.98
C GLU H 320 -1.73 -19.84 -24.81
N ARG H 321 -1.28 -20.63 -23.83
CA ARG H 321 -2.13 -21.21 -22.76
C ARG H 321 -2.32 -20.20 -21.62
N PHE H 322 -1.22 -19.63 -21.10
CA PHE H 322 -1.18 -18.84 -19.84
C PHE H 322 -1.38 -17.35 -20.12
N GLN H 323 -2.24 -16.99 -21.08
CA GLN H 323 -2.49 -15.56 -21.47
C GLN H 323 -3.27 -14.87 -20.34
N THR H 324 -4.20 -15.60 -19.70
CA THR H 324 -4.98 -15.14 -18.53
C THR H 324 -4.04 -14.74 -17.39
N GLU H 325 -3.02 -15.57 -17.11
CA GLU H 325 -2.07 -15.41 -15.98
C GLU H 325 -1.12 -14.24 -16.28
N ILE H 326 -0.73 -14.05 -17.53
CA ILE H 326 0.21 -12.96 -17.97
C ILE H 326 -0.47 -11.60 -17.73
N GLN H 327 -1.72 -11.46 -18.18
CA GLN H 327 -2.52 -10.20 -18.10
C GLN H 327 -2.80 -9.86 -16.63
N THR H 328 -3.04 -10.88 -15.80
CA THR H 328 -3.32 -10.73 -14.35
C THR H 328 -2.13 -10.09 -13.63
N VAL H 329 -0.90 -10.41 -14.06
CA VAL H 329 0.37 -9.82 -13.53
C VAL H 329 0.56 -8.45 -14.19
N ASN H 330 0.22 -8.34 -15.48
CA ASN H 330 0.31 -7.08 -16.28
C ASN H 330 -0.54 -5.99 -15.63
N LYS H 331 -1.74 -6.34 -15.16
CA LYS H 331 -2.74 -5.40 -14.56
C LYS H 331 -2.12 -4.66 -13.39
N GLN H 332 -1.28 -5.32 -12.58
CA GLN H 332 -0.61 -4.73 -11.39
C GLN H 332 0.77 -4.18 -11.78
N PHE H 333 1.53 -4.94 -12.59
CA PHE H 333 2.90 -4.58 -13.05
C PHE H 333 2.92 -4.44 -14.56
N PRO H 334 2.67 -3.23 -15.11
CA PRO H 334 2.67 -3.03 -16.56
C PRO H 334 4.02 -3.41 -17.18
N CYS H 335 3.99 -4.21 -18.25
CA CYS H 335 5.18 -4.65 -19.02
C CYS H 335 4.73 -5.08 -20.43
N GLU H 336 5.45 -4.61 -21.46
CA GLU H 336 5.20 -4.99 -22.87
C GLU H 336 5.30 -6.51 -23.01
N PRO H 337 4.56 -7.15 -23.94
CA PRO H 337 4.67 -8.59 -24.16
C PRO H 337 6.12 -8.99 -24.46
N PHE H 338 6.53 -10.18 -24.02
CA PHE H 338 7.88 -10.74 -24.28
C PHE H 338 7.99 -11.06 -25.78
N LYS H 339 9.05 -10.54 -26.42
CA LYS H 339 9.27 -10.65 -27.89
C LYS H 339 10.52 -11.51 -28.14
N PHE H 340 10.46 -12.38 -29.15
CA PHE H 340 11.54 -13.31 -29.56
C PHE H 340 11.36 -13.69 -31.04
N LEU H 341 12.43 -14.21 -31.65
CA LEU H 341 12.44 -14.69 -33.07
C LEU H 341 12.44 -16.22 -33.08
N GLU H 342 11.81 -16.83 -34.08
CA GLU H 342 11.53 -18.30 -34.15
C GLU H 342 12.84 -19.07 -34.30
N PRO H 343 13.72 -18.70 -35.27
CA PRO H 343 15.12 -19.11 -35.20
C PRO H 343 15.87 -18.10 -34.33
N THR H 344 16.01 -18.40 -33.03
CA THR H 344 16.53 -17.49 -31.97
C THR H 344 17.76 -16.73 -32.48
N LEU H 345 17.78 -15.41 -32.30
CA LEU H 345 18.88 -14.52 -32.75
C LEU H 345 20.20 -14.94 -32.07
N ARG H 346 21.26 -15.08 -32.86
CA ARG H 346 22.63 -15.43 -32.38
C ARG H 346 23.62 -14.37 -32.85
N LEU H 347 24.26 -13.68 -31.90
CA LEU H 347 25.39 -12.75 -32.15
C LEU H 347 26.67 -13.37 -31.59
N GLU H 348 27.73 -13.43 -32.39
CA GLU H 348 29.08 -13.88 -31.95
C GLU H 348 29.73 -12.72 -31.19
N TYR H 349 30.71 -13.02 -30.32
CA TYR H 349 31.28 -12.08 -29.34
C TYR H 349 31.86 -10.84 -30.05
N CYS H 350 32.56 -11.06 -31.17
CA CYS H 350 33.16 -9.99 -32.01
C CYS H 350 32.08 -9.01 -32.46
N GLU H 351 30.95 -9.52 -32.95
CA GLU H 351 29.79 -8.72 -33.43
C GLU H 351 29.28 -7.83 -32.29
N ALA H 352 29.21 -8.36 -31.07
CA ALA H 352 28.70 -7.66 -29.86
C ALA H 352 29.64 -6.50 -29.50
N LEU H 353 30.96 -6.72 -29.57
CA LEU H 353 31.99 -5.68 -29.28
C LEU H 353 31.86 -4.52 -30.27
N ALA H 354 31.62 -4.82 -31.55
CA ALA H 354 31.43 -3.83 -32.62
C ALA H 354 30.20 -2.95 -32.33
N MET H 355 29.12 -3.55 -31.82
CA MET H 355 27.86 -2.86 -31.45
C MET H 355 28.10 -1.96 -30.24
N LEU H 356 28.84 -2.45 -29.24
CA LEU H 356 29.16 -1.72 -27.98
C LEU H 356 30.13 -0.56 -28.28
N ARG H 357 31.13 -0.81 -29.14
CA ARG H 357 32.16 0.19 -29.52
C ARG H 357 31.51 1.29 -30.38
N GLU H 358 30.62 0.91 -31.31
CA GLU H 358 29.80 1.85 -32.13
C GLU H 358 28.90 2.67 -31.20
N ALA H 359 28.43 2.07 -30.10
CA ALA H 359 27.59 2.70 -29.06
C ALA H 359 28.45 3.49 -28.06
N GLY H 360 29.79 3.46 -28.24
CA GLY H 360 30.75 4.22 -27.41
C GLY H 360 31.04 3.52 -26.10
N VAL H 361 31.73 2.38 -26.15
CA VAL H 361 32.18 1.59 -24.97
C VAL H 361 33.62 1.13 -25.20
N GLU H 362 34.57 1.72 -24.45
CA GLU H 362 35.99 1.30 -24.44
C GLU H 362 36.09 -0.08 -23.77
N MET H 363 36.28 -1.14 -24.56
CA MET H 363 36.34 -2.55 -24.08
C MET H 363 37.41 -3.31 -24.87
N GLY H 364 38.10 -4.25 -24.19
CA GLY H 364 39.15 -5.10 -24.78
C GLY H 364 38.56 -6.27 -25.56
N ASP H 365 39.33 -6.85 -26.47
CA ASP H 365 38.90 -7.96 -27.38
C ASP H 365 38.60 -9.22 -26.56
N GLU H 366 39.32 -9.44 -25.45
CA GLU H 366 39.27 -10.69 -24.64
C GLU H 366 38.59 -10.45 -23.29
N ASP H 367 38.22 -9.20 -22.97
CA ASP H 367 37.51 -8.85 -21.71
C ASP H 367 36.15 -9.56 -21.68
N ASP H 368 35.62 -9.84 -20.49
CA ASP H 368 34.26 -10.40 -20.28
C ASP H 368 33.26 -9.23 -20.22
N LEU H 369 32.05 -9.43 -20.77
CA LEU H 369 30.95 -8.43 -20.72
C LEU H 369 30.62 -8.13 -19.26
N SER H 370 30.89 -6.90 -18.81
CA SER H 370 30.46 -6.36 -17.49
C SER H 370 28.92 -6.39 -17.44
N THR H 371 28.36 -6.54 -16.23
CA THR H 371 26.89 -6.65 -15.99
C THR H 371 26.16 -5.47 -16.63
N PRO H 372 26.67 -4.22 -16.52
CA PRO H 372 26.06 -3.08 -17.21
C PRO H 372 26.06 -3.21 -18.74
N ASN H 373 27.16 -3.69 -19.33
CA ASN H 373 27.31 -3.88 -20.80
C ASN H 373 26.28 -4.92 -21.28
N GLU H 374 26.06 -5.98 -20.51
CA GLU H 374 25.04 -7.03 -20.78
C GLU H 374 23.65 -6.37 -20.88
N LYS H 375 23.35 -5.47 -19.94
CA LYS H 375 22.10 -4.66 -19.89
C LYS H 375 21.99 -3.81 -21.15
N LEU H 376 23.08 -3.09 -21.51
CA LEU H 376 23.15 -2.21 -22.71
C LEU H 376 22.96 -3.07 -23.97
N LEU H 377 23.81 -4.07 -24.16
CA LEU H 377 23.84 -4.94 -25.38
C LEU H 377 22.41 -5.44 -25.67
N GLY H 378 21.70 -5.88 -24.63
CA GLY H 378 20.29 -6.33 -24.72
C GLY H 378 19.40 -5.25 -25.31
N HIS H 379 19.55 -4.01 -24.85
CA HIS H 379 18.81 -2.82 -25.34
C HIS H 379 19.15 -2.57 -26.81
N LEU H 380 20.44 -2.67 -27.18
CA LEU H 380 20.92 -2.48 -28.58
C LEU H 380 20.30 -3.55 -29.47
N VAL H 381 20.21 -4.80 -29.00
CA VAL H 381 19.58 -5.94 -29.74
C VAL H 381 18.09 -5.66 -29.90
N LYS H 382 17.43 -5.21 -28.81
CA LYS H 382 15.99 -4.84 -28.81
C LYS H 382 15.77 -3.71 -29.83
N GLU H 383 16.67 -2.72 -29.87
CA GLU H 383 16.56 -1.56 -30.79
C GLU H 383 16.55 -2.04 -32.24
N LYS H 384 17.47 -2.96 -32.59
CA LYS H 384 17.70 -3.40 -34.00
C LYS H 384 16.68 -4.45 -34.41
N TYR H 385 16.73 -5.63 -33.78
CA TYR H 385 15.97 -6.84 -34.19
C TYR H 385 14.58 -6.85 -33.53
N ASP H 386 14.46 -6.22 -32.36
CA ASP H 386 13.22 -6.17 -31.54
C ASP H 386 12.95 -7.58 -31.01
N THR H 387 13.89 -8.11 -30.23
CA THR H 387 13.80 -9.41 -29.51
C THR H 387 14.40 -9.22 -28.11
N ASP H 388 13.68 -9.70 -27.09
CA ASP H 388 14.12 -9.65 -25.68
C ASP H 388 15.00 -10.88 -25.39
N PHE H 389 15.02 -11.85 -26.30
CA PHE H 389 15.77 -13.13 -26.19
C PHE H 389 16.72 -13.32 -27.39
N TYR H 390 18.03 -13.33 -27.11
CA TYR H 390 19.12 -13.57 -28.10
C TYR H 390 20.23 -14.40 -27.44
N ILE H 391 21.11 -14.97 -28.26
CA ILE H 391 22.28 -15.80 -27.83
C ILE H 391 23.57 -15.05 -28.18
N LEU H 392 24.48 -14.91 -27.21
CA LEU H 392 25.87 -14.42 -27.43
C LEU H 392 26.82 -15.62 -27.46
N ASP H 393 27.47 -15.85 -28.60
CA ASP H 393 28.23 -17.09 -28.92
C ASP H 393 29.72 -16.74 -29.01
N LYS H 394 30.59 -17.77 -28.96
CA LYS H 394 32.05 -17.68 -29.21
C LYS H 394 32.70 -16.72 -28.20
N TYR H 395 32.42 -16.88 -26.90
CA TYR H 395 32.99 -16.09 -25.79
C TYR H 395 34.51 -16.23 -25.79
N PRO H 396 35.26 -15.28 -25.17
CA PRO H 396 36.71 -15.42 -25.02
C PRO H 396 37.07 -16.55 -24.05
N LEU H 397 38.02 -17.41 -24.42
CA LEU H 397 38.39 -18.63 -23.67
C LEU H 397 38.84 -18.26 -22.25
N ALA H 398 39.55 -17.14 -22.09
CA ALA H 398 40.20 -16.68 -20.84
C ALA H 398 39.17 -16.55 -19.71
N VAL H 399 37.93 -16.12 -20.02
CA VAL H 399 36.91 -15.70 -19.02
C VAL H 399 36.04 -16.90 -18.61
N ARG H 400 36.10 -18.00 -19.35
CA ARG H 400 35.23 -19.19 -19.14
C ARG H 400 35.96 -20.21 -18.25
N PRO H 401 35.24 -21.16 -17.62
CA PRO H 401 35.87 -22.22 -16.83
C PRO H 401 36.74 -23.17 -17.68
N PHE H 402 37.62 -23.93 -17.01
CA PHE H 402 38.66 -24.79 -17.64
C PHE H 402 38.02 -25.83 -18.56
N TYR H 403 36.89 -26.43 -18.15
CA TYR H 403 36.21 -27.54 -18.88
C TYR H 403 35.59 -27.05 -20.19
N THR H 404 35.66 -25.74 -20.48
CA THR H 404 35.13 -25.12 -21.72
C THR H 404 36.05 -25.49 -22.89
N MET H 405 35.50 -26.13 -23.92
CA MET H 405 36.23 -26.57 -25.15
C MET H 405 36.71 -25.35 -25.93
N PRO H 406 38.03 -25.17 -26.14
CA PRO H 406 38.55 -24.09 -26.98
C PRO H 406 38.13 -24.22 -28.45
N ASP H 407 38.01 -23.09 -29.14
CA ASP H 407 37.73 -23.00 -30.60
C ASP H 407 38.95 -23.52 -31.34
N PRO H 408 38.80 -24.50 -32.26
CA PRO H 408 39.96 -25.12 -32.93
C PRO H 408 40.74 -24.16 -33.86
N ARG H 409 40.07 -23.14 -34.39
CA ARG H 409 40.64 -22.15 -35.36
C ARG H 409 41.29 -21.00 -34.58
N ASN H 410 40.53 -20.33 -33.71
CA ASN H 410 40.99 -19.19 -32.87
C ASN H 410 41.14 -19.67 -31.43
N PRO H 411 42.34 -20.10 -30.99
CA PRO H 411 42.51 -20.70 -29.66
C PRO H 411 42.40 -19.69 -28.50
N LYS H 412 42.17 -18.42 -28.81
CA LYS H 412 41.86 -17.35 -27.83
C LYS H 412 40.34 -17.35 -27.53
N GLN H 413 39.53 -17.84 -28.47
CA GLN H 413 38.06 -17.97 -28.35
C GLN H 413 37.69 -19.39 -27.89
N SER H 414 36.47 -19.56 -27.38
CA SER H 414 35.91 -20.85 -26.89
C SER H 414 34.64 -21.20 -27.67
N ASN H 415 34.12 -22.42 -27.46
CA ASN H 415 32.82 -22.89 -27.99
C ASN H 415 31.75 -22.71 -26.89
N SER H 416 31.70 -21.51 -26.30
CA SER H 416 30.80 -21.15 -25.17
C SER H 416 29.74 -20.15 -25.65
N TYR H 417 28.69 -19.95 -24.86
CA TYR H 417 27.53 -19.09 -25.21
C TYR H 417 26.76 -18.69 -23.94
N ASP H 418 26.20 -17.48 -23.94
CA ASP H 418 25.21 -16.99 -22.95
C ASP H 418 23.90 -16.69 -23.71
N MET H 419 22.77 -16.83 -23.02
CA MET H 419 21.42 -16.46 -23.54
C MET H 419 20.80 -15.45 -22.58
N PHE H 420 20.24 -14.36 -23.12
CA PHE H 420 19.76 -13.18 -22.35
C PHE H 420 18.26 -12.98 -22.55
N MET H 421 17.53 -12.74 -21.46
CA MET H 421 16.10 -12.30 -21.45
C MET H 421 16.05 -10.86 -20.91
N ARG H 422 15.47 -9.94 -21.69
CA ARG H 422 15.40 -8.48 -21.37
C ARG H 422 16.77 -7.99 -20.89
N GLY H 423 17.84 -8.39 -21.60
CA GLY H 423 19.21 -7.88 -21.42
C GLY H 423 19.89 -8.37 -20.15
N GLU H 424 19.29 -9.33 -19.44
CA GLU H 424 19.88 -9.97 -18.23
C GLU H 424 20.16 -11.44 -18.54
N GLU H 425 21.37 -11.92 -18.22
CA GLU H 425 21.84 -13.31 -18.42
C GLU H 425 20.92 -14.27 -17.66
N ILE H 426 20.43 -15.31 -18.34
CA ILE H 426 19.65 -16.42 -17.72
C ILE H 426 20.46 -17.72 -17.80
N LEU H 427 21.24 -17.91 -18.88
CA LEU H 427 21.97 -19.18 -19.18
C LEU H 427 23.44 -18.87 -19.48
N SER H 428 24.33 -19.78 -19.07
CA SER H 428 25.80 -19.70 -19.29
C SER H 428 26.35 -21.10 -19.59
N GLY H 429 26.17 -21.56 -20.84
CA GLY H 429 26.52 -22.92 -21.29
C GLY H 429 27.75 -22.93 -22.18
N ALA H 430 28.20 -24.11 -22.59
CA ALA H 430 29.39 -24.33 -23.45
C ALA H 430 29.53 -25.82 -23.80
N GLN H 431 30.38 -26.14 -24.77
CA GLN H 431 30.83 -27.52 -25.08
C GLN H 431 31.84 -27.94 -24.00
N ARG H 432 31.70 -29.15 -23.46
CA ARG H 432 32.58 -29.70 -22.39
C ARG H 432 33.76 -30.41 -23.06
N ILE H 433 34.91 -30.44 -22.38
CA ILE H 433 36.14 -31.15 -22.86
C ILE H 433 36.03 -32.63 -22.45
N HIS H 434 35.79 -33.49 -23.44
CA HIS H 434 35.57 -34.96 -23.26
C HIS H 434 36.88 -35.71 -23.44
N ASP H 435 37.94 -35.05 -23.93
CA ASP H 435 39.31 -35.60 -24.00
C ASP H 435 39.98 -35.44 -22.65
N PRO H 436 40.43 -36.53 -21.99
CA PRO H 436 41.05 -36.44 -20.66
C PRO H 436 42.29 -35.54 -20.64
N GLN H 437 43.17 -35.69 -21.64
CA GLN H 437 44.48 -35.00 -21.71
C GLN H 437 44.24 -33.48 -21.77
N LEU H 438 43.48 -33.00 -22.76
CA LEU H 438 43.19 -31.56 -22.97
C LEU H 438 42.49 -30.98 -21.74
N LEU H 439 41.60 -31.75 -21.12
CA LEU H 439 40.87 -31.36 -19.87
C LEU H 439 41.88 -31.13 -18.74
N THR H 440 42.94 -31.95 -18.68
CA THR H 440 44.02 -31.87 -17.67
C THR H 440 44.91 -30.66 -17.97
N GLU H 441 45.25 -30.44 -19.25
CA GLU H 441 46.06 -29.29 -19.71
C GLU H 441 45.40 -27.97 -19.27
N ARG H 442 44.10 -27.84 -19.57
CA ARG H 442 43.30 -26.62 -19.27
C ARG H 442 43.17 -26.45 -17.75
N ALA H 443 43.15 -27.56 -17.00
CA ALA H 443 43.10 -27.57 -15.52
C ALA H 443 44.42 -27.00 -14.96
N LEU H 444 45.55 -27.32 -15.61
CA LEU H 444 46.90 -26.81 -15.24
C LEU H 444 47.02 -25.33 -15.65
N HIS H 445 46.42 -24.95 -16.79
CA HIS H 445 46.36 -23.56 -17.29
C HIS H 445 45.62 -22.67 -16.28
N HIS H 446 44.60 -23.22 -15.60
CA HIS H 446 43.79 -22.54 -14.56
C HIS H 446 44.40 -22.77 -13.17
N GLY H 447 45.48 -23.56 -13.09
CA GLY H 447 46.27 -23.78 -11.85
C GLY H 447 45.50 -24.58 -10.82
N ILE H 448 44.87 -25.69 -11.25
CA ILE H 448 44.09 -26.61 -10.37
C ILE H 448 44.98 -27.78 -9.96
N ASP H 449 44.89 -28.19 -8.70
CA ASP H 449 45.53 -29.43 -8.17
C ASP H 449 44.79 -30.63 -8.76
N LEU H 450 45.40 -31.31 -9.74
CA LEU H 450 44.79 -32.44 -10.48
C LEU H 450 44.35 -33.54 -9.50
N GLU H 451 45.08 -33.69 -8.39
CA GLU H 451 44.84 -34.68 -7.30
C GLU H 451 43.36 -34.67 -6.88
N LYS H 452 42.80 -33.48 -6.65
CA LYS H 452 41.44 -33.31 -6.04
C LYS H 452 40.36 -33.28 -7.12
N ILE H 453 40.72 -33.31 -8.41
CA ILE H 453 39.76 -33.47 -9.55
C ILE H 453 40.15 -34.71 -10.38
N LYS H 454 40.98 -35.60 -9.83
CA LYS H 454 41.42 -36.87 -10.47
C LYS H 454 40.18 -37.67 -10.89
N ALA H 455 39.21 -37.80 -9.98
CA ALA H 455 37.95 -38.57 -10.15
C ALA H 455 37.18 -38.08 -11.39
N TYR H 456 36.97 -36.76 -11.50
CA TYR H 456 36.23 -36.10 -12.60
C TYR H 456 36.90 -36.42 -13.94
N ILE H 457 38.22 -36.21 -14.02
CA ILE H 457 39.02 -36.43 -15.27
C ILE H 457 38.92 -37.91 -15.67
N ASP H 458 39.02 -38.82 -14.70
CA ASP H 458 39.03 -40.30 -14.91
C ASP H 458 37.70 -40.74 -15.54
N SER H 459 36.62 -40.00 -15.32
CA SER H 459 35.25 -40.28 -15.85
C SER H 459 35.27 -40.34 -17.39
N PHE H 460 36.12 -39.53 -18.04
CA PHE H 460 36.15 -39.32 -19.52
C PHE H 460 37.14 -40.27 -20.21
N ARG H 461 37.95 -41.00 -19.44
CA ARG H 461 39.07 -41.83 -19.98
C ARG H 461 38.53 -42.97 -20.85
N PHE H 462 37.33 -43.47 -20.55
CA PHE H 462 36.68 -44.60 -21.28
C PHE H 462 35.46 -44.08 -22.05
N GLY H 463 35.55 -44.08 -23.38
CA GLY H 463 34.47 -43.72 -24.31
C GLY H 463 33.70 -42.51 -23.84
N ALA H 464 34.31 -41.32 -23.94
CA ALA H 464 33.69 -40.02 -23.60
C ALA H 464 33.19 -39.35 -24.87
N PRO H 465 31.86 -39.18 -25.05
CA PRO H 465 31.31 -38.59 -26.27
C PRO H 465 31.41 -37.08 -26.23
N PRO H 466 31.36 -36.38 -27.39
CA PRO H 466 31.31 -34.92 -27.41
C PRO H 466 29.95 -34.45 -26.91
N HIS H 467 29.92 -33.46 -26.01
CA HIS H 467 28.67 -32.95 -25.36
C HIS H 467 28.83 -31.49 -24.95
N ALA H 468 27.69 -30.78 -24.90
CA ALA H 468 27.54 -29.39 -24.40
C ALA H 468 26.30 -29.33 -23.48
N GLY H 469 26.04 -28.17 -22.87
CA GLY H 469 24.88 -27.98 -21.97
C GLY H 469 24.71 -26.54 -21.54
N GLY H 470 23.78 -26.30 -20.61
CA GLY H 470 23.44 -24.98 -20.05
C GLY H 470 22.28 -25.09 -19.06
N GLY H 471 22.23 -24.18 -18.08
CA GLY H 471 21.18 -24.15 -17.03
C GLY H 471 20.54 -22.78 -16.90
N ILE H 472 19.28 -22.73 -16.44
CA ILE H 472 18.49 -21.48 -16.28
C ILE H 472 17.91 -21.44 -14.86
N GLY H 473 17.80 -20.25 -14.27
CA GLY H 473 17.17 -20.02 -12.96
C GLY H 473 15.67 -19.83 -13.09
N LEU H 474 14.88 -20.82 -12.70
CA LEU H 474 13.40 -20.85 -12.85
C LEU H 474 12.80 -19.51 -12.42
N GLU H 475 13.16 -19.02 -11.22
CA GLU H 475 12.66 -17.75 -10.66
C GLU H 475 13.07 -16.60 -11.59
N ARG H 476 14.34 -16.58 -12.00
CA ARG H 476 14.95 -15.52 -12.84
C ARG H 476 14.24 -15.47 -14.21
N VAL H 477 13.93 -16.63 -14.79
CA VAL H 477 13.22 -16.74 -16.11
C VAL H 477 11.82 -16.16 -15.96
N THR H 478 11.08 -16.58 -14.93
CA THR H 478 9.71 -16.11 -14.59
C THR H 478 9.72 -14.58 -14.44
N MET H 479 10.70 -14.05 -13.71
CA MET H 479 10.87 -12.60 -13.42
C MET H 479 11.01 -11.83 -14.73
N LEU H 480 11.96 -12.23 -15.58
CA LEU H 480 12.35 -11.48 -16.80
C LEU H 480 11.30 -11.69 -17.92
N PHE H 481 10.50 -12.75 -17.86
CA PHE H 481 9.41 -13.00 -18.84
C PHE H 481 8.25 -12.02 -18.59
N LEU H 482 7.90 -11.82 -17.32
CA LEU H 482 6.80 -10.91 -16.87
C LEU H 482 7.33 -9.49 -16.69
N GLY H 483 8.66 -9.31 -16.76
CA GLY H 483 9.34 -8.01 -16.67
C GLY H 483 9.23 -7.42 -15.27
N LEU H 484 9.29 -8.27 -14.25
CA LEU H 484 9.26 -7.86 -12.81
C LEU H 484 10.67 -7.44 -12.39
N HIS H 485 10.78 -6.69 -11.29
CA HIS H 485 12.01 -5.99 -10.85
C HIS H 485 12.86 -6.93 -9.97
N ASN H 486 12.32 -7.38 -8.84
CA ASN H 486 13.03 -8.19 -7.81
C ASN H 486 12.67 -9.67 -8.01
N VAL H 487 13.65 -10.57 -7.78
CA VAL H 487 13.52 -12.04 -7.98
C VAL H 487 12.54 -12.60 -6.93
N ARG H 488 12.47 -11.98 -5.74
CA ARG H 488 11.60 -12.40 -4.61
C ARG H 488 10.14 -12.49 -5.07
N GLN H 489 9.75 -11.70 -6.07
CA GLN H 489 8.38 -11.67 -6.64
C GLN H 489 8.03 -13.04 -7.25
N THR H 490 9.01 -13.75 -7.80
CA THR H 490 8.83 -15.05 -8.50
C THR H 490 9.35 -16.22 -7.64
N SER H 491 9.81 -15.94 -6.42
CA SER H 491 10.16 -16.94 -5.38
C SER H 491 8.96 -17.13 -4.45
N MET H 492 8.41 -18.35 -4.37
CA MET H 492 7.15 -18.64 -3.61
C MET H 492 7.40 -18.50 -2.10
N PHE H 493 8.49 -19.06 -1.60
CA PHE H 493 8.87 -19.07 -0.16
C PHE H 493 10.26 -18.45 -0.01
N PRO H 494 10.39 -17.12 -0.19
CA PRO H 494 11.67 -16.44 0.01
C PRO H 494 12.06 -16.48 1.50
N ARG H 495 13.35 -16.70 1.79
CA ARG H 495 13.86 -16.95 3.16
C ARG H 495 14.64 -15.71 3.64
N ASP H 496 14.02 -14.92 4.52
CA ASP H 496 14.59 -13.71 5.17
C ASP H 496 14.88 -12.62 4.13
N GLY I 4 -15.91 -68.16 7.37
CA GLY I 4 -15.16 -67.19 6.53
C GLY I 4 -14.84 -65.90 7.26
N ALA I 5 -13.59 -65.75 7.71
CA ALA I 5 -13.08 -64.57 8.44
C ALA I 5 -12.78 -63.43 7.47
N LEU I 6 -12.62 -63.75 6.18
CA LEU I 6 -12.46 -62.77 5.07
C LEU I 6 -13.83 -62.14 4.79
N LYS I 7 -14.90 -62.97 4.81
CA LYS I 7 -16.33 -62.58 4.69
C LYS I 7 -16.64 -62.08 3.28
N ASP I 8 -15.74 -62.30 2.32
CA ASP I 8 -15.77 -61.75 0.94
C ASP I 8 -15.57 -62.88 -0.06
N ILE I 9 -16.55 -63.07 -0.96
CA ILE I 9 -16.47 -63.99 -2.14
C ILE I 9 -15.73 -63.27 -3.26
N VAL I 10 -14.46 -63.62 -3.49
CA VAL I 10 -13.65 -63.12 -4.64
C VAL I 10 -13.87 -64.08 -5.81
N ILE I 11 -14.22 -63.56 -6.98
CA ILE I 11 -14.44 -64.34 -8.24
C ILE I 11 -13.60 -63.72 -9.36
N ASN I 12 -12.54 -64.42 -9.77
CA ASN I 12 -11.70 -64.06 -10.94
C ASN I 12 -12.33 -64.68 -12.19
N ALA I 13 -12.79 -63.86 -13.14
CA ALA I 13 -13.51 -64.27 -14.37
C ALA I 13 -12.88 -63.60 -15.60
N ASN I 14 -12.88 -64.29 -16.74
CA ASN I 14 -12.30 -63.81 -18.03
C ASN I 14 -13.37 -63.02 -18.77
N PRO I 15 -13.09 -61.75 -19.16
CA PRO I 15 -14.09 -60.92 -19.84
C PRO I 15 -14.36 -61.31 -21.31
N ALA I 16 -13.50 -62.15 -21.90
CA ALA I 16 -13.68 -62.74 -23.25
C ALA I 16 -14.90 -63.67 -23.24
N SER I 17 -15.13 -64.36 -22.11
CA SER I 17 -16.29 -65.26 -21.87
C SER I 17 -16.96 -64.90 -20.55
N PRO I 18 -17.83 -63.86 -20.50
CA PRO I 18 -18.46 -63.43 -19.26
C PRO I 18 -19.34 -64.51 -18.63
N PRO I 19 -19.11 -64.89 -17.35
CA PRO I 19 -19.92 -65.91 -16.70
C PRO I 19 -21.29 -65.35 -16.27
N LEU I 20 -22.24 -65.32 -17.22
CA LEU I 20 -23.63 -64.83 -17.02
C LEU I 20 -24.30 -65.63 -15.89
N SER I 21 -23.97 -66.92 -15.77
CA SER I 21 -24.45 -67.84 -14.70
C SER I 21 -24.22 -67.23 -13.31
N LEU I 22 -23.04 -66.61 -13.10
CA LEU I 22 -22.63 -66.01 -11.79
C LEU I 22 -23.33 -64.66 -11.58
N LEU I 23 -23.54 -63.89 -12.64
CA LEU I 23 -24.18 -62.54 -12.59
C LEU I 23 -25.66 -62.68 -12.23
N VAL I 24 -26.32 -63.72 -12.73
CA VAL I 24 -27.74 -64.07 -12.39
C VAL I 24 -27.78 -64.44 -10.90
N LEU I 25 -26.91 -65.36 -10.47
CA LEU I 25 -26.83 -65.87 -9.07
C LEU I 25 -26.50 -64.72 -8.11
N HIS I 26 -25.68 -63.75 -8.55
CA HIS I 26 -25.33 -62.55 -7.75
C HIS I 26 -26.60 -61.77 -7.42
N ARG I 27 -27.40 -61.44 -8.43
CA ARG I 27 -28.69 -60.73 -8.28
C ARG I 27 -29.58 -61.51 -7.31
N LEU I 28 -29.61 -62.84 -7.43
CA LEU I 28 -30.37 -63.76 -6.53
C LEU I 28 -29.82 -63.66 -5.11
N LEU I 29 -28.50 -63.64 -4.94
CA LEU I 29 -27.81 -63.56 -3.62
C LEU I 29 -28.21 -62.27 -2.90
N CYS I 30 -28.21 -61.13 -3.61
CA CYS I 30 -28.54 -59.79 -3.09
C CYS I 30 -30.01 -59.75 -2.63
N GLU I 31 -30.88 -60.53 -3.28
CA GLU I 31 -32.33 -60.61 -2.96
C GLU I 31 -32.55 -61.40 -1.66
N HIS I 32 -31.52 -62.10 -1.16
CA HIS I 32 -31.56 -62.89 0.10
C HIS I 32 -30.77 -62.19 1.20
N PHE I 33 -29.55 -61.72 0.90
CA PHE I 33 -28.58 -61.16 1.88
C PHE I 33 -28.20 -59.72 1.51
N ARG I 34 -27.62 -59.00 2.47
CA ARG I 34 -26.98 -57.67 2.27
C ARG I 34 -25.57 -57.91 1.70
N VAL I 35 -25.37 -57.64 0.41
CA VAL I 35 -24.12 -57.98 -0.34
C VAL I 35 -23.42 -56.68 -0.75
N LEU I 36 -22.20 -56.46 -0.25
CA LEU I 36 -21.30 -55.37 -0.71
C LEU I 36 -20.59 -55.82 -1.99
N SER I 37 -21.25 -55.64 -3.13
CA SER I 37 -20.76 -56.03 -4.47
C SER I 37 -19.84 -54.94 -5.03
N THR I 38 -18.69 -55.34 -5.60
CA THR I 38 -17.68 -54.44 -6.20
C THR I 38 -17.08 -55.11 -7.45
N VAL I 39 -16.84 -54.32 -8.51
CA VAL I 39 -16.22 -54.79 -9.79
C VAL I 39 -14.82 -54.18 -9.90
N HIS I 40 -13.84 -54.97 -10.33
CA HIS I 40 -12.43 -54.57 -10.52
C HIS I 40 -11.91 -55.16 -11.84
N THR I 41 -10.82 -54.59 -12.36
CA THR I 41 -10.11 -55.07 -13.59
C THR I 41 -8.65 -55.34 -13.23
N HIS I 42 -8.20 -56.58 -13.39
CA HIS I 42 -6.82 -57.03 -13.08
C HIS I 42 -5.85 -56.50 -14.15
N SER I 43 -4.58 -56.34 -13.78
CA SER I 43 -3.47 -55.84 -14.65
C SER I 43 -3.39 -56.68 -15.94
N SER I 44 -3.64 -57.99 -15.83
CA SER I 44 -3.56 -58.99 -16.92
C SER I 44 -4.37 -58.53 -18.14
N VAL I 45 -5.66 -58.25 -17.95
CA VAL I 45 -6.57 -57.77 -19.03
C VAL I 45 -6.41 -56.25 -19.17
N LYS I 46 -6.47 -55.76 -20.42
CA LYS I 46 -6.50 -54.31 -20.76
C LYS I 46 -7.75 -54.02 -21.59
N SER I 47 -8.40 -52.88 -21.34
CA SER I 47 -9.59 -52.38 -22.08
C SER I 47 -10.72 -53.41 -22.00
N VAL I 48 -11.23 -53.67 -20.79
CA VAL I 48 -12.46 -54.47 -20.54
C VAL I 48 -13.66 -53.69 -21.07
N PRO I 49 -14.57 -54.32 -21.84
CA PRO I 49 -15.78 -53.63 -22.33
C PRO I 49 -16.51 -52.81 -21.26
N GLU I 50 -17.08 -51.68 -21.66
CA GLU I 50 -17.73 -50.66 -20.77
C GLU I 50 -18.82 -51.33 -19.92
N ASN I 51 -19.71 -52.09 -20.56
CA ASN I 51 -20.90 -52.73 -19.93
C ASN I 51 -20.46 -53.60 -18.74
N LEU I 52 -19.36 -54.34 -18.89
CA LEU I 52 -18.88 -55.33 -17.89
C LEU I 52 -18.29 -54.62 -16.67
N LEU I 53 -17.66 -53.46 -16.86
CA LEU I 53 -16.98 -52.67 -15.79
C LEU I 53 -18.00 -52.25 -14.71
N LYS I 54 -19.19 -51.81 -15.13
CA LYS I 54 -20.31 -51.42 -14.24
C LYS I 54 -21.51 -52.34 -14.51
N CYS I 55 -21.27 -53.65 -14.51
CA CYS I 55 -22.28 -54.71 -14.78
C CYS I 55 -23.24 -54.86 -13.59
N PHE I 56 -22.87 -54.34 -12.42
CA PHE I 56 -23.70 -54.30 -11.19
C PHE I 56 -24.37 -52.92 -11.05
N GLY I 57 -23.67 -51.85 -11.43
CA GLY I 57 -24.16 -50.46 -11.36
C GLY I 57 -24.05 -49.90 -9.95
N ASP I 67 -22.62 -53.23 9.32
CA ASP I 67 -22.11 -53.35 7.92
C ASP I 67 -22.96 -54.39 7.18
N TYR I 68 -22.46 -54.87 6.04
CA TYR I 68 -23.11 -55.85 5.12
C TYR I 68 -22.78 -57.26 5.61
N GLN I 69 -23.47 -58.27 5.06
CA GLN I 69 -23.35 -59.70 5.47
C GLN I 69 -22.23 -60.39 4.68
N LEU I 70 -22.28 -60.33 3.35
CA LEU I 70 -21.30 -60.97 2.44
C LEU I 70 -20.67 -59.92 1.52
N GLY I 71 -19.38 -60.11 1.18
CA GLY I 71 -18.70 -59.39 0.10
C GLY I 71 -18.73 -60.20 -1.18
N PHE I 72 -18.91 -59.53 -2.32
CA PHE I 72 -18.88 -60.14 -3.67
C PHE I 72 -17.97 -59.30 -4.58
N THR I 73 -16.68 -59.66 -4.64
CA THR I 73 -15.63 -58.95 -5.41
C THR I 73 -15.40 -59.68 -6.75
N LEU I 74 -16.01 -59.17 -7.83
CA LEU I 74 -15.84 -59.70 -9.21
C LEU I 74 -14.64 -58.99 -9.85
N ILE I 75 -13.56 -59.74 -10.10
CA ILE I 75 -12.30 -59.23 -10.75
C ILE I 75 -12.24 -59.80 -12.17
N TRP I 76 -12.32 -58.93 -13.19
CA TRP I 76 -12.10 -59.29 -14.61
C TRP I 76 -10.60 -59.49 -14.84
N LYS I 77 -10.22 -60.69 -15.28
CA LYS I 77 -8.83 -61.21 -15.20
C LYS I 77 -8.58 -62.21 -16.34
N ASN I 78 -7.32 -62.33 -16.78
CA ASN I 78 -6.90 -63.22 -17.89
C ASN I 78 -6.60 -64.62 -17.31
N VAL I 79 -7.65 -65.34 -16.91
CA VAL I 79 -7.57 -66.72 -16.34
C VAL I 79 -8.23 -67.68 -17.32
N PRO I 80 -7.76 -68.94 -17.41
CA PRO I 80 -8.36 -69.93 -18.31
C PRO I 80 -9.73 -70.41 -17.81
N LYS I 81 -9.85 -70.67 -16.51
CA LYS I 81 -11.07 -71.19 -15.84
C LYS I 81 -11.50 -70.19 -14.77
N THR I 82 -12.80 -69.86 -14.72
CA THR I 82 -13.40 -68.92 -13.73
C THR I 82 -13.13 -69.46 -12.32
N GLN I 83 -12.47 -68.66 -11.48
CA GLN I 83 -11.94 -69.08 -10.15
C GLN I 83 -12.66 -68.28 -9.05
N MET I 84 -12.91 -68.93 -7.90
CA MET I 84 -13.46 -68.30 -6.67
C MET I 84 -12.50 -68.55 -5.51
N LYS I 85 -12.04 -67.48 -4.84
CA LYS I 85 -11.16 -67.53 -3.64
C LYS I 85 -11.96 -67.04 -2.43
N PHE I 86 -12.50 -67.96 -1.64
CA PHE I 86 -13.35 -67.70 -0.46
C PHE I 86 -12.74 -68.38 0.77
N SER I 87 -12.41 -67.59 1.80
CA SER I 87 -11.87 -68.04 3.11
C SER I 87 -10.66 -68.96 2.90
N ILE I 88 -9.62 -68.44 2.25
CA ILE I 88 -8.45 -69.22 1.76
C ILE I 88 -7.78 -69.95 2.93
N GLN I 89 -7.89 -69.40 4.15
CA GLN I 89 -7.26 -69.98 5.38
C GLN I 89 -8.06 -71.20 5.86
N THR I 90 -9.12 -71.59 5.16
CA THR I 90 -9.96 -72.79 5.49
C THR I 90 -10.39 -73.57 4.23
N MET I 91 -10.32 -72.97 3.04
CA MET I 91 -10.93 -73.52 1.79
C MET I 91 -9.97 -73.33 0.60
N CYS I 92 -9.67 -74.42 -0.13
CA CYS I 92 -8.84 -74.39 -1.37
C CYS I 92 -9.57 -73.59 -2.45
N PRO I 93 -8.86 -72.79 -3.27
CA PRO I 93 -9.50 -72.00 -4.31
C PRO I 93 -10.28 -72.88 -5.30
N ILE I 94 -11.53 -72.50 -5.58
CA ILE I 94 -12.51 -73.26 -6.42
C ILE I 94 -12.37 -72.82 -7.87
N GLU I 95 -12.26 -73.78 -8.78
CA GLU I 95 -12.11 -73.57 -10.24
C GLU I 95 -13.32 -74.20 -10.95
N GLY I 96 -13.88 -73.50 -11.94
CA GLY I 96 -15.02 -73.94 -12.76
C GLY I 96 -16.28 -73.16 -12.39
N GLU I 97 -16.82 -72.40 -13.35
CA GLU I 97 -18.00 -71.52 -13.13
C GLU I 97 -19.20 -72.39 -12.74
N GLY I 98 -19.21 -73.67 -13.11
CA GLY I 98 -20.21 -74.66 -12.67
C GLY I 98 -20.13 -74.91 -11.17
N ASN I 99 -18.92 -75.15 -10.66
CA ASN I 99 -18.64 -75.46 -9.23
C ASN I 99 -18.98 -74.23 -8.37
N ILE I 100 -18.64 -73.03 -8.85
CA ILE I 100 -18.88 -71.73 -8.15
C ILE I 100 -20.40 -71.49 -8.11
N ALA I 101 -21.10 -71.77 -9.21
CA ALA I 101 -22.56 -71.58 -9.37
C ALA I 101 -23.31 -72.40 -8.32
N ARG I 102 -22.94 -73.68 -8.16
CA ARG I 102 -23.51 -74.62 -7.16
C ARG I 102 -23.40 -74.01 -5.76
N PHE I 103 -22.23 -73.49 -5.41
CA PHE I 103 -21.91 -72.89 -4.07
C PHE I 103 -22.80 -71.68 -3.81
N LEU I 104 -22.87 -70.74 -4.77
CA LEU I 104 -23.64 -69.47 -4.64
C LEU I 104 -25.12 -69.76 -4.40
N PHE I 105 -25.71 -70.63 -5.23
CA PHE I 105 -27.15 -71.00 -5.15
C PHE I 105 -27.42 -71.71 -3.81
N SER I 106 -26.47 -72.55 -3.36
CA SER I 106 -26.58 -73.40 -2.14
C SER I 106 -26.60 -72.53 -0.88
N LEU I 107 -26.25 -71.24 -0.96
CA LEU I 107 -26.23 -70.30 0.19
C LEU I 107 -27.66 -70.02 0.67
N PHE I 108 -28.65 -70.14 -0.22
CA PHE I 108 -30.09 -69.98 0.08
C PHE I 108 -30.86 -71.21 -0.41
N GLY I 109 -30.36 -71.87 -1.47
CA GLY I 109 -31.01 -72.97 -2.18
C GLY I 109 -31.60 -74.00 -1.22
N GLN I 110 -32.82 -74.49 -1.51
CA GLN I 110 -33.53 -75.47 -0.67
C GLN I 110 -32.84 -76.83 -0.79
N LYS I 111 -32.68 -77.53 0.33
CA LYS I 111 -32.13 -78.91 0.43
C LYS I 111 -32.97 -79.86 -0.44
N HIS I 112 -32.31 -80.71 -1.23
CA HIS I 112 -32.93 -81.69 -2.17
C HIS I 112 -32.59 -83.13 -1.74
N ASN I 113 -33.39 -84.10 -2.22
CA ASN I 113 -33.12 -85.56 -2.09
C ASN I 113 -31.84 -85.91 -2.85
N ALA I 114 -31.28 -87.10 -2.61
CA ALA I 114 -30.02 -87.59 -3.23
C ALA I 114 -30.17 -87.65 -4.76
N VAL I 115 -31.35 -88.05 -5.24
CA VAL I 115 -31.64 -88.29 -6.69
C VAL I 115 -31.67 -86.94 -7.42
N ASN I 116 -32.42 -85.97 -6.90
CA ASN I 116 -32.58 -84.61 -7.47
C ASN I 116 -31.22 -83.89 -7.45
N ALA I 117 -30.61 -83.79 -6.27
CA ALA I 117 -29.32 -83.08 -6.02
C ALA I 117 -28.28 -83.53 -7.05
N THR I 118 -28.15 -84.85 -7.26
CA THR I 118 -27.23 -85.47 -8.23
C THR I 118 -27.65 -85.09 -9.66
N LEU I 119 -28.96 -85.13 -9.95
CA LEU I 119 -29.53 -84.81 -11.28
C LEU I 119 -29.32 -83.32 -11.59
N ILE I 120 -29.45 -82.46 -10.57
CA ILE I 120 -29.18 -80.99 -10.66
C ILE I 120 -27.71 -80.80 -11.04
N ASP I 121 -26.80 -81.43 -10.29
CA ASP I 121 -25.33 -81.35 -10.51
C ASP I 121 -24.98 -81.88 -11.91
N SER I 122 -25.66 -82.95 -12.34
CA SER I 122 -25.50 -83.57 -13.68
C SER I 122 -25.87 -82.55 -14.76
N TRP I 123 -26.96 -81.79 -14.56
CA TRP I 123 -27.46 -80.76 -15.51
C TRP I 123 -26.44 -79.64 -15.68
N VAL I 124 -25.75 -79.26 -14.59
CA VAL I 124 -24.69 -78.20 -14.60
C VAL I 124 -23.55 -78.67 -15.49
N ASP I 125 -23.00 -79.86 -15.23
CA ASP I 125 -21.89 -80.48 -16.00
C ASP I 125 -22.21 -80.43 -17.50
N ILE I 126 -23.42 -80.85 -17.89
CA ILE I 126 -23.91 -80.87 -19.30
C ILE I 126 -23.73 -79.48 -19.90
N ALA I 127 -24.35 -78.48 -19.29
CA ALA I 127 -24.38 -77.06 -19.73
C ALA I 127 -22.94 -76.53 -19.91
N ILE I 128 -22.10 -76.72 -18.90
CA ILE I 128 -20.73 -76.10 -18.81
C ILE I 128 -19.83 -76.68 -19.91
N PHE I 129 -19.80 -78.01 -20.06
CA PHE I 129 -18.81 -78.72 -20.90
C PHE I 129 -19.38 -79.04 -22.29
N GLN I 130 -20.43 -79.86 -22.35
CA GLN I 130 -20.99 -80.42 -23.62
C GLN I 130 -21.65 -79.32 -24.46
N LEU I 131 -22.50 -78.50 -23.84
CA LEU I 131 -23.32 -77.48 -24.55
C LEU I 131 -22.46 -76.27 -24.92
N LYS I 132 -21.76 -75.68 -23.96
CA LYS I 132 -20.97 -74.42 -24.13
C LYS I 132 -19.91 -74.62 -25.22
N GLU I 133 -18.96 -75.53 -24.98
CA GLU I 133 -17.82 -75.84 -25.90
C GLU I 133 -18.16 -77.08 -26.73
N GLY I 134 -19.25 -77.00 -27.50
CA GLY I 134 -19.75 -78.07 -28.37
C GLY I 134 -20.17 -77.53 -29.73
N SER I 135 -20.25 -78.40 -30.74
CA SER I 135 -20.73 -78.09 -32.12
C SER I 135 -22.26 -78.06 -32.13
N SER I 136 -22.86 -77.61 -33.23
CA SER I 136 -24.33 -77.58 -33.46
C SER I 136 -24.92 -78.99 -33.32
N LYS I 137 -24.08 -80.01 -33.50
CA LYS I 137 -24.41 -81.45 -33.30
C LYS I 137 -24.87 -81.68 -31.85
N GLU I 138 -23.98 -81.40 -30.89
CA GLU I 138 -24.17 -81.69 -29.44
C GLU I 138 -25.25 -80.78 -28.86
N LYS I 139 -25.26 -79.51 -29.27
CA LYS I 139 -26.29 -78.49 -28.88
C LYS I 139 -27.68 -79.07 -29.11
N ALA I 140 -27.93 -79.60 -30.31
CA ALA I 140 -29.21 -80.21 -30.73
C ALA I 140 -29.58 -81.38 -29.81
N ALA I 141 -28.60 -82.21 -29.44
CA ALA I 141 -28.78 -83.39 -28.55
C ALA I 141 -29.16 -82.92 -27.14
N VAL I 142 -28.55 -81.84 -26.65
CA VAL I 142 -28.82 -81.25 -25.30
C VAL I 142 -30.28 -80.75 -25.26
N PHE I 143 -30.75 -80.11 -26.33
CA PHE I 143 -32.14 -79.56 -26.44
C PHE I 143 -33.17 -80.68 -26.28
N ARG I 144 -32.93 -81.85 -26.89
CA ARG I 144 -33.82 -83.03 -26.83
C ARG I 144 -33.98 -83.49 -25.37
N SER I 145 -32.87 -83.73 -24.69
CA SER I 145 -32.82 -84.17 -23.26
C SER I 145 -33.54 -83.14 -22.36
N MET I 146 -33.38 -81.84 -22.66
CA MET I 146 -34.07 -80.72 -21.96
C MET I 146 -35.56 -80.76 -22.31
N ASN I 147 -35.89 -80.81 -23.61
CA ASN I 147 -37.27 -80.83 -24.15
C ASN I 147 -38.06 -81.95 -23.48
N SER I 148 -37.50 -83.17 -23.46
CA SER I 148 -38.09 -84.38 -22.82
C SER I 148 -38.29 -84.14 -21.32
N ALA I 149 -37.28 -83.61 -20.63
CA ALA I 149 -37.28 -83.33 -19.18
C ALA I 149 -38.32 -82.25 -18.85
N LEU I 150 -38.28 -81.12 -19.57
CA LEU I 150 -39.20 -79.97 -19.39
C LEU I 150 -40.63 -80.35 -19.84
N GLY I 151 -40.77 -81.41 -20.63
CA GLY I 151 -42.07 -81.99 -21.02
C GLY I 151 -42.80 -82.62 -19.83
N LYS I 152 -42.05 -83.15 -18.86
CA LYS I 152 -42.61 -83.84 -17.65
C LYS I 152 -42.78 -82.82 -16.51
N SER I 153 -41.79 -81.95 -16.30
CA SER I 153 -41.66 -81.05 -15.12
C SER I 153 -41.60 -79.58 -15.55
N PRO I 154 -41.97 -78.62 -14.68
CA PRO I 154 -41.95 -77.20 -15.04
C PRO I 154 -40.53 -76.62 -15.16
N TRP I 155 -39.59 -77.11 -14.34
CA TRP I 155 -38.14 -76.81 -14.40
C TRP I 155 -37.38 -78.11 -14.69
N LEU I 156 -36.04 -78.08 -14.64
CA LEU I 156 -35.17 -79.26 -14.87
C LEU I 156 -35.11 -80.13 -13.61
N ALA I 157 -35.34 -79.54 -12.43
CA ALA I 157 -35.48 -80.25 -11.14
C ALA I 157 -36.95 -80.66 -10.94
N GLY I 158 -37.89 -79.74 -11.23
CA GLY I 158 -39.33 -79.99 -11.27
C GLY I 158 -40.05 -79.40 -10.07
N ASN I 159 -39.50 -79.58 -8.86
CA ASN I 159 -40.04 -79.00 -7.61
C ASN I 159 -40.15 -77.48 -7.78
N GLU I 160 -39.00 -76.79 -7.76
CA GLU I 160 -38.87 -75.33 -7.95
C GLU I 160 -37.68 -75.05 -8.87
N LEU I 161 -37.34 -73.77 -9.06
CA LEU I 161 -36.13 -73.32 -9.79
C LEU I 161 -34.89 -73.80 -9.03
N THR I 162 -33.86 -74.24 -9.76
CA THR I 162 -32.58 -74.76 -9.22
C THR I 162 -31.40 -74.17 -10.00
N VAL I 163 -30.20 -74.26 -9.43
CA VAL I 163 -28.91 -73.81 -10.05
C VAL I 163 -28.82 -74.36 -11.48
N ALA I 164 -29.27 -75.60 -11.69
CA ALA I 164 -29.29 -76.30 -13.00
C ALA I 164 -29.92 -75.40 -14.07
N ASP I 165 -31.07 -74.80 -13.74
CA ASP I 165 -31.85 -73.92 -14.65
C ASP I 165 -31.05 -72.65 -14.92
N VAL I 166 -30.55 -71.99 -13.86
CA VAL I 166 -29.79 -70.72 -13.91
C VAL I 166 -28.62 -70.87 -14.89
N VAL I 167 -27.73 -71.83 -14.61
CA VAL I 167 -26.44 -72.06 -15.35
C VAL I 167 -26.77 -72.38 -16.81
N LEU I 168 -27.67 -73.34 -17.06
CA LEU I 168 -27.98 -73.83 -18.43
C LEU I 168 -28.54 -72.68 -19.27
N TRP I 169 -29.58 -71.99 -18.77
CA TRP I 169 -30.20 -70.81 -19.44
C TRP I 169 -29.10 -69.81 -19.79
N SER I 170 -28.25 -69.48 -18.81
CA SER I 170 -27.13 -68.52 -18.92
C SER I 170 -26.19 -68.94 -20.07
N VAL I 171 -25.88 -70.23 -20.17
CA VAL I 171 -24.99 -70.80 -21.22
C VAL I 171 -25.66 -70.63 -22.59
N LEU I 172 -26.95 -70.92 -22.69
CA LEU I 172 -27.74 -70.84 -23.96
C LEU I 172 -27.75 -69.40 -24.46
N GLN I 173 -27.85 -68.42 -23.55
CA GLN I 173 -27.95 -66.97 -23.88
C GLN I 173 -26.58 -66.42 -24.31
N GLN I 174 -25.49 -67.17 -24.10
CA GLN I 174 -24.09 -66.69 -24.34
C GLN I 174 -23.40 -67.55 -25.41
N ILE I 175 -24.14 -67.98 -26.44
CA ILE I 175 -23.58 -68.70 -27.64
C ILE I 175 -24.29 -68.16 -28.89
N SER I 179 -29.48 -69.90 -34.49
CA SER I 179 -28.61 -70.77 -35.31
C SER I 179 -29.14 -72.21 -35.34
N VAL I 180 -29.59 -72.73 -34.19
CA VAL I 180 -30.14 -74.11 -34.02
C VAL I 180 -31.65 -74.02 -33.77
N THR I 181 -32.41 -75.06 -34.17
CA THR I 181 -33.87 -75.18 -33.95
C THR I 181 -34.14 -75.38 -32.45
N VAL I 182 -35.03 -74.57 -31.87
CA VAL I 182 -35.39 -74.60 -30.42
C VAL I 182 -36.75 -75.29 -30.30
N PRO I 183 -36.88 -76.34 -29.46
CA PRO I 183 -38.18 -77.01 -29.26
C PRO I 183 -39.17 -76.21 -28.41
N ALA I 184 -40.39 -76.73 -28.24
CA ALA I 184 -41.56 -76.03 -27.66
C ALA I 184 -41.39 -75.81 -26.15
N ASN I 185 -41.01 -76.86 -25.42
CA ASN I 185 -40.88 -76.85 -23.94
C ASN I 185 -39.78 -75.87 -23.52
N VAL I 186 -38.66 -75.86 -24.26
CA VAL I 186 -37.47 -75.00 -23.98
C VAL I 186 -37.88 -73.53 -24.15
N GLN I 187 -38.72 -73.21 -25.14
CA GLN I 187 -39.20 -71.83 -25.42
C GLN I 187 -40.02 -71.32 -24.23
N ARG I 188 -40.89 -72.18 -23.65
CA ARG I 188 -41.73 -71.86 -22.47
C ARG I 188 -40.83 -71.67 -21.24
N TRP I 189 -39.82 -72.55 -21.08
CA TRP I 189 -38.84 -72.52 -19.98
C TRP I 189 -37.94 -71.28 -20.10
N MET I 190 -37.59 -70.90 -21.34
CA MET I 190 -36.73 -69.71 -21.62
C MET I 190 -37.44 -68.43 -21.18
N ARG I 191 -38.71 -68.27 -21.59
CA ARG I 191 -39.54 -67.07 -21.24
C ARG I 191 -39.85 -67.10 -19.74
N SER I 192 -40.10 -68.29 -19.17
CA SER I 192 -40.33 -68.51 -17.71
C SER I 192 -39.13 -67.96 -16.92
N CYS I 193 -37.91 -68.25 -17.37
CA CYS I 193 -36.64 -67.75 -16.79
C CYS I 193 -36.52 -66.24 -17.03
N GLU I 194 -36.61 -65.81 -18.29
CA GLU I 194 -36.45 -64.40 -18.74
C GLU I 194 -37.45 -63.49 -18.01
N ASN I 195 -38.62 -64.04 -17.66
CA ASN I 195 -39.71 -63.31 -16.94
C ASN I 195 -39.26 -62.94 -15.52
N LEU I 196 -38.41 -63.77 -14.90
CA LEU I 196 -37.91 -63.57 -13.51
C LEU I 196 -37.02 -62.32 -13.47
N ALA I 197 -37.02 -61.61 -12.34
CA ALA I 197 -36.32 -60.31 -12.16
C ALA I 197 -34.81 -60.49 -12.32
N PRO I 198 -34.16 -61.42 -11.59
CA PRO I 198 -32.70 -61.56 -11.63
C PRO I 198 -32.13 -61.91 -13.02
N PHE I 199 -32.90 -62.60 -13.85
CA PHE I 199 -32.49 -63.11 -15.19
C PHE I 199 -32.45 -61.95 -16.20
N ASN I 200 -33.51 -61.13 -16.23
CA ASN I 200 -33.66 -59.99 -17.18
C ASN I 200 -32.66 -58.89 -16.81
N THR I 201 -32.56 -58.53 -15.53
CA THR I 201 -31.66 -57.46 -15.01
C THR I 201 -30.22 -57.75 -15.42
N ALA I 202 -29.75 -58.98 -15.20
CA ALA I 202 -28.38 -59.45 -15.49
C ALA I 202 -28.13 -59.45 -16.99
N LEU I 203 -29.09 -59.93 -17.79
CA LEU I 203 -28.95 -60.12 -19.26
C LEU I 203 -28.94 -58.77 -19.98
N LYS I 204 -29.71 -57.80 -19.49
CA LYS I 204 -29.81 -56.43 -20.09
C LYS I 204 -28.47 -55.69 -19.90
N LEU I 205 -27.83 -55.86 -18.74
CA LEU I 205 -26.55 -55.20 -18.38
C LEU I 205 -25.37 -55.91 -19.06
N LEU I 206 -25.62 -57.02 -19.78
CA LEU I 206 -24.63 -57.73 -20.64
C LEU I 206 -24.81 -57.29 -22.09
N LYS I 207 -26.06 -57.22 -22.57
CA LYS I 207 -26.43 -56.88 -23.97
C LYS I 207 -27.36 -55.65 -23.95
N GLY J 4 28.16 1.20 -41.98
CA GLY J 4 27.45 0.60 -40.80
C GLY J 4 28.31 -0.43 -40.08
N ALA J 5 28.48 -0.27 -38.75
CA ALA J 5 29.29 -1.15 -37.88
C ALA J 5 28.50 -2.42 -37.53
N LEU J 6 27.17 -2.37 -37.69
CA LEU J 6 26.25 -3.53 -37.57
C LEU J 6 26.44 -4.44 -38.80
N LYS J 7 26.57 -3.83 -39.99
CA LYS J 7 26.90 -4.49 -41.29
C LYS J 7 25.74 -5.36 -41.78
N ASP J 8 24.55 -5.22 -41.18
CA ASP J 8 23.38 -6.11 -41.37
C ASP J 8 22.15 -5.26 -41.69
N ILE J 9 21.52 -5.52 -42.85
CA ILE J 9 20.21 -4.92 -43.26
C ILE J 9 19.08 -5.76 -42.62
N VAL J 10 18.47 -5.24 -41.56
CA VAL J 10 17.27 -5.84 -40.91
C VAL J 10 16.03 -5.28 -41.61
N ILE J 11 15.13 -6.15 -42.07
CA ILE J 11 13.84 -5.78 -42.74
C ILE J 11 12.69 -6.50 -42.01
N ASN J 12 11.87 -5.73 -41.29
CA ASN J 12 10.62 -6.21 -40.65
C ASN J 12 9.48 -6.07 -41.67
N ALA J 13 8.88 -7.19 -42.09
CA ALA J 13 7.83 -7.27 -43.14
C ALA J 13 6.64 -8.09 -42.64
N ASN J 14 5.42 -7.74 -43.07
CA ASN J 14 4.16 -8.42 -42.68
C ASN J 14 3.90 -9.58 -43.64
N PRO J 15 3.72 -10.83 -43.13
CA PRO J 15 3.53 -11.99 -43.99
C PRO J 15 2.14 -12.07 -44.65
N ALA J 16 1.18 -11.26 -44.19
CA ALA J 16 -0.17 -11.10 -44.80
C ALA J 16 -0.03 -10.47 -46.18
N SER J 17 0.95 -9.57 -46.36
CA SER J 17 1.30 -8.89 -47.63
C SER J 17 2.80 -9.01 -47.87
N PRO J 18 3.29 -10.15 -48.42
CA PRO J 18 4.72 -10.36 -48.63
C PRO J 18 5.32 -9.35 -49.60
N PRO J 19 6.39 -8.60 -49.21
CA PRO J 19 7.02 -7.64 -50.10
C PRO J 19 7.90 -8.35 -51.15
N LEU J 20 7.27 -8.81 -52.24
CA LEU J 20 7.93 -9.50 -53.38
C LEU J 20 9.01 -8.59 -53.98
N SER J 21 8.78 -7.27 -53.97
CA SER J 21 9.71 -6.22 -54.44
C SER J 21 11.08 -6.39 -53.77
N LEU J 22 11.11 -6.68 -52.46
CA LEU J 22 12.35 -6.81 -51.65
C LEU J 22 13.02 -8.18 -51.92
N LEU J 23 12.22 -9.24 -52.14
CA LEU J 23 12.72 -10.62 -52.38
C LEU J 23 13.43 -10.69 -53.73
N VAL J 24 12.91 -9.97 -54.74
CA VAL J 24 13.54 -9.83 -56.09
C VAL J 24 14.87 -9.09 -55.91
N LEU J 25 14.86 -7.94 -55.24
CA LEU J 25 16.06 -7.08 -55.01
C LEU J 25 17.11 -7.84 -54.20
N HIS J 26 16.68 -8.70 -53.26
CA HIS J 26 17.58 -9.55 -52.44
C HIS J 26 18.40 -10.46 -53.37
N ARG J 27 17.72 -11.20 -54.25
CA ARG J 27 18.34 -12.10 -55.26
C ARG J 27 19.35 -11.28 -56.09
N LEU J 28 18.96 -10.07 -56.49
CA LEU J 28 19.83 -9.13 -57.26
C LEU J 28 21.05 -8.74 -56.42
N LEU J 29 20.85 -8.44 -55.13
CA LEU J 29 21.94 -8.03 -54.20
C LEU J 29 22.98 -9.14 -54.07
N CYS J 30 22.53 -10.39 -53.92
CA CYS J 30 23.39 -11.61 -53.77
C CYS J 30 24.22 -11.82 -55.04
N GLU J 31 23.68 -11.44 -56.21
CA GLU J 31 24.35 -11.58 -57.53
C GLU J 31 25.48 -10.54 -57.66
N HIS J 32 25.54 -9.54 -56.78
CA HIS J 32 26.57 -8.47 -56.75
C HIS J 32 27.54 -8.69 -55.59
N PHE J 33 27.03 -8.95 -54.38
CA PHE J 33 27.81 -9.02 -53.12
C PHE J 33 27.66 -10.40 -52.46
N ARG J 34 28.55 -10.70 -51.52
CA ARG J 34 28.45 -11.87 -50.59
C ARG J 34 27.49 -11.49 -49.46
N VAL J 35 26.27 -12.04 -49.47
CA VAL J 35 25.16 -11.67 -48.55
C VAL J 35 24.84 -12.86 -47.64
N LEU J 36 25.04 -12.69 -46.33
CA LEU J 36 24.59 -13.66 -45.28
C LEU J 36 23.11 -13.43 -45.01
N SER J 37 22.24 -14.04 -45.82
CA SER J 37 20.76 -13.91 -45.74
C SER J 37 20.22 -14.91 -44.70
N THR J 38 19.30 -14.46 -43.85
CA THR J 38 18.64 -15.26 -42.78
C THR J 38 17.17 -14.83 -42.66
N VAL J 39 16.27 -15.79 -42.46
CA VAL J 39 14.80 -15.55 -42.27
C VAL J 39 14.45 -15.89 -40.82
N HIS J 40 13.61 -15.06 -40.20
CA HIS J 40 13.13 -15.20 -38.79
C HIS J 40 11.64 -14.89 -38.73
N THR J 41 10.95 -15.35 -37.69
CA THR J 41 9.52 -15.07 -37.41
C THR J 41 9.39 -14.43 -36.02
N HIS J 42 8.88 -13.20 -35.95
CA HIS J 42 8.71 -12.42 -34.70
C HIS J 42 7.56 -13.02 -33.88
N SER J 43 7.59 -12.81 -32.55
CA SER J 43 6.57 -13.27 -31.57
C SER J 43 5.17 -12.81 -31.99
N SER J 44 5.07 -11.60 -32.53
CA SER J 44 3.81 -10.92 -32.95
C SER J 44 2.98 -11.83 -33.85
N VAL J 45 3.56 -12.30 -34.96
CA VAL J 45 2.88 -13.23 -35.93
C VAL J 45 3.01 -14.66 -35.40
N LYS J 46 1.96 -15.47 -35.59
CA LYS J 46 1.94 -16.93 -35.30
C LYS J 46 1.55 -17.67 -36.58
N SER J 47 2.20 -18.81 -36.84
CA SER J 47 1.95 -19.71 -37.99
C SER J 47 2.10 -18.94 -39.31
N VAL J 48 3.32 -18.46 -39.60
CA VAL J 48 3.72 -17.89 -40.91
C VAL J 48 3.73 -19.03 -41.93
N PRO J 49 3.12 -18.86 -43.13
CA PRO J 49 3.15 -19.88 -44.17
C PRO J 49 4.53 -20.51 -44.40
N GLU J 50 4.55 -21.81 -44.71
CA GLU J 50 5.78 -22.65 -44.84
C GLU J 50 6.74 -22.03 -45.87
N ASN J 51 6.22 -21.69 -47.06
CA ASN J 51 7.00 -21.18 -48.21
C ASN J 51 7.79 -19.93 -47.80
N LEU J 52 7.20 -19.04 -47.00
CA LEU J 52 7.79 -17.73 -46.62
C LEU J 52 8.93 -17.94 -45.62
N LEU J 53 8.84 -18.95 -44.75
CA LEU J 53 9.82 -19.24 -43.68
C LEU J 53 11.19 -19.56 -44.30
N LYS J 54 11.24 -20.34 -45.38
CA LYS J 54 12.50 -20.60 -46.14
C LYS J 54 12.31 -20.14 -47.58
N CYS J 55 11.96 -18.88 -47.72
CA CYS J 55 11.74 -18.18 -49.02
C CYS J 55 13.07 -17.90 -49.73
N PHE J 56 14.19 -18.01 -49.00
CA PHE J 56 15.58 -17.88 -49.54
C PHE J 56 16.18 -19.27 -49.80
N GLY J 57 15.86 -20.25 -48.95
CA GLY J 57 16.38 -21.62 -49.03
C GLY J 57 17.78 -21.68 -48.42
N GLU J 58 18.53 -22.76 -48.70
CA GLU J 58 19.86 -23.03 -48.09
C GLU J 58 20.67 -23.94 -49.02
N ASP J 67 34.80 -13.13 -43.68
CA ASP J 67 33.33 -13.35 -43.58
C ASP J 67 32.65 -12.77 -44.84
N TYR J 68 31.34 -12.53 -44.76
CA TYR J 68 30.47 -12.00 -45.85
C TYR J 68 30.55 -10.47 -45.83
N GLN J 69 30.00 -9.82 -46.86
CA GLN J 69 30.05 -8.34 -47.06
C GLN J 69 28.87 -7.67 -46.35
N LEU J 70 27.64 -8.10 -46.65
CA LEU J 70 26.39 -7.54 -46.08
C LEU J 70 25.59 -8.66 -45.40
N GLY J 71 24.90 -8.31 -44.32
CA GLY J 71 23.84 -9.14 -43.70
C GLY J 71 22.48 -8.72 -44.22
N PHE J 72 21.58 -9.68 -44.45
CA PHE J 72 20.18 -9.45 -44.87
C PHE J 72 19.26 -10.30 -43.98
N THR J 73 18.78 -9.72 -42.88
CA THR J 73 17.92 -10.38 -41.86
C THR J 73 16.45 -10.00 -42.13
N LEU J 74 15.70 -10.87 -42.79
CA LEU J 74 14.24 -10.71 -43.06
C LEU J 74 13.45 -11.30 -41.87
N ILE J 75 12.80 -10.44 -41.10
CA ILE J 75 11.95 -10.84 -39.93
C ILE J 75 10.47 -10.66 -40.32
N TRP J 76 9.71 -11.76 -40.39
CA TRP J 76 8.24 -11.75 -40.59
C TRP J 76 7.58 -11.31 -39.27
N LYS J 77 6.81 -10.22 -39.31
CA LYS J 77 6.41 -9.43 -38.12
C LYS J 77 5.07 -8.73 -38.38
N ASN J 78 4.29 -8.48 -37.33
CA ASN J 78 2.95 -7.85 -37.41
C ASN J 78 3.12 -6.33 -37.36
N VAL J 79 3.64 -5.74 -38.45
CA VAL J 79 3.88 -4.28 -38.62
C VAL J 79 2.93 -3.76 -39.70
N PRO J 80 2.46 -2.50 -39.60
CA PRO J 80 1.58 -1.93 -40.62
C PRO J 80 2.32 -1.61 -41.93
N LYS J 81 3.53 -1.06 -41.82
CA LYS J 81 4.38 -0.63 -42.97
C LYS J 81 5.72 -1.38 -42.88
N THR J 82 6.18 -1.95 -43.99
CA THR J 82 7.47 -2.70 -44.10
C THR J 82 8.61 -1.76 -43.69
N GLN J 83 9.40 -2.17 -42.67
CA GLN J 83 10.42 -1.32 -42.01
C GLN J 83 11.81 -1.92 -42.23
N MET J 84 12.83 -1.07 -42.40
CA MET J 84 14.27 -1.45 -42.50
C MET J 84 15.06 -0.72 -41.41
N LYS J 85 15.78 -1.46 -40.57
CA LYS J 85 16.67 -0.92 -39.51
C LYS J 85 18.12 -1.24 -39.87
N PHE J 86 18.83 -0.27 -40.45
CA PHE J 86 20.23 -0.39 -40.93
C PHE J 86 21.08 0.69 -40.26
N SER J 87 22.13 0.29 -39.52
CA SER J 87 23.13 1.18 -38.87
C SER J 87 22.43 2.24 -38.04
N ILE J 88 21.65 1.81 -37.03
CA ILE J 88 20.73 2.65 -36.23
C ILE J 88 21.52 3.80 -35.56
N GLN J 89 22.81 3.58 -35.28
CA GLN J 89 23.69 4.58 -34.61
C GLN J 89 24.09 5.68 -35.60
N THR J 90 23.62 5.65 -36.85
CA THR J 90 23.90 6.67 -37.89
C THR J 90 22.66 6.99 -38.75
N MET J 91 21.64 6.13 -38.76
CA MET J 91 20.50 6.18 -39.73
C MET J 91 19.17 5.90 -39.00
N CYS J 92 18.19 6.79 -39.15
CA CYS J 92 16.81 6.62 -38.62
C CYS J 92 16.14 5.43 -39.31
N PRO J 93 15.34 4.61 -38.61
CA PRO J 93 14.68 3.45 -39.23
C PRO J 93 13.79 3.87 -40.40
N ILE J 94 13.92 3.19 -41.54
CA ILE J 94 13.24 3.50 -42.83
C ILE J 94 11.92 2.72 -42.89
N GLU J 95 10.83 3.42 -43.22
CA GLU J 95 9.46 2.86 -43.35
C GLU J 95 8.98 3.03 -44.80
N GLY J 96 8.34 1.99 -45.35
CA GLY J 96 7.80 1.97 -46.72
C GLY J 96 8.64 1.07 -47.62
N GLU J 97 8.04 -0.01 -48.14
CA GLU J 97 8.74 -1.02 -48.98
C GLU J 97 9.27 -0.35 -50.25
N GLY J 98 8.64 0.76 -50.67
CA GLY J 98 9.12 1.62 -51.77
C GLY J 98 10.46 2.26 -51.45
N ASN J 99 10.58 2.86 -50.26
CA ASN J 99 11.78 3.58 -49.78
C ASN J 99 12.94 2.58 -49.59
N ILE J 100 12.62 1.39 -49.06
CA ILE J 100 13.61 0.30 -48.82
C ILE J 100 14.12 -0.22 -50.17
N ALA J 101 13.20 -0.39 -51.14
CA ALA J 101 13.49 -0.91 -52.50
C ALA J 101 14.52 -0.01 -53.20
N ARG J 102 14.30 1.32 -53.14
CA ARG J 102 15.20 2.34 -53.73
C ARG J 102 16.62 2.16 -53.18
N PHE J 103 16.75 2.00 -51.85
CA PHE J 103 18.03 1.85 -51.12
C PHE J 103 18.78 0.59 -51.59
N LEU J 104 18.08 -0.55 -51.62
CA LEU J 104 18.66 -1.87 -51.97
C LEU J 104 19.21 -1.83 -53.40
N PHE J 105 18.42 -1.36 -54.36
CA PHE J 105 18.80 -1.27 -55.79
C PHE J 105 19.99 -0.32 -55.95
N SER J 106 19.98 0.78 -55.19
CA SER J 106 20.99 1.87 -55.26
C SER J 106 22.37 1.39 -54.79
N LEU J 107 22.46 0.22 -54.13
CA LEU J 107 23.73 -0.35 -53.64
C LEU J 107 24.61 -0.80 -54.82
N PHE J 108 24.01 -1.13 -55.96
CA PHE J 108 24.70 -1.52 -57.21
C PHE J 108 24.19 -0.66 -58.37
N GLY J 109 22.93 -0.19 -58.28
CA GLY J 109 22.22 0.53 -59.34
C GLY J 109 23.07 1.60 -59.99
N GLN J 110 22.98 1.74 -61.31
CA GLN J 110 23.72 2.76 -62.11
C GLN J 110 23.19 4.16 -61.77
N LYS J 111 24.09 5.12 -61.57
CA LYS J 111 23.77 6.56 -61.35
C LYS J 111 22.98 7.10 -62.56
N HIS J 112 21.89 7.83 -62.30
CA HIS J 112 20.98 8.41 -63.32
C HIS J 112 21.01 9.95 -63.26
N ASN J 113 20.60 10.61 -64.34
CA ASN J 113 20.39 12.09 -64.40
C ASN J 113 19.22 12.45 -63.48
N ALA J 114 19.05 13.75 -63.19
CA ALA J 114 18.03 14.30 -62.27
C ALA J 114 16.62 13.96 -62.76
N VAL J 115 16.41 13.97 -64.08
CA VAL J 115 15.08 13.78 -64.73
C VAL J 115 14.66 12.31 -64.58
N ASN J 116 15.55 11.38 -64.93
CA ASN J 116 15.31 9.90 -64.86
C ASN J 116 15.10 9.50 -63.40
N ALA J 117 16.09 9.81 -62.53
CA ALA J 117 16.11 9.47 -61.09
C ALA J 117 14.76 9.84 -60.44
N THR J 118 14.28 11.05 -60.71
CA THR J 118 12.98 11.58 -60.20
C THR J 118 11.82 10.78 -60.81
N LEU J 119 11.91 10.47 -62.11
CA LEU J 119 10.87 9.71 -62.86
C LEU J 119 10.81 8.28 -62.34
N ILE J 120 11.98 7.69 -62.02
CA ILE J 120 12.11 6.33 -61.42
C ILE J 120 11.40 6.34 -60.06
N ASP J 121 11.73 7.31 -59.20
CA ASP J 121 11.15 7.48 -57.85
C ASP J 121 9.64 7.68 -57.95
N SER J 122 9.20 8.45 -58.96
CA SER J 122 7.76 8.73 -59.25
C SER J 122 7.05 7.41 -59.56
N TRP J 123 7.68 6.53 -60.34
CA TRP J 123 7.13 5.21 -60.75
C TRP J 123 6.92 4.30 -59.54
N VAL J 124 7.84 4.37 -58.56
CA VAL J 124 7.78 3.57 -57.30
C VAL J 124 6.53 4.01 -56.53
N ASP J 125 6.39 5.31 -56.26
CA ASP J 125 5.24 5.91 -55.53
C ASP J 125 3.92 5.42 -56.13
N ILE J 126 3.79 5.47 -57.46
CA ILE J 126 2.59 5.03 -58.22
C ILE J 126 2.26 3.58 -57.82
N ALA J 127 3.21 2.68 -58.03
CA ALA J 127 3.09 1.22 -57.78
C ALA J 127 2.65 0.96 -56.34
N ILE J 128 3.33 1.55 -55.38
CA ILE J 128 3.19 1.27 -53.92
C ILE J 128 1.80 1.70 -53.44
N PHE J 129 1.37 2.92 -53.77
CA PHE J 129 0.17 3.58 -53.19
C PHE J 129 -1.05 3.40 -54.09
N GLN J 130 -0.99 3.96 -55.31
CA GLN J 130 -2.16 4.07 -56.23
C GLN J 130 -2.55 2.68 -56.76
N LEU J 131 -1.58 1.90 -57.23
CA LEU J 131 -1.83 0.59 -57.90
C LEU J 131 -2.17 -0.48 -56.86
N LYS J 132 -1.32 -0.66 -55.84
CA LYS J 132 -1.43 -1.74 -54.82
C LYS J 132 -2.78 -1.63 -54.09
N GLU J 133 -2.98 -0.51 -53.38
CA GLU J 133 -4.20 -0.24 -52.56
C GLU J 133 -5.15 0.65 -53.37
N GLY J 134 -5.58 0.18 -54.54
CA GLY J 134 -6.49 0.86 -55.46
C GLY J 134 -7.54 -0.08 -56.01
N SER J 135 -8.66 0.47 -56.50
CA SER J 135 -9.77 -0.26 -57.17
C SER J 135 -9.37 -0.59 -58.60
N SER J 136 -10.17 -1.42 -59.30
CA SER J 136 -9.99 -1.80 -60.73
C SER J 136 -9.99 -0.54 -61.61
N LYS J 137 -10.58 0.55 -61.11
CA LYS J 137 -10.60 1.89 -61.73
C LYS J 137 -9.17 2.39 -61.93
N GLU J 138 -8.43 2.55 -60.82
CA GLU J 138 -7.08 3.16 -60.76
C GLU J 138 -6.06 2.24 -61.43
N LYS J 139 -6.18 0.92 -61.21
CA LYS J 139 -5.34 -0.14 -61.84
C LYS J 139 -5.32 0.08 -63.36
N ALA J 140 -6.50 0.23 -63.98
CA ALA J 140 -6.69 0.46 -65.43
C ALA J 140 -5.94 1.72 -65.88
N ALA J 141 -6.02 2.79 -65.09
CA ALA J 141 -5.35 4.09 -65.36
C ALA J 141 -3.84 3.93 -65.33
N VAL J 142 -3.32 3.16 -64.37
CA VAL J 142 -1.86 2.88 -64.19
C VAL J 142 -1.34 2.12 -65.44
N PHE J 143 -2.10 1.15 -65.94
CA PHE J 143 -1.75 0.32 -67.13
C PHE J 143 -1.55 1.22 -68.36
N ARG J 144 -2.42 2.22 -68.55
CA ARG J 144 -2.36 3.18 -69.69
C ARG J 144 -1.03 3.94 -69.66
N SER J 145 -0.71 4.57 -68.53
CA SER J 145 0.54 5.35 -68.30
C SER J 145 1.77 4.46 -68.54
N MET J 146 1.70 3.19 -68.11
CA MET J 146 2.77 2.17 -68.34
C MET J 146 2.82 1.81 -69.83
N ASN J 147 1.67 1.46 -70.41
CA ASN J 147 1.51 1.05 -71.82
C ASN J 147 2.12 2.13 -72.73
N SER J 148 1.76 3.40 -72.51
CA SER J 148 2.26 4.58 -73.24
C SER J 148 3.78 4.70 -73.08
N ALA J 149 4.27 4.59 -71.83
CA ALA J 149 5.70 4.69 -71.47
C ALA J 149 6.51 3.55 -72.10
N LEU J 150 6.04 2.31 -71.92
CA LEU J 150 6.69 1.08 -72.45
C LEU J 150 6.57 1.02 -73.98
N GLY J 151 5.63 1.80 -74.56
CA GLY J 151 5.49 1.97 -76.01
C GLY J 151 6.67 2.73 -76.62
N LYS J 152 7.28 3.64 -75.86
CA LYS J 152 8.41 4.50 -76.30
C LYS J 152 9.76 3.82 -75.95
N SER J 153 9.87 3.26 -74.75
CA SER J 153 11.14 2.76 -74.16
C SER J 153 11.02 1.27 -73.81
N PRO J 154 12.15 0.52 -73.73
CA PRO J 154 12.11 -0.91 -73.42
C PRO J 154 11.74 -1.21 -71.96
N TRP J 155 12.15 -0.34 -71.03
CA TRP J 155 11.76 -0.36 -69.59
C TRP J 155 11.01 0.94 -69.26
N LEU J 156 10.72 1.18 -67.99
CA LEU J 156 10.02 2.41 -67.51
C LEU J 156 11.00 3.57 -67.41
N ALA J 157 12.26 3.28 -67.07
CA ALA J 157 13.35 4.26 -67.19
C ALA J 157 13.59 4.42 -68.69
N GLY J 158 13.57 3.27 -69.38
CA GLY J 158 13.74 3.13 -70.84
C GLY J 158 15.20 2.99 -71.25
N ASN J 159 16.13 3.23 -70.32
CA ASN J 159 17.56 3.11 -70.67
C ASN J 159 18.07 1.72 -70.25
N GLU J 160 17.77 1.33 -69.02
CA GLU J 160 18.20 0.02 -68.47
C GLU J 160 17.26 -0.38 -67.34
N LEU J 161 17.23 -1.66 -66.95
CA LEU J 161 16.32 -2.06 -65.85
C LEU J 161 16.60 -1.17 -64.62
N THR J 162 15.55 -0.74 -63.93
CA THR J 162 15.62 0.14 -62.73
C THR J 162 14.69 -0.39 -61.63
N VAL J 163 14.89 0.08 -60.40
CA VAL J 163 14.06 -0.25 -59.21
C VAL J 163 12.57 -0.09 -59.56
N ALA J 164 12.24 0.95 -60.33
CA ALA J 164 10.86 1.26 -60.81
C ALA J 164 10.22 0.00 -61.39
N ASP J 165 10.95 -0.70 -62.26
CA ASP J 165 10.49 -1.93 -62.97
C ASP J 165 10.27 -3.04 -61.94
N VAL J 166 11.27 -3.29 -61.08
CA VAL J 166 11.28 -4.36 -60.05
C VAL J 166 10.03 -4.23 -59.18
N VAL J 167 9.85 -3.07 -58.53
CA VAL J 167 8.77 -2.79 -57.55
C VAL J 167 7.42 -2.94 -58.23
N LEU J 168 7.22 -2.27 -59.38
CA LEU J 168 5.92 -2.22 -60.09
C LEU J 168 5.51 -3.64 -60.50
N TRP J 169 6.40 -4.37 -61.19
CA TRP J 169 6.17 -5.78 -61.61
C TRP J 169 5.74 -6.60 -60.38
N SER J 170 6.52 -6.48 -59.30
CA SER J 170 6.30 -7.21 -58.01
C SER J 170 4.89 -6.92 -57.48
N VAL J 171 4.45 -5.65 -57.55
CA VAL J 171 3.10 -5.21 -57.07
C VAL J 171 2.02 -5.86 -57.95
N LEU J 172 2.21 -5.87 -59.28
CA LEU J 172 1.25 -6.42 -60.25
C LEU J 172 1.06 -7.93 -60.00
N GLN J 173 2.14 -8.63 -59.66
CA GLN J 173 2.15 -10.10 -59.44
C GLN J 173 1.48 -10.46 -58.10
N GLN J 174 1.23 -9.48 -57.22
CA GLN J 174 0.73 -9.71 -55.83
C GLN J 174 -0.64 -9.02 -55.64
N ILE J 175 -1.51 -9.03 -56.65
CA ILE J 175 -2.92 -8.52 -56.57
C ILE J 175 -3.84 -9.47 -57.34
N SER J 179 -7.92 -9.67 -63.19
CA SER J 179 -9.09 -8.83 -62.82
C SER J 179 -9.31 -7.72 -63.86
N VAL J 180 -8.22 -7.06 -64.30
CA VAL J 180 -8.26 -5.92 -65.28
C VAL J 180 -7.64 -6.41 -66.61
N THR J 181 -8.06 -5.81 -67.73
CA THR J 181 -7.51 -6.05 -69.09
C THR J 181 -6.08 -5.50 -69.16
N VAL J 182 -5.13 -6.33 -69.62
CA VAL J 182 -3.66 -5.99 -69.69
C VAL J 182 -3.32 -5.63 -71.13
N PRO J 183 -2.69 -4.45 -71.38
CA PRO J 183 -2.31 -4.05 -72.74
C PRO J 183 -1.09 -4.80 -73.29
N ALA J 184 -0.72 -4.52 -74.54
CA ALA J 184 0.28 -5.27 -75.34
C ALA J 184 1.70 -5.05 -74.80
N ASN J 185 2.08 -3.79 -74.57
CA ASN J 185 3.44 -3.39 -74.16
C ASN J 185 3.76 -3.97 -72.77
N VAL J 186 2.78 -3.94 -71.86
CA VAL J 186 2.90 -4.44 -70.46
C VAL J 186 3.15 -5.96 -70.48
N GLN J 187 2.49 -6.70 -71.40
CA GLN J 187 2.64 -8.17 -71.56
C GLN J 187 4.08 -8.51 -71.96
N ARG J 188 4.67 -7.73 -72.88
CA ARG J 188 6.07 -7.90 -73.36
C ARG J 188 7.03 -7.56 -72.21
N TRP J 189 6.74 -6.49 -71.47
CA TRP J 189 7.55 -6.03 -70.30
C TRP J 189 7.46 -7.05 -69.16
N MET J 190 6.28 -7.66 -68.97
CA MET J 190 6.03 -8.68 -67.91
C MET J 190 6.88 -9.92 -68.17
N ARG J 191 6.87 -10.44 -69.40
CA ARG J 191 7.66 -11.64 -69.80
C ARG J 191 9.16 -11.29 -69.81
N SER J 192 9.51 -10.07 -70.25
CA SER J 192 10.89 -9.52 -70.22
C SER J 192 11.45 -9.60 -68.79
N CYS J 193 10.65 -9.19 -67.80
CA CYS J 193 10.97 -9.26 -66.35
C CYS J 193 11.02 -10.72 -65.89
N GLU J 194 9.94 -11.48 -66.13
CA GLU J 194 9.78 -12.89 -65.71
C GLU J 194 10.91 -13.75 -66.28
N ASN J 195 11.44 -13.38 -67.45
CA ASN J 195 12.55 -14.10 -68.15
C ASN J 195 13.85 -13.98 -67.33
N LEU J 196 14.04 -12.87 -66.62
CA LEU J 196 15.27 -12.59 -65.81
C LEU J 196 15.33 -13.59 -64.64
N ALA J 197 16.54 -13.96 -64.23
CA ALA J 197 16.80 -14.99 -63.19
C ALA J 197 16.22 -14.57 -61.85
N PRO J 198 16.53 -13.37 -61.32
CA PRO J 198 16.08 -12.98 -59.98
C PRO J 198 14.56 -12.89 -59.81
N PHE J 199 13.82 -12.62 -60.90
CA PHE J 199 12.35 -12.41 -60.90
C PHE J 199 11.63 -13.76 -60.79
N ASN J 200 12.06 -14.75 -61.59
CA ASN J 200 11.46 -16.10 -61.65
C ASN J 200 11.77 -16.85 -60.35
N THR J 201 13.03 -16.83 -59.90
CA THR J 201 13.51 -17.54 -58.67
C THR J 201 12.67 -17.10 -57.47
N ALA J 202 12.50 -15.78 -57.28
CA ALA J 202 11.77 -15.16 -56.16
C ALA J 202 10.28 -15.53 -56.23
N LEU J 203 9.68 -15.47 -57.43
CA LEU J 203 8.22 -15.67 -57.65
C LEU J 203 7.84 -17.15 -57.46
N LYS J 204 8.72 -18.07 -57.85
CA LYS J 204 8.51 -19.55 -57.73
C LYS J 204 8.50 -19.95 -56.25
N LEU J 205 9.36 -19.34 -55.43
CA LEU J 205 9.49 -19.63 -53.97
C LEU J 205 8.37 -18.94 -53.18
N LEU J 206 7.52 -18.15 -53.85
CA LEU J 206 6.28 -17.55 -53.28
C LEU J 206 5.07 -18.42 -53.66
N LYS J 207 4.99 -18.84 -54.93
CA LYS J 207 3.87 -19.65 -55.51
C LYS J 207 2.58 -18.82 -55.50
N THR K 3 -31.07 -102.81 -3.18
CA THR K 3 -31.93 -102.21 -4.23
C THR K 3 -31.10 -101.43 -5.26
N LEU K 4 -29.82 -101.15 -4.99
CA LEU K 4 -28.92 -100.39 -5.89
C LEU K 4 -28.08 -101.36 -6.73
N SER K 5 -27.91 -101.06 -8.03
CA SER K 5 -27.12 -101.85 -9.01
C SER K 5 -26.26 -100.91 -9.86
N LEU K 6 -25.01 -101.29 -10.11
CA LEU K 6 -24.03 -100.56 -10.96
C LEU K 6 -23.47 -101.51 -12.03
N THR K 7 -23.66 -101.16 -13.31
CA THR K 7 -23.02 -101.83 -14.47
C THR K 7 -21.82 -100.98 -14.92
N VAL K 8 -20.65 -101.60 -15.06
CA VAL K 8 -19.36 -100.90 -15.36
C VAL K 8 -18.82 -101.40 -16.70
N ASN K 9 -18.17 -100.51 -17.46
CA ASN K 9 -17.42 -100.86 -18.69
C ASN K 9 -16.22 -101.73 -18.28
N SER K 10 -16.30 -103.03 -18.54
CA SER K 10 -15.23 -104.03 -18.23
C SER K 10 -13.98 -103.71 -19.07
N GLY K 11 -14.17 -103.22 -20.29
CA GLY K 11 -13.10 -102.80 -21.22
C GLY K 11 -12.23 -101.70 -20.64
N ASP K 12 -12.83 -100.79 -19.85
CA ASP K 12 -12.13 -99.68 -19.15
C ASP K 12 -12.86 -99.38 -17.84
N PRO K 13 -12.51 -100.05 -16.72
CA PRO K 13 -13.22 -99.89 -15.46
C PRO K 13 -13.15 -98.47 -14.89
N PRO K 14 -14.26 -97.90 -14.36
CA PRO K 14 -14.21 -96.62 -13.65
C PRO K 14 -13.62 -96.82 -12.25
N LEU K 15 -12.30 -96.65 -12.13
CA LEU K 15 -11.48 -97.04 -10.94
C LEU K 15 -12.05 -96.36 -9.68
N GLY K 16 -12.27 -95.05 -9.74
CA GLY K 16 -12.77 -94.22 -8.62
C GLY K 16 -14.14 -94.68 -8.14
N ALA K 17 -15.04 -94.99 -9.07
CA ALA K 17 -16.41 -95.46 -8.81
C ALA K 17 -16.37 -96.73 -7.95
N LEU K 18 -15.55 -97.71 -8.36
CA LEU K 18 -15.40 -99.03 -7.66
C LEU K 18 -14.92 -98.77 -6.23
N LEU K 19 -13.88 -97.95 -6.06
CA LEU K 19 -13.30 -97.58 -4.75
C LEU K 19 -14.39 -96.97 -3.87
N ALA K 20 -15.23 -96.11 -4.45
CA ALA K 20 -16.41 -95.50 -3.79
C ALA K 20 -17.39 -96.61 -3.38
N VAL K 21 -17.74 -97.49 -4.32
CA VAL K 21 -18.69 -98.63 -4.11
C VAL K 21 -18.24 -99.46 -2.91
N GLU K 22 -16.92 -99.70 -2.78
CA GLU K 22 -16.34 -100.53 -1.70
C GLU K 22 -16.53 -99.85 -0.33
N HIS K 23 -16.64 -98.52 -0.30
CA HIS K 23 -16.73 -97.69 0.93
C HIS K 23 -18.21 -97.42 1.31
N VAL K 24 -19.17 -97.84 0.47
CA VAL K 24 -20.63 -97.64 0.71
C VAL K 24 -21.33 -98.99 0.92
N LYS K 25 -20.61 -100.12 0.75
CA LYS K 25 -21.14 -101.49 0.97
C LYS K 25 -21.64 -101.62 2.41
N ASP K 26 -20.95 -100.98 3.35
CA ASP K 26 -21.27 -100.98 4.80
C ASP K 26 -22.61 -100.28 5.05
N ASP K 27 -22.88 -99.20 4.31
CA ASP K 27 -24.05 -98.29 4.56
C ASP K 27 -25.30 -98.86 3.86
N VAL K 28 -25.34 -98.83 2.52
CA VAL K 28 -26.54 -99.18 1.70
C VAL K 28 -26.19 -100.35 0.77
N SER K 29 -27.13 -101.28 0.60
CA SER K 29 -27.02 -102.51 -0.22
C SER K 29 -26.89 -102.14 -1.70
N ILE K 30 -25.71 -102.40 -2.29
CA ILE K 30 -25.38 -102.12 -3.72
C ILE K 30 -24.71 -103.35 -4.32
N SER K 31 -25.07 -103.69 -5.56
CA SER K 31 -24.52 -104.82 -6.34
C SER K 31 -23.65 -104.30 -7.48
N VAL K 32 -22.70 -105.11 -7.95
CA VAL K 32 -21.76 -104.76 -9.06
C VAL K 32 -21.92 -105.81 -10.17
N GLU K 33 -22.48 -105.38 -11.31
CA GLU K 33 -22.51 -106.15 -12.58
C GLU K 33 -21.39 -105.62 -13.47
N GLU K 34 -20.97 -106.42 -14.47
CA GLU K 34 -19.93 -106.04 -15.46
C GLU K 34 -20.57 -106.07 -16.86
N GLY K 35 -20.53 -104.92 -17.56
CA GLY K 35 -21.16 -104.73 -18.88
C GLY K 35 -20.22 -104.01 -19.84
N LYS K 36 -20.78 -103.18 -20.73
CA LYS K 36 -20.05 -102.51 -21.84
C LYS K 36 -19.91 -101.00 -21.57
N GLU K 37 -20.65 -100.46 -20.60
CA GLU K 37 -20.62 -99.00 -20.23
C GLU K 37 -20.97 -98.81 -18.75
N ASN K 38 -20.66 -97.63 -18.21
CA ASN K 38 -20.89 -97.25 -16.79
C ASN K 38 -22.32 -96.72 -16.63
N ILE K 39 -23.18 -97.48 -15.92
CA ILE K 39 -24.60 -97.11 -15.63
C ILE K 39 -24.92 -97.52 -14.18
N LEU K 40 -25.31 -96.55 -13.34
CA LEU K 40 -25.80 -96.79 -11.95
C LEU K 40 -27.33 -96.84 -11.98
N HIS K 41 -27.91 -98.04 -11.87
CA HIS K 41 -29.37 -98.30 -11.87
C HIS K 41 -29.90 -98.12 -10.45
N VAL K 42 -30.55 -96.97 -10.18
CA VAL K 42 -31.09 -96.60 -8.84
C VAL K 42 -32.57 -97.00 -8.78
N SER K 43 -33.38 -96.45 -9.68
CA SER K 43 -34.86 -96.61 -9.73
C SER K 43 -35.30 -96.95 -11.15
N GLU K 44 -36.61 -97.06 -11.38
CA GLU K 44 -37.24 -97.28 -12.70
C GLU K 44 -37.09 -96.01 -13.56
N ASN K 45 -36.99 -94.84 -12.92
CA ASN K 45 -36.89 -93.51 -13.57
C ASN K 45 -35.43 -93.01 -13.54
N VAL K 46 -34.62 -93.50 -12.58
CA VAL K 46 -33.32 -92.91 -12.19
C VAL K 46 -32.16 -93.79 -12.67
N ILE K 47 -31.44 -93.33 -13.69
CA ILE K 47 -30.13 -93.89 -14.15
C ILE K 47 -29.13 -92.72 -14.33
N PHE K 48 -27.83 -93.01 -14.32
CA PHE K 48 -26.73 -92.02 -14.44
C PHE K 48 -25.61 -92.60 -15.32
N THR K 49 -25.26 -91.90 -16.40
CA THR K 49 -24.18 -92.28 -17.36
C THR K 49 -22.84 -91.69 -16.90
N ASP K 50 -22.84 -90.40 -16.54
CA ASP K 50 -21.64 -89.62 -16.16
C ASP K 50 -21.02 -90.22 -14.90
N VAL K 51 -19.68 -90.34 -14.87
CA VAL K 51 -18.90 -90.96 -13.76
C VAL K 51 -19.12 -90.12 -12.48
N ASN K 52 -19.07 -88.78 -12.59
CA ASN K 52 -19.18 -87.86 -11.43
C ASN K 52 -20.58 -87.97 -10.82
N SER K 53 -21.62 -88.03 -11.65
CA SER K 53 -23.04 -88.23 -11.22
C SER K 53 -23.13 -89.46 -10.31
N ILE K 54 -22.49 -90.57 -10.71
CA ILE K 54 -22.46 -91.85 -9.95
C ILE K 54 -21.79 -91.61 -8.60
N LEU K 55 -20.57 -91.06 -8.63
CA LEU K 55 -19.76 -90.75 -7.41
C LEU K 55 -20.60 -89.90 -6.45
N ARG K 56 -21.20 -88.82 -6.95
CA ARG K 56 -21.99 -87.84 -6.16
C ARG K 56 -23.14 -88.56 -5.44
N TYR K 57 -23.91 -89.38 -6.16
CA TYR K 57 -25.09 -90.11 -5.62
C TYR K 57 -24.65 -91.00 -4.45
N LEU K 58 -23.63 -91.84 -4.69
CA LEU K 58 -23.13 -92.85 -3.72
C LEU K 58 -22.71 -92.15 -2.41
N ALA K 59 -21.95 -91.06 -2.51
CA ALA K 59 -21.43 -90.28 -1.36
C ALA K 59 -22.61 -89.66 -0.58
N ARG K 60 -23.65 -89.20 -1.28
CA ARG K 60 -24.85 -88.55 -0.68
C ARG K 60 -25.69 -89.60 0.06
N VAL K 61 -25.96 -90.74 -0.59
CA VAL K 61 -26.84 -91.83 -0.04
C VAL K 61 -26.10 -92.56 1.10
N ALA K 62 -24.78 -92.74 0.97
CA ALA K 62 -23.89 -93.29 2.03
C ALA K 62 -23.65 -92.21 3.09
N THR K 63 -24.59 -92.03 4.01
CA THR K 63 -24.65 -90.93 5.00
C THR K 63 -23.50 -91.07 6.02
N THR K 64 -23.33 -92.26 6.60
CA THR K 64 -22.35 -92.55 7.69
C THR K 64 -20.92 -92.46 7.15
N ALA K 65 -20.71 -92.79 5.88
CA ALA K 65 -19.41 -92.71 5.18
C ALA K 65 -18.85 -91.28 5.27
N GLY K 66 -19.69 -90.29 4.95
CA GLY K 66 -19.35 -88.85 5.03
C GLY K 66 -18.35 -88.44 3.97
N LEU K 67 -18.51 -88.96 2.75
CA LEU K 67 -17.54 -88.78 1.62
C LEU K 67 -17.76 -87.43 0.94
N TYR K 68 -18.83 -86.71 1.28
CA TYR K 68 -19.18 -85.39 0.69
C TYR K 68 -18.98 -84.29 1.74
N GLY K 69 -18.03 -84.48 2.66
CA GLY K 69 -17.58 -83.45 3.61
C GLY K 69 -18.50 -83.30 4.81
N SER K 70 -18.37 -82.19 5.54
CA SER K 70 -19.06 -81.90 6.83
C SER K 70 -19.66 -80.49 6.84
N ASN K 71 -19.87 -79.88 5.67
CA ASN K 71 -20.43 -78.50 5.50
C ASN K 71 -20.48 -78.16 4.01
N LEU K 72 -21.04 -76.99 3.67
CA LEU K 72 -21.16 -76.51 2.26
C LEU K 72 -19.76 -76.19 1.70
N MET K 73 -18.84 -75.73 2.55
CA MET K 73 -17.47 -75.32 2.14
C MET K 73 -16.72 -76.55 1.63
N GLU K 74 -16.63 -77.61 2.46
CA GLU K 74 -15.99 -78.91 2.10
C GLU K 74 -16.76 -79.55 0.94
N HIS K 75 -18.10 -79.45 0.96
CA HIS K 75 -19.03 -79.90 -0.11
C HIS K 75 -18.61 -79.30 -1.45
N THR K 76 -18.25 -78.00 -1.47
CA THR K 76 -17.86 -77.24 -2.69
C THR K 76 -16.43 -77.62 -3.11
N GLU K 77 -15.50 -77.69 -2.15
CA GLU K 77 -14.09 -78.12 -2.38
C GLU K 77 -14.10 -79.42 -3.21
N ILE K 78 -14.95 -80.38 -2.83
CA ILE K 78 -15.08 -81.71 -3.49
C ILE K 78 -15.54 -81.52 -4.93
N ASP K 79 -16.60 -80.73 -5.16
CA ASP K 79 -17.14 -80.41 -6.51
C ASP K 79 -15.99 -79.89 -7.40
N HIS K 80 -15.10 -79.06 -6.86
CA HIS K 80 -13.90 -78.51 -7.55
C HIS K 80 -13.00 -79.66 -8.02
N TRP K 81 -12.69 -80.59 -7.11
CA TRP K 81 -11.74 -81.71 -7.34
C TRP K 81 -12.33 -82.72 -8.34
N LEU K 82 -13.66 -82.90 -8.36
CA LEU K 82 -14.36 -83.76 -9.35
C LEU K 82 -14.13 -83.19 -10.75
N GLU K 83 -14.31 -81.88 -10.91
CA GLU K 83 -14.07 -81.15 -12.18
C GLU K 83 -12.58 -81.18 -12.52
N PHE K 84 -11.72 -80.96 -11.51
CA PHE K 84 -10.24 -80.97 -11.64
C PHE K 84 -9.79 -82.31 -12.23
N SER K 85 -10.18 -83.42 -11.59
CA SER K 85 -9.84 -84.81 -11.99
C SER K 85 -10.36 -85.09 -13.40
N ALA K 86 -11.61 -84.71 -13.68
CA ALA K 86 -12.35 -85.01 -14.93
C ALA K 86 -11.71 -84.31 -16.14
N THR K 87 -10.99 -83.20 -15.93
CA THR K 87 -10.45 -82.33 -17.02
C THR K 87 -8.92 -82.33 -17.00
N LYS K 88 -8.31 -81.70 -15.99
CA LYS K 88 -6.87 -81.34 -15.95
C LYS K 88 -6.00 -82.60 -15.77
N LEU K 89 -6.49 -83.62 -15.05
CA LEU K 89 -5.77 -84.90 -14.82
C LEU K 89 -6.12 -85.92 -15.91
N SER K 90 -7.37 -85.93 -16.37
CA SER K 90 -7.88 -86.83 -17.44
C SER K 90 -7.05 -86.64 -18.73
N SER K 91 -6.59 -85.41 -18.98
CA SER K 91 -5.62 -85.07 -20.06
C SER K 91 -4.21 -84.99 -19.46
N CYS K 92 -3.19 -85.28 -20.28
CA CYS K 92 -1.76 -85.16 -19.92
C CYS K 92 -1.15 -83.91 -20.58
N ASP K 93 -1.99 -82.98 -21.04
CA ASP K 93 -1.59 -81.68 -21.63
C ASP K 93 -1.22 -80.71 -20.50
N SER K 94 0.00 -80.14 -20.56
CA SER K 94 0.60 -79.26 -19.52
C SER K 94 0.42 -79.88 -18.13
N PHE K 95 0.76 -81.17 -18.01
CA PHE K 95 0.63 -81.98 -16.77
C PHE K 95 1.60 -81.45 -15.70
N THR K 96 2.76 -80.95 -16.13
CA THR K 96 3.83 -80.37 -15.26
C THR K 96 3.24 -79.27 -14.38
N SER K 97 2.32 -78.46 -14.92
CA SER K 97 1.59 -77.38 -14.22
C SER K 97 0.53 -77.98 -13.30
N THR K 98 -0.36 -78.80 -13.88
CA THR K 98 -1.51 -79.46 -13.20
C THR K 98 -1.04 -80.08 -11.87
N ILE K 99 -0.01 -80.92 -11.92
CA ILE K 99 0.48 -81.74 -10.76
C ILE K 99 1.03 -80.81 -9.68
N ASN K 100 1.65 -79.69 -10.06
CA ASN K 100 2.27 -78.71 -9.13
C ASN K 100 1.18 -77.97 -8.36
N GLU K 101 0.02 -77.75 -8.98
CA GLU K 101 -1.18 -77.16 -8.31
C GLU K 101 -1.65 -78.14 -7.23
N LEU K 102 -1.82 -79.42 -7.60
CA LEU K 102 -2.28 -80.51 -6.68
C LEU K 102 -1.26 -80.69 -5.55
N ASN K 103 0.03 -80.48 -5.83
CA ASN K 103 1.13 -80.56 -4.83
C ASN K 103 0.95 -79.45 -3.80
N HIS K 104 0.81 -78.20 -4.26
CA HIS K 104 0.61 -76.99 -3.42
C HIS K 104 -0.59 -77.23 -2.48
N CYS K 105 -1.70 -77.73 -3.03
CA CYS K 105 -2.98 -77.97 -2.31
C CYS K 105 -2.78 -79.03 -1.21
N LEU K 106 -1.82 -79.94 -1.38
CA LEU K 106 -1.54 -81.07 -0.45
C LEU K 106 -0.36 -80.75 0.47
N SER K 107 0.17 -79.53 0.43
CA SER K 107 1.37 -79.09 1.21
C SER K 107 1.13 -79.29 2.72
N LEU K 108 -0.04 -78.85 3.21
CA LEU K 108 -0.41 -78.93 4.66
C LEU K 108 -1.68 -79.77 4.85
N ARG K 109 -2.15 -80.46 3.80
CA ARG K 109 -3.34 -81.35 3.86
C ARG K 109 -2.88 -82.82 3.84
N THR K 110 -3.48 -83.66 4.69
CA THR K 110 -3.25 -85.12 4.74
C THR K 110 -4.19 -85.80 3.74
N TYR K 111 -5.50 -85.56 3.87
CA TYR K 111 -6.53 -85.80 2.82
C TYR K 111 -6.84 -84.48 2.11
N LEU K 112 -7.40 -84.54 0.91
CA LEU K 112 -7.70 -83.36 0.05
C LEU K 112 -8.75 -82.46 0.73
N VAL K 113 -9.65 -83.04 1.53
CA VAL K 113 -10.77 -82.28 2.19
C VAL K 113 -11.00 -82.82 3.60
N GLY K 114 -10.68 -82.00 4.62
CA GLY K 114 -11.25 -82.08 5.98
C GLY K 114 -10.72 -83.23 6.82
N ASN K 115 -9.46 -83.60 6.66
CA ASN K 115 -8.75 -84.61 7.51
C ASN K 115 -9.58 -85.89 7.60
N SER K 116 -10.12 -86.36 6.47
CA SER K 116 -10.94 -87.59 6.33
C SER K 116 -11.09 -87.92 4.85
N LEU K 117 -11.33 -89.20 4.53
CA LEU K 117 -11.48 -89.70 3.13
C LEU K 117 -12.73 -89.09 2.50
N SER K 118 -12.57 -88.39 1.37
CA SER K 118 -13.64 -87.70 0.61
C SER K 118 -13.61 -88.17 -0.86
N LEU K 119 -14.67 -87.88 -1.62
CA LEU K 119 -14.75 -88.22 -3.07
C LEU K 119 -13.55 -87.61 -3.79
N ALA K 120 -13.15 -86.40 -3.40
CA ALA K 120 -11.94 -85.69 -3.88
C ALA K 120 -10.76 -86.66 -3.90
N ASP K 121 -10.44 -87.26 -2.75
CA ASP K 121 -9.32 -88.21 -2.58
C ASP K 121 -9.44 -89.33 -3.62
N LEU K 122 -10.63 -89.93 -3.74
CA LEU K 122 -10.91 -91.09 -4.63
C LEU K 122 -10.80 -90.67 -6.10
N CYS K 123 -11.64 -89.71 -6.52
CA CYS K 123 -11.78 -89.27 -7.93
C CYS K 123 -10.44 -88.81 -8.51
N VAL K 124 -9.63 -88.11 -7.70
CA VAL K 124 -8.27 -87.60 -8.10
C VAL K 124 -7.31 -88.79 -8.20
N TRP K 125 -7.17 -89.57 -7.11
CA TRP K 125 -6.23 -90.72 -7.01
C TRP K 125 -6.49 -91.71 -8.16
N ALA K 126 -7.76 -92.03 -8.41
CA ALA K 126 -8.22 -92.95 -9.49
C ALA K 126 -7.71 -92.46 -10.86
N THR K 127 -8.06 -91.22 -11.21
CA THR K 127 -7.66 -90.56 -12.49
C THR K 127 -6.13 -90.45 -12.55
N LEU K 128 -5.49 -90.17 -11.42
CA LEU K 128 -4.02 -89.95 -11.30
C LEU K 128 -3.29 -91.28 -11.54
N LYS K 129 -3.78 -92.37 -10.95
CA LYS K 129 -3.28 -93.76 -11.19
C LYS K 129 -3.42 -94.10 -12.68
N GLY K 130 -4.58 -93.79 -13.26
CA GLY K 130 -4.93 -94.07 -14.67
C GLY K 130 -4.13 -93.22 -15.66
N ASN K 131 -3.55 -92.10 -15.20
CA ASN K 131 -2.72 -91.19 -16.04
C ASN K 131 -1.35 -91.84 -16.30
N ALA K 132 -0.81 -91.65 -17.50
CA ALA K 132 0.48 -92.20 -17.97
C ALA K 132 1.64 -91.36 -17.43
N ALA K 133 1.61 -90.06 -17.74
CA ALA K 133 2.66 -89.06 -17.39
C ALA K 133 2.97 -89.11 -15.88
N TRP K 134 1.95 -89.37 -15.05
CA TRP K 134 2.10 -89.54 -13.58
C TRP K 134 3.07 -90.69 -13.29
N GLN K 135 2.80 -91.88 -13.85
CA GLN K 135 3.57 -93.13 -13.59
C GLN K 135 5.01 -92.94 -14.09
N GLU K 136 5.19 -92.15 -15.16
CA GLU K 136 6.51 -91.80 -15.74
C GLU K 136 7.28 -90.90 -14.75
N GLN K 137 6.61 -89.88 -14.19
CA GLN K 137 7.21 -88.93 -13.21
C GLN K 137 7.69 -89.70 -11.98
N LEU K 138 6.93 -90.71 -11.53
CA LEU K 138 7.26 -91.55 -10.35
C LEU K 138 8.55 -92.33 -10.62
N LYS K 139 8.60 -93.04 -11.75
CA LYS K 139 9.77 -93.88 -12.17
C LYS K 139 11.02 -92.99 -12.30
N GLN K 140 10.88 -91.85 -12.98
CA GLN K 140 11.99 -90.90 -13.24
C GLN K 140 12.25 -90.03 -12.00
N LYS K 141 11.42 -90.17 -10.96
CA LYS K 141 11.57 -89.50 -9.63
C LYS K 141 11.59 -87.98 -9.84
N LYS K 142 10.66 -87.47 -10.66
CA LYS K 142 10.40 -86.02 -10.86
C LYS K 142 9.00 -85.68 -10.33
N ALA K 143 8.34 -86.61 -9.63
CA ALA K 143 7.00 -86.43 -9.03
C ALA K 143 7.14 -85.57 -7.76
N PRO K 144 6.29 -84.53 -7.57
CA PRO K 144 6.36 -83.68 -6.38
C PRO K 144 6.24 -84.46 -5.07
N VAL K 145 6.77 -83.88 -3.98
CA VAL K 145 6.91 -84.52 -2.64
C VAL K 145 5.51 -84.85 -2.09
N HIS K 146 4.69 -83.82 -1.91
CA HIS K 146 3.38 -83.87 -1.19
C HIS K 146 2.41 -84.82 -1.91
N VAL K 147 2.44 -84.84 -3.25
CA VAL K 147 1.52 -85.69 -4.07
C VAL K 147 1.92 -87.16 -3.89
N LYS K 148 3.22 -87.45 -3.98
CA LYS K 148 3.80 -88.81 -3.82
C LYS K 148 3.38 -89.38 -2.46
N ARG K 149 3.61 -88.64 -1.38
CA ARG K 149 3.29 -89.03 0.02
C ARG K 149 1.78 -89.32 0.13
N TRP K 150 0.95 -88.47 -0.47
CA TRP K 150 -0.53 -88.58 -0.47
C TRP K 150 -0.94 -89.83 -1.26
N PHE K 151 -0.36 -90.01 -2.46
CA PHE K 151 -0.63 -91.15 -3.36
C PHE K 151 -0.22 -92.47 -2.69
N GLY K 152 0.95 -92.47 -2.04
CA GLY K 152 1.47 -93.62 -1.29
C GLY K 152 0.58 -94.00 -0.12
N PHE K 153 0.00 -93.00 0.55
CA PHE K 153 -0.88 -93.16 1.73
C PHE K 153 -2.23 -93.76 1.31
N LEU K 154 -2.76 -93.33 0.17
CA LEU K 154 -4.07 -93.80 -0.36
C LEU K 154 -3.91 -95.21 -0.97
N GLU K 155 -2.80 -95.47 -1.67
CA GLU K 155 -2.48 -96.81 -2.24
C GLU K 155 -2.45 -97.85 -1.13
N ALA K 156 -2.02 -97.46 0.08
CA ALA K 156 -1.97 -98.30 1.30
C ALA K 156 -3.39 -98.58 1.81
N GLN K 157 -4.24 -97.56 1.89
CA GLN K 157 -5.61 -97.65 2.44
C GLN K 157 -6.54 -98.32 1.43
N LEU K 158 -6.28 -98.19 0.13
CA LEU K 158 -7.17 -98.65 -0.96
C LEU K 158 -6.75 -100.04 -1.48
N GLU K 159 -5.69 -100.65 -0.92
CA GLU K 159 -5.34 -102.07 -1.20
C GLU K 159 -6.56 -102.97 -0.96
N THR L 3 15.28 28.40 -67.33
CA THR L 3 14.62 27.41 -68.20
C THR L 3 13.54 26.61 -67.43
N LEU L 4 13.50 26.69 -66.09
CA LEU L 4 12.57 25.91 -65.22
C LEU L 4 11.36 26.78 -64.86
N SER L 5 10.16 26.20 -64.91
CA SER L 5 8.86 26.84 -64.57
C SER L 5 8.03 25.91 -63.68
N LEU L 6 7.38 26.45 -62.65
CA LEU L 6 6.47 25.72 -61.73
C LEU L 6 5.13 26.46 -61.67
N THR L 7 4.04 25.77 -62.03
CA THR L 7 2.63 26.22 -61.84
C THR L 7 2.07 25.54 -60.59
N VAL L 8 1.50 26.31 -59.66
CA VAL L 8 1.02 25.83 -58.33
C VAL L 8 -0.50 26.05 -58.23
N ASN L 9 -1.20 25.14 -57.56
CA ASN L 9 -2.63 25.30 -57.18
C ASN L 9 -2.74 26.46 -56.20
N SER L 10 -3.23 27.62 -56.66
CA SER L 10 -3.43 28.84 -55.85
C SER L 10 -4.49 28.57 -54.77
N GLY L 11 -5.49 27.75 -55.08
CA GLY L 11 -6.57 27.33 -54.16
C GLY L 11 -6.03 26.61 -52.93
N ASP L 12 -4.94 25.85 -53.09
CA ASP L 12 -4.24 25.12 -52.00
C ASP L 12 -2.75 25.04 -52.34
N PRO L 13 -1.93 26.03 -51.94
CA PRO L 13 -0.51 26.07 -52.31
C PRO L 13 0.29 24.90 -51.75
N PRO L 14 1.20 24.28 -52.55
CA PRO L 14 2.12 23.27 -52.02
C PRO L 14 3.24 23.95 -51.22
N LEU L 15 3.03 24.09 -49.90
CA LEU L 15 3.86 24.93 -48.99
C LEU L 15 5.33 24.51 -49.08
N GLY L 16 5.61 23.21 -48.96
CA GLY L 16 6.96 22.64 -48.97
C GLY L 16 7.69 22.90 -50.28
N ALA L 17 6.99 22.77 -51.41
CA ALA L 17 7.51 23.01 -52.77
C ALA L 17 8.04 24.44 -52.88
N LEU L 18 7.23 25.43 -52.46
CA LEU L 18 7.58 26.88 -52.50
C LEU L 18 8.86 27.11 -51.69
N LEU L 19 8.89 26.60 -50.46
CA LEU L 19 10.06 26.71 -49.53
C LEU L 19 11.30 26.15 -50.23
N ALA L 20 11.16 25.01 -50.91
CA ALA L 20 12.23 24.37 -51.73
C ALA L 20 12.64 25.32 -52.85
N VAL L 21 11.66 25.84 -53.61
CA VAL L 21 11.88 26.77 -54.76
C VAL L 21 12.72 27.97 -54.30
N GLU L 22 12.45 28.49 -53.10
CA GLU L 22 13.13 29.68 -52.53
C GLU L 22 14.61 29.36 -52.25
N HIS L 23 14.93 28.09 -52.00
CA HIS L 23 16.30 27.62 -51.62
C HIS L 23 17.10 27.17 -52.84
N VAL L 24 16.49 27.15 -54.04
CA VAL L 24 17.14 26.73 -55.31
C VAL L 24 17.24 27.92 -56.28
N LYS L 25 16.66 29.07 -55.93
CA LYS L 25 16.71 30.32 -56.76
C LYS L 25 18.17 30.74 -56.95
N ASP L 26 19.01 30.52 -55.92
CA ASP L 26 20.45 30.86 -55.92
C ASP L 26 21.20 29.98 -56.95
N ASP L 27 20.81 28.70 -57.07
CA ASP L 27 21.53 27.69 -57.87
C ASP L 27 21.10 27.77 -59.35
N VAL L 28 19.86 27.37 -59.67
CA VAL L 28 19.34 27.24 -61.06
C VAL L 28 18.13 28.18 -61.24
N SER L 29 18.04 28.81 -62.41
CA SER L 29 16.98 29.78 -62.79
C SER L 29 15.63 29.07 -62.88
N ILE L 30 14.71 29.40 -61.97
CA ILE L 30 13.33 28.82 -61.88
C ILE L 30 12.34 29.97 -61.70
N SER L 31 11.20 29.90 -62.39
CA SER L 31 10.08 30.88 -62.33
C SER L 31 8.89 30.24 -61.61
N VAL L 32 8.03 31.09 -61.02
CA VAL L 32 6.80 30.67 -60.28
C VAL L 32 5.58 31.32 -60.93
N GLU L 33 4.74 30.51 -61.58
CA GLU L 33 3.39 30.90 -62.07
C GLU L 33 2.36 30.38 -61.06
N GLU L 34 1.17 30.97 -61.07
CA GLU L 34 0.02 30.54 -60.20
C GLU L 34 -1.13 30.09 -61.11
N GLY L 35 -1.56 28.83 -60.93
CA GLY L 35 -2.61 28.18 -61.75
C GLY L 35 -3.61 27.44 -60.89
N LYS L 36 -4.14 26.32 -61.39
CA LYS L 36 -5.23 25.54 -60.75
C LYS L 36 -4.71 24.20 -60.20
N GLU L 37 -3.48 23.80 -60.55
CA GLU L 37 -2.86 22.53 -60.07
C GLU L 37 -1.32 22.66 -60.04
N ASN L 38 -0.66 21.74 -59.34
CA ASN L 38 0.82 21.70 -59.16
C ASN L 38 1.46 20.97 -60.34
N ILE L 39 2.19 21.70 -61.20
CA ILE L 39 2.93 21.15 -62.38
C ILE L 39 4.29 21.85 -62.47
N LEU L 40 5.38 21.07 -62.42
CA LEU L 40 6.77 21.56 -62.66
C LEU L 40 7.15 21.29 -64.12
N HIS L 41 7.15 22.35 -64.94
CA HIS L 41 7.49 22.30 -66.39
C HIS L 41 9.02 22.38 -66.54
N VAL L 42 9.68 21.24 -66.79
CA VAL L 42 11.17 21.14 -66.93
C VAL L 42 11.53 21.25 -68.40
N SER L 43 11.01 20.32 -69.22
CA SER L 43 11.32 20.17 -70.67
C SER L 43 10.00 20.02 -71.45
N GLU L 44 10.11 19.83 -72.77
CA GLU L 44 8.96 19.54 -73.67
C GLU L 44 8.40 18.15 -73.39
N ASN L 45 9.25 17.24 -72.88
CA ASN L 45 8.91 15.83 -72.58
C ASN L 45 8.68 15.63 -71.07
N VAL L 46 9.25 16.51 -70.24
CA VAL L 46 9.42 16.31 -68.77
C VAL L 46 8.46 17.24 -68.00
N ILE L 47 7.41 16.66 -67.41
CA ILE L 47 6.50 17.33 -66.43
C ILE L 47 6.31 16.40 -65.23
N PHE L 48 5.90 16.95 -64.08
CA PHE L 48 5.69 16.22 -62.80
C PHE L 48 4.45 16.76 -62.08
N THR L 49 3.49 15.88 -61.80
CA THR L 49 2.21 16.20 -61.10
C THR L 49 2.39 16.04 -59.58
N ASP L 50 2.99 14.92 -59.17
CA ASP L 50 3.17 14.54 -57.74
C ASP L 50 4.07 15.57 -57.05
N VAL L 51 3.70 15.96 -55.83
CA VAL L 51 4.42 16.99 -55.01
C VAL L 51 5.85 16.49 -54.73
N ASN L 52 6.01 15.21 -54.36
CA ASN L 52 7.31 14.61 -53.97
C ASN L 52 8.25 14.59 -55.19
N SER L 53 7.73 14.23 -56.36
CA SER L 53 8.47 14.24 -57.65
C SER L 53 9.10 15.62 -57.87
N ILE L 54 8.33 16.69 -57.64
CA ILE L 54 8.78 18.12 -57.79
C ILE L 54 9.92 18.37 -56.80
N LEU L 55 9.69 18.09 -55.52
CA LEU L 55 10.68 18.27 -54.42
C LEU L 55 11.98 17.56 -54.79
N ARG L 56 11.89 16.28 -55.17
CA ARG L 56 13.05 15.40 -55.50
C ARG L 56 13.88 16.05 -56.61
N TYR L 57 13.24 16.47 -57.71
CA TYR L 57 13.93 17.06 -58.89
C TYR L 57 14.72 18.30 -58.46
N LEU L 58 14.05 19.23 -57.77
CA LEU L 58 14.62 20.55 -57.35
C LEU L 58 15.88 20.30 -56.50
N ALA L 59 15.81 19.40 -55.52
CA ALA L 59 16.91 19.06 -54.60
C ALA L 59 18.09 18.46 -55.37
N ARG L 60 17.80 17.63 -56.38
CA ARG L 60 18.82 16.93 -57.21
C ARG L 60 19.53 17.95 -58.11
N VAL L 61 18.77 18.81 -58.81
CA VAL L 61 19.29 19.80 -59.80
C VAL L 61 20.01 20.93 -59.05
N ALA L 62 19.50 21.34 -57.88
CA ALA L 62 20.15 22.32 -56.97
C ALA L 62 21.29 21.62 -56.22
N THR L 63 22.46 21.52 -56.88
CA THR L 63 23.63 20.73 -56.42
C THR L 63 24.24 21.36 -55.15
N THR L 64 24.50 22.67 -55.17
CA THR L 64 25.20 23.43 -54.10
C THR L 64 24.33 23.48 -52.84
N ALA L 65 23.00 23.49 -53.01
CA ALA L 65 22.00 23.50 -51.91
C ALA L 65 22.24 22.28 -51.00
N GLY L 66 22.37 21.09 -51.59
CA GLY L 66 22.65 19.83 -50.90
C GLY L 66 21.46 19.36 -50.07
N LEU L 67 20.25 19.48 -50.62
CA LEU L 67 18.97 19.22 -49.91
C LEU L 67 18.67 17.71 -49.91
N TYR L 68 19.42 16.91 -50.67
CA TYR L 68 19.24 15.45 -50.78
C TYR L 68 20.40 14.72 -50.08
N GLY L 69 20.98 15.34 -49.05
CA GLY L 69 21.97 14.70 -48.15
C GLY L 69 23.36 14.69 -48.72
N SER L 70 24.25 13.85 -48.17
CA SER L 70 25.70 13.78 -48.46
C SER L 70 26.16 12.33 -48.66
N ASN L 71 25.24 11.41 -48.95
CA ASN L 71 25.51 9.95 -49.16
C ASN L 71 24.19 9.22 -49.43
N LEU L 72 24.25 7.92 -49.74
CA LEU L 72 23.07 7.07 -50.01
C LEU L 72 22.22 6.90 -48.73
N MET L 73 22.87 6.88 -47.57
CA MET L 73 22.22 6.66 -46.26
C MET L 73 21.28 7.85 -45.97
N GLU L 74 21.81 9.07 -45.99
CA GLU L 74 21.05 10.34 -45.80
C GLU L 74 20.01 10.48 -46.94
N HIS L 75 20.42 10.13 -48.16
CA HIS L 75 19.58 10.08 -49.39
C HIS L 75 18.31 9.26 -49.12
N THR L 76 18.46 8.10 -48.45
CA THR L 76 17.37 7.13 -48.14
C THR L 76 16.51 7.68 -46.98
N GLU L 77 17.15 8.18 -45.92
CA GLU L 77 16.48 8.82 -44.76
C GLU L 77 15.44 9.82 -45.26
N ILE L 78 15.82 10.65 -46.24
CA ILE L 78 14.97 11.71 -46.85
C ILE L 78 13.76 11.06 -47.53
N ASP L 79 13.99 10.04 -48.36
CA ASP L 79 12.92 9.27 -49.07
C ASP L 79 11.89 8.80 -48.06
N HIS L 80 12.33 8.33 -46.88
CA HIS L 80 11.47 7.87 -45.76
C HIS L 80 10.57 9.02 -45.31
N TRP L 81 11.15 10.19 -45.06
CA TRP L 81 10.44 11.38 -44.50
C TRP L 81 9.45 11.95 -45.52
N LEU L 82 9.75 11.86 -46.82
CA LEU L 82 8.83 12.27 -47.91
C LEU L 82 7.56 11.42 -47.84
N GLU L 83 7.72 10.10 -47.71
CA GLU L 83 6.60 9.12 -47.56
C GLU L 83 5.90 9.38 -46.23
N PHE L 84 6.66 9.59 -45.16
CA PHE L 84 6.16 9.87 -43.79
C PHE L 84 5.20 11.07 -43.83
N SER L 85 5.68 12.20 -44.34
CA SER L 85 4.93 13.48 -44.47
C SER L 85 3.68 13.27 -45.34
N ALA L 86 3.83 12.58 -46.48
CA ALA L 86 2.79 12.39 -47.51
C ALA L 86 1.62 11.55 -46.98
N THR L 87 1.85 10.70 -45.96
CA THR L 87 0.86 9.70 -45.46
C THR L 87 0.47 10.01 -44.00
N LYS L 88 1.39 9.81 -43.06
CA LYS L 88 1.12 9.77 -41.60
C LYS L 88 0.80 11.18 -41.06
N LEU L 89 1.40 12.23 -41.65
CA LEU L 89 1.17 13.64 -41.24
C LEU L 89 0.02 14.25 -42.07
N SER L 90 -0.08 13.89 -43.35
CA SER L 90 -1.14 14.36 -44.28
C SER L 90 -2.53 14.02 -43.73
N SER L 91 -2.65 12.88 -43.03
CA SER L 91 -3.84 12.46 -42.25
C SER L 91 -3.65 12.83 -40.77
N CYS L 92 -4.74 13.09 -40.06
CA CYS L 92 -4.76 13.36 -38.59
C CYS L 92 -5.28 12.13 -37.84
N ASP L 93 -5.29 10.96 -38.49
CA ASP L 93 -5.70 9.65 -37.89
C ASP L 93 -4.53 9.11 -37.05
N SER L 94 -4.79 8.81 -35.77
CA SER L 94 -3.80 8.37 -34.76
C SER L 94 -2.57 9.28 -34.79
N PHE L 95 -2.80 10.60 -34.79
CA PHE L 95 -1.77 11.67 -34.85
C PHE L 95 -0.91 11.64 -33.59
N THR L 96 -1.52 11.29 -32.44
CA THR L 96 -0.87 11.19 -31.11
C THR L 96 0.35 10.27 -31.19
N SER L 97 0.24 9.18 -31.96
CA SER L 97 1.33 8.19 -32.21
C SER L 97 2.34 8.78 -33.20
N THR L 98 1.87 9.23 -34.36
CA THR L 98 2.68 9.80 -35.47
C THR L 98 3.68 10.83 -34.93
N ILE L 99 3.19 11.81 -34.18
CA ILE L 99 3.98 12.98 -33.69
C ILE L 99 5.04 12.50 -32.69
N ASN L 100 4.74 11.47 -31.90
CA ASN L 100 5.65 10.92 -30.86
C ASN L 100 6.83 10.20 -31.54
N GLU L 101 6.59 9.59 -32.71
CA GLU L 101 7.66 8.97 -33.55
C GLU L 101 8.60 10.08 -34.02
N LEU L 102 8.05 11.17 -34.59
CA LEU L 102 8.81 12.34 -35.12
C LEU L 102 9.57 13.01 -33.97
N ASN L 103 9.01 13.00 -32.76
CA ASN L 103 9.63 13.56 -31.52
C ASN L 103 10.89 12.74 -31.19
N HIS L 104 10.74 11.42 -31.10
CA HIS L 104 11.83 10.46 -30.79
C HIS L 104 12.98 10.68 -31.79
N CYS L 105 12.65 10.77 -33.08
CA CYS L 105 13.62 10.94 -34.20
C CYS L 105 14.39 12.26 -34.06
N LEU L 106 13.79 13.27 -33.41
CA LEU L 106 14.36 14.64 -33.26
C LEU L 106 14.99 14.82 -31.86
N SER L 107 15.06 13.76 -31.05
CA SER L 107 15.56 13.80 -29.65
C SER L 107 17.00 14.31 -29.62
N LEU L 108 17.87 13.80 -30.50
CA LEU L 108 19.31 14.16 -30.57
C LEU L 108 19.65 14.75 -31.94
N ARG L 109 18.66 15.03 -32.79
CA ARG L 109 18.84 15.65 -34.13
C ARG L 109 18.42 17.12 -34.07
N THR L 110 19.20 18.02 -34.69
CA THR L 110 18.89 19.46 -34.85
C THR L 110 18.05 19.65 -36.11
N TYR L 111 18.57 19.18 -37.26
CA TYR L 111 17.80 18.94 -38.51
C TYR L 111 17.49 17.44 -38.60
N LEU L 112 16.49 17.08 -39.40
CA LEU L 112 16.01 15.67 -39.56
C LEU L 112 17.11 14.79 -40.17
N VAL L 113 17.99 15.35 -41.01
CA VAL L 113 19.05 14.60 -41.73
C VAL L 113 20.34 15.42 -41.80
N GLY L 114 21.38 14.99 -41.07
CA GLY L 114 22.80 15.30 -41.33
C GLY L 114 23.21 16.71 -40.96
N ASN L 115 22.64 17.27 -39.89
CA ASN L 115 23.04 18.59 -39.30
C ASN L 115 23.10 19.65 -40.40
N SER L 116 22.08 19.69 -41.27
CA SER L 116 21.92 20.66 -42.39
C SER L 116 20.49 20.55 -42.94
N LEU L 117 19.99 21.62 -43.56
CA LEU L 117 18.61 21.70 -44.11
C LEU L 117 18.47 20.71 -45.28
N SER L 118 17.51 19.79 -45.18
CA SER L 118 17.21 18.72 -46.17
C SER L 118 15.74 18.79 -46.58
N LEU L 119 15.35 18.10 -47.65
CA LEU L 119 13.94 18.03 -48.12
C LEU L 119 13.06 17.51 -46.98
N ALA L 120 13.58 16.55 -46.20
CA ALA L 120 12.95 15.99 -44.99
C ALA L 120 12.40 17.15 -44.13
N ASP L 121 13.29 18.07 -43.75
CA ASP L 121 12.95 19.25 -42.89
C ASP L 121 11.79 20.01 -43.52
N LEU L 122 11.86 20.30 -44.82
CA LEU L 122 10.86 21.11 -45.57
C LEU L 122 9.54 20.35 -45.66
N CYS L 123 9.55 19.17 -46.29
CA CYS L 123 8.35 18.36 -46.61
C CYS L 123 7.56 18.05 -45.34
N VAL L 124 8.24 17.76 -44.22
CA VAL L 124 7.61 17.44 -42.91
C VAL L 124 7.02 18.74 -42.33
N TRP L 125 7.85 19.77 -42.17
CA TRP L 125 7.46 21.08 -41.56
C TRP L 125 6.24 21.66 -42.29
N ALA L 126 6.27 21.64 -43.63
CA ALA L 126 5.19 22.14 -44.52
C ALA L 126 3.88 21.42 -44.20
N THR L 127 3.87 20.09 -44.29
CA THR L 127 2.71 19.21 -44.01
C THR L 127 2.27 19.41 -42.55
N LEU L 128 3.23 19.55 -41.63
CA LEU L 128 2.98 19.68 -40.17
C LEU L 128 2.29 21.02 -39.88
N LYS L 129 2.75 22.11 -40.50
CA LYS L 129 2.11 23.45 -40.43
C LYS L 129 0.68 23.35 -40.96
N GLY L 130 0.50 22.67 -42.10
CA GLY L 130 -0.79 22.49 -42.80
C GLY L 130 -1.76 21.61 -42.03
N ASN L 131 -1.25 20.78 -41.10
CA ASN L 131 -2.08 19.87 -40.25
C ASN L 131 -2.82 20.70 -39.20
N ALA L 132 -4.05 20.30 -38.89
CA ALA L 132 -4.96 20.97 -37.92
C ALA L 132 -4.58 20.54 -36.49
N ALA L 133 -4.59 19.23 -36.23
CA ALA L 133 -4.34 18.58 -34.92
C ALA L 133 -3.02 19.09 -34.32
N TRP L 134 -2.02 19.36 -35.18
CA TRP L 134 -0.70 19.94 -34.78
C TRP L 134 -0.93 21.29 -34.09
N GLN L 135 -1.62 22.21 -34.77
CA GLN L 135 -1.86 23.61 -34.30
C GLN L 135 -2.67 23.58 -33.00
N GLU L 136 -3.56 22.59 -32.85
CA GLU L 136 -4.39 22.36 -31.65
C GLU L 136 -3.48 21.92 -30.48
N GLN L 137 -2.55 20.99 -30.73
CA GLN L 137 -1.59 20.48 -29.71
C GLN L 137 -0.72 21.63 -29.20
N LEU L 138 -0.31 22.55 -30.09
CA LEU L 138 0.53 23.72 -29.74
C LEU L 138 -0.24 24.65 -28.79
N LYS L 139 -1.47 25.02 -29.16
CA LYS L 139 -2.35 25.91 -28.37
C LYS L 139 -2.62 25.29 -26.99
N GLN L 140 -3.00 24.01 -26.96
CA GLN L 140 -3.32 23.26 -25.72
C GLN L 140 -2.03 22.84 -24.99
N LYS L 141 -0.86 23.09 -25.60
CA LYS L 141 0.48 22.86 -25.00
C LYS L 141 0.62 21.37 -24.62
N LYS L 142 0.20 20.48 -25.54
CA LYS L 142 0.39 19.01 -25.45
C LYS L 142 1.33 18.54 -26.58
N ALA L 143 1.97 19.48 -27.29
CA ALA L 143 2.92 19.19 -28.38
C ALA L 143 4.25 18.74 -27.78
N PRO L 144 4.87 17.65 -28.27
CA PRO L 144 6.15 17.16 -27.73
C PRO L 144 7.26 18.21 -27.77
N VAL L 145 8.27 18.05 -26.89
CA VAL L 145 9.36 19.04 -26.64
C VAL L 145 10.19 19.22 -27.93
N HIS L 146 10.79 18.12 -28.40
CA HIS L 146 11.80 18.09 -29.50
C HIS L 146 11.19 18.59 -30.81
N VAL L 147 9.91 18.27 -31.07
CA VAL L 147 9.20 18.68 -32.32
C VAL L 147 8.97 20.19 -32.29
N LYS L 148 8.49 20.71 -31.15
CA LYS L 148 8.21 22.15 -30.92
C LYS L 148 9.48 22.97 -31.21
N ARG L 149 10.59 22.59 -30.55
CA ARG L 149 11.91 23.26 -30.67
C ARG L 149 12.37 23.25 -32.15
N TRP L 150 12.19 22.12 -32.82
CA TRP L 150 12.56 21.94 -34.26
C TRP L 150 11.66 22.82 -35.13
N PHE L 151 10.35 22.80 -34.89
CA PHE L 151 9.32 23.57 -35.63
C PHE L 151 9.59 25.08 -35.44
N GLY L 152 9.89 25.49 -34.21
CA GLY L 152 10.22 26.88 -33.85
C GLY L 152 11.48 27.35 -34.56
N PHE L 153 12.47 26.47 -34.70
CA PHE L 153 13.79 26.76 -35.33
C PHE L 153 13.63 26.93 -36.84
N LEU L 154 12.78 26.12 -37.47
CA LEU L 154 12.52 26.17 -38.94
C LEU L 154 11.63 27.36 -39.27
N GLU L 155 10.62 27.66 -38.44
CA GLU L 155 9.72 28.82 -38.62
C GLU L 155 10.56 30.11 -38.62
N ALA L 156 11.66 30.13 -37.86
CA ALA L 156 12.61 31.27 -37.79
C ALA L 156 13.41 31.38 -39.09
N GLN L 157 13.92 30.25 -39.61
CA GLN L 157 14.79 30.21 -40.82
C GLN L 157 13.94 30.39 -42.09
N LEU L 158 12.67 29.98 -42.05
CA LEU L 158 11.77 29.95 -43.26
C LEU L 158 10.88 31.20 -43.32
N GLU L 159 11.02 32.13 -42.36
CA GLU L 159 10.25 33.40 -42.27
C GLU L 159 8.76 33.10 -42.41
ZN ZN M . -6.47 32.23 19.28
P PO4 N . -11.88 22.18 48.02
O1 PO4 N . -12.56 22.85 49.21
O2 PO4 N . -10.38 22.42 48.07
O3 PO4 N . -12.43 22.75 46.72
O4 PO4 N . -12.16 20.68 48.04
P PO4 O . -35.49 60.05 11.59
O1 PO4 O . -35.22 61.38 12.26
O2 PO4 O . -34.29 59.64 10.76
O3 PO4 O . -36.70 60.18 10.68
O4 PO4 O . -35.77 58.98 12.65
P PO4 P . -33.12 58.58 19.91
O1 PO4 P . -33.21 59.85 19.08
O2 PO4 P . -32.33 57.52 19.14
O3 PO4 P . -34.52 58.05 20.20
O4 PO4 P . -32.41 58.88 21.23
P PO4 Q . -29.55 53.02 18.27
O1 PO4 Q . -30.61 54.06 17.98
O2 PO4 Q . -29.85 51.73 17.49
O3 PO4 Q . -29.55 52.70 19.77
O4 PO4 Q . -28.18 53.55 17.86
P PO4 R . -24.42 20.54 29.52
O1 PO4 R . -25.28 21.79 29.55
O2 PO4 R . -23.70 20.46 28.18
O3 PO4 R . -25.29 19.31 29.71
O4 PO4 R . -23.38 20.62 30.63
P PO4 S . -19.09 16.39 27.24
O1 PO4 S . -19.49 17.71 27.89
O2 PO4 S . -19.12 15.28 28.29
O3 PO4 S . -17.68 16.50 26.66
O4 PO4 S . -20.07 16.06 26.12
P PO4 T . -28.63 17.84 35.10
O1 PO4 T . -29.07 19.30 35.19
O2 PO4 T . -29.84 16.93 35.22
O3 PO4 T . -27.65 17.53 36.23
O4 PO4 T . -27.94 17.59 33.76
P PO4 U . 2.84 44.47 -7.36
O1 PO4 U . 3.21 45.46 -6.26
O2 PO4 U . 1.83 45.12 -8.29
O3 PO4 U . 2.23 43.23 -6.75
O4 PO4 U . 4.10 44.10 -8.14
P PO4 V . 0.63 2.45 12.62
O1 PO4 V . 0.10 3.14 13.87
O2 PO4 V . 1.67 1.39 13.02
O3 PO4 V . -0.52 1.79 11.89
O4 PO4 V . 1.29 3.49 11.72
P PO4 W . -16.84 35.11 0.56
O1 PO4 W . -18.33 35.10 0.82
O2 PO4 W . -16.53 35.95 -0.67
O3 PO4 W . -16.11 35.70 1.76
O4 PO4 W . -16.36 33.68 0.34
P PO4 X . 5.18 -3.05 11.78
O1 PO4 X . 4.11 -1.96 11.68
O2 PO4 X . 4.94 -4.09 10.70
O3 PO4 X . 5.11 -3.70 13.15
O4 PO4 X . 6.56 -2.43 11.57
P PO4 Y . -13.15 30.34 -10.70
O1 PO4 Y . -14.02 30.62 -9.47
O2 PO4 Y . -12.32 31.58 -11.03
O3 PO4 Y . -14.04 29.98 -11.88
O4 PO4 Y . -12.21 29.18 -10.39
P PO4 Z . -12.90 -52.40 -2.42
O1 PO4 Z . -13.49 -51.92 -1.09
O2 PO4 Z . -11.41 -52.10 -2.44
O3 PO4 Z . -13.58 -51.66 -3.57
O4 PO4 Z . -13.12 -53.91 -2.57
P PO4 AA . 3.57 -36.23 3.36
O1 PO4 AA . 2.68 -36.00 4.57
O2 PO4 AA . 4.72 -35.22 3.38
O3 PO4 AA . 2.76 -36.06 2.09
O4 PO4 AA . 4.15 -37.64 3.42
P PO4 BA . 33.31 -58.40 -22.58
O1 PO4 BA . 32.25 -57.34 -22.82
O2 PO4 BA . 32.69 -59.60 -21.87
O3 PO4 BA . 33.90 -58.85 -23.92
O4 PO4 BA . 34.42 -57.82 -21.71
ZN ZN CA . 5.64 -33.33 -17.74
P PO4 DA . 21.40 -14.96 -36.91
O1 PO4 DA . 21.22 -13.46 -37.16
O2 PO4 DA . 20.38 -15.74 -37.73
O3 PO4 DA . 21.19 -15.25 -35.42
O4 PO4 DA . 22.81 -15.39 -37.30
P PO4 EA . 25.44 -25.62 -16.20
O1 PO4 EA . 24.54 -24.42 -15.91
O2 PO4 EA . 24.83 -26.45 -17.33
O3 PO4 EA . 26.82 -25.12 -16.62
O4 PO4 EA . 25.57 -26.48 -14.95
#